data_8CA9
#
_entry.id   8CA9
#
_cell.length_a   1.00
_cell.length_b   1.00
_cell.length_c   1.00
_cell.angle_alpha   90.00
_cell.angle_beta   90.00
_cell.angle_gamma   90.00
#
_symmetry.space_group_name_H-M   'P 1'
#
loop_
_entity.id
_entity.type
_entity.pdbx_description
1 polymer Arylphorin
2 polymer Demetra
3 branched alpha-D-mannopyranose-(1-2)-alpha-D-mannopyranose-(1-3)-[alpha-D-mannopyranose-(1-3)-alpha-D-mannopyranose-(1-6)]beta-D-mannopyranose-(1-4)-2-acetamido-2-deoxy-beta-D-glucopyranose-(1-4)-2-acetamido-2-deoxy-beta-D-glucopyranose
4 branched alpha-D-mannopyranose-(1-3)-alpha-D-mannopyranose-(1-6)-[alpha-D-mannopyranose-(1-3)]beta-D-mannopyranose-(1-4)-2-acetamido-2-deoxy-beta-D-glucopyranose-(1-4)-2-acetamido-2-deoxy-beta-D-glucopyranose
5 branched alpha-D-mannopyranose-(1-2)-alpha-D-mannopyranose-(1-3)-[alpha-D-mannopyranose-(1-6)]beta-D-mannopyranose-(1-4)-2-acetamido-2-deoxy-beta-D-glucopyranose-(1-4)-2-acetamido-2-deoxy-beta-D-glucopyranose
6 branched beta-D-mannopyranose-(1-4)-2-acetamido-2-deoxy-beta-D-glucopyranose-(1-4)-2-acetamido-2-deoxy-beta-D-glucopyranose
7 non-polymer 'COPPER (II) ION'
8 water water
#
loop_
_entity_poly.entity_id
_entity_poly.type
_entity_poly.pdbx_seq_one_letter_code
_entity_poly.pdbx_strand_id
1 'polypeptide(L)'
;MQTVLFLAALVSLAAAGYPQYHYDVETRKLDPSLLNIQTKVLSLLENWKQVNPDDEYYKIGKEYNVEANMESYTNREVVT
EFLSLYKAGFIPKNEVFSIFYENQALEVIALYRLFYYAKDFETFYKTAAFARVWLNEGQFVYAFYLAVIHRADTRGIVLP
APYEIWPEYFMNSDVLSKIYRIQMQKGLIIPEQGPYYGILSKDNAYYFYANYSGPLTYEDNENLLSYFIEDIGWNSYYYY
FHNRFPFWENGEQLIGPLKERRGEIYYYVYQKILARYYLERLANGLGEIPRFNWLDKYQTSYYPLLSSYQLPFAQRNDDY
YLASGDNINDIQFIDTYEKTFLQLLQKGQFKAYKQEVDLYNSKSINFVGNYWQSNADLYEKVPKRNYWRSYEATARRVLG
AAPRSSINYENMNIPTALDFYQTSLRDPAFYQLYAKILDYINEYKEYLEPYSQDVLHYVGVKINDVKVDKLVTYFEYFDW
NATNAVYLSEQQLDTVSPSYIVRQPRLNNKPFTVNIDIKSDVESEVVVKIFLGPKYDGNGLPISLEDNWINFIELDWFTH
KLTSGQNKIARKSEEFFFFKDDSVSLFKIYELLSNGQVPSYMVDRYIYLPRRLILPRGTQRGFPLQLFVVVYPYQAPVKE
WESMRQYIVDNKPFGYPFDRPVTLPYYFNQPNMYFKDVYVYQEGEQYPYYNSYWSQNQVSNH
;
A,B,C
2 'polypeptide(L)'
;MKTVLVLAALIGLVAAGYPLFNNNVKTKTLDPNLVNIQKKVLLLLENWKQVDPDDEYYKIGKEYNIEANIESYTNREVVT
EFLSLYKTGFTAKNQIFSIYYENQALEVRALYRLFYYAKDFETFYKTAAFARVWLNEGQFIYAFYIAVIHRADTRGIVLP
APYEIWPEYFVNSDVLAKINRIQMQKGLILPETAQYYGVLAKDNAYYFYANYSGPWTYENNENLLSYFIEDVAWNSYYYY
FHSKLQFWEKGENAIGPFKERRGEIYYFIYQQILARYYLERLSNGLGEIPRFNWNDRLQAGYYPLLTTHQIPFAQRNGDY
YLANDDNIEDIQFVDSYEKTFLQFLQKGQFKAYKQEVDLYNSKSVNFVGNYWQANVDLYEKVPQRNYLRSYEDAARRILG
AAPRNSYENLNVPTALDFYQTSLRDPAFYQLYAKILDFINQYKEYLEPYTQDVLHFVGVKINDVKVDKLVTYFEYFDWNA
TNAVYLSEQQLDTGSPSYIVRQPRLNNQPFTVTIDIKSDVESEAVIKIFIGPKYDGNGYPIDLENNWVNLVEIDWFTHKL
TSGQNKIERKSENFFWFKEDSVSVSKIYELLNNGQVPRYMIEKFLLLPRRLLLPRGTEGGVPFQFFVFVYPYQAPYKEWE
PMKEFVVDNKPFGYPFDRPVTESYYFTQPNMYFKDVYIYQEGEEYPYYTSYWSQNQVPKH
;
D,E,F
#
# COMPACT_ATOMS: atom_id res chain seq x y z
N GLY A 17 14.45 -44.68 13.57
CA GLY A 17 14.62 -45.96 12.91
C GLY A 17 13.37 -46.40 12.15
N TYR A 18 13.57 -46.88 10.93
CA TYR A 18 12.49 -47.31 10.07
C TYR A 18 12.88 -48.63 9.43
N PRO A 19 11.90 -49.46 9.04
CA PRO A 19 12.21 -50.71 8.35
C PRO A 19 12.62 -50.46 6.90
N GLN A 20 13.21 -51.49 6.31
CA GLN A 20 13.70 -51.44 4.94
C GLN A 20 12.65 -52.01 3.99
N TYR A 21 12.54 -51.42 2.81
CA TYR A 21 11.55 -51.83 1.84
C TYR A 21 12.01 -53.08 1.10
N HIS A 22 11.20 -54.14 1.16
CA HIS A 22 11.45 -55.36 0.41
C HIS A 22 10.14 -55.79 -0.22
N TYR A 23 10.16 -56.00 -1.54
CA TYR A 23 8.94 -56.32 -2.28
C TYR A 23 9.31 -57.12 -3.52
N ASP A 24 8.36 -57.91 -4.00
CA ASP A 24 8.56 -58.71 -5.21
C ASP A 24 8.03 -57.98 -6.43
N VAL A 25 8.71 -58.19 -7.56
CA VAL A 25 8.43 -57.47 -8.79
C VAL A 25 7.58 -58.34 -9.70
N GLU A 26 6.47 -57.80 -10.19
CA GLU A 26 5.67 -58.47 -11.20
C GLU A 26 6.39 -58.41 -12.53
N THR A 27 6.63 -59.57 -13.14
CA THR A 27 7.42 -59.66 -14.35
C THR A 27 6.64 -60.36 -15.45
N ARG A 28 6.90 -59.96 -16.70
CA ARG A 28 6.34 -60.61 -17.87
C ARG A 28 7.47 -60.89 -18.84
N LYS A 29 7.34 -61.99 -19.59
CA LYS A 29 8.35 -62.32 -20.59
C LYS A 29 8.39 -61.26 -21.68
N LEU A 30 9.60 -60.88 -22.09
CA LEU A 30 9.80 -59.89 -23.13
C LEU A 30 9.82 -60.58 -24.49
N ASP A 31 9.24 -59.93 -25.49
CA ASP A 31 9.25 -60.48 -26.84
C ASP A 31 10.69 -60.64 -27.31
N PRO A 32 11.09 -61.81 -27.80
CA PRO A 32 12.48 -61.98 -28.25
C PRO A 32 12.88 -61.00 -29.35
N SER A 33 11.93 -60.53 -30.15
CA SER A 33 12.24 -59.56 -31.19
C SER A 33 12.60 -58.19 -30.63
N LEU A 34 12.36 -57.94 -29.34
CA LEU A 34 12.66 -56.66 -28.72
C LEU A 34 13.89 -56.72 -27.81
N LEU A 35 14.62 -57.84 -27.81
CA LEU A 35 15.80 -57.93 -26.97
C LEU A 35 16.93 -57.03 -27.45
N ASN A 36 16.96 -56.71 -28.75
CA ASN A 36 18.02 -55.85 -29.29
C ASN A 36 17.75 -54.37 -29.04
N ILE A 37 16.50 -53.93 -29.19
CA ILE A 37 16.19 -52.51 -28.99
C ILE A 37 16.46 -52.12 -27.54
N GLN A 38 15.90 -52.87 -26.60
CA GLN A 38 16.02 -52.53 -25.18
C GLN A 38 17.46 -52.19 -24.81
N THR A 39 18.36 -53.16 -24.95
CA THR A 39 19.78 -52.96 -24.69
C THR A 39 20.25 -51.65 -25.32
N LYS A 40 20.02 -51.48 -26.62
CA LYS A 40 20.48 -50.29 -27.31
C LYS A 40 20.02 -49.03 -26.57
N VAL A 41 18.73 -48.96 -26.25
CA VAL A 41 18.22 -47.79 -25.52
C VAL A 41 18.99 -47.62 -24.22
N LEU A 42 19.10 -48.69 -23.44
CA LEU A 42 19.79 -48.59 -22.16
C LEU A 42 21.26 -48.24 -22.34
N SER A 43 21.83 -48.48 -23.52
CA SER A 43 23.22 -48.11 -23.76
C SER A 43 23.34 -46.61 -24.00
N LEU A 44 22.33 -45.99 -24.61
CA LEU A 44 22.41 -44.57 -24.93
C LEU A 44 22.07 -43.68 -23.73
N LEU A 45 21.54 -44.24 -22.65
CA LEU A 45 21.22 -43.48 -21.45
C LEU A 45 22.28 -43.61 -20.36
N GLU A 46 23.37 -44.31 -20.62
CA GLU A 46 24.44 -44.45 -19.63
C GLU A 46 25.26 -43.17 -19.59
N ASN A 47 25.43 -42.62 -18.39
CA ASN A 47 26.19 -41.39 -18.18
C ASN A 47 25.93 -40.37 -19.30
N TRP A 48 24.65 -40.05 -19.47
CA TRP A 48 24.24 -39.18 -20.57
C TRP A 48 24.81 -37.77 -20.43
N LYS A 49 25.24 -37.38 -19.24
CA LYS A 49 25.85 -36.07 -19.07
C LYS A 49 27.23 -35.98 -19.70
N GLN A 50 27.83 -37.12 -20.08
CA GLN A 50 29.17 -37.15 -20.62
C GLN A 50 29.20 -37.94 -21.91
N VAL A 51 30.16 -37.63 -22.77
CA VAL A 51 30.38 -38.32 -24.03
C VAL A 51 31.68 -39.09 -23.93
N ASN A 52 31.61 -40.40 -24.15
CA ASN A 52 32.78 -41.27 -24.09
C ASN A 52 33.28 -41.56 -25.49
N PRO A 53 34.48 -41.12 -25.88
CA PRO A 53 34.93 -41.38 -27.26
C PRO A 53 35.12 -42.85 -27.57
N ASP A 54 35.28 -43.71 -26.56
CA ASP A 54 35.52 -45.13 -26.80
C ASP A 54 34.25 -45.91 -27.14
N ASP A 55 33.08 -45.29 -27.05
CA ASP A 55 31.84 -46.00 -27.32
C ASP A 55 31.52 -45.98 -28.81
N GLU A 56 30.76 -46.98 -29.25
CA GLU A 56 30.35 -47.10 -30.64
C GLU A 56 29.52 -45.90 -31.08
N TYR A 57 28.59 -45.46 -30.21
CA TYR A 57 27.72 -44.35 -30.58
C TYR A 57 28.53 -43.11 -30.91
N TYR A 58 29.69 -42.93 -30.29
CA TYR A 58 30.51 -41.76 -30.58
C TYR A 58 30.91 -41.74 -32.05
N LYS A 59 31.48 -42.84 -32.54
CA LYS A 59 31.88 -42.90 -33.94
C LYS A 59 30.66 -42.80 -34.86
N ILE A 60 29.58 -43.51 -34.51
CA ILE A 60 28.40 -43.51 -35.36
C ILE A 60 27.86 -42.08 -35.52
N GLY A 61 27.74 -41.36 -34.42
CA GLY A 61 27.25 -39.99 -34.45
C GLY A 61 28.21 -39.04 -35.14
N LYS A 62 29.51 -39.23 -34.92
CA LYS A 62 30.49 -38.36 -35.55
C LYS A 62 30.45 -38.49 -37.06
N GLU A 63 30.22 -39.70 -37.57
CA GLU A 63 30.21 -39.92 -39.01
C GLU A 63 28.84 -39.70 -39.65
N TYR A 64 27.76 -39.80 -38.88
CA TYR A 64 26.43 -39.72 -39.46
C TYR A 64 26.11 -38.30 -39.93
N ASN A 65 25.46 -38.21 -41.08
CA ASN A 65 24.99 -36.94 -41.63
C ASN A 65 23.51 -37.06 -41.94
N VAL A 66 22.73 -36.08 -41.48
CA VAL A 66 21.26 -36.18 -41.59
C VAL A 66 20.82 -36.03 -43.04
N GLU A 67 21.37 -35.04 -43.75
CA GLU A 67 20.87 -34.74 -45.09
C GLU A 67 21.08 -35.91 -46.04
N ALA A 68 22.24 -36.56 -45.97
CA ALA A 68 22.52 -37.66 -46.88
C ALA A 68 21.53 -38.80 -46.71
N ASN A 69 20.88 -38.89 -45.55
CA ASN A 69 19.88 -39.91 -45.27
C ASN A 69 18.48 -39.32 -45.22
N MET A 70 18.24 -38.25 -45.99
CA MET A 70 16.93 -37.61 -45.98
C MET A 70 15.84 -38.57 -46.44
N GLU A 71 16.20 -39.60 -47.21
CA GLU A 71 15.22 -40.56 -47.68
C GLU A 71 14.80 -41.54 -46.58
N SER A 72 15.52 -41.58 -45.46
CA SER A 72 15.19 -42.50 -44.38
C SER A 72 14.15 -41.94 -43.41
N TYR A 73 13.65 -40.73 -43.65
CA TYR A 73 12.63 -40.12 -42.82
C TYR A 73 11.36 -39.96 -43.63
N THR A 74 10.22 -40.35 -43.04
CA THR A 74 8.95 -40.30 -43.76
C THR A 74 8.64 -38.90 -44.24
N ASN A 75 8.75 -37.91 -43.35
CA ASN A 75 8.44 -36.52 -43.69
C ASN A 75 9.71 -35.78 -44.09
N ARG A 76 9.61 -35.02 -45.19
CA ARG A 76 10.76 -34.27 -45.69
C ARG A 76 10.86 -32.88 -45.09
N GLU A 77 9.73 -32.23 -44.78
CA GLU A 77 9.79 -30.90 -44.20
C GLU A 77 10.46 -30.92 -42.83
N VAL A 78 10.30 -32.03 -42.09
CA VAL A 78 10.96 -32.15 -40.79
C VAL A 78 12.47 -32.03 -40.96
N VAL A 79 13.02 -32.76 -41.94
CA VAL A 79 14.46 -32.74 -42.15
C VAL A 79 14.92 -31.35 -42.56
N THR A 80 14.17 -30.70 -43.46
CA THR A 80 14.56 -29.37 -43.92
C THR A 80 14.56 -28.37 -42.76
N GLU A 81 13.51 -28.40 -41.94
CA GLU A 81 13.45 -27.48 -40.80
C GLU A 81 14.56 -27.76 -39.80
N PHE A 82 14.84 -29.03 -39.53
CA PHE A 82 15.93 -29.36 -38.61
C PHE A 82 17.26 -28.88 -39.15
N LEU A 83 17.51 -29.07 -40.45
CA LEU A 83 18.76 -28.59 -41.04
C LEU A 83 18.86 -27.08 -40.97
N SER A 84 17.77 -26.37 -41.24
CA SER A 84 17.80 -24.92 -41.15
C SER A 84 18.12 -24.46 -39.73
N LEU A 85 17.44 -25.02 -38.74
CA LEU A 85 17.70 -24.63 -37.36
C LEU A 85 19.13 -24.98 -36.94
N TYR A 86 19.62 -26.15 -37.36
CA TYR A 86 20.98 -26.54 -37.00
C TYR A 86 22.00 -25.61 -37.62
N LYS A 87 21.78 -25.19 -38.88
CA LYS A 87 22.63 -24.17 -39.49
C LYS A 87 22.58 -22.88 -38.68
N ALA A 88 21.37 -22.49 -38.23
CA ALA A 88 21.27 -21.32 -37.37
C ALA A 88 22.03 -21.51 -36.06
N GLY A 89 22.19 -22.75 -35.60
CA GLY A 89 22.97 -23.03 -34.41
C GLY A 89 22.13 -23.34 -33.19
N PHE A 90 22.40 -24.47 -32.54
CA PHE A 90 21.72 -24.86 -31.32
C PHE A 90 22.48 -24.33 -30.10
N ILE A 91 21.88 -24.54 -28.92
CA ILE A 91 22.47 -24.04 -27.68
C ILE A 91 23.74 -24.85 -27.38
N PRO A 92 24.72 -24.25 -26.70
CA PRO A 92 25.95 -25.00 -26.39
C PRO A 92 25.72 -26.02 -25.30
N LYS A 93 26.67 -26.95 -25.20
CA LYS A 93 26.63 -27.99 -24.18
C LYS A 93 26.86 -27.39 -22.79
N ASN A 94 26.50 -28.16 -21.77
CA ASN A 94 26.73 -27.79 -20.38
C ASN A 94 25.91 -26.58 -19.96
N GLU A 95 24.66 -26.50 -20.39
CA GLU A 95 23.75 -25.43 -20.01
C GLU A 95 22.41 -26.02 -19.63
N VAL A 96 21.69 -25.31 -18.75
CA VAL A 96 20.39 -25.79 -18.28
C VAL A 96 19.39 -25.70 -19.42
N PHE A 97 18.65 -26.79 -19.62
CA PHE A 97 17.62 -26.85 -20.65
C PHE A 97 16.23 -26.91 -19.99
N SER A 98 15.31 -26.13 -20.54
CA SER A 98 13.92 -26.15 -20.10
C SER A 98 13.02 -26.00 -21.31
N ILE A 99 11.91 -26.74 -21.32
CA ILE A 99 10.95 -26.67 -22.42
C ILE A 99 10.24 -25.33 -22.49
N PHE A 100 10.29 -24.53 -21.42
CA PHE A 100 9.66 -23.23 -21.41
C PHE A 100 10.53 -22.13 -22.01
N TYR A 101 11.80 -22.42 -22.27
CA TYR A 101 12.66 -21.48 -22.99
C TYR A 101 12.36 -21.61 -24.49
N GLU A 102 11.96 -20.50 -25.10
CA GLU A 102 11.31 -20.58 -26.42
C GLU A 102 12.26 -21.16 -27.48
N ASN A 103 13.48 -20.62 -27.57
CA ASN A 103 14.41 -21.09 -28.59
C ASN A 103 14.77 -22.55 -28.35
N GLN A 104 15.07 -22.91 -27.09
CA GLN A 104 15.34 -24.30 -26.76
C GLN A 104 14.14 -25.17 -27.06
N ALA A 105 12.94 -24.66 -26.80
CA ALA A 105 11.73 -25.42 -27.10
C ALA A 105 11.62 -25.72 -28.59
N LEU A 106 11.87 -24.71 -29.43
CA LEU A 106 11.82 -24.93 -30.87
C LEU A 106 12.85 -25.96 -31.31
N GLU A 107 14.09 -25.82 -30.81
CA GLU A 107 15.15 -26.75 -31.22
C GLU A 107 14.81 -28.18 -30.79
N VAL A 108 14.35 -28.35 -29.55
CA VAL A 108 14.08 -29.69 -29.05
C VAL A 108 12.86 -30.29 -29.75
N ILE A 109 11.87 -29.47 -30.08
CA ILE A 109 10.71 -29.97 -30.81
C ILE A 109 11.13 -30.43 -32.20
N ALA A 110 11.98 -29.66 -32.88
CA ALA A 110 12.47 -30.10 -34.18
C ALA A 110 13.24 -31.41 -34.07
N LEU A 111 14.10 -31.53 -33.05
CA LEU A 111 14.85 -32.76 -32.87
C LEU A 111 13.92 -33.95 -32.61
N TYR A 112 12.91 -33.74 -31.77
CA TYR A 112 11.96 -34.82 -31.49
C TYR A 112 11.20 -35.22 -32.74
N ARG A 113 10.78 -34.25 -33.55
CA ARG A 113 10.08 -34.57 -34.78
C ARG A 113 10.97 -35.35 -35.72
N LEU A 114 12.26 -35.00 -35.78
CA LEU A 114 13.20 -35.79 -36.57
C LEU A 114 13.29 -37.22 -36.05
N PHE A 115 13.34 -37.38 -34.73
CA PHE A 115 13.40 -38.72 -34.15
C PHE A 115 12.16 -39.53 -34.49
N TYR A 116 10.97 -38.91 -34.38
CA TYR A 116 9.72 -39.65 -34.44
C TYR A 116 9.45 -40.19 -35.84
N TYR A 117 9.80 -39.43 -36.87
CA TYR A 117 9.49 -39.80 -38.25
C TYR A 117 10.55 -40.68 -38.89
N ALA A 118 11.56 -41.12 -38.13
CA ALA A 118 12.52 -42.08 -38.66
C ALA A 118 11.79 -43.35 -39.08
N LYS A 119 12.11 -43.84 -40.29
CA LYS A 119 11.36 -44.95 -40.85
C LYS A 119 11.58 -46.25 -40.08
N ASP A 120 12.79 -46.46 -39.57
CA ASP A 120 13.13 -47.72 -38.91
C ASP A 120 13.98 -47.42 -37.68
N PHE A 121 14.09 -48.42 -36.81
CA PHE A 121 14.82 -48.24 -35.57
C PHE A 121 16.30 -47.97 -35.79
N GLU A 122 16.87 -48.49 -36.89
CA GLU A 122 18.28 -48.26 -37.16
C GLU A 122 18.56 -46.78 -37.41
N THR A 123 17.73 -46.15 -38.24
CA THR A 123 17.89 -44.72 -38.49
C THR A 123 17.67 -43.92 -37.21
N PHE A 124 16.70 -44.34 -36.38
CA PHE A 124 16.46 -43.66 -35.12
C PHE A 124 17.68 -43.75 -34.21
N TYR A 125 18.30 -44.94 -34.14
CA TYR A 125 19.50 -45.08 -33.31
C TYR A 125 20.64 -44.22 -33.83
N LYS A 126 20.83 -44.19 -35.16
CA LYS A 126 21.87 -43.34 -35.73
C LYS A 126 21.62 -41.87 -35.40
N THR A 127 20.37 -41.43 -35.54
CA THR A 127 20.05 -40.04 -35.24
C THR A 127 20.26 -39.73 -33.75
N ALA A 128 19.89 -40.67 -32.89
CA ALA A 128 20.10 -40.46 -31.45
C ALA A 128 21.59 -40.36 -31.12
N ALA A 129 22.41 -41.21 -31.74
CA ALA A 129 23.85 -41.12 -31.54
C ALA A 129 24.38 -39.78 -32.01
N PHE A 130 23.93 -39.33 -33.19
CA PHE A 130 24.32 -38.02 -33.69
C PHE A 130 23.95 -36.92 -32.71
N ALA A 131 22.72 -36.97 -32.18
CA ALA A 131 22.27 -35.93 -31.26
C ALA A 131 23.09 -35.93 -29.99
N ARG A 132 23.37 -37.11 -29.43
CA ARG A 132 24.17 -37.18 -28.21
C ARG A 132 25.57 -36.65 -28.45
N VAL A 133 26.17 -36.99 -29.59
CA VAL A 133 27.54 -36.55 -29.86
C VAL A 133 27.59 -35.04 -30.07
N TRP A 134 26.60 -34.46 -30.74
CA TRP A 134 26.68 -33.08 -31.19
C TRP A 134 25.85 -32.08 -30.40
N LEU A 135 24.76 -32.50 -29.76
CA LEU A 135 23.78 -31.58 -29.20
C LEU A 135 23.86 -31.55 -27.67
N ASN A 136 23.13 -30.59 -27.10
CA ASN A 136 23.07 -30.45 -25.65
C ASN A 136 22.51 -31.71 -25.01
N GLU A 137 23.09 -32.09 -23.87
CA GLU A 137 22.69 -33.34 -23.22
C GLU A 137 21.24 -33.30 -22.77
N GLY A 138 20.78 -32.16 -22.23
CA GLY A 138 19.41 -32.09 -21.74
C GLY A 138 18.38 -32.26 -22.84
N GLN A 139 18.57 -31.53 -23.95
CA GLN A 139 17.67 -31.67 -25.08
C GLN A 139 17.70 -33.10 -25.62
N PHE A 140 18.89 -33.69 -25.71
CA PHE A 140 19.01 -35.06 -26.20
C PHE A 140 18.21 -36.02 -25.33
N VAL A 141 18.41 -35.96 -24.02
CA VAL A 141 17.73 -36.91 -23.14
C VAL A 141 16.23 -36.69 -23.18
N TYR A 142 15.78 -35.43 -23.15
CA TYR A 142 14.35 -35.15 -23.21
C TYR A 142 13.72 -35.72 -24.47
N ALA A 143 14.31 -35.40 -25.64
CA ALA A 143 13.75 -35.87 -26.90
C ALA A 143 13.81 -37.38 -27.00
N PHE A 144 14.91 -37.99 -26.56
CA PHE A 144 15.03 -39.45 -26.65
C PHE A 144 14.01 -40.14 -25.76
N TYR A 145 13.82 -39.65 -24.54
CA TYR A 145 12.80 -40.24 -23.66
C TYR A 145 11.42 -40.12 -24.29
N LEU A 146 11.09 -38.93 -24.82
CA LEU A 146 9.78 -38.74 -25.42
C LEU A 146 9.59 -39.67 -26.62
N ALA A 147 10.61 -39.78 -27.48
CA ALA A 147 10.50 -40.62 -28.66
C ALA A 147 10.35 -42.09 -28.28
N VAL A 148 11.14 -42.56 -27.31
CA VAL A 148 11.01 -43.94 -26.88
C VAL A 148 9.61 -44.19 -26.34
N ILE A 149 9.05 -43.23 -25.60
CA ILE A 149 7.70 -43.39 -25.10
C ILE A 149 6.67 -43.42 -26.24
N HIS A 150 6.90 -42.68 -27.33
CA HIS A 150 5.89 -42.51 -28.36
C HIS A 150 6.12 -43.32 -29.62
N ARG A 151 7.33 -43.83 -29.87
CA ARG A 151 7.57 -44.57 -31.10
C ARG A 151 6.87 -45.91 -31.08
N ALA A 152 6.44 -46.36 -32.26
CA ALA A 152 5.66 -47.59 -32.37
C ALA A 152 6.53 -48.83 -32.16
N ASP A 153 7.75 -48.84 -32.69
CA ASP A 153 8.61 -50.01 -32.61
C ASP A 153 9.30 -50.13 -31.26
N THR A 154 9.15 -49.14 -30.38
CA THR A 154 9.69 -49.19 -29.03
C THR A 154 8.63 -49.53 -27.99
N ARG A 155 7.43 -49.90 -28.43
CA ARG A 155 6.37 -50.26 -27.49
C ARG A 155 6.67 -51.63 -26.89
N GLY A 156 6.82 -51.67 -25.56
CA GLY A 156 7.10 -52.90 -24.84
C GLY A 156 8.38 -52.87 -24.03
N ILE A 157 9.31 -51.98 -24.34
CA ILE A 157 10.56 -51.89 -23.60
C ILE A 157 10.35 -51.01 -22.37
N VAL A 158 11.31 -51.08 -21.45
CA VAL A 158 11.23 -50.38 -20.17
C VAL A 158 12.29 -49.29 -20.13
N LEU A 159 11.90 -48.12 -19.63
CA LEU A 159 12.79 -47.00 -19.41
C LEU A 159 13.07 -46.82 -17.93
N PRO A 160 14.24 -46.32 -17.55
CA PRO A 160 14.49 -46.04 -16.13
C PRO A 160 13.59 -44.94 -15.61
N ALA A 161 13.37 -44.97 -14.30
CA ALA A 161 12.50 -43.98 -13.68
C ALA A 161 13.11 -42.59 -13.80
N PRO A 162 12.28 -41.55 -13.86
CA PRO A 162 12.84 -40.19 -14.02
C PRO A 162 13.82 -39.80 -12.94
N TYR A 163 13.59 -40.22 -11.69
CA TYR A 163 14.49 -39.83 -10.61
C TYR A 163 15.87 -40.46 -10.75
N GLU A 164 16.00 -41.54 -11.53
CA GLU A 164 17.31 -42.10 -11.84
C GLU A 164 17.93 -41.49 -13.09
N ILE A 165 17.14 -40.78 -13.90
CA ILE A 165 17.70 -40.09 -15.06
C ILE A 165 18.09 -38.67 -14.71
N TRP A 166 17.37 -38.04 -13.78
CA TRP A 166 17.66 -36.68 -13.32
C TRP A 166 17.70 -36.68 -11.80
N PRO A 167 18.72 -37.30 -11.19
CA PRO A 167 18.77 -37.35 -9.72
C PRO A 167 18.80 -35.98 -9.07
N GLU A 168 19.44 -35.00 -9.71
CA GLU A 168 19.59 -33.68 -9.10
C GLU A 168 18.25 -32.98 -8.93
N TYR A 169 17.21 -33.36 -9.69
CA TYR A 169 15.90 -32.76 -9.57
C TYR A 169 15.04 -33.42 -8.50
N PHE A 170 15.54 -34.47 -7.83
CA PHE A 170 14.75 -35.21 -6.84
C PHE A 170 15.47 -35.33 -5.50
N MET A 171 16.45 -34.46 -5.24
CA MET A 171 17.16 -34.48 -3.98
C MET A 171 17.56 -33.05 -3.63
N ASN A 172 17.83 -32.83 -2.35
CA ASN A 172 18.24 -31.53 -1.84
C ASN A 172 19.75 -31.36 -1.96
N SER A 173 20.20 -30.13 -1.68
CA SER A 173 21.59 -29.76 -1.96
C SER A 173 22.57 -30.47 -1.03
N ASP A 174 22.15 -30.79 0.19
CA ASP A 174 23.08 -31.39 1.16
C ASP A 174 23.53 -32.78 0.71
N VAL A 175 22.58 -33.62 0.30
CA VAL A 175 22.92 -34.96 -0.14
C VAL A 175 23.76 -34.92 -1.40
N LEU A 176 23.44 -34.00 -2.31
CA LEU A 176 24.24 -33.84 -3.52
C LEU A 176 25.66 -33.39 -3.17
N SER A 177 25.80 -32.51 -2.19
CA SER A 177 27.11 -32.07 -1.75
C SER A 177 27.91 -33.24 -1.20
N LYS A 178 27.27 -34.08 -0.39
CA LYS A 178 27.96 -35.25 0.14
C LYS A 178 28.40 -36.19 -0.98
N ILE A 179 27.52 -36.41 -1.95
CA ILE A 179 27.85 -37.31 -3.07
C ILE A 179 29.01 -36.74 -3.87
N TYR A 180 28.99 -35.43 -4.14
CA TYR A 180 30.08 -34.81 -4.89
C TYR A 180 31.39 -34.89 -4.12
N ARG A 181 31.35 -34.69 -2.81
CA ARG A 181 32.57 -34.81 -2.01
C ARG A 181 33.12 -36.23 -2.08
N ILE A 182 32.24 -37.23 -1.96
CA ILE A 182 32.70 -38.61 -2.04
C ILE A 182 33.31 -38.90 -3.40
N GLN A 183 32.67 -38.42 -4.47
CA GLN A 183 33.20 -38.64 -5.81
C GLN A 183 34.57 -37.98 -5.97
N MET A 184 34.72 -36.75 -5.49
CA MET A 184 35.99 -36.06 -5.60
C MET A 184 37.08 -36.76 -4.79
N GLN A 185 36.75 -37.26 -3.61
CA GLN A 185 37.72 -37.97 -2.78
C GLN A 185 37.92 -39.42 -3.20
N LYS A 186 37.08 -39.94 -4.07
CA LYS A 186 37.14 -41.34 -4.48
C LYS A 186 37.11 -42.27 -3.27
N GLY A 187 36.23 -41.95 -2.32
CA GLY A 187 36.03 -42.73 -1.12
C GLY A 187 36.05 -41.84 0.10
N LEU A 188 36.28 -42.48 1.24
CA LEU A 188 36.34 -41.79 2.54
C LEU A 188 37.77 -41.77 3.03
N ILE A 189 38.26 -40.59 3.39
CA ILE A 189 39.61 -40.48 3.94
C ILE A 189 39.69 -41.19 5.28
N ILE A 190 38.67 -41.02 6.12
CA ILE A 190 38.58 -41.69 7.42
C ILE A 190 37.25 -42.45 7.44
N PRO A 191 37.22 -43.72 7.02
CA PRO A 191 35.92 -44.41 6.89
C PRO A 191 35.14 -44.49 8.18
N GLU A 192 35.83 -44.59 9.32
CA GLU A 192 35.13 -44.77 10.60
C GLU A 192 34.19 -43.63 10.91
N GLN A 193 34.44 -42.43 10.39
CA GLN A 193 33.62 -41.26 10.69
C GLN A 193 32.48 -41.06 9.71
N GLY A 194 32.36 -41.91 8.69
CA GLY A 194 31.32 -41.77 7.70
C GLY A 194 29.91 -41.92 8.25
N PRO A 195 29.69 -42.95 9.06
CA PRO A 195 28.33 -43.16 9.59
C PRO A 195 27.80 -42.00 10.40
N TYR A 196 28.66 -41.27 11.11
CA TYR A 196 28.22 -40.12 11.89
C TYR A 196 27.67 -39.00 11.02
N TYR A 197 27.93 -39.01 9.72
CA TYR A 197 27.42 -38.00 8.81
C TYR A 197 26.43 -38.56 7.80
N GLY A 198 25.94 -39.79 8.02
CA GLY A 198 24.93 -40.36 7.15
C GLY A 198 25.46 -41.01 5.90
N ILE A 199 26.73 -41.41 5.87
CA ILE A 199 27.33 -42.07 4.72
C ILE A 199 27.76 -43.46 5.16
N LEU A 200 27.25 -44.48 4.46
CA LEU A 200 27.56 -45.87 4.77
C LEU A 200 28.26 -46.51 3.58
N SER A 201 29.43 -47.10 3.82
CA SER A 201 30.17 -47.82 2.80
C SER A 201 29.91 -49.30 2.96
N LYS A 202 29.23 -49.90 1.98
CA LYS A 202 28.86 -51.31 2.09
C LYS A 202 28.68 -51.89 0.69
N ASP A 203 29.17 -53.11 0.51
CA ASP A 203 28.95 -53.88 -0.71
C ASP A 203 29.32 -53.08 -1.96
N ASN A 204 30.54 -52.54 -1.95
CA ASN A 204 31.10 -51.83 -3.09
C ASN A 204 30.35 -50.54 -3.42
N ALA A 205 29.37 -50.16 -2.59
CA ALA A 205 28.53 -49.01 -2.85
C ALA A 205 28.54 -48.07 -1.64
N TYR A 206 28.03 -46.86 -1.87
CA TYR A 206 27.92 -45.84 -0.85
C TYR A 206 26.46 -45.42 -0.73
N TYR A 207 25.90 -45.56 0.46
CA TYR A 207 24.53 -45.21 0.76
C TYR A 207 24.50 -43.89 1.52
N PHE A 208 23.67 -42.96 1.05
CA PHE A 208 23.54 -41.64 1.65
C PHE A 208 22.11 -41.49 2.15
N TYR A 209 21.97 -41.26 3.46
CA TYR A 209 20.66 -41.02 4.05
C TYR A 209 20.19 -39.61 3.72
N ALA A 210 18.94 -39.49 3.27
CA ALA A 210 18.41 -38.22 2.78
C ALA A 210 17.21 -37.81 3.61
N ASN A 211 17.15 -36.54 3.97
CA ASN A 211 15.99 -35.97 4.66
C ASN A 211 15.08 -35.30 3.63
N TYR A 212 13.97 -34.72 4.10
CA TYR A 212 13.12 -33.85 3.31
C TYR A 212 13.32 -32.40 3.73
N SER A 213 12.81 -31.49 2.90
CA SER A 213 12.99 -30.07 3.16
C SER A 213 12.30 -29.66 4.46
N GLY A 214 12.89 -28.69 5.15
CA GLY A 214 12.40 -28.25 6.42
C GLY A 214 11.75 -26.87 6.35
N PRO A 215 11.56 -26.24 7.51
CA PRO A 215 10.88 -24.92 7.52
C PRO A 215 11.64 -23.83 6.77
N LEU A 216 12.94 -23.99 6.54
CA LEU A 216 13.67 -22.98 5.77
C LEU A 216 13.10 -22.85 4.37
N THR A 217 12.65 -23.96 3.78
CA THR A 217 12.13 -23.92 2.42
C THR A 217 10.65 -23.54 2.39
N TYR A 218 9.85 -24.08 3.31
CA TYR A 218 8.42 -23.87 3.34
C TYR A 218 8.02 -23.11 4.59
N GLU A 219 7.03 -22.23 4.45
CA GLU A 219 6.50 -21.44 5.55
C GLU A 219 5.08 -21.90 5.87
N ASP A 220 4.49 -21.29 6.91
CA ASP A 220 3.11 -21.55 7.31
C ASP A 220 2.89 -23.04 7.59
N ASN A 221 3.88 -23.68 8.18
CA ASN A 221 3.82 -25.06 8.63
C ASN A 221 3.61 -26.05 7.48
N GLU A 222 3.83 -25.63 6.23
CA GLU A 222 3.61 -26.53 5.10
C GLU A 222 4.67 -27.62 5.02
N ASN A 223 5.85 -27.41 5.63
CA ASN A 223 6.89 -28.42 5.58
C ASN A 223 6.43 -29.75 6.17
N LEU A 224 5.38 -29.72 7.00
CA LEU A 224 4.84 -30.96 7.55
C LEU A 224 4.50 -31.96 6.44
N LEU A 225 4.04 -31.47 5.29
CA LEU A 225 3.66 -32.34 4.18
C LEU A 225 4.75 -32.43 3.12
N SER A 226 5.96 -31.97 3.41
CA SER A 226 7.05 -32.07 2.44
C SER A 226 7.20 -33.49 1.93
N TYR A 227 7.21 -34.47 2.86
CA TYR A 227 7.37 -35.86 2.47
C TYR A 227 6.45 -36.25 1.32
N PHE A 228 5.28 -35.62 1.22
CA PHE A 228 4.35 -35.93 0.15
C PHE A 228 4.64 -35.16 -1.13
N ILE A 229 4.93 -33.86 -1.02
CA ILE A 229 5.10 -33.04 -2.21
C ILE A 229 6.50 -33.15 -2.80
N GLU A 230 7.47 -33.66 -2.04
CA GLU A 230 8.82 -33.91 -2.53
C GLU A 230 9.05 -35.39 -2.85
N ASP A 231 8.01 -36.22 -2.77
CA ASP A 231 8.16 -37.64 -3.07
C ASP A 231 8.53 -37.82 -4.55
N ILE A 232 9.43 -38.76 -4.79
CA ILE A 232 9.91 -38.99 -6.16
C ILE A 232 8.78 -39.50 -7.04
N GLY A 233 7.90 -40.34 -6.50
CA GLY A 233 6.80 -40.86 -7.29
C GLY A 233 5.84 -39.79 -7.75
N TRP A 234 5.57 -38.80 -6.89
CA TRP A 234 4.65 -37.72 -7.23
C TRP A 234 5.14 -36.93 -8.44
N ASN A 235 6.39 -36.45 -8.38
CA ASN A 235 6.95 -35.68 -9.48
C ASN A 235 7.15 -36.54 -10.72
N SER A 236 7.52 -37.82 -10.53
CA SER A 236 7.66 -38.71 -11.67
C SER A 236 6.33 -38.93 -12.36
N TYR A 237 5.25 -39.03 -11.59
CA TYR A 237 3.92 -39.16 -12.19
C TYR A 237 3.58 -37.91 -13.00
N TYR A 238 3.88 -36.73 -12.46
CA TYR A 238 3.61 -35.51 -13.23
C TYR A 238 4.43 -35.49 -14.52
N TYR A 239 5.71 -35.88 -14.44
CA TYR A 239 6.55 -35.89 -15.64
C TYR A 239 6.05 -36.90 -16.66
N TYR A 240 5.60 -38.07 -16.20
CA TYR A 240 5.02 -39.05 -17.11
C TYR A 240 3.76 -38.49 -17.78
N PHE A 241 2.92 -37.80 -17.01
CA PHE A 241 1.73 -37.20 -17.60
C PHE A 241 2.13 -36.19 -18.68
N HIS A 242 3.14 -35.37 -18.42
CA HIS A 242 3.60 -34.43 -19.44
C HIS A 242 4.11 -35.15 -20.69
N ASN A 243 4.92 -36.19 -20.50
CA ASN A 243 5.52 -36.89 -21.62
C ASN A 243 4.46 -37.58 -22.48
N ARG A 244 3.44 -38.16 -21.85
CA ARG A 244 2.42 -38.86 -22.61
C ARG A 244 1.50 -37.90 -23.35
N PHE A 245 1.26 -36.71 -22.82
CA PHE A 245 0.38 -35.72 -23.43
C PHE A 245 1.08 -34.36 -23.46
N PRO A 246 2.12 -34.22 -24.27
CA PRO A 246 2.76 -32.90 -24.40
C PRO A 246 1.80 -31.89 -25.01
N PHE A 247 1.91 -30.65 -24.53
CA PHE A 247 0.98 -29.61 -24.97
C PHE A 247 1.28 -29.13 -26.39
N TRP A 248 2.54 -29.20 -26.81
CA TRP A 248 2.93 -28.71 -28.13
C TRP A 248 2.71 -29.72 -29.25
N GLU A 249 2.29 -30.94 -28.93
CA GLU A 249 2.06 -31.96 -29.94
C GLU A 249 0.58 -32.07 -30.26
N ASN A 250 0.31 -32.43 -31.52
CA ASN A 250 -1.07 -32.60 -31.99
C ASN A 250 -1.68 -33.85 -31.38
N GLY A 251 -2.99 -33.78 -31.14
CA GLY A 251 -3.67 -34.86 -30.46
C GLY A 251 -3.67 -36.16 -31.23
N GLU A 252 -3.73 -36.08 -32.57
CA GLU A 252 -3.81 -37.28 -33.38
C GLU A 252 -2.63 -38.21 -33.13
N GLN A 253 -1.42 -37.65 -33.12
CA GLN A 253 -0.23 -38.46 -32.82
C GLN A 253 -0.29 -38.98 -31.39
N LEU A 254 -0.74 -38.15 -30.45
CA LEU A 254 -0.79 -38.56 -29.05
C LEU A 254 -1.87 -39.62 -28.83
N ILE A 255 -3.12 -39.29 -29.12
CA ILE A 255 -4.25 -40.20 -28.97
C ILE A 255 -5.02 -40.22 -30.28
N GLY A 256 -5.04 -41.38 -30.93
CA GLY A 256 -5.70 -41.50 -32.21
C GLY A 256 -7.20 -41.65 -32.11
N PRO A 257 -7.65 -42.69 -31.42
CA PRO A 257 -9.10 -42.97 -31.40
C PRO A 257 -9.89 -42.06 -30.46
N LEU A 258 -9.30 -41.61 -29.35
CA LEU A 258 -10.03 -40.80 -28.38
C LEU A 258 -9.44 -39.40 -28.28
N LYS A 259 -9.06 -38.82 -29.41
CA LYS A 259 -8.49 -37.47 -29.41
C LYS A 259 -9.47 -36.44 -28.89
N GLU A 260 -10.76 -36.59 -29.20
CA GLU A 260 -11.75 -35.59 -28.82
C GLU A 260 -11.91 -35.49 -27.31
N ARG A 261 -11.40 -36.45 -26.55
CA ARG A 261 -11.47 -36.44 -25.10
C ARG A 261 -10.24 -35.81 -24.45
N ARG A 262 -9.34 -35.25 -25.26
CA ARG A 262 -8.09 -34.71 -24.71
C ARG A 262 -8.37 -33.73 -23.57
N GLY A 263 -9.22 -32.74 -23.82
CA GLY A 263 -9.54 -31.78 -22.77
C GLY A 263 -10.06 -32.45 -21.52
N GLU A 264 -10.95 -33.44 -21.68
CA GLU A 264 -11.45 -34.16 -20.53
C GLU A 264 -10.31 -34.73 -19.70
N ILE A 265 -9.32 -35.34 -20.37
CA ILE A 265 -8.17 -35.86 -19.65
C ILE A 265 -7.49 -34.74 -18.88
N TYR A 266 -7.28 -33.60 -19.54
CA TYR A 266 -6.66 -32.46 -18.88
C TYR A 266 -7.41 -32.11 -17.59
N TYR A 267 -8.74 -32.23 -17.60
CA TYR A 267 -9.51 -31.92 -16.41
C TYR A 267 -9.41 -33.03 -15.37
N TYR A 268 -9.36 -34.29 -15.82
CA TYR A 268 -9.41 -35.40 -14.89
C TYR A 268 -8.12 -35.51 -14.07
N VAL A 269 -6.97 -35.32 -14.71
CA VAL A 269 -5.70 -35.50 -14.01
C VAL A 269 -5.51 -34.41 -12.96
N TYR A 270 -5.58 -33.14 -13.37
CA TYR A 270 -5.34 -32.05 -12.44
C TYR A 270 -6.34 -32.08 -11.28
N GLN A 271 -7.62 -32.28 -11.60
CA GLN A 271 -8.63 -32.41 -10.55
C GLN A 271 -8.21 -33.44 -9.51
N LYS A 272 -7.62 -34.55 -9.97
CA LYS A 272 -7.11 -35.55 -9.04
C LYS A 272 -5.92 -35.01 -8.26
N ILE A 273 -4.94 -34.44 -8.97
CA ILE A 273 -3.70 -34.01 -8.34
C ILE A 273 -4.00 -33.06 -7.19
N LEU A 274 -4.85 -32.08 -7.43
CA LEU A 274 -5.22 -31.15 -6.37
C LEU A 274 -5.95 -31.87 -5.25
N ALA A 275 -6.93 -32.71 -5.60
CA ALA A 275 -7.76 -33.33 -4.57
C ALA A 275 -6.90 -34.07 -3.56
N ARG A 276 -6.06 -34.99 -4.05
CA ARG A 276 -5.15 -35.70 -3.16
C ARG A 276 -4.35 -34.71 -2.32
N TYR A 277 -3.76 -33.69 -2.97
CA TYR A 277 -3.02 -32.68 -2.23
C TYR A 277 -3.88 -32.09 -1.13
N TYR A 278 -5.11 -31.68 -1.47
CA TYR A 278 -6.00 -31.13 -0.46
C TYR A 278 -6.18 -32.10 0.69
N LEU A 279 -6.38 -33.39 0.37
CA LEU A 279 -6.54 -34.39 1.41
C LEU A 279 -5.35 -34.36 2.36
N GLU A 280 -4.14 -34.29 1.81
CA GLU A 280 -2.96 -34.26 2.66
C GLU A 280 -2.97 -33.03 3.56
N ARG A 281 -3.39 -31.88 3.02
CA ARG A 281 -3.50 -30.69 3.84
C ARG A 281 -4.45 -30.92 5.02
N LEU A 282 -5.53 -31.66 4.78
CA LEU A 282 -6.45 -31.97 5.87
C LEU A 282 -5.81 -32.92 6.87
N ALA A 283 -4.94 -33.82 6.39
CA ALA A 283 -4.29 -34.76 7.29
C ALA A 283 -3.32 -34.05 8.23
N ASN A 284 -2.68 -32.97 7.78
CA ASN A 284 -1.73 -32.22 8.58
C ASN A 284 -2.34 -30.96 9.19
N GLY A 285 -3.66 -30.78 9.08
CA GLY A 285 -4.31 -29.63 9.68
C GLY A 285 -3.88 -28.31 9.10
N LEU A 286 -3.74 -28.22 7.77
CA LEU A 286 -3.33 -27.00 7.10
C LEU A 286 -4.47 -26.27 6.42
N GLY A 287 -5.63 -26.89 6.27
CA GLY A 287 -6.79 -26.22 5.71
C GLY A 287 -6.85 -26.29 4.20
N GLU A 288 -7.60 -25.35 3.63
CA GLU A 288 -7.88 -25.32 2.20
C GLU A 288 -6.76 -24.62 1.44
N ILE A 289 -6.78 -24.82 0.13
CA ILE A 289 -5.76 -24.21 -0.74
C ILE A 289 -6.02 -22.71 -0.83
N PRO A 290 -5.04 -21.85 -0.57
CA PRO A 290 -5.28 -20.40 -0.62
C PRO A 290 -5.60 -19.93 -2.03
N ARG A 291 -6.39 -18.86 -2.10
CA ARG A 291 -6.64 -18.13 -3.33
C ARG A 291 -5.90 -16.80 -3.28
N PHE A 292 -5.53 -16.30 -4.46
CA PHE A 292 -4.71 -15.10 -4.55
C PHE A 292 -5.21 -14.20 -5.67
N ASN A 293 -4.79 -12.94 -5.61
CA ASN A 293 -5.10 -11.93 -6.62
C ASN A 293 -3.83 -11.54 -7.34
N TRP A 294 -3.88 -11.48 -8.67
CA TRP A 294 -2.68 -11.18 -9.45
C TRP A 294 -2.14 -9.79 -9.13
N LEU A 295 -3.03 -8.81 -8.91
CA LEU A 295 -2.62 -7.43 -8.68
C LEU A 295 -2.35 -7.13 -7.21
N ASP A 296 -2.03 -8.15 -6.42
CA ASP A 296 -1.71 -7.97 -5.01
C ASP A 296 -0.48 -8.79 -4.64
N LYS A 297 0.15 -8.40 -3.54
CA LYS A 297 1.35 -9.09 -3.07
C LYS A 297 1.05 -10.57 -2.82
N TYR A 298 1.98 -11.43 -3.27
CA TYR A 298 1.84 -12.87 -3.09
C TYR A 298 2.42 -13.26 -1.72
N GLN A 299 1.62 -13.97 -0.94
CA GLN A 299 1.92 -14.19 0.48
C GLN A 299 2.67 -15.49 0.75
N THR A 300 2.73 -16.40 -0.22
CA THR A 300 3.38 -17.69 -0.03
C THR A 300 4.81 -17.60 -0.56
N SER A 301 5.78 -17.84 0.32
CA SER A 301 7.19 -17.81 -0.06
C SER A 301 7.70 -19.22 -0.36
N TYR A 302 8.90 -19.28 -0.93
CA TYR A 302 9.50 -20.56 -1.30
C TYR A 302 10.99 -20.36 -1.48
N TYR A 303 11.79 -21.17 -0.78
CA TYR A 303 13.25 -21.09 -0.80
C TYR A 303 13.80 -22.48 -1.12
N PRO A 304 13.77 -22.89 -2.40
CA PRO A 304 14.22 -24.24 -2.74
C PRO A 304 15.72 -24.39 -2.58
N LEU A 305 16.13 -25.52 -2.02
CA LEU A 305 17.55 -25.90 -1.94
C LEU A 305 17.93 -26.80 -3.11
N LEU A 306 17.64 -26.35 -4.32
CA LEU A 306 17.89 -27.10 -5.54
C LEU A 306 18.87 -26.33 -6.43
N SER A 307 19.67 -27.08 -7.19
CA SER A 307 20.65 -26.47 -8.06
C SER A 307 20.90 -27.37 -9.25
N SER A 308 21.08 -26.76 -10.42
CA SER A 308 21.43 -27.46 -11.64
C SER A 308 22.68 -26.82 -12.22
N TYR A 309 23.72 -27.62 -12.43
CA TYR A 309 25.02 -27.13 -12.85
C TYR A 309 25.54 -26.06 -11.89
N GLN A 310 25.30 -26.28 -10.59
CA GLN A 310 25.68 -25.39 -9.51
C GLN A 310 24.97 -24.05 -9.57
N LEU A 311 23.99 -23.89 -10.45
CA LEU A 311 23.22 -22.65 -10.50
C LEU A 311 22.02 -22.76 -9.58
N PRO A 312 21.89 -21.90 -8.56
CA PRO A 312 20.78 -22.04 -7.62
C PRO A 312 19.44 -21.77 -8.28
N PHE A 313 18.42 -22.46 -7.77
CA PHE A 313 17.05 -22.21 -8.20
C PHE A 313 16.56 -20.88 -7.64
N ALA A 314 15.66 -20.24 -8.38
CA ALA A 314 15.12 -18.94 -7.96
C ALA A 314 14.38 -19.07 -6.64
N GLN A 315 14.53 -18.07 -5.79
CA GLN A 315 13.86 -18.02 -4.49
C GLN A 315 12.83 -16.90 -4.52
N ARG A 316 11.61 -17.20 -4.08
CA ARG A 316 10.53 -16.23 -4.01
C ARG A 316 10.40 -15.74 -2.58
N ASN A 317 10.67 -14.46 -2.37
CA ASN A 317 10.53 -13.87 -1.05
C ASN A 317 9.05 -13.69 -0.70
N ASP A 318 8.77 -13.67 0.60
CA ASP A 318 7.40 -13.46 1.06
C ASP A 318 6.93 -12.06 0.69
N ASP A 319 5.64 -11.94 0.38
CA ASP A 319 5.04 -10.66 0.00
C ASP A 319 5.64 -10.13 -1.31
N TYR A 320 5.94 -11.04 -2.24
CA TYR A 320 6.48 -10.64 -3.53
C TYR A 320 5.40 -10.01 -4.39
N TYR A 321 5.70 -8.84 -4.96
CA TYR A 321 4.74 -8.10 -5.77
C TYR A 321 4.85 -8.57 -7.22
N LEU A 322 3.74 -9.06 -7.77
CA LEU A 322 3.73 -9.66 -9.08
C LEU A 322 3.45 -8.67 -10.21
N ALA A 323 2.90 -7.49 -9.89
CA ALA A 323 2.45 -6.54 -10.90
C ALA A 323 3.42 -5.38 -11.09
N SER A 324 4.73 -5.66 -11.02
CA SER A 324 5.71 -4.63 -11.31
C SER A 324 5.68 -4.29 -12.81
N GLY A 325 6.29 -3.16 -13.15
CA GLY A 325 6.28 -2.73 -14.53
C GLY A 325 6.89 -3.75 -15.47
N ASP A 326 8.01 -4.36 -15.07
CA ASP A 326 8.68 -5.31 -15.94
C ASP A 326 7.76 -6.44 -16.38
N ASN A 327 6.88 -6.91 -15.49
CA ASN A 327 5.96 -7.98 -15.80
C ASN A 327 4.60 -7.49 -16.28
N ILE A 328 4.37 -6.17 -16.34
CA ILE A 328 3.01 -5.66 -16.51
C ILE A 328 2.37 -6.28 -17.74
N ASN A 329 3.08 -6.26 -18.87
CA ASN A 329 2.55 -6.84 -20.10
C ASN A 329 1.99 -8.24 -19.83
N ASP A 330 2.84 -9.13 -19.31
CA ASP A 330 2.39 -10.48 -19.02
C ASP A 330 1.11 -10.45 -18.19
N ILE A 331 1.12 -9.68 -17.10
CA ILE A 331 -0.06 -9.60 -16.25
C ILE A 331 -1.29 -9.32 -17.09
N GLN A 332 -1.22 -8.29 -17.93
CA GLN A 332 -2.37 -7.92 -18.73
C GLN A 332 -2.87 -9.13 -19.51
N PHE A 333 -1.96 -9.80 -20.23
CA PHE A 333 -2.38 -10.96 -21.01
C PHE A 333 -3.12 -11.94 -20.12
N ILE A 334 -2.52 -12.30 -18.99
CA ILE A 334 -3.18 -13.22 -18.05
C ILE A 334 -4.60 -12.74 -17.80
N ASP A 335 -4.73 -11.50 -17.30
CA ASP A 335 -6.05 -10.99 -16.98
C ASP A 335 -6.98 -11.13 -18.18
N THR A 336 -6.52 -10.65 -19.34
CA THR A 336 -7.37 -10.69 -20.53
C THR A 336 -7.87 -12.10 -20.75
N TYR A 337 -6.97 -13.08 -20.73
CA TYR A 337 -7.36 -14.47 -20.93
C TYR A 337 -8.54 -14.80 -20.02
N GLU A 338 -8.36 -14.61 -18.72
CA GLU A 338 -9.43 -14.93 -17.78
C GLU A 338 -10.71 -14.22 -18.18
N LYS A 339 -10.63 -12.91 -18.41
CA LYS A 339 -11.81 -12.14 -18.79
C LYS A 339 -12.52 -12.81 -19.94
N THR A 340 -11.77 -13.17 -20.98
CA THR A 340 -12.38 -13.75 -22.16
C THR A 340 -13.24 -14.94 -21.79
N PHE A 341 -12.71 -15.84 -20.97
CA PHE A 341 -13.46 -17.04 -20.62
C PHE A 341 -14.79 -16.67 -19.97
N LEU A 342 -14.76 -15.70 -19.05
CA LEU A 342 -16.01 -15.29 -18.40
C LEU A 342 -17.01 -14.79 -19.43
N GLN A 343 -16.55 -14.00 -20.41
CA GLN A 343 -17.45 -13.54 -21.45
C GLN A 343 -18.07 -14.72 -22.18
N LEU A 344 -17.27 -15.76 -22.46
CA LEU A 344 -17.83 -16.94 -23.11
C LEU A 344 -18.93 -17.55 -22.26
N LEU A 345 -18.76 -17.59 -20.94
CA LEU A 345 -19.80 -18.15 -20.09
C LEU A 345 -21.10 -17.37 -20.22
N GLN A 346 -21.01 -16.07 -20.51
CA GLN A 346 -22.23 -15.29 -20.74
C GLN A 346 -22.84 -15.57 -22.10
N LYS A 347 -22.02 -15.91 -23.09
CA LYS A 347 -22.53 -16.19 -24.43
C LYS A 347 -23.19 -17.55 -24.52
N GLY A 348 -22.63 -18.55 -23.83
CA GLY A 348 -23.17 -19.90 -23.87
C GLY A 348 -22.88 -20.67 -25.15
N GLN A 349 -23.31 -20.14 -26.28
CA GLN A 349 -23.05 -20.73 -27.59
C GLN A 349 -22.37 -19.68 -28.46
N PHE A 350 -21.26 -20.06 -29.10
CA PHE A 350 -20.44 -19.08 -29.80
C PHE A 350 -19.51 -19.82 -30.76
N LYS A 351 -18.59 -19.07 -31.37
CA LYS A 351 -17.57 -19.62 -32.25
C LYS A 351 -16.24 -18.99 -31.87
N ALA A 352 -15.27 -19.82 -31.50
CA ALA A 352 -13.96 -19.36 -31.09
C ALA A 352 -12.89 -20.17 -31.80
N TYR A 353 -11.88 -19.47 -32.33
CA TYR A 353 -10.81 -20.12 -33.09
C TYR A 353 -11.38 -20.94 -34.23
N LYS A 354 -12.44 -20.43 -34.85
CA LYS A 354 -13.10 -21.10 -35.97
C LYS A 354 -13.67 -22.46 -35.56
N GLN A 355 -14.03 -22.60 -34.29
CA GLN A 355 -14.69 -23.79 -33.77
C GLN A 355 -16.00 -23.39 -33.13
N GLU A 356 -17.09 -24.04 -33.55
CA GLU A 356 -18.39 -23.81 -32.94
C GLU A 356 -18.46 -24.52 -31.60
N VAL A 357 -18.87 -23.80 -30.57
CA VAL A 357 -18.89 -24.32 -29.20
C VAL A 357 -20.27 -24.05 -28.58
N ASP A 358 -20.83 -25.09 -27.97
CA ASP A 358 -22.08 -25.00 -27.23
C ASP A 358 -21.81 -25.51 -25.81
N LEU A 359 -21.91 -24.62 -24.83
CA LEU A 359 -21.56 -24.96 -23.45
C LEU A 359 -22.65 -25.74 -22.74
N TYR A 360 -23.85 -25.84 -23.32
CA TYR A 360 -24.89 -26.69 -22.73
C TYR A 360 -24.61 -28.17 -22.92
N ASN A 361 -23.64 -28.53 -23.75
CA ASN A 361 -23.29 -29.92 -24.04
C ASN A 361 -22.04 -30.30 -23.28
N SER A 362 -22.05 -31.48 -22.67
CA SER A 362 -20.88 -31.93 -21.90
C SER A 362 -19.66 -32.07 -22.79
N LYS A 363 -19.85 -32.43 -24.07
CA LYS A 363 -18.70 -32.59 -24.97
C LYS A 363 -17.82 -31.34 -24.98
N SER A 364 -18.43 -30.17 -24.87
CA SER A 364 -17.67 -28.92 -24.90
C SER A 364 -16.51 -28.92 -23.93
N ILE A 365 -16.55 -29.78 -22.90
CA ILE A 365 -15.42 -29.90 -21.97
C ILE A 365 -14.11 -29.93 -22.74
N ASN A 366 -14.05 -30.70 -23.82
CA ASN A 366 -12.83 -30.80 -24.61
C ASN A 366 -12.28 -29.41 -24.88
N PHE A 367 -13.06 -28.59 -25.58
CA PHE A 367 -12.60 -27.24 -25.90
C PHE A 367 -12.11 -26.53 -24.64
N VAL A 368 -12.92 -26.56 -23.58
CA VAL A 368 -12.55 -25.85 -22.35
C VAL A 368 -11.15 -26.27 -21.94
N GLY A 369 -10.92 -27.58 -21.85
CA GLY A 369 -9.62 -28.06 -21.43
C GLY A 369 -8.54 -27.45 -22.30
N ASN A 370 -8.68 -27.59 -23.62
CA ASN A 370 -7.68 -27.08 -24.52
C ASN A 370 -7.49 -25.58 -24.31
N TYR A 371 -8.58 -24.86 -24.11
CA TYR A 371 -8.49 -23.42 -23.92
C TYR A 371 -7.57 -23.08 -22.76
N TRP A 372 -7.64 -23.86 -21.68
CA TRP A 372 -6.82 -23.55 -20.51
C TRP A 372 -5.43 -24.15 -20.58
N GLN A 373 -5.14 -24.95 -21.61
CA GLN A 373 -3.80 -25.46 -21.82
C GLN A 373 -3.08 -24.77 -22.98
N SER A 374 -3.80 -24.05 -23.83
CA SER A 374 -3.20 -23.37 -24.97
C SER A 374 -2.41 -24.36 -25.84
N ASN A 375 -2.94 -25.57 -25.97
CA ASN A 375 -2.25 -26.61 -26.72
C ASN A 375 -2.49 -26.45 -28.22
N ALA A 376 -1.87 -27.34 -29.01
CA ALA A 376 -1.96 -27.23 -30.46
C ALA A 376 -3.40 -27.41 -30.94
N ASP A 377 -4.15 -28.34 -30.32
CA ASP A 377 -5.50 -28.62 -30.78
C ASP A 377 -6.40 -27.40 -30.72
N LEU A 378 -6.06 -26.41 -29.89
CA LEU A 378 -6.88 -25.20 -29.80
C LEU A 378 -6.81 -24.39 -31.09
N TYR A 379 -5.70 -24.47 -31.81
CA TYR A 379 -5.47 -23.67 -33.02
C TYR A 379 -5.39 -24.54 -34.26
N GLU A 380 -6.13 -25.65 -34.29
CA GLU A 380 -6.06 -26.56 -35.43
C GLU A 380 -6.85 -26.08 -36.63
N LYS A 381 -7.86 -25.23 -36.43
CA LYS A 381 -8.72 -24.76 -37.51
C LYS A 381 -8.33 -23.38 -38.01
N VAL A 382 -7.23 -22.81 -37.54
CA VAL A 382 -6.80 -21.47 -37.94
C VAL A 382 -5.47 -21.60 -38.68
N PRO A 383 -5.14 -20.67 -39.58
CA PRO A 383 -3.85 -20.75 -40.27
C PRO A 383 -2.68 -20.70 -39.28
N LYS A 384 -1.60 -21.37 -39.64
CA LYS A 384 -0.39 -21.39 -38.82
C LYS A 384 -0.02 -19.98 -38.40
N ARG A 385 0.13 -19.78 -37.10
CA ARG A 385 0.35 -18.47 -36.51
C ARG A 385 1.79 -18.36 -36.03
N ASN A 386 2.47 -17.29 -36.44
CA ASN A 386 3.78 -16.97 -35.88
C ASN A 386 3.66 -16.33 -34.49
N TYR A 387 2.46 -15.88 -34.12
CA TYR A 387 2.21 -15.30 -32.80
C TYR A 387 1.51 -16.34 -31.94
N TRP A 388 2.08 -16.62 -30.77
CA TRP A 388 1.53 -17.62 -29.87
C TRP A 388 1.95 -17.28 -28.44
N ARG A 389 1.01 -17.44 -27.51
CA ARG A 389 1.27 -17.22 -26.10
C ARG A 389 0.43 -18.18 -25.27
N SER A 390 1.01 -18.65 -24.17
CA SER A 390 0.37 -19.64 -23.31
C SER A 390 0.06 -19.02 -21.95
N TYR A 391 -1.17 -19.22 -21.49
CA TYR A 391 -1.55 -18.73 -20.17
C TYR A 391 -0.71 -19.41 -19.08
N GLU A 392 -0.56 -20.73 -19.17
CA GLU A 392 0.18 -21.46 -18.14
C GLU A 392 1.64 -21.03 -18.11
N ALA A 393 2.26 -20.88 -19.29
CA ALA A 393 3.66 -20.47 -19.32
C ALA A 393 3.85 -19.08 -18.72
N THR A 394 2.97 -18.13 -19.07
CA THR A 394 3.08 -16.80 -18.54
C THR A 394 2.88 -16.78 -17.02
N ALA A 395 1.89 -17.55 -16.53
CA ALA A 395 1.65 -17.62 -15.10
C ALA A 395 2.86 -18.23 -14.38
N ARG A 396 3.44 -19.28 -14.96
CA ARG A 396 4.62 -19.89 -14.37
C ARG A 396 5.78 -18.90 -14.31
N ARG A 397 5.97 -18.13 -15.39
CA ARG A 397 7.05 -17.13 -15.38
C ARG A 397 6.80 -16.08 -14.31
N VAL A 398 5.55 -15.62 -14.17
CA VAL A 398 5.26 -14.57 -13.19
C VAL A 398 5.48 -15.10 -11.78
N LEU A 399 5.00 -16.31 -11.49
CA LEU A 399 5.10 -16.86 -10.15
C LEU A 399 6.49 -17.38 -9.81
N GLY A 400 7.34 -17.63 -10.83
CA GLY A 400 8.68 -18.12 -10.56
C GLY A 400 9.54 -17.13 -9.81
N ALA A 401 9.35 -15.84 -10.05
CA ALA A 401 10.07 -14.76 -9.39
C ALA A 401 11.53 -14.67 -9.82
N ALA A 402 11.87 -15.23 -10.98
CA ALA A 402 13.23 -15.10 -11.48
C ALA A 402 13.47 -13.66 -11.96
N PRO A 403 14.70 -13.20 -11.94
CA PRO A 403 14.98 -11.82 -12.39
C PRO A 403 14.60 -11.65 -13.85
N ARG A 404 14.10 -10.45 -14.18
CA ARG A 404 13.63 -10.19 -15.53
C ARG A 404 14.76 -10.27 -16.55
N SER A 405 16.00 -9.97 -16.12
CA SER A 405 17.13 -10.07 -17.04
C SER A 405 17.31 -11.51 -17.52
N SER A 406 17.06 -12.48 -16.64
CA SER A 406 17.11 -13.88 -17.06
C SER A 406 16.12 -14.15 -18.19
N ILE A 407 14.93 -13.59 -18.10
CA ILE A 407 13.92 -13.79 -19.14
C ILE A 407 14.35 -13.10 -20.43
N ASN A 408 14.80 -11.85 -20.32
CA ASN A 408 15.08 -11.07 -21.53
C ASN A 408 16.26 -11.64 -22.30
N TYR A 409 17.36 -11.97 -21.63
CA TYR A 409 18.54 -12.48 -22.28
C TYR A 409 18.40 -13.98 -22.53
N GLU A 410 18.84 -14.41 -23.71
CA GLU A 410 18.64 -15.79 -24.15
C GLU A 410 19.75 -16.73 -23.71
N ASN A 411 20.99 -16.24 -23.63
CA ASN A 411 22.14 -17.08 -23.31
C ASN A 411 22.35 -17.22 -21.81
N MET A 412 21.34 -16.92 -20.99
CA MET A 412 21.46 -17.04 -19.55
C MET A 412 20.06 -17.16 -18.96
N ASN A 413 19.90 -18.10 -18.03
CA ASN A 413 18.63 -18.30 -17.35
C ASN A 413 18.89 -18.82 -15.94
N ILE A 414 18.19 -18.26 -14.96
CA ILE A 414 18.19 -18.77 -13.60
C ILE A 414 17.04 -19.77 -13.48
N PRO A 415 17.30 -21.05 -13.23
CA PRO A 415 16.22 -22.03 -13.23
C PRO A 415 15.24 -21.79 -12.09
N THR A 416 13.99 -22.18 -12.33
CA THR A 416 12.94 -22.14 -11.33
C THR A 416 12.24 -23.48 -11.28
N ALA A 417 11.67 -23.81 -10.13
CA ALA A 417 10.98 -25.08 -9.96
C ALA A 417 9.81 -25.22 -10.91
N LEU A 418 9.22 -24.13 -11.38
CA LEU A 418 8.11 -24.17 -12.30
C LEU A 418 8.55 -24.25 -13.76
N ASP A 419 9.84 -24.21 -14.04
CA ASP A 419 10.35 -24.36 -15.39
C ASP A 419 10.57 -25.81 -15.79
N PHE A 420 10.40 -26.75 -14.86
CA PHE A 420 10.58 -28.17 -15.13
C PHE A 420 9.39 -28.95 -14.60
N TYR A 421 8.94 -29.93 -15.39
CA TYR A 421 7.89 -30.83 -14.95
C TYR A 421 8.36 -31.84 -13.91
N GLN A 422 9.67 -31.96 -13.69
CA GLN A 422 10.18 -32.83 -12.65
C GLN A 422 10.16 -32.18 -11.27
N THR A 423 9.96 -30.86 -11.20
CA THR A 423 10.01 -30.14 -9.94
C THR A 423 8.84 -29.18 -9.73
N SER A 424 7.86 -29.16 -10.63
CA SER A 424 6.76 -28.22 -10.49
C SER A 424 5.96 -28.46 -9.22
N LEU A 425 5.70 -29.74 -8.90
CA LEU A 425 4.86 -30.06 -7.75
C LEU A 425 5.49 -29.70 -6.42
N ARG A 426 6.78 -29.37 -6.39
CA ARG A 426 7.41 -28.93 -5.16
C ARG A 426 6.97 -27.53 -4.75
N ASP A 427 6.62 -26.67 -5.72
CA ASP A 427 6.26 -25.28 -5.44
C ASP A 427 4.79 -25.19 -5.03
N PRO A 428 4.47 -24.59 -3.88
CA PRO A 428 3.06 -24.45 -3.50
C PRO A 428 2.24 -23.63 -4.49
N ALA A 429 2.84 -22.67 -5.19
CA ALA A 429 2.07 -21.79 -6.06
C ALA A 429 1.44 -22.55 -7.22
N PHE A 430 2.04 -23.67 -7.62
CA PHE A 430 1.45 -24.50 -8.68
C PHE A 430 0.04 -24.92 -8.32
N TYR A 431 -0.14 -25.40 -7.08
CA TYR A 431 -1.45 -25.87 -6.66
C TYR A 431 -2.48 -24.74 -6.66
N GLN A 432 -2.08 -23.55 -6.19
CA GLN A 432 -3.01 -22.42 -6.17
C GLN A 432 -3.40 -22.01 -7.59
N LEU A 433 -2.41 -21.94 -8.50
CA LEU A 433 -2.70 -21.57 -9.88
C LEU A 433 -3.68 -22.54 -10.51
N TYR A 434 -3.42 -23.84 -10.39
CA TYR A 434 -4.31 -24.80 -11.01
C TYR A 434 -5.63 -24.92 -10.27
N ALA A 435 -5.68 -24.56 -8.98
CA ALA A 435 -6.96 -24.46 -8.29
C ALA A 435 -7.80 -23.33 -8.86
N LYS A 436 -7.17 -22.20 -9.18
CA LYS A 436 -7.88 -21.12 -9.85
C LYS A 436 -8.42 -21.58 -11.20
N ILE A 437 -7.58 -22.28 -11.97
CA ILE A 437 -8.02 -22.78 -13.27
C ILE A 437 -9.20 -23.73 -13.12
N LEU A 438 -9.12 -24.65 -12.15
CA LEU A 438 -10.21 -25.58 -11.95
C LEU A 438 -11.46 -24.89 -11.41
N ASP A 439 -11.30 -23.80 -10.67
CA ASP A 439 -12.47 -23.01 -10.26
C ASP A 439 -13.18 -22.43 -11.48
N TYR A 440 -12.42 -21.89 -12.43
CA TYR A 440 -13.03 -21.44 -13.67
C TYR A 440 -13.73 -22.60 -14.39
N ILE A 441 -13.07 -23.75 -14.46
CA ILE A 441 -13.66 -24.87 -15.19
C ILE A 441 -14.93 -25.37 -14.49
N ASN A 442 -14.98 -25.33 -13.16
CA ASN A 442 -16.19 -25.73 -12.45
C ASN A 442 -17.30 -24.69 -12.64
N GLU A 443 -16.94 -23.41 -12.68
CA GLU A 443 -17.93 -22.40 -13.02
C GLU A 443 -18.55 -22.71 -14.38
N TYR A 444 -17.72 -23.16 -15.33
CA TYR A 444 -18.25 -23.64 -16.61
C TYR A 444 -19.14 -24.86 -16.41
N LYS A 445 -18.68 -25.81 -15.61
CA LYS A 445 -19.41 -27.06 -15.39
C LYS A 445 -20.81 -26.81 -14.86
N GLU A 446 -21.00 -25.72 -14.10
CA GLU A 446 -22.33 -25.42 -13.56
C GLU A 446 -23.40 -25.39 -14.64
N TYR A 447 -23.02 -25.26 -15.91
CA TYR A 447 -24.00 -25.27 -16.99
C TYR A 447 -24.70 -26.62 -17.11
N LEU A 448 -23.97 -27.71 -16.93
CA LEU A 448 -24.48 -29.03 -17.28
C LEU A 448 -25.68 -29.41 -16.39
N GLU A 449 -26.61 -30.15 -16.99
CA GLU A 449 -27.78 -30.63 -16.26
C GLU A 449 -27.37 -31.77 -15.33
N PRO A 450 -27.78 -31.74 -14.06
CA PRO A 450 -27.38 -32.83 -13.14
C PRO A 450 -28.00 -34.16 -13.55
N TYR A 451 -27.30 -35.24 -13.21
CA TYR A 451 -27.80 -36.58 -13.47
C TYR A 451 -29.12 -36.80 -12.76
N SER A 452 -30.05 -37.46 -13.45
CA SER A 452 -31.37 -37.75 -12.90
C SER A 452 -31.37 -39.09 -12.18
N GLN A 453 -32.50 -39.38 -11.52
CA GLN A 453 -32.63 -40.67 -10.83
C GLN A 453 -32.63 -41.82 -11.83
N ASP A 454 -33.27 -41.65 -12.98
CA ASP A 454 -33.36 -42.73 -13.96
C ASP A 454 -31.97 -43.22 -14.37
N VAL A 455 -30.99 -42.32 -14.42
CA VAL A 455 -29.65 -42.72 -14.82
C VAL A 455 -28.83 -43.20 -13.63
N LEU A 456 -29.20 -42.80 -12.41
CA LEU A 456 -28.44 -43.17 -11.22
C LEU A 456 -28.99 -44.41 -10.52
N HIS A 457 -30.28 -44.70 -10.69
CA HIS A 457 -30.93 -45.80 -9.97
C HIS A 457 -30.82 -47.08 -10.79
N TYR A 458 -30.17 -48.09 -10.20
CA TYR A 458 -30.07 -49.42 -10.81
C TYR A 458 -31.16 -50.28 -10.21
N VAL A 459 -32.28 -50.41 -10.93
CA VAL A 459 -33.43 -51.14 -10.41
C VAL A 459 -33.05 -52.61 -10.26
N GLY A 460 -33.25 -53.14 -9.05
CA GLY A 460 -33.03 -54.55 -8.78
C GLY A 460 -31.73 -54.86 -8.08
N VAL A 461 -30.88 -53.88 -7.82
CA VAL A 461 -29.58 -54.10 -7.19
C VAL A 461 -29.52 -53.23 -5.94
N LYS A 462 -29.20 -53.86 -4.81
CA LYS A 462 -29.06 -53.18 -3.52
C LYS A 462 -27.76 -53.63 -2.87
N ILE A 463 -26.99 -52.67 -2.39
CA ILE A 463 -25.76 -52.95 -1.66
C ILE A 463 -26.11 -53.09 -0.19
N ASN A 464 -25.79 -54.26 0.39
CA ASN A 464 -26.17 -54.52 1.78
C ASN A 464 -25.14 -53.99 2.76
N ASP A 465 -23.86 -54.23 2.51
CA ASP A 465 -22.83 -53.80 3.45
C ASP A 465 -21.50 -53.68 2.71
N VAL A 466 -20.64 -52.81 3.25
CA VAL A 466 -19.28 -52.62 2.77
C VAL A 466 -18.37 -52.66 3.98
N LYS A 467 -17.43 -53.62 3.99
CA LYS A 467 -16.46 -53.77 5.06
C LYS A 467 -15.07 -53.52 4.53
N VAL A 468 -14.22 -52.96 5.39
CA VAL A 468 -12.84 -52.62 5.03
C VAL A 468 -11.93 -52.99 6.18
N ASP A 469 -10.78 -53.57 5.85
CA ASP A 469 -9.79 -53.92 6.86
C ASP A 469 -9.14 -52.66 7.42
N LYS A 470 -8.30 -52.85 8.44
CA LYS A 470 -7.63 -51.73 9.07
C LYS A 470 -6.78 -50.98 8.07
N LEU A 471 -6.87 -49.65 8.08
CA LEU A 471 -6.09 -48.79 7.19
C LEU A 471 -4.94 -48.21 7.98
N VAL A 472 -3.71 -48.60 7.62
CA VAL A 472 -2.51 -48.24 8.36
C VAL A 472 -1.49 -47.66 7.39
N THR A 473 -0.81 -46.60 7.83
CA THR A 473 0.27 -45.97 7.07
C THR A 473 1.53 -45.94 7.90
N TYR A 474 2.68 -45.96 7.22
CA TYR A 474 3.97 -45.96 7.90
C TYR A 474 5.05 -45.53 6.93
N PHE A 475 6.18 -45.07 7.48
CA PHE A 475 7.35 -44.70 6.71
C PHE A 475 8.32 -45.87 6.65
N GLU A 476 8.92 -46.08 5.47
CA GLU A 476 9.90 -47.13 5.27
C GLU A 476 11.02 -46.61 4.38
N TYR A 477 12.22 -47.16 4.59
CA TYR A 477 13.37 -46.76 3.79
C TYR A 477 13.22 -47.23 2.35
N PHE A 478 13.61 -46.38 1.42
CA PHE A 478 13.63 -46.70 0.00
C PHE A 478 14.95 -46.25 -0.60
N ASP A 479 15.54 -47.12 -1.41
CA ASP A 479 16.84 -46.89 -2.02
C ASP A 479 16.66 -46.66 -3.51
N TRP A 480 17.30 -45.61 -4.04
CA TRP A 480 17.31 -45.36 -5.47
C TRP A 480 18.69 -44.90 -5.92
N ASN A 481 19.00 -45.23 -7.17
CA ASN A 481 20.34 -45.03 -7.71
C ASN A 481 20.49 -43.61 -8.24
N ALA A 482 21.52 -42.91 -7.78
CA ALA A 482 21.77 -41.53 -8.17
C ALA A 482 23.15 -41.35 -8.81
N THR A 483 23.66 -42.38 -9.50
CA THR A 483 24.99 -42.32 -10.08
C THR A 483 25.08 -41.31 -11.22
N ASN A 484 23.98 -41.01 -11.90
CA ASN A 484 24.01 -40.11 -13.05
C ASN A 484 24.25 -38.66 -12.66
N ALA A 485 24.20 -38.32 -11.37
CA ALA A 485 24.38 -36.95 -10.93
C ALA A 485 25.84 -36.51 -10.95
N VAL A 486 26.78 -37.44 -10.97
CA VAL A 486 28.21 -37.12 -10.87
C VAL A 486 28.87 -37.33 -12.23
N TYR A 487 30.04 -36.72 -12.38
CA TYR A 487 30.86 -36.88 -13.57
C TYR A 487 31.95 -37.90 -13.29
N LEU A 488 32.10 -38.87 -14.19
CA LEU A 488 32.99 -40.00 -13.98
C LEU A 488 34.32 -39.78 -14.69
N SER A 489 35.36 -40.46 -14.18
CA SER A 489 36.67 -40.41 -14.78
C SER A 489 36.76 -41.38 -15.96
N GLU A 490 37.87 -41.30 -16.68
CA GLU A 490 38.07 -42.18 -17.84
C GLU A 490 38.10 -43.63 -17.41
N GLN A 491 38.82 -43.93 -16.32
CA GLN A 491 38.94 -45.31 -15.85
C GLN A 491 37.59 -45.85 -15.41
N GLN A 492 36.80 -45.03 -14.70
CA GLN A 492 35.46 -45.46 -14.29
C GLN A 492 34.58 -45.74 -15.50
N LEU A 493 34.64 -44.89 -16.52
CA LEU A 493 33.88 -45.12 -17.73
C LEU A 493 34.32 -46.43 -18.40
N ASP A 494 35.63 -46.69 -18.42
CA ASP A 494 36.14 -47.87 -19.09
C ASP A 494 35.74 -49.15 -18.38
N THR A 495 36.00 -49.22 -17.08
CA THR A 495 35.85 -50.47 -16.33
C THR A 495 34.46 -50.61 -15.73
N VAL A 496 34.02 -49.63 -14.96
CA VAL A 496 32.74 -49.72 -14.26
C VAL A 496 32.51 -48.43 -13.49
N SER A 497 31.24 -48.01 -13.38
CA SER A 497 30.92 -46.78 -12.65
C SER A 497 30.71 -47.07 -11.18
N PRO A 498 30.94 -46.08 -10.31
CA PRO A 498 30.62 -46.25 -8.89
C PRO A 498 29.12 -46.23 -8.66
N SER A 499 28.72 -46.79 -7.51
CA SER A 499 27.32 -46.90 -7.14
C SER A 499 27.05 -46.01 -5.94
N TYR A 500 26.33 -44.91 -6.16
CA TYR A 500 25.89 -44.01 -5.11
C TYR A 500 24.38 -44.14 -4.98
N ILE A 501 23.91 -44.63 -3.84
CA ILE A 501 22.50 -44.93 -3.62
C ILE A 501 21.96 -44.01 -2.54
N VAL A 502 20.86 -43.34 -2.85
CA VAL A 502 20.17 -42.48 -1.90
C VAL A 502 19.11 -43.30 -1.18
N ARG A 503 19.19 -43.31 0.15
CA ARG A 503 18.23 -44.00 1.01
C ARG A 503 17.41 -42.94 1.74
N GLN A 504 16.11 -42.94 1.51
CA GLN A 504 15.24 -41.93 2.09
C GLN A 504 13.96 -42.57 2.61
N PRO A 505 13.37 -42.03 3.67
CA PRO A 505 12.05 -42.52 4.10
C PRO A 505 10.99 -42.17 3.07
N ARG A 506 10.00 -43.05 2.95
CA ARG A 506 8.87 -42.85 2.06
C ARG A 506 7.61 -43.39 2.70
N LEU A 507 6.49 -42.75 2.38
CA LEU A 507 5.19 -43.18 2.88
C LEU A 507 4.76 -44.48 2.22
N ASN A 508 4.03 -45.31 2.96
CA ASN A 508 3.48 -46.54 2.42
C ASN A 508 2.29 -46.95 3.28
N ASN A 509 1.46 -47.83 2.72
CA ASN A 509 0.27 -48.32 3.38
C ASN A 509 0.24 -49.84 3.31
N LYS A 510 -0.24 -50.46 4.39
CA LYS A 510 -0.34 -51.91 4.42
C LYS A 510 -1.50 -52.38 3.53
N PRO A 511 -1.43 -53.61 3.00
CA PRO A 511 -2.51 -54.10 2.16
C PRO A 511 -3.83 -54.16 2.92
N PHE A 512 -4.92 -53.91 2.19
CA PHE A 512 -6.26 -53.99 2.76
C PHE A 512 -7.23 -54.44 1.68
N THR A 513 -8.37 -54.97 2.12
CA THR A 513 -9.38 -55.53 1.23
C THR A 513 -10.72 -54.86 1.48
N VAL A 514 -11.44 -54.60 0.39
CA VAL A 514 -12.80 -54.05 0.45
C VAL A 514 -13.76 -55.18 0.10
N ASN A 515 -14.68 -55.47 1.01
CA ASN A 515 -15.68 -56.52 0.82
C ASN A 515 -17.05 -55.87 0.65
N ILE A 516 -17.75 -56.22 -0.42
CA ILE A 516 -19.03 -55.61 -0.77
C ILE A 516 -20.06 -56.72 -0.91
N ASP A 517 -21.21 -56.54 -0.25
CA ASP A 517 -22.32 -57.48 -0.34
C ASP A 517 -23.42 -56.87 -1.20
N ILE A 518 -23.88 -57.63 -2.20
CA ILE A 518 -24.85 -57.14 -3.17
C ILE A 518 -25.95 -58.17 -3.32
N LYS A 519 -27.20 -57.72 -3.27
CA LYS A 519 -28.36 -58.55 -3.51
C LYS A 519 -28.97 -58.15 -4.85
N SER A 520 -29.08 -59.12 -5.75
CA SER A 520 -29.53 -58.87 -7.12
C SER A 520 -30.73 -59.74 -7.44
N ASP A 521 -31.77 -59.13 -8.00
CA ASP A 521 -32.95 -59.90 -8.40
C ASP A 521 -32.72 -60.67 -9.69
N VAL A 522 -31.78 -60.23 -10.52
CA VAL A 522 -31.52 -60.83 -11.82
C VAL A 522 -30.00 -60.96 -12.01
N GLU A 523 -29.62 -61.73 -13.01
CA GLU A 523 -28.22 -61.97 -13.35
C GLU A 523 -27.81 -61.01 -14.46
N SER A 524 -26.64 -60.36 -14.30
CA SER A 524 -26.22 -59.39 -15.29
C SER A 524 -24.79 -58.95 -15.01
N GLU A 525 -24.18 -58.32 -16.01
CA GLU A 525 -22.87 -57.71 -15.86
C GLU A 525 -23.03 -56.29 -15.33
N VAL A 526 -22.16 -55.91 -14.38
CA VAL A 526 -22.21 -54.61 -13.74
C VAL A 526 -20.82 -54.02 -13.69
N VAL A 527 -20.76 -52.70 -13.50
CA VAL A 527 -19.53 -51.96 -13.31
C VAL A 527 -19.56 -51.37 -11.90
N VAL A 528 -18.47 -51.59 -11.16
CA VAL A 528 -18.33 -51.14 -9.78
C VAL A 528 -17.21 -50.12 -9.72
N LYS A 529 -17.50 -48.99 -9.08
CA LYS A 529 -16.52 -47.93 -8.86
C LYS A 529 -16.41 -47.64 -7.38
N ILE A 530 -15.16 -47.45 -6.93
CA ILE A 530 -14.85 -47.14 -5.54
C ILE A 530 -14.05 -45.85 -5.52
N PHE A 531 -14.54 -44.87 -4.75
CA PHE A 531 -13.93 -43.56 -4.58
C PHE A 531 -13.58 -43.34 -3.12
N LEU A 532 -12.60 -42.45 -2.89
CA LEU A 532 -12.19 -42.04 -1.56
C LEU A 532 -12.32 -40.53 -1.44
N GLY A 533 -12.69 -40.06 -0.25
CA GLY A 533 -12.84 -38.64 -0.03
C GLY A 533 -12.77 -38.24 1.43
N PRO A 534 -12.70 -36.94 1.69
CA PRO A 534 -12.66 -36.46 3.08
C PRO A 534 -14.05 -36.33 3.69
N LYS A 535 -14.07 -36.27 5.02
CA LYS A 535 -15.30 -36.13 5.78
C LYS A 535 -15.47 -34.73 6.36
N TYR A 536 -14.43 -34.20 7.01
CA TYR A 536 -14.47 -32.88 7.62
C TYR A 536 -13.51 -31.94 6.90
N ASP A 537 -13.85 -30.66 6.92
CA ASP A 537 -13.04 -29.63 6.26
C ASP A 537 -12.07 -29.03 7.28
N GLY A 538 -11.39 -27.95 6.89
CA GLY A 538 -10.41 -27.33 7.77
C GLY A 538 -11.04 -26.78 9.04
N ASN A 539 -12.28 -26.31 8.96
CA ASN A 539 -12.97 -25.73 10.11
C ASN A 539 -13.63 -26.78 10.99
N GLY A 540 -13.51 -28.05 10.65
CA GLY A 540 -14.03 -29.12 11.49
C GLY A 540 -15.49 -29.45 11.29
N LEU A 541 -16.12 -28.94 10.22
CA LEU A 541 -17.51 -29.21 9.94
C LEU A 541 -17.64 -30.22 8.80
N PRO A 542 -18.69 -31.06 8.82
CA PRO A 542 -18.86 -32.02 7.73
C PRO A 542 -19.10 -31.32 6.40
N ILE A 543 -18.62 -31.94 5.33
CA ILE A 543 -18.73 -31.40 3.98
C ILE A 543 -19.90 -32.07 3.28
N SER A 544 -20.86 -31.27 2.82
CA SER A 544 -21.97 -31.80 2.05
C SER A 544 -21.51 -32.18 0.66
N LEU A 545 -22.23 -33.12 0.04
CA LEU A 545 -21.82 -33.63 -1.26
C LEU A 545 -21.80 -32.53 -2.32
N GLU A 546 -22.68 -31.53 -2.20
CA GLU A 546 -22.72 -30.45 -3.18
C GLU A 546 -21.37 -29.77 -3.32
N ASP A 547 -20.56 -29.76 -2.25
CA ASP A 547 -19.22 -29.21 -2.29
C ASP A 547 -18.14 -30.28 -2.29
N ASN A 548 -18.47 -31.51 -1.90
CA ASN A 548 -17.49 -32.58 -1.80
C ASN A 548 -17.35 -33.40 -3.07
N TRP A 549 -18.22 -33.19 -4.07
CA TRP A 549 -18.13 -33.98 -5.30
C TRP A 549 -16.79 -33.79 -6.00
N ILE A 550 -16.20 -32.60 -5.90
CA ILE A 550 -14.90 -32.35 -6.52
C ILE A 550 -13.74 -32.95 -5.75
N ASN A 551 -13.93 -33.27 -4.46
CA ASN A 551 -12.84 -33.72 -3.61
C ASN A 551 -12.70 -35.24 -3.57
N PHE A 552 -13.59 -35.99 -4.21
CA PHE A 552 -13.51 -37.44 -4.20
C PHE A 552 -12.45 -37.91 -5.19
N ILE A 553 -11.65 -38.89 -4.77
CA ILE A 553 -10.59 -39.48 -5.58
C ILE A 553 -11.02 -40.88 -6.00
N GLU A 554 -10.95 -41.15 -7.30
CA GLU A 554 -11.37 -42.44 -7.83
C GLU A 554 -10.29 -43.48 -7.55
N LEU A 555 -10.64 -44.54 -6.83
CA LEU A 555 -9.70 -45.59 -6.46
C LEU A 555 -9.78 -46.78 -7.41
N ASP A 556 -10.96 -47.38 -7.55
CA ASP A 556 -11.10 -48.62 -8.29
C ASP A 556 -12.25 -48.54 -9.27
N TRP A 557 -12.15 -49.32 -10.35
CA TRP A 557 -13.09 -49.26 -11.46
C TRP A 557 -13.01 -50.59 -12.20
N PHE A 558 -14.00 -51.46 -12.03
CA PHE A 558 -13.89 -52.80 -12.58
C PHE A 558 -15.25 -53.39 -12.87
N THR A 559 -15.27 -54.38 -13.76
CA THR A 559 -16.49 -55.08 -14.12
C THR A 559 -16.67 -56.34 -13.28
N HIS A 560 -17.90 -56.83 -13.22
CA HIS A 560 -18.22 -58.03 -12.47
C HIS A 560 -19.50 -58.63 -13.01
N LYS A 561 -19.73 -59.91 -12.68
CA LYS A 561 -20.94 -60.63 -13.05
C LYS A 561 -21.72 -60.97 -11.79
N LEU A 562 -22.96 -60.49 -11.72
CA LEU A 562 -23.85 -60.74 -10.59
C LEU A 562 -24.82 -61.86 -10.94
N THR A 563 -24.88 -62.86 -10.08
CA THR A 563 -25.86 -63.93 -10.18
C THR A 563 -27.07 -63.59 -9.32
N SER A 564 -28.20 -64.22 -9.62
CA SER A 564 -29.41 -63.98 -8.85
C SER A 564 -29.20 -64.38 -7.39
N GLY A 565 -29.62 -63.51 -6.49
CA GLY A 565 -29.50 -63.75 -5.07
C GLY A 565 -28.43 -62.91 -4.40
N GLN A 566 -27.69 -63.50 -3.47
CA GLN A 566 -26.64 -62.81 -2.72
C GLN A 566 -25.30 -63.01 -3.41
N ASN A 567 -24.46 -61.98 -3.35
CA ASN A 567 -23.13 -62.03 -3.94
C ASN A 567 -22.17 -61.23 -3.08
N LYS A 568 -20.93 -61.70 -3.01
CA LYS A 568 -19.88 -61.03 -2.26
C LYS A 568 -18.70 -60.77 -3.19
N ILE A 569 -18.15 -59.55 -3.11
CA ILE A 569 -17.02 -59.14 -3.93
C ILE A 569 -15.90 -58.71 -3.00
N ALA A 570 -14.76 -59.38 -3.10
CA ALA A 570 -13.57 -59.06 -2.32
C ALA A 570 -12.54 -58.45 -3.28
N ARG A 571 -12.17 -57.19 -3.04
CA ARG A 571 -11.26 -56.45 -3.91
C ARG A 571 -10.04 -56.06 -3.09
N LYS A 572 -8.87 -56.51 -3.51
CA LYS A 572 -7.63 -56.21 -2.80
C LYS A 572 -7.00 -54.94 -3.33
N SER A 573 -6.43 -54.15 -2.42
CA SER A 573 -5.80 -52.89 -2.81
C SER A 573 -4.66 -53.09 -3.81
N GLU A 574 -4.06 -54.27 -3.82
CA GLU A 574 -3.00 -54.57 -4.79
C GLU A 574 -3.56 -54.80 -6.19
N GLU A 575 -4.88 -54.68 -6.39
CA GLU A 575 -5.49 -54.85 -7.70
C GLU A 575 -6.23 -53.61 -8.19
N PHE A 576 -6.15 -52.48 -7.48
CA PHE A 576 -6.85 -51.28 -7.89
C PHE A 576 -6.40 -50.82 -9.27
N PHE A 577 -7.37 -50.37 -10.07
CA PHE A 577 -7.12 -50.03 -11.47
C PHE A 577 -6.21 -48.81 -11.62
N PHE A 578 -6.35 -47.82 -10.74
CA PHE A 578 -5.73 -46.52 -10.93
C PHE A 578 -4.40 -46.38 -10.19
N PHE A 579 -3.77 -47.48 -9.79
CA PHE A 579 -2.50 -47.42 -9.08
C PHE A 579 -1.57 -48.51 -9.57
N LYS A 580 -0.27 -48.25 -9.45
CA LYS A 580 0.77 -49.13 -9.94
C LYS A 580 1.75 -49.48 -8.82
N ASP A 581 2.69 -50.36 -9.14
CA ASP A 581 3.76 -50.71 -8.23
C ASP A 581 4.94 -49.76 -8.42
N ASP A 582 5.86 -49.79 -7.46
CA ASP A 582 7.05 -48.95 -7.53
C ASP A 582 7.99 -49.44 -8.64
N SER A 583 8.60 -48.48 -9.32
CA SER A 583 9.55 -48.80 -10.38
C SER A 583 10.81 -49.43 -9.80
N VAL A 584 11.42 -50.33 -10.57
CA VAL A 584 12.60 -51.05 -10.14
C VAL A 584 13.83 -50.28 -10.57
N SER A 585 14.96 -50.60 -9.94
CA SER A 585 16.22 -49.93 -10.23
C SER A 585 16.86 -50.50 -11.49
N LEU A 586 17.89 -49.79 -11.97
CA LEU A 586 18.52 -50.15 -13.24
C LEU A 586 19.17 -51.54 -13.16
N PHE A 587 19.84 -51.82 -12.04
CA PHE A 587 20.52 -53.11 -11.91
C PHE A 587 19.52 -54.26 -11.96
N LYS A 588 18.37 -54.11 -11.30
CA LYS A 588 17.34 -55.14 -11.38
C LYS A 588 16.78 -55.25 -12.79
N ILE A 589 16.70 -54.12 -13.51
CA ILE A 589 16.25 -54.17 -14.90
C ILE A 589 17.21 -55.01 -15.73
N TYR A 590 18.52 -54.80 -15.55
CA TYR A 590 19.50 -55.61 -16.27
C TYR A 590 19.40 -57.08 -15.87
N GLU A 591 19.22 -57.34 -14.57
CA GLU A 591 19.11 -58.71 -14.10
C GLU A 591 17.93 -59.42 -14.76
N LEU A 592 16.77 -58.76 -14.81
CA LEU A 592 15.61 -59.35 -15.43
C LEU A 592 15.78 -59.49 -16.94
N LEU A 593 16.41 -58.50 -17.58
CA LEU A 593 16.62 -58.58 -19.02
C LEU A 593 17.51 -59.77 -19.38
N SER A 594 18.56 -60.01 -18.58
CA SER A 594 19.42 -61.16 -18.82
C SER A 594 18.64 -62.47 -18.77
N ASN A 595 17.53 -62.51 -18.03
CA ASN A 595 16.65 -63.65 -17.96
C ASN A 595 15.42 -63.50 -18.86
N GLY A 596 15.42 -62.49 -19.73
CA GLY A 596 14.32 -62.33 -20.66
C GLY A 596 12.98 -61.98 -20.04
N GLN A 597 12.96 -61.05 -19.09
CA GLN A 597 11.71 -60.59 -18.49
C GLN A 597 11.80 -59.09 -18.22
N VAL A 598 10.64 -58.46 -18.11
CA VAL A 598 10.55 -57.03 -17.88
C VAL A 598 9.42 -56.74 -16.88
N PRO A 599 9.52 -55.62 -16.16
CA PRO A 599 8.44 -55.23 -15.24
C PRO A 599 7.21 -54.74 -16.01
N SER A 600 6.07 -55.39 -15.78
CA SER A 600 4.87 -55.06 -16.55
C SER A 600 4.38 -53.65 -16.26
N TYR A 601 4.38 -53.25 -14.99
CA TYR A 601 3.87 -51.93 -14.64
C TYR A 601 4.69 -50.82 -15.29
N MET A 602 6.01 -50.95 -15.30
CA MET A 602 6.84 -49.97 -15.98
C MET A 602 6.65 -50.04 -17.49
N VAL A 603 6.17 -51.17 -18.00
CA VAL A 603 5.93 -51.29 -19.44
C VAL A 603 4.70 -50.51 -19.84
N ASP A 604 3.55 -50.77 -19.19
CA ASP A 604 2.28 -50.23 -19.64
C ASP A 604 1.43 -49.62 -18.54
N ARG A 605 1.90 -49.55 -17.30
CA ARG A 605 1.14 -48.98 -16.20
C ARG A 605 1.89 -47.84 -15.52
N TYR A 606 2.88 -47.24 -16.19
CA TYR A 606 3.68 -46.19 -15.59
C TYR A 606 2.97 -44.84 -15.50
N ILE A 607 1.78 -44.71 -16.08
CA ILE A 607 1.07 -43.44 -16.12
C ILE A 607 0.10 -43.33 -14.97
N TYR A 608 0.25 -44.19 -13.97
CA TYR A 608 -0.66 -44.24 -12.83
C TYR A 608 0.10 -43.94 -11.54
N LEU A 609 -0.63 -43.40 -10.56
CA LEU A 609 -0.03 -43.03 -9.29
C LEU A 609 0.50 -44.28 -8.57
N PRO A 610 1.58 -44.15 -7.81
CA PRO A 610 2.05 -45.29 -7.02
C PRO A 610 1.02 -45.72 -5.98
N ARG A 611 0.99 -47.02 -5.71
CA ARG A 611 0.04 -47.55 -4.73
C ARG A 611 0.40 -47.12 -3.31
N ARG A 612 1.66 -46.79 -3.06
CA ARG A 612 2.08 -46.42 -1.71
C ARG A 612 1.48 -45.09 -1.25
N LEU A 613 0.91 -44.30 -2.16
CA LEU A 613 0.41 -42.97 -1.85
C LEU A 613 -1.11 -42.91 -1.83
N ILE A 614 -1.76 -44.06 -1.63
CA ILE A 614 -3.23 -44.09 -1.64
C ILE A 614 -3.80 -43.35 -0.44
N LEU A 615 -3.25 -43.60 0.74
CA LEU A 615 -3.84 -43.11 1.97
C LEU A 615 -3.01 -41.96 2.56
N PRO A 616 -3.65 -41.00 3.23
CA PRO A 616 -2.90 -39.96 3.94
C PRO A 616 -2.30 -40.47 5.24
N ARG A 617 -1.33 -39.71 5.76
CA ARG A 617 -0.68 -40.08 7.01
C ARG A 617 -1.51 -39.62 8.22
N GLY A 618 -1.68 -38.31 8.37
CA GLY A 618 -2.37 -37.75 9.52
C GLY A 618 -1.43 -37.39 10.66
N THR A 619 -1.46 -36.12 11.07
CA THR A 619 -0.59 -35.65 12.14
C THR A 619 -1.13 -35.96 13.53
N GLN A 620 -2.43 -36.20 13.66
CA GLN A 620 -3.03 -36.57 14.93
C GLN A 620 -3.01 -38.08 15.16
N ARG A 621 -2.41 -38.85 14.26
CA ARG A 621 -2.28 -40.30 14.31
C ARG A 621 -3.60 -41.01 14.01
N GLY A 622 -4.68 -40.28 13.77
CA GLY A 622 -5.92 -40.87 13.31
C GLY A 622 -6.70 -39.89 12.46
N PHE A 623 -7.09 -40.30 11.25
CA PHE A 623 -7.71 -39.39 10.31
C PHE A 623 -9.00 -40.02 9.75
N PRO A 624 -10.13 -39.30 9.79
CA PRO A 624 -11.36 -39.85 9.22
C PRO A 624 -11.51 -39.56 7.73
N LEU A 625 -11.97 -40.57 7.01
CA LEU A 625 -12.24 -40.47 5.58
C LEU A 625 -13.53 -41.21 5.27
N GLN A 626 -13.97 -41.12 4.02
CA GLN A 626 -15.15 -41.83 3.58
C GLN A 626 -14.90 -42.49 2.22
N LEU A 627 -15.50 -43.67 2.06
CA LEU A 627 -15.44 -44.43 0.82
C LEU A 627 -16.82 -44.48 0.19
N PHE A 628 -16.87 -44.31 -1.13
CA PHE A 628 -18.11 -44.34 -1.89
C PHE A 628 -18.05 -45.48 -2.88
N VAL A 629 -19.06 -46.35 -2.85
CA VAL A 629 -19.14 -47.50 -3.73
C VAL A 629 -20.41 -47.36 -4.57
N VAL A 630 -20.26 -47.50 -5.89
CA VAL A 630 -21.39 -47.38 -6.80
C VAL A 630 -21.35 -48.53 -7.81
N VAL A 631 -22.52 -49.09 -8.10
CA VAL A 631 -22.69 -50.15 -9.08
C VAL A 631 -23.70 -49.69 -10.12
N TYR A 632 -23.35 -49.85 -11.40
CA TYR A 632 -24.23 -49.43 -12.48
C TYR A 632 -24.12 -50.41 -13.62
N PRO A 633 -25.03 -50.35 -14.60
CA PRO A 633 -24.99 -51.32 -15.71
C PRO A 633 -23.73 -51.18 -16.53
N TYR A 634 -23.32 -52.30 -17.14
CA TYR A 634 -22.13 -52.35 -17.97
C TYR A 634 -22.50 -52.23 -19.44
N GLN A 635 -21.76 -51.37 -20.16
CA GLN A 635 -21.92 -51.21 -21.60
C GLN A 635 -20.55 -51.16 -22.23
N ALA A 636 -20.31 -52.02 -23.22
CA ALA A 636 -18.99 -52.13 -23.82
C ALA A 636 -18.63 -50.84 -24.55
N PRO A 637 -17.35 -50.44 -24.53
CA PRO A 637 -16.94 -49.27 -25.31
C PRO A 637 -17.14 -49.51 -26.80
N VAL A 638 -17.40 -48.42 -27.52
CA VAL A 638 -17.54 -48.52 -28.98
C VAL A 638 -16.30 -49.20 -29.57
N LYS A 639 -16.52 -49.90 -30.70
CA LYS A 639 -15.46 -50.73 -31.25
C LYS A 639 -14.23 -49.92 -31.64
N GLU A 640 -14.44 -48.72 -32.19
CA GLU A 640 -13.31 -47.94 -32.69
C GLU A 640 -12.26 -47.70 -31.62
N TRP A 641 -12.66 -47.71 -30.35
CA TRP A 641 -11.72 -47.62 -29.24
C TRP A 641 -11.17 -49.00 -28.91
N GLU A 642 -10.65 -49.71 -29.91
CA GLU A 642 -10.21 -51.09 -29.70
C GLU A 642 -8.80 -51.15 -29.14
N SER A 643 -7.90 -50.30 -29.64
CA SER A 643 -6.51 -50.28 -29.18
C SER A 643 -6.32 -49.49 -27.90
N MET A 644 -7.41 -49.17 -27.21
CA MET A 644 -7.35 -48.52 -25.90
C MET A 644 -8.15 -49.30 -24.85
N ARG A 645 -8.36 -50.60 -25.06
CA ARG A 645 -9.15 -51.39 -24.14
C ARG A 645 -8.50 -51.49 -22.77
N GLN A 646 -7.17 -51.58 -22.71
CA GLN A 646 -6.47 -51.73 -21.44
C GLN A 646 -6.70 -50.56 -20.49
N TYR A 647 -7.09 -49.39 -21.00
CA TYR A 647 -7.22 -48.19 -20.18
C TYR A 647 -8.65 -47.70 -20.05
N ILE A 648 -9.60 -48.25 -20.81
CA ILE A 648 -11.01 -47.89 -20.71
C ILE A 648 -11.79 -49.13 -20.34
N VAL A 649 -12.58 -49.03 -19.28
CA VAL A 649 -13.42 -50.14 -18.84
C VAL A 649 -14.84 -50.07 -19.39
N ASP A 650 -15.35 -48.86 -19.66
CA ASP A 650 -16.67 -48.70 -20.23
C ASP A 650 -16.72 -47.38 -20.99
N ASN A 651 -17.92 -46.97 -21.40
CA ASN A 651 -18.11 -45.77 -22.21
C ASN A 651 -18.43 -44.54 -21.38
N LYS A 652 -18.40 -44.64 -20.06
CA LYS A 652 -18.77 -43.51 -19.22
C LYS A 652 -17.63 -42.48 -19.17
N PRO A 653 -17.96 -41.21 -18.96
CA PRO A 653 -16.92 -40.19 -18.82
C PRO A 653 -16.04 -40.46 -17.60
N PHE A 654 -14.77 -40.07 -17.70
CA PHE A 654 -13.86 -40.20 -16.57
C PHE A 654 -14.39 -39.44 -15.37
N GLY A 655 -14.31 -40.06 -14.20
CA GLY A 655 -14.84 -39.49 -12.99
C GLY A 655 -16.31 -39.72 -12.75
N TYR A 656 -16.97 -40.48 -13.62
CA TYR A 656 -18.39 -40.74 -13.45
C TYR A 656 -18.63 -41.48 -12.13
N PRO A 657 -19.68 -41.14 -11.37
CA PRO A 657 -20.70 -40.11 -11.63
C PRO A 657 -20.31 -38.73 -11.15
N PHE A 658 -19.14 -38.56 -10.54
CA PHE A 658 -18.68 -37.26 -10.05
C PHE A 658 -17.90 -36.51 -11.10
N ASP A 659 -18.51 -36.31 -12.27
CA ASP A 659 -17.93 -35.49 -13.33
C ASP A 659 -18.67 -34.18 -13.53
N ARG A 660 -19.83 -34.00 -12.91
CA ARG A 660 -20.61 -32.77 -13.00
C ARG A 660 -21.15 -32.43 -11.63
N PRO A 661 -21.52 -31.16 -11.40
CA PRO A 661 -21.95 -30.76 -10.07
C PRO A 661 -23.17 -31.52 -9.58
N VAL A 662 -23.21 -31.76 -8.28
CA VAL A 662 -24.34 -32.36 -7.60
C VAL A 662 -25.17 -31.25 -6.99
N THR A 663 -26.45 -31.17 -7.38
CA THR A 663 -27.35 -30.12 -6.91
C THR A 663 -28.29 -30.62 -5.82
N LEU A 664 -28.90 -31.78 -6.02
CA LEU A 664 -29.81 -32.37 -5.04
C LEU A 664 -29.22 -33.66 -4.51
N PRO A 665 -28.57 -33.64 -3.33
CA PRO A 665 -27.87 -34.85 -2.86
C PRO A 665 -28.78 -36.05 -2.66
N TYR A 666 -30.07 -35.85 -2.42
CA TYR A 666 -30.95 -36.99 -2.17
C TYR A 666 -31.16 -37.86 -3.39
N TYR A 667 -30.66 -37.45 -4.57
CA TYR A 667 -30.66 -38.34 -5.72
C TYR A 667 -29.61 -39.43 -5.61
N PHE A 668 -28.61 -39.26 -4.75
CA PHE A 668 -27.53 -40.22 -4.59
C PHE A 668 -27.80 -41.20 -3.44
N ASN A 669 -28.95 -41.12 -2.81
CA ASN A 669 -29.37 -42.11 -1.81
C ASN A 669 -30.07 -43.28 -2.48
N GLN A 670 -29.37 -43.90 -3.43
CA GLN A 670 -29.92 -44.99 -4.22
C GLN A 670 -29.56 -46.34 -3.59
N PRO A 671 -30.33 -47.39 -3.90
CA PRO A 671 -29.96 -48.72 -3.40
C PRO A 671 -28.59 -49.17 -3.87
N ASN A 672 -28.17 -48.78 -5.07
CA ASN A 672 -26.91 -49.23 -5.66
C ASN A 672 -25.74 -48.32 -5.31
N MET A 673 -25.86 -47.52 -4.25
CA MET A 673 -24.79 -46.64 -3.81
C MET A 673 -24.62 -46.78 -2.31
N TYR A 674 -23.38 -46.63 -1.85
CA TYR A 674 -23.08 -46.81 -0.43
C TYR A 674 -21.96 -45.87 -0.01
N PHE A 675 -22.17 -45.19 1.10
CA PHE A 675 -21.15 -44.35 1.74
C PHE A 675 -20.73 -45.01 3.05
N LYS A 676 -19.43 -45.10 3.26
CA LYS A 676 -18.86 -45.74 4.46
C LYS A 676 -17.85 -44.80 5.10
N ASP A 677 -17.86 -44.74 6.42
CA ASP A 677 -16.89 -43.95 7.18
C ASP A 677 -15.76 -44.85 7.66
N VAL A 678 -14.52 -44.43 7.43
CA VAL A 678 -13.34 -45.21 7.78
C VAL A 678 -12.33 -44.30 8.47
N TYR A 679 -11.38 -44.94 9.14
CA TYR A 679 -10.32 -44.24 9.85
C TYR A 679 -8.96 -44.80 9.42
N VAL A 680 -8.01 -43.90 9.23
CA VAL A 680 -6.65 -44.24 8.85
C VAL A 680 -5.75 -43.96 10.05
N TYR A 681 -4.91 -44.93 10.41
CA TYR A 681 -4.00 -44.84 11.54
C TYR A 681 -2.57 -44.86 11.05
N GLN A 682 -1.66 -44.49 11.96
CA GLN A 682 -0.23 -44.46 11.69
C GLN A 682 0.48 -45.42 12.64
N GLU A 683 1.39 -46.21 12.10
CA GLU A 683 2.19 -47.15 12.88
C GLU A 683 3.66 -46.75 12.82
N GLY A 684 4.32 -46.76 13.97
CA GLY A 684 5.72 -46.40 14.05
C GLY A 684 5.94 -44.91 14.26
N GLU A 685 7.10 -44.41 13.84
CA GLU A 685 7.42 -43.00 14.03
C GLU A 685 6.45 -42.12 13.26
N GLN A 686 5.99 -41.05 13.90
CA GLN A 686 5.07 -40.13 13.24
C GLN A 686 5.77 -39.24 12.23
N TYR A 687 7.06 -38.96 12.44
CA TYR A 687 7.82 -38.09 11.56
C TYR A 687 8.92 -38.86 10.84
N PRO A 688 9.35 -38.39 9.66
CA PRO A 688 10.34 -39.13 8.87
C PRO A 688 11.79 -38.75 9.08
N TYR A 689 12.10 -37.78 9.94
CA TYR A 689 13.45 -37.28 10.07
C TYR A 689 14.29 -38.02 11.12
N TYR A 690 13.73 -39.04 11.78
CA TYR A 690 14.49 -39.83 12.76
C TYR A 690 15.34 -40.87 12.03
N ASN A 691 16.41 -40.39 11.42
CA ASN A 691 17.29 -41.24 10.61
C ASN A 691 18.76 -40.95 10.89
N SER A 692 19.08 -40.49 12.10
CA SER A 692 20.46 -40.20 12.44
C SER A 692 21.20 -41.48 12.85
N TYR A 693 22.52 -41.35 13.04
CA TYR A 693 23.31 -42.50 13.45
C TYR A 693 22.85 -43.04 14.80
N TRP A 694 22.56 -42.15 15.75
CA TRP A 694 22.18 -42.56 17.09
C TRP A 694 20.72 -43.00 17.18
N SER A 695 19.92 -42.73 16.15
CA SER A 695 18.54 -43.22 16.06
C SER A 695 18.43 -44.42 15.13
N GLN A 696 19.51 -45.16 14.95
CA GLN A 696 19.54 -46.24 13.98
C GLN A 696 20.65 -47.25 14.32
N GLY B 17 -39.11 19.81 21.62
CA GLY B 17 -40.55 19.69 21.48
C GLY B 17 -41.01 19.89 20.06
N TYR B 18 -41.91 19.03 19.60
CA TYR B 18 -42.43 19.06 18.25
C TYR B 18 -43.94 18.85 18.31
N PRO B 19 -44.67 19.35 17.31
CA PRO B 19 -46.12 19.12 17.26
C PRO B 19 -46.44 17.69 16.85
N GLN B 20 -47.69 17.32 17.08
CA GLN B 20 -48.18 15.98 16.76
C GLN B 20 -48.87 15.99 15.41
N TYR B 21 -48.71 14.90 14.66
CA TYR B 21 -49.26 14.80 13.32
C TYR B 21 -50.75 14.45 13.39
N HIS B 22 -51.58 15.30 12.79
CA HIS B 22 -53.01 15.05 12.67
C HIS B 22 -53.42 15.38 11.25
N TYR B 23 -54.06 14.42 10.57
CA TYR B 23 -54.42 14.58 9.17
C TYR B 23 -55.63 13.72 8.86
N ASP B 24 -56.39 14.11 7.84
CA ASP B 24 -57.57 13.39 7.41
C ASP B 24 -57.22 12.42 6.28
N VAL B 25 -57.90 11.29 6.26
CA VAL B 25 -57.61 10.20 5.35
C VAL B 25 -58.60 10.23 4.20
N GLU B 26 -58.08 10.23 2.97
CA GLU B 26 -58.92 10.09 1.79
C GLU B 26 -59.43 8.66 1.70
N THR B 27 -60.74 8.50 1.63
CA THR B 27 -61.38 7.19 1.67
C THR B 27 -62.28 6.99 0.46
N ARG B 28 -62.36 5.74 0.01
CA ARG B 28 -63.27 5.35 -1.06
C ARG B 28 -64.04 4.11 -0.61
N LYS B 29 -65.30 4.02 -1.04
CA LYS B 29 -66.10 2.85 -0.70
C LYS B 29 -65.48 1.58 -1.30
N LEU B 30 -65.47 0.52 -0.50
CA LEU B 30 -64.94 -0.77 -0.94
C LEU B 30 -66.05 -1.58 -1.61
N ASP B 31 -65.69 -2.30 -2.66
CA ASP B 31 -66.65 -3.16 -3.33
C ASP B 31 -67.19 -4.20 -2.35
N PRO B 32 -68.51 -4.34 -2.20
CA PRO B 32 -69.03 -5.33 -1.26
C PRO B 32 -68.57 -6.75 -1.55
N SER B 33 -68.25 -7.07 -2.81
CA SER B 33 -67.76 -8.40 -3.14
C SER B 33 -66.34 -8.65 -2.61
N LEU B 34 -65.64 -7.62 -2.14
CA LEU B 34 -64.29 -7.77 -1.62
C LEU B 34 -64.23 -7.66 -0.11
N LEU B 35 -65.37 -7.61 0.58
CA LEU B 35 -65.36 -7.52 2.04
C LEU B 35 -64.87 -8.80 2.69
N ASN B 36 -65.01 -9.95 2.02
CA ASN B 36 -64.58 -11.21 2.58
C ASN B 36 -63.08 -11.44 2.41
N ILE B 37 -62.52 -11.09 1.25
CA ILE B 37 -61.09 -11.30 1.03
C ILE B 37 -60.27 -10.46 2.00
N GLN B 38 -60.57 -9.16 2.06
CA GLN B 38 -59.79 -8.23 2.89
C GLN B 38 -59.57 -8.81 4.29
N THR B 39 -60.67 -9.00 5.02
CA THR B 39 -60.60 -9.60 6.35
C THR B 39 -59.68 -10.81 6.36
N LYS B 40 -59.94 -11.76 5.47
CA LYS B 40 -59.13 -12.99 5.44
C LYS B 40 -57.64 -12.64 5.37
N VAL B 41 -57.26 -11.77 4.44
CA VAL B 41 -55.85 -11.38 4.34
C VAL B 41 -55.37 -10.82 5.67
N LEU B 42 -56.12 -9.87 6.23
CA LEU B 42 -55.70 -9.26 7.49
C LEU B 42 -55.66 -10.27 8.62
N SER B 43 -56.38 -11.39 8.49
CA SER B 43 -56.33 -12.41 9.52
C SER B 43 -55.04 -13.23 9.43
N LEU B 44 -54.52 -13.42 8.22
CA LEU B 44 -53.32 -14.23 8.05
C LEU B 44 -52.04 -13.46 8.35
N LEU B 45 -52.11 -12.14 8.50
CA LEU B 45 -50.95 -11.32 8.82
C LEU B 45 -50.86 -10.96 10.30
N GLU B 46 -51.77 -11.46 11.13
CA GLU B 46 -51.73 -11.18 12.56
C GLU B 46 -50.65 -12.04 13.22
N ASN B 47 -49.76 -11.40 13.96
CA ASN B 47 -48.67 -12.08 14.66
C ASN B 47 -48.07 -13.18 13.80
N TRP B 48 -47.63 -12.79 12.60
CA TRP B 48 -47.13 -13.76 11.63
C TRP B 48 -45.86 -14.46 12.12
N LYS B 49 -45.17 -13.90 13.10
CA LYS B 49 -43.99 -14.56 13.64
C LYS B 49 -44.34 -15.79 14.48
N GLN B 50 -45.61 -15.96 14.84
CA GLN B 50 -46.04 -17.06 15.69
C GLN B 50 -47.23 -17.78 15.06
N VAL B 51 -47.37 -19.05 15.42
CA VAL B 51 -48.48 -19.89 14.96
C VAL B 51 -49.35 -20.18 16.17
N ASN B 52 -50.65 -19.83 16.05
CA ASN B 52 -51.60 -20.06 17.13
C ASN B 52 -52.43 -21.28 16.83
N PRO B 53 -52.34 -22.36 17.61
CA PRO B 53 -53.12 -23.56 17.28
C PRO B 53 -54.63 -23.36 17.34
N ASP B 54 -55.10 -22.33 18.06
CA ASP B 54 -56.54 -22.11 18.21
C ASP B 54 -57.18 -21.46 16.99
N ASP B 55 -56.39 -21.01 16.02
CA ASP B 55 -56.94 -20.34 14.85
C ASP B 55 -57.38 -21.34 13.79
N GLU B 56 -58.34 -20.91 12.96
CA GLU B 56 -58.85 -21.77 11.90
C GLU B 56 -57.76 -22.12 10.90
N TYR B 57 -56.91 -21.14 10.54
CA TYR B 57 -55.87 -21.39 9.56
C TYR B 57 -54.96 -22.53 10.00
N TYR B 58 -54.77 -22.69 11.32
CA TYR B 58 -53.91 -23.78 11.80
C TYR B 58 -54.45 -25.13 11.35
N LYS B 59 -55.73 -25.40 11.64
CA LYS B 59 -56.33 -26.66 11.23
C LYS B 59 -56.34 -26.80 9.72
N ILE B 60 -56.72 -25.72 9.02
CA ILE B 60 -56.82 -25.79 7.56
C ILE B 60 -55.47 -26.15 6.96
N GLY B 61 -54.40 -25.50 7.40
CA GLY B 61 -53.07 -25.79 6.89
C GLY B 61 -52.57 -27.17 7.30
N LYS B 62 -52.87 -27.58 8.54
CA LYS B 62 -52.45 -28.89 8.99
C LYS B 62 -53.08 -30.01 8.17
N GLU B 63 -54.33 -29.83 7.75
CA GLU B 63 -55.01 -30.87 6.99
C GLU B 63 -54.81 -30.76 5.49
N TYR B 64 -54.47 -29.57 4.99
CA TYR B 64 -54.38 -29.37 3.54
C TYR B 64 -53.18 -30.11 2.96
N ASN B 65 -53.38 -30.72 1.79
CA ASN B 65 -52.32 -31.38 1.04
C ASN B 65 -52.31 -30.82 -0.38
N VAL B 66 -51.12 -30.42 -0.84
CA VAL B 66 -51.01 -29.73 -2.13
C VAL B 66 -51.29 -30.69 -3.28
N GLU B 67 -50.70 -31.89 -3.24
CA GLU B 67 -50.80 -32.80 -4.38
C GLU B 67 -52.24 -33.20 -4.64
N ALA B 68 -53.01 -33.51 -3.59
CA ALA B 68 -54.38 -33.94 -3.78
C ALA B 68 -55.22 -32.88 -4.48
N ASN B 69 -54.81 -31.62 -4.41
CA ASN B 69 -55.52 -30.51 -5.07
C ASN B 69 -54.71 -29.98 -6.26
N MET B 70 -53.96 -30.87 -6.92
CA MET B 70 -53.16 -30.43 -8.06
C MET B 70 -54.03 -29.88 -9.18
N GLU B 71 -55.30 -30.28 -9.22
CA GLU B 71 -56.20 -29.79 -10.25
C GLU B 71 -56.66 -28.37 -9.98
N SER B 72 -56.43 -27.84 -8.79
CA SER B 72 -56.87 -26.49 -8.44
C SER B 72 -55.85 -25.41 -8.84
N TYR B 73 -54.74 -25.80 -9.46
CA TYR B 73 -53.72 -24.86 -9.91
C TYR B 73 -53.66 -24.91 -11.43
N THR B 74 -53.64 -23.72 -12.06
CA THR B 74 -53.64 -23.66 -13.51
C THR B 74 -52.44 -24.40 -14.10
N ASN B 75 -51.25 -24.13 -13.58
CA ASN B 75 -50.04 -24.75 -14.09
C ASN B 75 -49.68 -25.98 -13.27
N ARG B 76 -49.33 -27.07 -13.96
CA ARG B 76 -48.99 -28.31 -13.31
C ARG B 76 -47.51 -28.42 -12.97
N GLU B 77 -46.62 -27.84 -13.79
CA GLU B 77 -45.20 -27.91 -13.50
C GLU B 77 -44.87 -27.17 -12.20
N VAL B 78 -45.61 -26.11 -11.90
CA VAL B 78 -45.38 -25.39 -10.65
C VAL B 78 -45.58 -26.33 -9.46
N VAL B 79 -46.67 -27.10 -9.47
CA VAL B 79 -46.95 -28.01 -8.36
C VAL B 79 -45.86 -29.07 -8.26
N THR B 80 -45.46 -29.63 -9.40
CA THR B 80 -44.43 -30.67 -9.38
C THR B 80 -43.11 -30.15 -8.82
N GLU B 81 -42.69 -28.96 -9.27
CA GLU B 81 -41.45 -28.38 -8.77
C GLU B 81 -41.54 -28.07 -7.29
N PHE B 82 -42.68 -27.52 -6.84
CA PHE B 82 -42.84 -27.23 -5.43
C PHE B 82 -42.78 -28.52 -4.60
N LEU B 83 -43.44 -29.58 -5.07
CA LEU B 83 -43.40 -30.84 -4.34
C LEU B 83 -41.99 -31.40 -4.28
N SER B 84 -41.25 -31.32 -5.39
CA SER B 84 -39.87 -31.81 -5.40
C SER B 84 -39.02 -31.05 -4.39
N LEU B 85 -39.11 -29.71 -4.42
CA LEU B 85 -38.30 -28.92 -3.49
C LEU B 85 -38.71 -29.18 -2.04
N TYR B 86 -40.01 -29.33 -1.79
CA TYR B 86 -40.48 -29.59 -0.44
C TYR B 86 -39.98 -30.94 0.06
N LYS B 87 -39.98 -31.95 -0.81
CA LYS B 87 -39.38 -33.23 -0.46
C LYS B 87 -37.90 -33.06 -0.14
N ALA B 88 -37.20 -32.26 -0.94
CA ALA B 88 -35.81 -31.96 -0.64
C ALA B 88 -35.66 -31.26 0.71
N GLY B 89 -36.67 -30.52 1.15
CA GLY B 89 -36.65 -29.88 2.45
C GLY B 89 -36.39 -28.38 2.41
N PHE B 90 -37.27 -27.61 3.04
CA PHE B 90 -37.10 -26.17 3.12
C PHE B 90 -36.32 -25.80 4.37
N ILE B 91 -36.02 -24.51 4.50
CA ILE B 91 -35.23 -24.01 5.63
C ILE B 91 -36.07 -24.13 6.90
N PRO B 92 -35.45 -24.31 8.06
CA PRO B 92 -36.22 -24.42 9.31
C PRO B 92 -36.77 -23.06 9.75
N LYS B 93 -37.75 -23.14 10.65
CA LYS B 93 -38.35 -21.93 11.20
C LYS B 93 -37.37 -21.20 12.10
N ASN B 94 -37.67 -19.92 12.37
CA ASN B 94 -36.90 -19.09 13.29
C ASN B 94 -35.50 -18.79 12.75
N GLU B 95 -35.37 -18.54 11.46
CA GLU B 95 -34.11 -18.18 10.84
C GLU B 95 -34.32 -16.97 9.93
N VAL B 96 -33.25 -16.20 9.75
CA VAL B 96 -33.32 -15.01 8.92
C VAL B 96 -33.48 -15.41 7.46
N PHE B 97 -34.44 -14.79 6.78
CA PHE B 97 -34.68 -15.03 5.37
C PHE B 97 -34.29 -13.81 4.55
N SER B 98 -33.61 -14.05 3.43
CA SER B 98 -33.26 -13.00 2.49
C SER B 98 -33.40 -13.54 1.08
N ILE B 99 -33.90 -12.71 0.17
CA ILE B 99 -34.07 -13.11 -1.23
C ILE B 99 -32.74 -13.30 -1.92
N PHE B 100 -31.64 -12.78 -1.37
CA PHE B 100 -30.32 -12.94 -1.96
C PHE B 100 -29.65 -14.26 -1.59
N TYR B 101 -30.21 -15.00 -0.64
CA TYR B 101 -29.73 -16.34 -0.34
C TYR B 101 -30.30 -17.31 -1.37
N GLU B 102 -29.42 -17.99 -2.10
CA GLU B 102 -29.83 -18.68 -3.33
C GLU B 102 -30.87 -19.76 -3.06
N ASN B 103 -30.60 -20.65 -2.10
CA ASN B 103 -31.54 -21.73 -1.81
C ASN B 103 -32.86 -21.18 -1.32
N GLN B 104 -32.81 -20.23 -0.38
CA GLN B 104 -34.03 -19.59 0.09
C GLN B 104 -34.76 -18.89 -1.05
N ALA B 105 -34.00 -18.28 -1.96
CA ALA B 105 -34.63 -17.61 -3.10
C ALA B 105 -35.38 -18.62 -3.96
N LEU B 106 -34.77 -19.77 -4.25
CA LEU B 106 -35.46 -20.78 -5.05
C LEU B 106 -36.72 -21.26 -4.34
N GLU B 107 -36.62 -21.56 -3.05
CA GLU B 107 -37.78 -22.05 -2.31
C GLU B 107 -38.91 -21.02 -2.30
N VAL B 108 -38.59 -19.76 -2.02
CA VAL B 108 -39.61 -18.73 -1.92
C VAL B 108 -40.22 -18.44 -3.30
N ILE B 109 -39.41 -18.50 -4.35
CA ILE B 109 -39.94 -18.30 -5.70
C ILE B 109 -40.90 -19.42 -6.06
N ALA B 110 -40.55 -20.67 -5.72
CA ALA B 110 -41.48 -21.77 -5.98
C ALA B 110 -42.77 -21.59 -5.20
N LEU B 111 -42.68 -21.19 -3.93
CA LEU B 111 -43.88 -20.96 -3.14
C LEU B 111 -44.74 -19.85 -3.73
N TYR B 112 -44.11 -18.76 -4.15
CA TYR B 112 -44.87 -17.66 -4.75
C TYR B 112 -45.54 -18.10 -6.05
N ARG B 113 -44.84 -18.88 -6.87
CA ARG B 113 -45.45 -19.37 -8.10
C ARG B 113 -46.64 -20.27 -7.81
N LEU B 114 -46.53 -21.09 -6.76
CA LEU B 114 -47.68 -21.89 -6.34
C LEU B 114 -48.84 -21.00 -5.91
N PHE B 115 -48.55 -19.93 -5.17
CA PHE B 115 -49.62 -19.02 -4.74
C PHE B 115 -50.28 -18.35 -5.94
N TYR B 116 -49.48 -17.91 -6.92
CA TYR B 116 -49.99 -17.04 -7.97
C TYR B 116 -50.93 -17.79 -8.91
N TYR B 117 -50.63 -19.05 -9.19
CA TYR B 117 -51.39 -19.82 -10.18
C TYR B 117 -52.60 -20.54 -9.57
N ALA B 118 -52.90 -20.30 -8.30
CA ALA B 118 -54.12 -20.84 -7.71
C ALA B 118 -55.33 -20.33 -8.48
N LYS B 119 -56.24 -21.25 -8.83
CA LYS B 119 -57.34 -20.89 -9.71
C LYS B 119 -58.32 -19.93 -9.04
N ASP B 120 -58.54 -20.07 -7.73
CA ASP B 120 -59.52 -19.25 -7.04
C ASP B 120 -58.97 -18.84 -5.69
N PHE B 121 -59.62 -17.84 -5.08
CA PHE B 121 -59.15 -17.30 -3.82
C PHE B 121 -59.20 -18.33 -2.70
N GLU B 122 -60.15 -19.28 -2.77
CA GLU B 122 -60.25 -20.30 -1.72
C GLU B 122 -59.00 -21.19 -1.69
N THR B 123 -58.57 -21.65 -2.87
CA THR B 123 -57.35 -22.44 -2.94
C THR B 123 -56.14 -21.63 -2.49
N PHE B 124 -56.11 -20.35 -2.85
CA PHE B 124 -55.00 -19.50 -2.42
C PHE B 124 -54.97 -19.36 -0.90
N TYR B 125 -56.13 -19.19 -0.28
CA TYR B 125 -56.19 -19.09 1.18
C TYR B 125 -55.74 -20.40 1.83
N LYS B 126 -56.20 -21.53 1.29
CA LYS B 126 -55.77 -22.82 1.84
C LYS B 126 -54.25 -22.99 1.72
N THR B 127 -53.69 -22.62 0.57
CA THR B 127 -52.25 -22.74 0.38
C THR B 127 -51.49 -21.81 1.32
N ALA B 128 -52.00 -20.59 1.52
CA ALA B 128 -51.36 -19.66 2.45
C ALA B 128 -51.39 -20.20 3.88
N ALA B 129 -52.52 -20.78 4.29
CA ALA B 129 -52.59 -21.39 5.61
C ALA B 129 -51.59 -22.53 5.75
N PHE B 130 -51.50 -23.37 4.72
CA PHE B 130 -50.52 -24.45 4.71
C PHE B 130 -49.11 -23.90 4.88
N ALA B 131 -48.78 -22.86 4.10
CA ALA B 131 -47.44 -22.28 4.16
C ALA B 131 -47.14 -21.72 5.53
N ARG B 132 -48.09 -20.99 6.11
CA ARG B 132 -47.86 -20.42 7.45
C ARG B 132 -47.67 -21.51 8.48
N VAL B 133 -48.47 -22.58 8.40
CA VAL B 133 -48.36 -23.63 9.40
C VAL B 133 -47.05 -24.40 9.26
N TRP B 134 -46.57 -24.62 8.03
CA TRP B 134 -45.46 -25.53 7.80
C TRP B 134 -44.14 -24.86 7.46
N LEU B 135 -44.14 -23.65 6.90
CA LEU B 135 -42.95 -23.06 6.32
C LEU B 135 -42.41 -21.93 7.18
N ASN B 136 -41.22 -21.47 6.82
CA ASN B 136 -40.58 -20.36 7.53
C ASN B 136 -41.44 -19.11 7.46
N GLU B 137 -41.50 -18.38 8.56
CA GLU B 137 -42.37 -17.21 8.63
C GLU B 137 -41.96 -16.13 7.63
N GLY B 138 -40.64 -15.90 7.48
CA GLY B 138 -40.20 -14.85 6.57
C GLY B 138 -40.56 -15.13 5.12
N GLN B 139 -40.29 -16.36 4.67
CA GLN B 139 -40.67 -16.74 3.31
C GLN B 139 -42.18 -16.62 3.12
N PHE B 140 -42.94 -17.09 4.12
CA PHE B 140 -44.39 -17.03 4.01
C PHE B 140 -44.87 -15.59 3.85
N VAL B 141 -44.40 -14.68 4.71
CA VAL B 141 -44.87 -13.31 4.65
C VAL B 141 -44.45 -12.66 3.34
N TYR B 142 -43.20 -12.88 2.91
CA TYR B 142 -42.74 -12.30 1.66
C TYR B 142 -43.60 -12.76 0.50
N ALA B 143 -43.78 -14.07 0.35
CA ALA B 143 -44.55 -14.60 -0.76
C ALA B 143 -46.00 -14.15 -0.69
N PHE B 144 -46.59 -14.13 0.50
CA PHE B 144 -47.99 -13.73 0.63
C PHE B 144 -48.18 -12.27 0.27
N TYR B 145 -47.28 -11.40 0.72
CA TYR B 145 -47.36 -9.98 0.35
C TYR B 145 -47.25 -9.82 -1.15
N LEU B 146 -46.28 -10.50 -1.77
CA LEU B 146 -46.09 -10.38 -3.21
C LEU B 146 -47.34 -10.87 -3.96
N ALA B 147 -47.89 -12.02 -3.54
CA ALA B 147 -49.06 -12.57 -4.21
C ALA B 147 -50.26 -11.66 -4.07
N VAL B 148 -50.50 -11.12 -2.87
CA VAL B 148 -51.61 -10.21 -2.68
C VAL B 148 -51.44 -8.99 -3.57
N ILE B 149 -50.21 -8.49 -3.70
CA ILE B 149 -49.98 -7.35 -4.58
C ILE B 149 -50.23 -7.71 -6.05
N HIS B 150 -49.94 -8.95 -6.45
CA HIS B 150 -49.97 -9.30 -7.86
C HIS B 150 -51.20 -10.10 -8.30
N ARG B 151 -51.94 -10.71 -7.39
CA ARG B 151 -53.08 -11.53 -7.78
C ARG B 151 -54.22 -10.65 -8.30
N ALA B 152 -54.96 -11.20 -9.28
CA ALA B 152 -56.01 -10.42 -9.93
C ALA B 152 -57.23 -10.24 -9.03
N ASP B 153 -57.62 -11.27 -8.27
CA ASP B 153 -58.80 -11.20 -7.43
C ASP B 153 -58.57 -10.45 -6.13
N THR B 154 -57.32 -10.07 -5.85
CA THR B 154 -57.00 -9.28 -4.67
C THR B 154 -56.80 -7.80 -5.01
N ARG B 155 -57.10 -7.39 -6.24
CA ARG B 155 -56.94 -6.00 -6.62
C ARG B 155 -58.05 -5.16 -5.98
N GLY B 156 -57.67 -4.21 -5.15
CA GLY B 156 -58.60 -3.32 -4.48
C GLY B 156 -58.51 -3.34 -2.96
N ILE B 157 -57.94 -4.39 -2.38
CA ILE B 157 -57.80 -4.48 -0.93
C ILE B 157 -56.54 -3.75 -0.51
N VAL B 158 -56.43 -3.49 0.80
CA VAL B 158 -55.33 -2.71 1.36
C VAL B 158 -54.48 -3.62 2.23
N LEU B 159 -53.16 -3.47 2.10
CA LEU B 159 -52.19 -4.17 2.93
C LEU B 159 -51.56 -3.22 3.94
N PRO B 160 -51.15 -3.70 5.11
CA PRO B 160 -50.45 -2.84 6.05
C PRO B 160 -49.11 -2.37 5.51
N ALA B 161 -48.66 -1.23 6.01
CA ALA B 161 -47.40 -0.67 5.55
C ALA B 161 -46.25 -1.59 5.94
N PRO B 162 -45.17 -1.61 5.15
CA PRO B 162 -44.05 -2.52 5.47
C PRO B 162 -43.48 -2.31 6.85
N TYR B 163 -43.41 -1.07 7.34
CA TYR B 163 -42.83 -0.83 8.66
C TYR B 163 -43.67 -1.40 9.78
N GLU B 164 -44.96 -1.68 9.54
CA GLU B 164 -45.79 -2.37 10.51
C GLU B 164 -45.73 -3.88 10.36
N ILE B 165 -45.23 -4.38 9.21
CA ILE B 165 -45.08 -5.82 9.03
C ILE B 165 -43.70 -6.28 9.49
N TRP B 166 -42.69 -5.42 9.34
CA TRP B 166 -41.32 -5.71 9.76
C TRP B 166 -40.80 -4.54 10.61
N PRO B 167 -41.34 -4.36 11.80
CA PRO B 167 -40.89 -3.22 12.63
C PRO B 167 -39.40 -3.24 12.93
N GLU B 168 -38.82 -4.43 13.09
CA GLU B 168 -37.40 -4.51 13.46
C GLU B 168 -36.48 -3.96 12.38
N TYR B 169 -36.94 -3.89 11.14
CA TYR B 169 -36.14 -3.35 10.05
C TYR B 169 -36.25 -1.84 9.91
N PHE B 170 -37.06 -1.18 10.74
CA PHE B 170 -37.30 0.25 10.64
C PHE B 170 -37.07 0.98 11.96
N MET B 171 -36.33 0.37 12.89
CA MET B 171 -36.03 0.99 14.16
C MET B 171 -34.64 0.54 14.61
N ASN B 172 -34.05 1.32 15.51
CA ASN B 172 -32.74 1.02 16.06
C ASN B 172 -32.85 0.09 17.26
N SER B 173 -31.70 -0.36 17.73
CA SER B 173 -31.67 -1.42 18.74
C SER B 173 -32.16 -0.93 20.10
N ASP B 174 -31.97 0.35 20.41
CA ASP B 174 -32.35 0.85 21.74
C ASP B 174 -33.86 0.79 21.95
N VAL B 175 -34.63 1.26 20.96
CA VAL B 175 -36.09 1.25 21.10
C VAL B 175 -36.60 -0.18 21.14
N LEU B 176 -36.00 -1.07 20.34
CA LEU B 176 -36.40 -2.47 20.37
C LEU B 176 -36.08 -3.08 21.73
N SER B 177 -34.94 -2.71 22.32
CA SER B 177 -34.61 -3.20 23.66
C SER B 177 -35.63 -2.74 24.68
N LYS B 178 -36.03 -1.47 24.61
CA LYS B 178 -37.05 -0.97 25.53
C LYS B 178 -38.36 -1.73 25.35
N ILE B 179 -38.76 -1.95 24.10
CA ILE B 179 -40.02 -2.66 23.85
C ILE B 179 -39.95 -4.09 24.38
N TYR B 180 -38.82 -4.77 24.15
CA TYR B 180 -38.67 -6.13 24.64
C TYR B 180 -38.70 -6.17 26.17
N ARG B 181 -38.06 -5.19 26.82
CA ARG B 181 -38.09 -5.14 28.28
C ARG B 181 -39.52 -4.95 28.78
N ILE B 182 -40.27 -4.05 28.15
CA ILE B 182 -41.65 -3.82 28.56
C ILE B 182 -42.48 -5.10 28.38
N GLN B 183 -42.29 -5.78 27.25
CA GLN B 183 -43.04 -7.01 27.00
C GLN B 183 -42.69 -8.07 28.04
N MET B 184 -41.40 -8.22 28.36
CA MET B 184 -41.00 -9.21 29.35
C MET B 184 -41.55 -8.88 30.73
N GLN B 185 -41.56 -7.60 31.10
CA GLN B 185 -42.09 -7.18 32.40
C GLN B 185 -43.61 -7.07 32.42
N LYS B 186 -44.26 -7.13 31.27
CA LYS B 186 -45.71 -6.96 31.17
C LYS B 186 -46.15 -5.66 31.83
N GLY B 187 -45.39 -4.60 31.57
CA GLY B 187 -45.68 -3.27 32.07
C GLY B 187 -44.45 -2.66 32.69
N LEU B 188 -44.68 -1.64 33.52
CA LEU B 188 -43.61 -0.92 34.21
C LEU B 188 -43.66 -1.27 35.69
N ILE B 189 -42.50 -1.69 36.24
CA ILE B 189 -42.43 -1.97 37.66
C ILE B 189 -42.65 -0.70 38.47
N ILE B 190 -42.05 0.40 38.05
CA ILE B 190 -42.22 1.69 38.69
C ILE B 190 -42.71 2.67 37.61
N PRO B 191 -44.01 2.83 37.43
CA PRO B 191 -44.49 3.64 36.29
C PRO B 191 -44.01 5.07 36.31
N GLU B 192 -43.82 5.65 37.51
CA GLU B 192 -43.45 7.07 37.59
C GLU B 192 -42.12 7.37 36.91
N GLN B 193 -41.24 6.38 36.79
CA GLN B 193 -39.92 6.60 36.20
C GLN B 193 -39.90 6.34 34.70
N GLY B 194 -41.00 5.92 34.09
CA GLY B 194 -41.05 5.62 32.69
C GLY B 194 -40.78 6.82 31.80
N PRO B 195 -41.43 7.95 32.08
CA PRO B 195 -41.23 9.14 31.23
C PRO B 195 -39.79 9.59 31.13
N TYR B 196 -39.01 9.44 32.21
CA TYR B 196 -37.61 9.85 32.18
C TYR B 196 -36.78 9.04 31.21
N TYR B 197 -37.27 7.89 30.74
CA TYR B 197 -36.56 7.06 29.78
C TYR B 197 -37.27 6.99 28.43
N GLY B 198 -38.26 7.86 28.20
CA GLY B 198 -38.92 7.91 26.91
C GLY B 198 -40.04 6.91 26.72
N ILE B 199 -40.61 6.39 27.80
CA ILE B 199 -41.71 5.43 27.74
C ILE B 199 -42.93 6.07 28.41
N LEU B 200 -44.02 6.17 27.67
CA LEU B 200 -45.26 6.77 28.15
C LEU B 200 -46.36 5.72 28.15
N SER B 201 -47.01 5.55 29.30
CA SER B 201 -48.14 4.63 29.42
C SER B 201 -49.43 5.44 29.36
N LYS B 202 -50.20 5.25 28.29
CA LYS B 202 -51.42 6.03 28.11
C LYS B 202 -52.40 5.26 27.25
N ASP B 203 -53.67 5.32 27.63
CA ASP B 203 -54.77 4.76 26.84
C ASP B 203 -54.50 3.32 26.45
N ASN B 204 -54.19 2.51 27.46
CA ASN B 204 -54.01 1.06 27.30
C ASN B 204 -52.81 0.72 26.42
N ALA B 205 -52.03 1.71 26.02
CA ALA B 205 -50.90 1.50 25.11
C ALA B 205 -49.64 2.10 25.71
N TYR B 206 -48.51 1.73 25.11
CA TYR B 206 -47.19 2.20 25.49
C TYR B 206 -46.54 2.88 24.30
N TYR B 207 -46.17 4.14 24.47
CA TYR B 207 -45.53 4.93 23.43
C TYR B 207 -44.04 5.05 23.75
N PHE B 208 -43.22 4.76 22.75
CA PHE B 208 -41.76 4.80 22.88
C PHE B 208 -41.23 5.87 21.94
N TYR B 209 -40.55 6.87 22.50
CA TYR B 209 -39.92 7.91 21.68
C TYR B 209 -38.66 7.36 21.04
N ALA B 210 -38.50 7.60 19.74
CA ALA B 210 -37.40 7.02 18.96
C ALA B 210 -36.55 8.12 18.36
N ASN B 211 -35.24 7.96 18.44
CA ASN B 211 -34.28 8.86 17.80
C ASN B 211 -33.87 8.28 16.45
N TYR B 212 -33.01 9.00 15.74
CA TYR B 212 -32.34 8.48 14.54
C TYR B 212 -30.89 8.17 14.86
N SER B 213 -30.23 7.45 13.96
CA SER B 213 -28.85 7.04 14.18
C SER B 213 -27.94 8.24 14.25
N GLY B 214 -26.89 8.13 15.07
CA GLY B 214 -25.96 9.19 15.29
C GLY B 214 -24.61 8.96 14.64
N PRO B 215 -23.60 9.71 15.06
CA PRO B 215 -22.27 9.58 14.43
C PRO B 215 -21.64 8.22 14.62
N LEU B 216 -22.06 7.43 15.62
CA LEU B 216 -21.50 6.09 15.77
C LEU B 216 -21.77 5.24 14.54
N THR B 217 -22.93 5.42 13.91
CA THR B 217 -23.27 4.61 12.74
C THR B 217 -22.70 5.20 11.45
N TYR B 218 -22.76 6.51 11.30
CA TYR B 218 -22.33 7.19 10.07
C TYR B 218 -21.14 8.08 10.36
N GLU B 219 -20.21 8.15 9.42
CA GLU B 219 -19.02 8.98 9.50
C GLU B 219 -19.12 10.13 8.48
N ASP B 220 -18.11 11.00 8.52
CA ASP B 220 -17.99 12.10 7.57
C ASP B 220 -19.23 12.99 7.59
N ASN B 221 -19.79 13.18 8.79
CA ASN B 221 -20.93 14.08 9.03
C ASN B 221 -22.18 13.66 8.30
N GLU B 222 -22.26 12.41 7.81
CA GLU B 222 -23.44 11.98 7.07
C GLU B 222 -24.65 11.79 7.98
N ASN B 223 -24.44 11.59 9.28
CA ASN B 223 -25.55 11.40 10.20
C ASN B 223 -26.51 12.59 10.18
N LEU B 224 -26.04 13.76 9.73
CA LEU B 224 -26.91 14.91 9.61
C LEU B 224 -28.15 14.58 8.80
N LEU B 225 -28.02 13.75 7.77
CA LEU B 225 -29.15 13.40 6.92
C LEU B 225 -29.77 12.04 7.27
N SER B 226 -29.43 11.49 8.44
CA SER B 226 -30.02 10.22 8.85
C SER B 226 -31.55 10.28 8.78
N TYR B 227 -32.13 11.35 9.32
CA TYR B 227 -33.58 11.49 9.32
C TYR B 227 -34.19 11.20 7.96
N PHE B 228 -33.45 11.48 6.88
CA PHE B 228 -33.97 11.24 5.54
C PHE B 228 -33.72 9.81 5.08
N ILE B 229 -32.52 9.26 5.32
CA ILE B 229 -32.20 7.94 4.80
C ILE B 229 -32.72 6.82 5.67
N GLU B 230 -33.09 7.12 6.93
CA GLU B 230 -33.71 6.13 7.82
C GLU B 230 -35.21 6.33 7.93
N ASP B 231 -35.79 7.21 7.12
CA ASP B 231 -37.23 7.43 7.16
C ASP B 231 -37.96 6.18 6.71
N ILE B 232 -39.07 5.86 7.38
CA ILE B 232 -39.81 4.64 7.08
C ILE B 232 -40.40 4.72 5.67
N GLY B 233 -40.87 5.90 5.27
CA GLY B 233 -41.44 6.03 3.94
C GLY B 233 -40.46 5.76 2.82
N TRP B 234 -39.21 6.19 3.01
CA TRP B 234 -38.17 6.00 2.00
C TRP B 234 -37.93 4.51 1.73
N ASN B 235 -37.66 3.76 2.80
CA ASN B 235 -37.41 2.32 2.65
C ASN B 235 -38.66 1.59 2.21
N SER B 236 -39.83 2.01 2.69
CA SER B 236 -41.07 1.38 2.25
C SER B 236 -41.31 1.61 0.77
N TYR B 237 -40.96 2.79 0.26
CA TYR B 237 -41.06 3.05 -1.18
C TYR B 237 -40.14 2.13 -1.95
N TYR B 238 -38.91 1.95 -1.47
CA TYR B 238 -38.00 1.03 -2.16
C TYR B 238 -38.55 -0.39 -2.15
N TYR B 239 -39.08 -0.83 -1.01
CA TYR B 239 -39.62 -2.18 -0.92
C TYR B 239 -40.84 -2.35 -1.84
N TYR B 240 -41.70 -1.34 -1.92
CA TYR B 240 -42.82 -1.39 -2.85
C TYR B 240 -42.32 -1.48 -4.28
N PHE B 241 -41.29 -0.70 -4.63
CA PHE B 241 -40.75 -0.80 -5.98
C PHE B 241 -40.24 -2.20 -6.27
N HIS B 242 -39.56 -2.82 -5.31
CA HIS B 242 -39.10 -4.20 -5.51
C HIS B 242 -40.28 -5.15 -5.70
N ASN B 243 -41.30 -5.03 -4.86
CA ASN B 243 -42.43 -5.95 -4.91
C ASN B 243 -43.19 -5.82 -6.23
N ARG B 244 -43.35 -4.60 -6.73
CA ARG B 244 -44.10 -4.42 -7.96
C ARG B 244 -43.31 -4.90 -9.18
N PHE B 245 -41.98 -4.79 -9.15
CA PHE B 245 -41.14 -5.20 -10.28
C PHE B 245 -40.00 -6.07 -9.77
N PRO B 246 -40.31 -7.28 -9.32
CA PRO B 246 -39.24 -8.20 -8.91
C PRO B 246 -38.34 -8.56 -10.09
N PHE B 247 -37.05 -8.70 -9.81
CA PHE B 247 -36.09 -8.97 -10.88
C PHE B 247 -36.18 -10.39 -11.40
N TRP B 248 -36.58 -11.34 -10.55
CA TRP B 248 -36.63 -12.74 -10.94
C TRP B 248 -37.92 -13.12 -11.67
N GLU B 249 -38.88 -12.21 -11.79
CA GLU B 249 -40.13 -12.51 -12.47
C GLU B 249 -40.11 -11.97 -13.90
N ASN B 250 -40.82 -12.67 -14.77
CA ASN B 250 -40.93 -12.28 -16.17
C ASN B 250 -41.78 -11.03 -16.32
N GLY B 251 -41.42 -10.20 -17.31
CA GLY B 251 -42.09 -8.93 -17.46
C GLY B 251 -43.56 -9.05 -17.80
N GLU B 252 -43.93 -10.09 -18.57
CA GLU B 252 -45.32 -10.24 -19.01
C GLU B 252 -46.27 -10.30 -17.83
N GLN B 253 -45.94 -11.11 -16.81
CA GLN B 253 -46.78 -11.17 -15.62
C GLN B 253 -46.77 -9.84 -14.89
N LEU B 254 -45.61 -9.19 -14.81
CA LEU B 254 -45.50 -7.92 -14.10
C LEU B 254 -46.24 -6.81 -14.84
N ILE B 255 -45.82 -6.53 -16.08
CA ILE B 255 -46.46 -5.50 -16.90
C ILE B 255 -46.79 -6.12 -18.24
N GLY B 256 -48.08 -6.19 -18.56
CA GLY B 256 -48.53 -6.81 -19.78
C GLY B 256 -48.40 -5.91 -21.00
N PRO B 257 -49.06 -4.76 -20.96
CA PRO B 257 -49.08 -3.91 -22.16
C PRO B 257 -47.80 -3.12 -22.38
N LEU B 258 -47.11 -2.72 -21.32
CA LEU B 258 -45.90 -1.89 -21.47
C LEU B 258 -44.65 -2.63 -20.98
N LYS B 259 -44.56 -3.91 -21.29
CA LYS B 259 -43.41 -4.71 -20.88
C LYS B 259 -42.12 -4.19 -21.48
N GLU B 260 -42.15 -3.72 -22.72
CA GLU B 260 -40.95 -3.29 -23.41
C GLU B 260 -40.32 -2.07 -22.76
N ARG B 261 -41.03 -1.38 -21.87
CA ARG B 261 -40.51 -0.22 -21.17
C ARG B 261 -39.91 -0.58 -19.82
N ARG B 262 -39.79 -1.87 -19.50
CA ARG B 262 -39.31 -2.27 -18.19
C ARG B 262 -37.97 -1.61 -17.86
N GLY B 263 -37.00 -1.74 -18.77
CA GLY B 263 -35.70 -1.11 -18.53
C GLY B 263 -35.82 0.38 -18.28
N GLU B 264 -36.65 1.06 -19.07
CA GLU B 264 -36.86 2.48 -18.86
C GLU B 264 -37.28 2.75 -17.42
N ILE B 265 -38.23 1.97 -16.91
CA ILE B 265 -38.65 2.13 -15.52
C ILE B 265 -37.46 1.97 -14.59
N TYR B 266 -36.65 0.93 -14.83
CA TYR B 266 -35.46 0.72 -14.01
C TYR B 266 -34.59 1.96 -13.98
N TYR B 267 -34.50 2.67 -15.11
CA TYR B 267 -33.67 3.87 -15.14
C TYR B 267 -34.38 5.04 -14.46
N TYR B 268 -35.71 5.12 -14.59
CA TYR B 268 -36.41 6.30 -14.08
C TYR B 268 -36.43 6.32 -12.56
N VAL B 269 -36.65 5.17 -11.93
CA VAL B 269 -36.79 5.14 -10.47
C VAL B 269 -35.45 5.46 -9.81
N TYR B 270 -34.40 4.70 -10.16
CA TYR B 270 -33.10 4.90 -9.52
C TYR B 270 -32.59 6.32 -9.75
N GLN B 271 -32.69 6.80 -10.99
CA GLN B 271 -32.28 8.17 -11.27
C GLN B 271 -32.96 9.14 -10.33
N LYS B 272 -34.23 8.91 -10.01
CA LYS B 272 -34.92 9.75 -9.04
C LYS B 272 -34.35 9.54 -7.64
N ILE B 273 -34.21 8.29 -7.23
CA ILE B 273 -33.79 7.99 -5.85
C ILE B 273 -32.48 8.68 -5.54
N LEU B 274 -31.51 8.56 -6.45
CA LEU B 274 -30.23 9.23 -6.25
C LEU B 274 -30.41 10.75 -6.24
N ALA B 275 -31.14 11.28 -7.21
CA ALA B 275 -31.24 12.73 -7.34
C ALA B 275 -31.73 13.36 -6.04
N ARG B 276 -32.88 12.89 -5.55
CA ARG B 276 -33.38 13.38 -4.26
C ARG B 276 -32.29 13.26 -3.19
N TYR B 277 -31.68 12.08 -3.09
CA TYR B 277 -30.60 11.91 -2.13
C TYR B 277 -29.54 12.98 -2.30
N TYR B 278 -29.07 13.19 -3.54
CA TYR B 278 -28.08 14.22 -3.79
C TYR B 278 -28.57 15.57 -3.28
N LEU B 279 -29.84 15.89 -3.57
CA LEU B 279 -30.39 17.16 -3.10
C LEU B 279 -30.23 17.28 -1.59
N GLU B 280 -30.54 16.22 -0.85
CA GLU B 280 -30.41 16.28 0.60
C GLU B 280 -28.96 16.53 0.99
N ARG B 281 -28.02 15.89 0.30
CA ARG B 281 -26.61 16.14 0.59
C ARG B 281 -26.28 17.62 0.40
N LEU B 282 -26.87 18.26 -0.61
CA LEU B 282 -26.65 19.69 -0.79
C LEU B 282 -27.29 20.50 0.33
N ALA B 283 -28.42 20.02 0.86
CA ALA B 283 -29.09 20.73 1.94
C ALA B 283 -28.26 20.71 3.22
N ASN B 284 -27.52 19.64 3.46
CA ASN B 284 -26.70 19.51 4.65
C ASN B 284 -25.22 19.82 4.40
N GLY B 285 -24.89 20.33 3.22
CA GLY B 285 -23.52 20.70 2.92
C GLY B 285 -22.55 19.54 2.92
N LEU B 286 -22.95 18.41 2.33
CA LEU B 286 -22.11 17.23 2.26
C LEU B 286 -21.48 17.00 0.89
N GLY B 287 -21.93 17.71 -0.14
CA GLY B 287 -21.31 17.61 -1.45
C GLY B 287 -21.88 16.48 -2.30
N GLU B 288 -21.09 16.08 -3.28
CA GLU B 288 -21.49 15.09 -4.27
C GLU B 288 -21.29 13.67 -3.76
N ILE B 289 -21.91 12.73 -4.46
CA ILE B 289 -21.80 11.32 -4.08
C ILE B 289 -20.40 10.81 -4.42
N PRO B 290 -19.67 10.21 -3.48
CA PRO B 290 -18.31 9.75 -3.80
C PRO B 290 -18.30 8.64 -4.84
N ARG B 291 -17.20 8.59 -5.60
CA ARG B 291 -16.90 7.49 -6.49
C ARG B 291 -15.77 6.66 -5.91
N PHE B 292 -15.76 5.37 -6.24
CA PHE B 292 -14.81 4.43 -5.64
C PHE B 292 -14.28 3.49 -6.71
N ASN B 293 -13.16 2.85 -6.38
CA ASN B 293 -12.52 1.86 -7.23
C ASN B 293 -12.59 0.50 -6.54
N TRP B 294 -12.98 -0.53 -7.30
CA TRP B 294 -13.16 -1.85 -6.71
C TRP B 294 -11.84 -2.39 -6.15
N LEU B 295 -10.72 -2.14 -6.84
CA LEU B 295 -9.43 -2.68 -6.44
C LEU B 295 -8.70 -1.78 -5.44
N ASP B 296 -9.42 -0.95 -4.69
CA ASP B 296 -8.82 -0.07 -3.70
C ASP B 296 -9.65 -0.11 -2.43
N LYS B 297 -9.02 0.29 -1.31
CA LYS B 297 -9.69 0.30 -0.02
C LYS B 297 -10.93 1.18 -0.07
N TYR B 298 -12.02 0.70 0.52
CA TYR B 298 -13.28 1.44 0.58
C TYR B 298 -13.26 2.35 1.79
N GLN B 299 -13.53 3.63 1.58
CA GLN B 299 -13.30 4.66 2.58
C GLN B 299 -14.54 4.97 3.42
N THR B 300 -15.71 4.54 3.01
CA THR B 300 -16.96 4.82 3.73
C THR B 300 -17.28 3.65 4.66
N SER B 301 -17.35 3.92 5.95
CA SER B 301 -17.67 2.91 6.94
C SER B 301 -19.16 2.95 7.28
N TYR B 302 -19.59 1.92 8.01
CA TYR B 302 -21.00 1.80 8.38
C TYR B 302 -21.12 0.83 9.54
N TYR B 303 -21.76 1.28 10.63
CA TYR B 303 -21.92 0.49 11.85
C TYR B 303 -23.40 0.47 12.22
N PRO B 304 -24.21 -0.35 11.54
CA PRO B 304 -25.64 -0.35 11.82
C PRO B 304 -25.97 -0.93 13.19
N LEU B 305 -26.89 -0.28 13.88
CA LEU B 305 -27.44 -0.79 15.13
C LEU B 305 -28.73 -1.57 14.89
N LEU B 306 -28.68 -2.53 13.98
CA LEU B 306 -29.84 -3.32 13.59
C LEU B 306 -29.57 -4.79 13.91
N SER B 307 -30.64 -5.51 14.23
CA SER B 307 -30.53 -6.92 14.57
C SER B 307 -31.82 -7.63 14.19
N SER B 308 -31.66 -8.87 13.70
CA SER B 308 -32.79 -9.74 13.38
C SER B 308 -32.58 -11.06 14.11
N TYR B 309 -33.57 -11.44 14.92
CA TYR B 309 -33.46 -12.62 15.77
C TYR B 309 -32.22 -12.52 16.67
N GLN B 310 -31.96 -11.31 17.15
CA GLN B 310 -30.82 -10.99 18.01
C GLN B 310 -29.48 -11.18 17.31
N LEU B 311 -29.47 -11.42 16.01
CA LEU B 311 -28.22 -11.53 15.27
C LEU B 311 -27.82 -10.17 14.74
N PRO B 312 -26.66 -9.63 15.13
CA PRO B 312 -26.30 -8.28 14.69
C PRO B 312 -26.06 -8.21 13.19
N PHE B 313 -26.36 -7.04 12.62
CA PHE B 313 -26.06 -6.78 11.23
C PHE B 313 -24.55 -6.59 11.04
N ALA B 314 -24.08 -6.95 9.86
CA ALA B 314 -22.66 -6.84 9.57
C ALA B 314 -22.21 -5.38 9.63
N GLN B 315 -21.01 -5.16 10.16
CA GLN B 315 -20.42 -3.84 10.28
C GLN B 315 -19.22 -3.75 9.33
N ARG B 316 -19.17 -2.68 8.55
CA ARG B 316 -18.07 -2.44 7.61
C ARG B 316 -17.11 -1.43 8.23
N ASN B 317 -15.89 -1.89 8.51
CA ASN B 317 -14.88 -1.00 9.06
C ASN B 317 -14.36 -0.05 7.98
N ASP B 318 -13.86 1.10 8.43
CA ASP B 318 -13.29 2.07 7.50
C ASP B 318 -12.04 1.50 6.84
N ASP B 319 -11.84 1.87 5.58
CA ASP B 319 -10.68 1.40 4.80
C ASP B 319 -10.73 -0.12 4.59
N TYR B 320 -11.93 -0.65 4.40
CA TYR B 320 -12.09 -2.09 4.16
C TYR B 320 -11.62 -2.43 2.75
N TYR B 321 -10.78 -3.47 2.65
CA TYR B 321 -10.22 -3.89 1.38
C TYR B 321 -11.16 -4.90 0.73
N LEU B 322 -11.63 -4.58 -0.48
CA LEU B 322 -12.64 -5.38 -1.15
C LEU B 322 -12.05 -6.48 -2.03
N ALA B 323 -10.77 -6.39 -2.39
CA ALA B 323 -10.15 -7.31 -3.35
C ALA B 323 -9.30 -8.37 -2.68
N SER B 324 -9.73 -8.87 -1.53
CA SER B 324 -9.04 -9.98 -0.89
C SER B 324 -9.23 -11.25 -1.73
N GLY B 325 -8.39 -12.25 -1.45
CA GLY B 325 -8.45 -13.49 -2.20
C GLY B 325 -9.82 -14.14 -2.14
N ASP B 326 -10.42 -14.17 -0.95
CA ASP B 326 -11.71 -14.84 -0.78
C ASP B 326 -12.75 -14.29 -1.75
N ASN B 327 -12.74 -12.98 -1.99
CA ASN B 327 -13.70 -12.35 -2.90
C ASN B 327 -13.20 -12.23 -4.33
N ILE B 328 -11.96 -12.65 -4.61
CA ILE B 328 -11.33 -12.27 -5.87
C ILE B 328 -12.22 -12.69 -7.05
N ASN B 329 -12.70 -13.93 -7.04
CA ASN B 329 -13.57 -14.40 -8.12
C ASN B 329 -14.69 -13.40 -8.37
N ASP B 330 -15.46 -13.09 -7.33
CA ASP B 330 -16.56 -12.13 -7.49
C ASP B 330 -16.05 -10.85 -8.13
N ILE B 331 -14.96 -10.30 -7.60
CA ILE B 331 -14.42 -9.05 -8.15
C ILE B 331 -14.25 -9.20 -9.65
N GLN B 332 -13.57 -10.27 -10.09
CA GLN B 332 -13.34 -10.45 -11.51
C GLN B 332 -14.64 -10.35 -12.28
N PHE B 333 -15.65 -11.13 -11.87
CA PHE B 333 -16.92 -11.09 -12.56
C PHE B 333 -17.41 -9.66 -12.68
N ILE B 334 -17.46 -8.95 -11.55
CA ILE B 334 -17.89 -7.55 -11.57
C ILE B 334 -17.13 -6.81 -12.66
N ASP B 335 -15.80 -6.81 -12.57
CA ASP B 335 -15.01 -6.08 -13.55
C ASP B 335 -15.40 -6.50 -14.96
N THR B 336 -15.42 -7.81 -15.21
CA THR B 336 -15.72 -8.29 -16.56
C THR B 336 -17.03 -7.68 -17.03
N TYR B 337 -18.08 -7.77 -16.20
CA TYR B 337 -19.36 -7.21 -16.58
C TYR B 337 -19.18 -5.78 -17.08
N GLU B 338 -18.59 -4.92 -16.25
CA GLU B 338 -18.41 -3.54 -16.64
C GLU B 338 -17.68 -3.45 -17.98
N LYS B 339 -16.55 -4.17 -18.09
CA LYS B 339 -15.78 -4.14 -19.32
C LYS B 339 -16.68 -4.43 -20.51
N THR B 340 -17.49 -5.50 -20.40
CA THR B 340 -18.33 -5.89 -21.52
C THR B 340 -19.17 -4.72 -21.99
N PHE B 341 -19.82 -4.01 -21.06
CA PHE B 341 -20.68 -2.92 -21.46
C PHE B 341 -19.91 -1.89 -22.26
N LEU B 342 -18.71 -1.53 -21.80
CA LEU B 342 -17.91 -0.55 -22.53
C LEU B 342 -17.65 -1.04 -23.95
N GLN B 343 -17.32 -2.31 -24.11
CA GLN B 343 -17.10 -2.85 -25.45
C GLN B 343 -18.34 -2.66 -26.30
N LEU B 344 -19.52 -2.90 -25.72
CA LEU B 344 -20.75 -2.68 -26.46
C LEU B 344 -20.86 -1.24 -26.94
N LEU B 345 -20.47 -0.29 -26.09
CA LEU B 345 -20.54 1.11 -26.48
C LEU B 345 -19.65 1.38 -27.70
N GLN B 346 -18.56 0.62 -27.85
CA GLN B 346 -17.73 0.78 -29.03
C GLN B 346 -18.35 0.12 -30.26
N LYS B 347 -19.14 -0.94 -30.07
CA LYS B 347 -19.76 -1.62 -31.20
C LYS B 347 -20.96 -0.84 -31.72
N GLY B 348 -21.73 -0.22 -30.84
CA GLY B 348 -22.92 0.53 -31.26
C GLY B 348 -24.11 -0.33 -31.66
N GLN B 349 -23.93 -1.20 -32.64
CA GLN B 349 -24.97 -2.12 -33.08
C GLN B 349 -24.40 -3.53 -33.02
N PHE B 350 -25.14 -4.45 -32.40
CA PHE B 350 -24.60 -5.78 -32.12
C PHE B 350 -25.76 -6.72 -31.80
N LYS B 351 -25.41 -7.94 -31.38
CA LYS B 351 -26.38 -8.94 -30.95
C LYS B 351 -25.87 -9.56 -29.66
N ALA B 352 -26.67 -9.44 -28.60
CA ALA B 352 -26.31 -9.96 -27.29
C ALA B 352 -27.48 -10.76 -26.72
N TYR B 353 -27.18 -11.93 -26.18
CA TYR B 353 -28.19 -12.83 -25.63
C TYR B 353 -29.26 -13.12 -26.68
N LYS B 354 -28.83 -13.27 -27.93
CA LYS B 354 -29.72 -13.55 -29.05
C LYS B 354 -30.75 -12.44 -29.25
N GLN B 355 -30.39 -11.22 -28.87
CA GLN B 355 -31.22 -10.04 -29.09
C GLN B 355 -30.42 -9.02 -29.90
N GLU B 356 -31.00 -8.56 -31.01
CA GLU B 356 -30.37 -7.51 -31.81
C GLU B 356 -30.57 -6.17 -31.12
N VAL B 357 -29.48 -5.41 -30.96
CA VAL B 357 -29.49 -4.15 -30.23
C VAL B 357 -28.83 -3.08 -31.08
N ASP B 358 -29.49 -1.93 -31.18
CA ASP B 358 -28.95 -0.75 -31.85
C ASP B 358 -28.99 0.39 -30.86
N LEU B 359 -27.81 0.89 -30.47
CA LEU B 359 -27.72 1.91 -29.43
C LEU B 359 -28.04 3.30 -29.94
N TYR B 360 -28.14 3.51 -31.25
CA TYR B 360 -28.55 4.79 -31.78
C TYR B 360 -30.04 5.06 -31.58
N ASN B 361 -30.80 4.04 -31.16
CA ASN B 361 -32.24 4.17 -30.97
C ASN B 361 -32.53 4.26 -29.47
N SER B 362 -33.42 5.18 -29.10
CA SER B 362 -33.77 5.36 -27.70
C SER B 362 -34.39 4.09 -27.11
N LYS B 363 -35.12 3.33 -27.92
CA LYS B 363 -35.76 2.12 -27.43
C LYS B 363 -34.75 1.20 -26.75
N SER B 364 -33.52 1.15 -27.25
CA SER B 364 -32.50 0.28 -26.70
C SER B 364 -32.36 0.45 -25.19
N ILE B 365 -32.80 1.58 -24.64
CA ILE B 365 -32.77 1.79 -23.20
C ILE B 365 -33.26 0.54 -22.48
N ASN B 366 -34.36 -0.05 -22.97
CA ASN B 366 -34.91 -1.25 -22.35
C ASN B 366 -33.79 -2.25 -22.08
N PHE B 367 -33.14 -2.70 -23.15
CA PHE B 367 -32.07 -3.68 -23.01
C PHE B 367 -31.07 -3.22 -21.97
N VAL B 368 -30.61 -1.98 -22.09
CA VAL B 368 -29.60 -1.47 -21.16
C VAL B 368 -30.06 -1.69 -19.73
N GLY B 369 -31.28 -1.26 -19.42
CA GLY B 369 -31.79 -1.42 -18.07
C GLY B 369 -31.69 -2.86 -17.64
N ASN B 370 -32.25 -3.75 -18.46
CA ASN B 370 -32.23 -5.17 -18.12
C ASN B 370 -30.80 -5.66 -17.91
N TYR B 371 -29.89 -5.21 -18.78
CA TYR B 371 -28.50 -5.65 -18.67
C TYR B 371 -27.94 -5.33 -17.29
N TRP B 372 -28.28 -4.17 -16.73
CA TRP B 372 -27.74 -3.78 -15.44
C TRP B 372 -28.53 -4.32 -14.27
N GLN B 373 -29.68 -4.97 -14.53
CA GLN B 373 -30.43 -5.63 -13.48
C GLN B 373 -30.29 -7.14 -13.50
N SER B 374 -29.79 -7.71 -14.60
CA SER B 374 -29.65 -9.16 -14.74
C SER B 374 -30.98 -9.87 -14.48
N ASN B 375 -32.07 -9.26 -14.94
CA ASN B 375 -33.40 -9.79 -14.69
C ASN B 375 -33.72 -10.90 -15.70
N ALA B 376 -34.90 -11.50 -15.55
CA ALA B 376 -35.29 -12.62 -16.39
C ALA B 376 -35.38 -12.20 -17.86
N ASP B 377 -35.92 -11.01 -18.12
CA ASP B 377 -36.13 -10.57 -19.49
C ASP B 377 -34.83 -10.52 -20.29
N LEU B 378 -33.68 -10.42 -19.61
CA LEU B 378 -32.41 -10.38 -20.32
C LEU B 378 -32.10 -11.72 -20.98
N TYR B 379 -32.60 -12.82 -20.41
CA TYR B 379 -32.30 -14.17 -20.89
C TYR B 379 -33.54 -14.86 -21.43
N GLU B 380 -34.46 -14.09 -22.02
CA GLU B 380 -35.71 -14.68 -22.52
C GLU B 380 -35.54 -15.38 -23.85
N LYS B 381 -34.53 -15.03 -24.65
CA LYS B 381 -34.33 -15.61 -25.97
C LYS B 381 -33.28 -16.71 -25.97
N VAL B 382 -32.76 -17.10 -24.81
CA VAL B 382 -31.73 -18.14 -24.74
C VAL B 382 -32.30 -19.34 -23.98
N PRO B 383 -31.79 -20.55 -24.22
CA PRO B 383 -32.31 -21.71 -23.48
C PRO B 383 -32.11 -21.55 -21.99
N LYS B 384 -33.03 -22.13 -21.22
CA LYS B 384 -32.95 -22.10 -19.76
C LYS B 384 -31.56 -22.48 -19.30
N ARG B 385 -30.96 -21.61 -18.49
CA ARG B 385 -29.58 -21.75 -18.05
C ARG B 385 -29.53 -22.15 -16.58
N ASN B 386 -28.79 -23.21 -16.29
CA ASN B 386 -28.50 -23.55 -14.90
C ASN B 386 -27.43 -22.65 -14.30
N TYR B 387 -26.69 -21.93 -15.13
CA TYR B 387 -25.68 -20.98 -14.68
C TYR B 387 -26.23 -19.57 -14.77
N TRP B 388 -26.19 -18.86 -13.66
CA TRP B 388 -26.72 -17.50 -13.59
C TRP B 388 -25.98 -16.73 -12.51
N ARG B 389 -25.67 -15.46 -12.81
CA ARG B 389 -25.03 -14.58 -11.85
C ARG B 389 -25.51 -13.15 -12.07
N SER B 390 -25.66 -12.41 -10.98
CA SER B 390 -26.19 -11.06 -11.01
C SER B 390 -25.10 -10.07 -10.59
N TYR B 391 -24.93 -9.02 -11.39
CA TYR B 391 -23.98 -7.97 -11.03
C TYR B 391 -24.36 -7.30 -9.72
N GLU B 392 -25.65 -6.95 -9.57
CA GLU B 392 -26.09 -6.26 -8.36
C GLU B 392 -25.91 -7.14 -7.13
N ALA B 393 -26.26 -8.42 -7.23
CA ALA B 393 -26.12 -9.30 -6.08
C ALA B 393 -24.66 -9.45 -5.66
N THR B 394 -23.77 -9.63 -6.65
CA THR B 394 -22.35 -9.76 -6.34
C THR B 394 -21.80 -8.49 -5.72
N ALA B 395 -22.18 -7.32 -6.26
CA ALA B 395 -21.73 -6.06 -5.69
C ALA B 395 -22.24 -5.88 -4.27
N ARG B 396 -23.51 -6.24 -4.02
CA ARG B 396 -24.06 -6.15 -2.68
C ARG B 396 -23.30 -7.06 -1.72
N ARG B 397 -22.98 -8.28 -2.16
CA ARG B 397 -22.22 -9.19 -1.30
C ARG B 397 -20.84 -8.62 -0.99
N VAL B 398 -20.17 -8.07 -2.00
CA VAL B 398 -18.83 -7.53 -1.78
C VAL B 398 -18.87 -6.35 -0.82
N LEU B 399 -19.81 -5.43 -1.02
CA LEU B 399 -19.89 -4.23 -0.20
C LEU B 399 -20.48 -4.49 1.19
N GLY B 400 -21.18 -5.61 1.38
CA GLY B 400 -21.75 -5.89 2.68
C GLY B 400 -20.72 -6.11 3.76
N ALA B 401 -19.57 -6.69 3.40
CA ALA B 401 -18.46 -6.94 4.31
C ALA B 401 -18.75 -8.04 5.32
N ALA B 402 -19.72 -8.91 5.02
CA ALA B 402 -19.99 -10.04 5.90
C ALA B 402 -18.85 -11.06 5.78
N PRO B 403 -18.60 -11.85 6.82
CA PRO B 403 -17.53 -12.85 6.75
C PRO B 403 -17.80 -13.85 5.64
N ARG B 404 -16.72 -14.30 4.99
CA ARG B 404 -16.87 -15.21 3.87
C ARG B 404 -17.46 -16.56 4.30
N SER B 405 -17.23 -16.96 5.54
CA SER B 405 -17.82 -18.20 6.03
C SER B 405 -19.35 -18.13 5.99
N SER B 406 -19.91 -16.97 6.30
CA SER B 406 -21.35 -16.80 6.19
C SER B 406 -21.83 -17.09 4.77
N ILE B 407 -21.09 -16.61 3.78
CA ILE B 407 -21.48 -16.84 2.39
C ILE B 407 -21.35 -18.31 2.04
N ASN B 408 -20.22 -18.93 2.41
CA ASN B 408 -19.95 -20.30 1.98
C ASN B 408 -20.93 -21.29 2.59
N TYR B 409 -21.17 -21.19 3.89
CA TYR B 409 -22.06 -22.11 4.58
C TYR B 409 -23.50 -21.67 4.41
N GLU B 410 -24.38 -22.66 4.16
CA GLU B 410 -25.77 -22.38 3.83
C GLU B 410 -26.66 -22.26 5.06
N ASN B 411 -26.39 -23.01 6.13
CA ASN B 411 -27.23 -23.03 7.31
C ASN B 411 -26.89 -21.90 8.29
N MET B 412 -26.18 -20.88 7.84
CA MET B 412 -25.81 -19.77 8.71
C MET B 412 -25.51 -18.55 7.85
N ASN B 413 -26.03 -17.40 8.26
CA ASN B 413 -25.79 -16.15 7.54
C ASN B 413 -25.84 -15.00 8.54
N ILE B 414 -24.87 -14.09 8.42
CA ILE B 414 -24.89 -12.84 9.18
C ILE B 414 -25.59 -11.79 8.32
N PRO B 415 -26.73 -11.26 8.73
CA PRO B 415 -27.47 -10.34 7.86
C PRO B 415 -26.72 -9.04 7.62
N THR B 416 -26.95 -8.46 6.45
CA THR B 416 -26.41 -7.17 6.09
C THR B 416 -27.54 -6.27 5.59
N ALA B 417 -27.36 -4.96 5.73
CA ALA B 417 -28.37 -4.01 5.30
C ALA B 417 -28.65 -4.11 3.80
N LEU B 418 -27.69 -4.58 3.01
CA LEU B 418 -27.86 -4.72 1.57
C LEU B 418 -28.51 -6.04 1.18
N ASP B 419 -28.77 -6.93 2.13
CA ASP B 419 -29.44 -8.19 1.86
C ASP B 419 -30.96 -8.08 1.91
N PHE B 420 -31.49 -6.91 2.30
CA PHE B 420 -32.93 -6.69 2.37
C PHE B 420 -33.29 -5.39 1.68
N TYR B 421 -34.40 -5.40 0.94
CA TYR B 421 -34.91 -4.20 0.32
C TYR B 421 -35.56 -3.26 1.32
N GLN B 422 -35.81 -3.71 2.56
CA GLN B 422 -36.34 -2.83 3.59
C GLN B 422 -35.27 -1.98 4.25
N THR B 423 -33.99 -2.32 4.07
CA THR B 423 -32.90 -1.63 4.74
C THR B 423 -31.76 -1.24 3.81
N SER B 424 -31.90 -1.44 2.50
CA SER B 424 -30.80 -1.13 1.58
C SER B 424 -30.47 0.35 1.59
N LEU B 425 -31.49 1.22 1.61
CA LEU B 425 -31.27 2.64 1.51
C LEU B 425 -30.59 3.24 2.74
N ARG B 426 -30.47 2.47 3.83
CA ARG B 426 -29.75 2.96 5.00
C ARG B 426 -28.24 2.98 4.76
N ASP B 427 -27.72 2.08 3.91
CA ASP B 427 -26.29 1.97 3.69
C ASP B 427 -25.82 2.99 2.65
N PRO B 428 -24.84 3.83 2.96
CA PRO B 428 -24.35 4.79 1.96
C PRO B 428 -23.79 4.13 0.69
N ALA B 429 -23.22 2.93 0.80
CA ALA B 429 -22.59 2.31 -0.36
C ALA B 429 -23.59 2.02 -1.47
N PHE B 430 -24.86 1.81 -1.13
CA PHE B 430 -25.89 1.59 -2.13
C PHE B 430 -25.95 2.74 -3.12
N TYR B 431 -25.94 3.97 -2.61
CA TYR B 431 -26.03 5.15 -3.47
C TYR B 431 -24.82 5.24 -4.38
N GLN B 432 -23.62 4.97 -3.87
CA GLN B 432 -22.42 5.03 -4.70
C GLN B 432 -22.45 3.96 -5.79
N LEU B 433 -22.86 2.75 -5.44
CA LEU B 433 -22.94 1.68 -6.44
C LEU B 433 -23.90 2.03 -7.56
N TYR B 434 -25.10 2.48 -7.20
CA TYR B 434 -26.07 2.80 -8.24
C TYR B 434 -25.72 4.10 -8.97
N ALA B 435 -24.94 4.99 -8.34
CA ALA B 435 -24.41 6.14 -9.07
C ALA B 435 -23.42 5.69 -10.14
N LYS B 436 -22.58 4.72 -9.82
CA LYS B 436 -21.69 4.15 -10.84
C LYS B 436 -22.49 3.54 -11.99
N ILE B 437 -23.54 2.78 -11.64
CA ILE B 437 -24.37 2.17 -12.67
C ILE B 437 -25.01 3.24 -13.55
N LEU B 438 -25.56 4.29 -12.92
CA LEU B 438 -26.18 5.36 -13.70
C LEU B 438 -25.16 6.15 -14.51
N ASP B 439 -23.91 6.24 -14.03
CA ASP B 439 -22.87 6.85 -14.85
C ASP B 439 -22.63 6.06 -16.12
N TYR B 440 -22.58 4.73 -16.01
CA TYR B 440 -22.48 3.90 -17.21
C TYR B 440 -23.68 4.13 -18.12
N ILE B 441 -24.89 4.16 -17.53
CA ILE B 441 -26.08 4.32 -18.36
C ILE B 441 -26.10 5.68 -19.05
N ASN B 442 -25.60 6.73 -18.39
CA ASN B 442 -25.55 8.04 -19.03
C ASN B 442 -24.47 8.08 -20.11
N GLU B 443 -23.36 7.38 -19.89
CA GLU B 443 -22.38 7.24 -20.97
C GLU B 443 -23.03 6.61 -22.19
N TYR B 444 -23.89 5.62 -21.97
CA TYR B 444 -24.69 5.08 -23.07
C TYR B 444 -25.62 6.13 -23.66
N LYS B 445 -26.30 6.88 -22.80
CA LYS B 445 -27.27 7.88 -23.25
C LYS B 445 -26.63 8.91 -24.16
N GLU B 446 -25.35 9.20 -23.98
CA GLU B 446 -24.67 10.18 -24.83
C GLU B 446 -24.85 9.87 -26.31
N TYR B 447 -25.21 8.64 -26.68
CA TYR B 447 -25.43 8.29 -28.07
C TYR B 447 -26.62 9.05 -28.67
N LEU B 448 -27.69 9.23 -27.90
CA LEU B 448 -28.94 9.71 -28.44
C LEU B 448 -28.82 11.14 -28.97
N GLU B 449 -29.55 11.42 -30.04
CA GLU B 449 -29.56 12.76 -30.61
C GLU B 449 -30.36 13.70 -29.72
N PRO B 450 -29.85 14.89 -29.41
CA PRO B 450 -30.60 15.80 -28.54
C PRO B 450 -31.87 16.29 -29.21
N TYR B 451 -32.87 16.60 -28.38
CA TYR B 451 -34.12 17.15 -28.87
C TYR B 451 -33.89 18.46 -29.61
N SER B 452 -34.58 18.64 -30.73
CA SER B 452 -34.45 19.83 -31.54
C SER B 452 -35.46 20.89 -31.10
N GLN B 453 -35.33 22.09 -31.68
CA GLN B 453 -36.26 23.16 -31.38
C GLN B 453 -37.68 22.82 -31.84
N ASP B 454 -37.81 22.19 -33.00
CA ASP B 454 -39.13 21.86 -33.52
C ASP B 454 -39.94 21.03 -32.54
N VAL B 455 -39.27 20.15 -31.80
CA VAL B 455 -39.99 19.31 -30.84
C VAL B 455 -40.17 20.01 -29.50
N LEU B 456 -39.32 20.99 -29.19
CA LEU B 456 -39.38 21.67 -27.90
C LEU B 456 -40.20 22.95 -27.94
N HIS B 457 -40.33 23.58 -29.11
CA HIS B 457 -41.00 24.87 -29.22
C HIS B 457 -42.48 24.66 -29.49
N TYR B 458 -43.32 25.16 -28.59
CA TYR B 458 -44.77 25.12 -28.76
C TYR B 458 -45.21 26.47 -29.33
N VAL B 459 -45.39 26.52 -30.64
CA VAL B 459 -45.71 27.78 -31.32
C VAL B 459 -47.08 28.25 -30.84
N GLY B 460 -47.13 29.49 -30.35
CA GLY B 460 -48.38 30.12 -29.94
C GLY B 460 -48.64 30.12 -28.45
N VAL B 461 -47.77 29.51 -27.65
CA VAL B 461 -47.96 29.44 -26.21
C VAL B 461 -46.75 30.06 -25.52
N LYS B 462 -47.00 31.02 -24.63
CA LYS B 462 -45.96 31.69 -23.88
C LYS B 462 -46.35 31.70 -22.41
N ILE B 463 -45.41 31.33 -21.54
CA ILE B 463 -45.63 31.38 -20.10
C ILE B 463 -45.20 32.77 -19.61
N ASN B 464 -46.13 33.48 -18.98
CA ASN B 464 -45.84 34.85 -18.57
C ASN B 464 -45.18 34.90 -17.19
N ASP B 465 -45.69 34.15 -16.22
CA ASP B 465 -45.13 34.18 -14.88
C ASP B 465 -45.49 32.90 -14.14
N VAL B 466 -44.63 32.56 -13.18
CA VAL B 466 -44.84 31.43 -12.29
C VAL B 466 -44.61 31.93 -10.87
N LYS B 467 -45.64 31.81 -10.03
CA LYS B 467 -45.57 32.21 -8.63
C LYS B 467 -45.73 31.00 -7.73
N VAL B 468 -45.05 31.03 -6.59
CA VAL B 468 -45.08 29.93 -5.63
C VAL B 468 -45.18 30.50 -4.23
N ASP B 469 -46.01 29.87 -3.40
CA ASP B 469 -46.14 30.29 -2.01
C ASP B 469 -44.88 29.93 -1.23
N LYS B 470 -44.84 30.37 0.03
CA LYS B 470 -43.69 30.11 0.88
C LYS B 470 -43.47 28.60 1.04
N LEU B 471 -42.23 28.17 0.89
CA LEU B 471 -41.85 26.77 1.04
C LEU B 471 -41.23 26.59 2.41
N VAL B 472 -41.90 25.83 3.28
CA VAL B 472 -41.51 25.66 4.67
C VAL B 472 -41.46 24.18 4.99
N THR B 473 -40.44 23.78 5.75
CA THR B 473 -40.29 22.41 6.22
C THR B 473 -40.17 22.41 7.74
N TYR B 474 -40.60 21.30 8.35
CA TYR B 474 -40.58 21.18 9.80
C TYR B 474 -40.67 19.72 10.19
N PHE B 475 -40.24 19.42 11.42
CA PHE B 475 -40.34 18.07 11.99
C PHE B 475 -41.61 17.97 12.83
N GLU B 476 -42.28 16.82 12.72
CA GLU B 476 -43.48 16.57 13.50
C GLU B 476 -43.47 15.12 13.97
N TYR B 477 -44.10 14.88 15.11
CA TYR B 477 -44.18 13.52 15.64
C TYR B 477 -45.09 12.65 14.78
N PHE B 478 -44.67 11.40 14.59
CA PHE B 478 -45.45 10.41 13.86
C PHE B 478 -45.44 9.11 14.65
N ASP B 479 -46.63 8.50 14.77
CA ASP B 479 -46.82 7.29 15.53
C ASP B 479 -47.09 6.12 14.58
N TRP B 480 -46.39 5.01 14.80
CA TRP B 480 -46.64 3.80 14.03
C TRP B 480 -46.59 2.57 14.94
N ASN B 481 -47.37 1.57 14.57
CA ASN B 481 -47.59 0.39 15.41
C ASN B 481 -46.47 -0.62 15.18
N ALA B 482 -45.82 -1.04 16.27
CA ALA B 482 -44.70 -1.99 16.21
C ALA B 482 -44.98 -3.25 17.02
N THR B 483 -46.25 -3.65 17.15
CA THR B 483 -46.59 -4.81 17.96
C THR B 483 -46.06 -6.12 17.39
N ASN B 484 -45.85 -6.20 16.08
CA ASN B 484 -45.40 -7.44 15.45
C ASN B 484 -43.96 -7.80 15.79
N ALA B 485 -43.21 -6.89 16.42
CA ALA B 485 -41.81 -7.17 16.73
C ALA B 485 -41.64 -8.08 17.94
N VAL B 486 -42.66 -8.22 18.77
CA VAL B 486 -42.55 -8.98 20.02
C VAL B 486 -43.31 -10.29 19.87
N TYR B 487 -42.98 -11.23 20.75
CA TYR B 487 -43.66 -12.52 20.83
C TYR B 487 -44.68 -12.47 21.95
N LEU B 488 -45.91 -12.88 21.65
CA LEU B 488 -47.03 -12.76 22.58
C LEU B 488 -47.28 -14.07 23.32
N SER B 489 -47.90 -13.94 24.49
CA SER B 489 -48.27 -15.09 25.30
C SER B 489 -49.58 -15.69 24.79
N GLU B 490 -49.93 -16.85 25.34
CA GLU B 490 -51.16 -17.53 24.95
C GLU B 490 -52.37 -16.66 25.27
N GLN B 491 -52.39 -16.07 26.48
CA GLN B 491 -53.53 -15.26 26.89
C GLN B 491 -53.66 -14.02 26.00
N GLN B 492 -52.54 -13.38 25.67
CA GLN B 492 -52.59 -12.23 24.78
C GLN B 492 -53.13 -12.62 23.41
N LEU B 493 -52.68 -13.75 22.87
CA LEU B 493 -53.20 -14.22 21.60
C LEU B 493 -54.70 -14.49 21.68
N ASP B 494 -55.16 -15.06 22.80
CA ASP B 494 -56.56 -15.42 22.94
C ASP B 494 -57.44 -14.19 23.04
N THR B 495 -57.10 -13.27 23.94
CA THR B 495 -57.99 -12.15 24.27
C THR B 495 -57.70 -10.93 23.42
N VAL B 496 -56.45 -10.47 23.40
CA VAL B 496 -56.10 -9.24 22.69
C VAL B 496 -54.61 -9.00 22.85
N SER B 497 -53.98 -8.44 21.80
CA SER B 497 -52.55 -8.16 21.85
C SER B 497 -52.28 -6.80 22.47
N PRO B 498 -51.10 -6.61 23.07
CA PRO B 498 -50.73 -5.28 23.56
C PRO B 498 -50.39 -4.34 22.40
N SER B 499 -50.46 -3.04 22.69
CA SER B 499 -50.22 -1.99 21.71
C SER B 499 -48.94 -1.26 22.08
N TYR B 500 -47.88 -1.47 21.29
CA TYR B 500 -46.61 -0.77 21.43
C TYR B 500 -46.46 0.15 20.22
N ILE B 501 -46.44 1.45 20.46
CA ILE B 501 -46.45 2.45 19.39
C ILE B 501 -45.13 3.22 19.46
N VAL B 502 -44.44 3.29 18.32
CA VAL B 502 -43.21 4.06 18.21
C VAL B 502 -43.56 5.46 17.72
N ARG B 503 -43.13 6.46 18.48
CA ARG B 503 -43.33 7.87 18.17
C ARG B 503 -41.97 8.46 17.80
N GLN B 504 -41.85 8.94 16.57
CA GLN B 504 -40.57 9.46 16.09
C GLN B 504 -40.79 10.75 15.32
N PRO B 505 -39.84 11.67 15.36
CA PRO B 505 -39.93 12.86 14.49
C PRO B 505 -39.79 12.47 13.02
N ARG B 506 -40.51 13.20 12.16
CA ARG B 506 -40.44 13.00 10.73
C ARG B 506 -40.53 14.34 10.02
N LEU B 507 -39.86 14.42 8.87
CA LEU B 507 -39.89 15.62 8.06
C LEU B 507 -41.25 15.80 7.41
N ASN B 508 -41.65 17.06 7.22
CA ASN B 508 -42.89 17.38 6.53
C ASN B 508 -42.80 18.80 6.00
N ASN B 509 -43.66 19.11 5.04
CA ASN B 509 -43.71 20.42 4.40
C ASN B 509 -45.14 20.94 4.42
N LYS B 510 -45.27 22.25 4.61
CA LYS B 510 -46.60 22.86 4.61
C LYS B 510 -47.15 22.93 3.18
N PRO B 511 -48.47 22.93 3.03
CA PRO B 511 -49.05 23.01 1.69
C PRO B 511 -48.65 24.29 0.98
N PHE B 512 -48.48 24.19 -0.35
CA PHE B 512 -48.14 25.34 -1.17
C PHE B 512 -48.77 25.15 -2.56
N THR B 513 -48.95 26.27 -3.26
CA THR B 513 -49.61 26.29 -4.55
C THR B 513 -48.69 26.92 -5.60
N VAL B 514 -48.70 26.34 -6.80
CA VAL B 514 -47.97 26.86 -7.94
C VAL B 514 -48.98 27.50 -8.89
N ASN B 515 -48.80 28.79 -9.17
CA ASN B 515 -49.67 29.53 -10.07
C ASN B 515 -48.90 29.85 -11.35
N ILE B 516 -49.49 29.50 -12.49
CA ILE B 516 -48.85 29.65 -13.80
C ILE B 516 -49.76 30.49 -14.69
N ASP B 517 -49.20 31.51 -15.32
CA ASP B 517 -49.91 32.35 -16.27
C ASP B 517 -49.48 32.02 -17.68
N ILE B 518 -50.44 31.75 -18.55
CA ILE B 518 -50.17 31.30 -19.91
C ILE B 518 -51.00 32.12 -20.88
N LYS B 519 -50.36 32.63 -21.93
CA LYS B 519 -51.04 33.34 -23.01
C LYS B 519 -51.03 32.45 -24.24
N SER B 520 -52.21 32.16 -24.78
CA SER B 520 -52.38 31.23 -25.89
C SER B 520 -53.10 31.92 -27.03
N ASP B 521 -52.57 31.77 -28.24
CA ASP B 521 -53.22 32.34 -29.41
C ASP B 521 -54.42 31.51 -29.84
N VAL B 522 -54.43 30.22 -29.52
CA VAL B 522 -55.48 29.30 -29.96
C VAL B 522 -55.89 28.45 -28.76
N GLU B 523 -57.02 27.75 -28.93
CA GLU B 523 -57.57 26.86 -27.91
C GLU B 523 -57.12 25.44 -28.18
N SER B 524 -56.65 24.74 -27.16
CA SER B 524 -56.14 23.39 -27.37
C SER B 524 -55.88 22.72 -26.03
N GLU B 525 -55.72 21.40 -26.07
CA GLU B 525 -55.31 20.63 -24.90
C GLU B 525 -53.79 20.59 -24.84
N VAL B 526 -53.25 20.74 -23.62
CA VAL B 526 -51.81 20.79 -23.39
C VAL B 526 -51.47 19.91 -22.20
N VAL B 527 -50.19 19.54 -22.13
CA VAL B 527 -49.64 18.79 -21.00
C VAL B 527 -48.62 19.68 -20.32
N VAL B 528 -48.73 19.79 -19.00
CA VAL B 528 -47.87 20.64 -18.18
C VAL B 528 -47.08 19.74 -17.24
N LYS B 529 -45.76 19.95 -17.21
CA LYS B 529 -44.86 19.23 -16.32
C LYS B 529 -44.10 20.22 -15.45
N ILE B 530 -43.98 19.88 -14.17
CA ILE B 530 -43.27 20.67 -13.18
C ILE B 530 -42.19 19.82 -12.56
N PHE B 531 -40.94 20.29 -12.62
CA PHE B 531 -39.77 19.64 -12.07
C PHE B 531 -39.11 20.52 -11.01
N LEU B 532 -38.37 19.88 -10.11
CA LEU B 532 -37.61 20.55 -9.08
C LEU B 532 -36.15 20.15 -9.19
N GLY B 533 -35.24 21.08 -8.92
CA GLY B 533 -33.83 20.81 -9.00
C GLY B 533 -32.97 21.76 -8.18
N PRO B 534 -31.69 21.45 -8.05
CA PRO B 534 -30.78 22.33 -7.30
C PRO B 534 -30.24 23.45 -8.16
N LYS B 535 -29.72 24.48 -7.48
CA LYS B 535 -29.14 25.64 -8.14
C LYS B 535 -27.62 25.66 -8.05
N TYR B 536 -27.08 25.44 -6.85
CA TYR B 536 -25.64 25.45 -6.61
C TYR B 536 -25.16 24.05 -6.23
N ASP B 537 -23.91 23.76 -6.58
CA ASP B 537 -23.31 22.47 -6.28
C ASP B 537 -22.55 22.54 -4.96
N GLY B 538 -21.80 21.49 -4.63
CA GLY B 538 -21.07 21.46 -3.38
C GLY B 538 -20.03 22.56 -3.27
N ASN B 539 -19.44 22.95 -4.38
CA ASN B 539 -18.40 23.98 -4.39
C ASN B 539 -18.96 25.39 -4.43
N GLY B 540 -20.28 25.54 -4.45
CA GLY B 540 -20.90 26.84 -4.39
C GLY B 540 -21.05 27.55 -5.72
N LEU B 541 -20.84 26.85 -6.83
CA LEU B 541 -20.97 27.44 -8.16
C LEU B 541 -22.26 27.00 -8.82
N PRO B 542 -22.88 27.84 -9.65
CA PRO B 542 -24.11 27.43 -10.32
C PRO B 542 -23.88 26.27 -11.27
N ILE B 543 -24.89 25.41 -11.40
CA ILE B 543 -24.83 24.22 -12.23
C ILE B 543 -25.51 24.53 -13.56
N SER B 544 -24.77 24.35 -14.65
CA SER B 544 -25.34 24.52 -15.98
C SER B 544 -26.24 23.33 -16.30
N LEU B 545 -27.20 23.57 -17.19
CA LEU B 545 -28.19 22.53 -17.50
C LEU B 545 -27.54 21.29 -18.09
N GLU B 546 -26.43 21.46 -18.83
CA GLU B 546 -25.75 20.32 -19.43
C GLU B 546 -25.37 19.27 -18.40
N ASP B 547 -25.13 19.69 -17.15
CA ASP B 547 -24.85 18.77 -16.07
C ASP B 547 -26.01 18.63 -15.09
N ASN B 548 -26.97 19.55 -15.11
CA ASN B 548 -28.08 19.54 -14.17
C ASN B 548 -29.30 18.78 -14.68
N TRP B 549 -29.30 18.36 -15.96
CA TRP B 549 -30.46 17.66 -16.49
C TRP B 549 -30.73 16.37 -15.73
N ILE B 550 -29.69 15.69 -15.24
CA ILE B 550 -29.87 14.46 -14.48
C ILE B 550 -30.35 14.70 -13.05
N ASN B 551 -30.18 15.91 -12.53
CA ASN B 551 -30.48 16.20 -11.13
C ASN B 551 -31.90 16.71 -10.90
N PHE B 552 -32.67 16.94 -11.97
CA PHE B 552 -34.03 17.44 -11.82
C PHE B 552 -34.97 16.31 -11.42
N ILE B 553 -35.86 16.61 -10.47
CA ILE B 553 -36.84 15.65 -9.98
C ILE B 553 -38.21 16.07 -10.49
N GLU B 554 -38.92 15.12 -11.10
CA GLU B 554 -40.23 15.40 -11.67
C GLU B 554 -41.27 15.44 -10.56
N LEU B 555 -41.95 16.59 -10.43
CA LEU B 555 -42.95 16.78 -9.39
C LEU B 555 -44.37 16.53 -9.89
N ASP B 556 -44.79 17.24 -10.94
CA ASP B 556 -46.17 17.19 -11.38
C ASP B 556 -46.24 16.98 -12.88
N TRP B 557 -47.34 16.37 -13.33
CA TRP B 557 -47.51 15.97 -14.72
C TRP B 557 -49.01 15.85 -14.96
N PHE B 558 -49.60 16.80 -15.68
CA PHE B 558 -51.06 16.80 -15.80
C PHE B 558 -51.48 17.50 -17.09
N THR B 559 -52.70 17.18 -17.53
CA THR B 559 -53.29 17.78 -18.71
C THR B 559 -54.14 18.98 -18.36
N HIS B 560 -54.38 19.85 -19.35
CA HIS B 560 -55.19 21.04 -19.16
C HIS B 560 -55.73 21.48 -20.50
N LYS B 561 -56.76 22.33 -20.45
CA LYS B 561 -57.37 22.91 -21.64
C LYS B 561 -57.13 24.41 -21.63
N LEU B 562 -56.47 24.93 -22.67
CA LEU B 562 -56.18 26.35 -22.80
C LEU B 562 -57.18 26.98 -23.76
N THR B 563 -57.81 28.05 -23.31
CA THR B 563 -58.68 28.87 -24.15
C THR B 563 -57.89 30.03 -24.72
N SER B 564 -58.39 30.59 -25.82
CA SER B 564 -57.72 31.72 -26.45
C SER B 564 -57.63 32.89 -25.48
N GLY B 565 -56.45 33.49 -25.40
CA GLY B 565 -56.22 34.63 -24.53
C GLY B 565 -55.36 34.29 -23.32
N GLN B 566 -55.72 34.86 -22.18
CA GLN B 566 -54.99 34.65 -20.93
C GLN B 566 -55.62 33.52 -20.14
N ASN B 567 -54.78 32.75 -19.45
CA ASN B 567 -55.24 31.64 -18.63
C ASN B 567 -54.34 31.52 -17.40
N LYS B 568 -54.95 31.13 -16.29
CA LYS B 568 -54.25 30.93 -15.04
C LYS B 568 -54.49 29.51 -14.54
N ILE B 569 -53.43 28.86 -14.08
CA ILE B 569 -53.51 27.48 -13.59
C ILE B 569 -52.97 27.48 -12.16
N ALA B 570 -53.81 27.08 -11.22
CA ALA B 570 -53.43 26.96 -9.81
C ALA B 570 -53.35 25.46 -9.48
N ARG B 571 -52.16 25.01 -9.10
CA ARG B 571 -51.91 23.59 -8.81
C ARG B 571 -51.46 23.46 -7.37
N LYS B 572 -52.21 22.71 -6.58
CA LYS B 572 -51.88 22.52 -5.16
C LYS B 572 -50.98 21.32 -4.98
N SER B 573 -50.03 21.45 -4.05
CA SER B 573 -49.10 20.36 -3.78
C SER B 573 -49.79 19.09 -3.34
N GLU B 574 -51.00 19.19 -2.77
CA GLU B 574 -51.77 18.02 -2.38
C GLU B 574 -52.36 17.29 -3.57
N GLU B 575 -52.11 17.77 -4.81
CA GLU B 575 -52.61 17.12 -6.00
C GLU B 575 -51.52 16.65 -6.95
N PHE B 576 -50.25 16.75 -6.56
CA PHE B 576 -49.16 16.34 -7.45
C PHE B 576 -49.28 14.87 -7.80
N PHE B 577 -48.98 14.57 -9.07
CA PHE B 577 -49.19 13.23 -9.61
C PHE B 577 -48.24 12.20 -8.98
N PHE B 578 -47.00 12.58 -8.69
CA PHE B 578 -45.96 11.63 -8.32
C PHE B 578 -45.78 11.49 -6.82
N PHE B 579 -46.77 11.88 -6.02
CA PHE B 579 -46.66 11.77 -4.57
C PHE B 579 -47.99 11.32 -3.99
N LYS B 580 -47.92 10.67 -2.84
CA LYS B 580 -49.07 10.09 -2.16
C LYS B 580 -49.16 10.59 -0.73
N ASP B 581 -50.23 10.19 -0.05
CA ASP B 581 -50.41 10.49 1.36
C ASP B 581 -49.78 9.39 2.21
N ASP B 582 -49.62 9.68 3.50
CA ASP B 582 -49.06 8.71 4.43
C ASP B 582 -50.03 7.56 4.66
N SER B 583 -49.49 6.36 4.77
CA SER B 583 -50.29 5.18 5.03
C SER B 583 -50.88 5.23 6.44
N VAL B 584 -52.07 4.65 6.59
CA VAL B 584 -52.77 4.65 7.87
C VAL B 584 -52.40 3.40 8.65
N SER B 585 -52.66 3.45 9.94
CA SER B 585 -52.33 2.34 10.83
C SER B 585 -53.39 1.25 10.73
N LEU B 586 -53.06 0.09 11.31
CA LEU B 586 -53.92 -1.08 11.19
C LEU B 586 -55.27 -0.84 11.86
N PHE B 587 -55.27 -0.21 13.04
CA PHE B 587 -56.53 0.03 13.74
C PHE B 587 -57.45 0.92 12.92
N LYS B 588 -56.91 1.96 12.30
CA LYS B 588 -57.72 2.81 11.43
C LYS B 588 -58.21 2.03 10.21
N ILE B 589 -57.41 1.10 9.70
CA ILE B 589 -57.85 0.26 8.60
C ILE B 589 -59.06 -0.56 9.01
N TYR B 590 -59.02 -1.16 10.20
CA TYR B 590 -60.17 -1.92 10.69
C TYR B 590 -61.37 -1.02 10.90
N GLU B 591 -61.15 0.18 11.44
CA GLU B 591 -62.25 1.12 11.67
C GLU B 591 -62.94 1.47 10.35
N LEU B 592 -62.16 1.76 9.31
CA LEU B 592 -62.75 2.10 8.02
C LEU B 592 -63.40 0.89 7.38
N LEU B 593 -62.81 -0.31 7.52
CA LEU B 593 -63.41 -1.51 6.95
C LEU B 593 -64.76 -1.79 7.58
N SER B 594 -64.89 -1.62 8.90
CA SER B 594 -66.16 -1.80 9.56
C SER B 594 -67.23 -0.88 8.99
N ASN B 595 -66.85 0.26 8.44
CA ASN B 595 -67.76 1.19 7.78
C ASN B 595 -67.72 1.05 6.26
N GLY B 596 -67.08 0.01 5.74
CA GLY B 596 -67.07 -0.22 4.31
C GLY B 596 -66.33 0.81 3.49
N GLN B 597 -65.13 1.22 3.94
CA GLN B 597 -64.31 2.14 3.16
C GLN B 597 -62.85 1.75 3.32
N VAL B 598 -62.04 2.19 2.35
CA VAL B 598 -60.61 1.89 2.33
C VAL B 598 -59.83 3.12 1.89
N PRO B 599 -58.56 3.22 2.28
CA PRO B 599 -57.73 4.35 1.83
C PRO B 599 -57.34 4.18 0.38
N SER B 600 -57.68 5.18 -0.45
CA SER B 600 -57.45 5.07 -1.88
C SER B 600 -55.96 5.00 -2.22
N TYR B 601 -55.16 5.85 -1.56
CA TYR B 601 -53.74 5.89 -1.88
C TYR B 601 -53.06 4.56 -1.59
N MET B 602 -53.39 3.94 -0.45
CA MET B 602 -52.85 2.62 -0.16
C MET B 602 -53.39 1.57 -1.12
N VAL B 603 -54.54 1.83 -1.75
CA VAL B 603 -55.10 0.88 -2.69
C VAL B 603 -54.31 0.90 -4.00
N ASP B 604 -54.15 2.09 -4.60
CA ASP B 604 -53.62 2.18 -5.95
C ASP B 604 -52.54 3.24 -6.13
N ARG B 605 -52.14 3.94 -5.07
CA ARG B 605 -51.10 4.96 -5.17
C ARG B 605 -49.94 4.70 -4.23
N TYR B 606 -49.76 3.45 -3.78
CA TYR B 606 -48.71 3.12 -2.82
C TYR B 606 -47.32 3.06 -3.45
N ILE B 607 -47.22 3.15 -4.77
CA ILE B 607 -45.93 3.00 -5.46
C ILE B 607 -45.29 4.36 -5.68
N TYR B 608 -45.77 5.39 -4.98
CA TYR B 608 -45.28 6.75 -5.14
C TYR B 608 -44.68 7.25 -3.83
N LEU B 609 -43.74 8.19 -3.97
CA LEU B 609 -43.07 8.73 -2.80
C LEU B 609 -44.05 9.49 -1.91
N PRO B 610 -43.85 9.49 -0.60
CA PRO B 610 -44.71 10.29 0.28
C PRO B 610 -44.59 11.78 -0.03
N ARG B 611 -45.70 12.49 0.15
CA ARG B 611 -45.71 13.93 -0.11
C ARG B 611 -44.89 14.70 0.92
N ARG B 612 -44.69 14.12 2.10
CA ARG B 612 -43.96 14.83 3.15
C ARG B 612 -42.48 15.00 2.82
N LEU B 613 -41.97 14.28 1.83
CA LEU B 613 -40.54 14.29 1.50
C LEU B 613 -40.24 15.05 0.21
N ILE B 614 -41.13 15.96 -0.18
CA ILE B 614 -40.94 16.70 -1.42
C ILE B 614 -39.76 17.65 -1.31
N LEU B 615 -39.67 18.38 -0.20
CA LEU B 615 -38.71 19.46 -0.08
C LEU B 615 -37.58 19.08 0.88
N PRO B 616 -36.35 19.56 0.64
CA PRO B 616 -35.27 19.34 1.60
C PRO B 616 -35.40 20.24 2.82
N ARG B 617 -34.66 19.88 3.86
CA ARG B 617 -34.68 20.67 5.11
C ARG B 617 -33.72 21.85 5.02
N GLY B 618 -32.42 21.57 4.89
CA GLY B 618 -31.41 22.61 4.88
C GLY B 618 -30.84 22.88 6.25
N THR B 619 -29.52 22.74 6.40
CA THR B 619 -28.85 22.96 7.67
C THR B 619 -28.58 24.44 7.96
N GLN B 620 -28.56 25.29 6.94
CA GLN B 620 -28.38 26.72 7.12
C GLN B 620 -29.70 27.46 7.33
N ARG B 621 -30.81 26.72 7.40
CA ARG B 621 -32.16 27.25 7.61
C ARG B 621 -32.72 27.94 6.37
N GLY B 622 -31.94 28.02 5.29
CA GLY B 622 -32.46 28.52 4.03
C GLY B 622 -31.71 27.88 2.87
N PHE B 623 -32.44 27.30 1.92
CA PHE B 623 -31.82 26.54 0.85
C PHE B 623 -32.39 26.98 -0.51
N PRO B 624 -31.54 27.32 -1.48
CA PRO B 624 -32.04 27.70 -2.80
C PRO B 624 -32.26 26.51 -3.72
N LEU B 625 -33.37 26.55 -4.45
CA LEU B 625 -33.72 25.54 -5.43
C LEU B 625 -34.30 26.23 -6.64
N GLN B 626 -34.57 25.44 -7.68
CA GLN B 626 -35.21 25.96 -8.89
C GLN B 626 -36.31 25.03 -9.36
N LEU B 627 -37.37 25.63 -9.90
CA LEU B 627 -38.50 24.93 -10.46
C LEU B 627 -38.55 25.15 -11.97
N PHE B 628 -38.83 24.09 -12.71
CA PHE B 628 -38.91 24.14 -14.16
C PHE B 628 -40.32 23.75 -14.57
N VAL B 629 -40.96 24.62 -15.37
CA VAL B 629 -42.32 24.39 -15.85
C VAL B 629 -42.28 24.33 -17.37
N VAL B 630 -42.87 23.29 -17.94
CA VAL B 630 -42.89 23.10 -19.39
C VAL B 630 -44.30 22.72 -19.83
N VAL B 631 -44.74 23.30 -20.95
CA VAL B 631 -46.03 23.01 -21.55
C VAL B 631 -45.80 22.54 -22.98
N TYR B 632 -46.43 21.43 -23.35
CA TYR B 632 -46.26 20.88 -24.69
C TYR B 632 -47.59 20.30 -25.15
N PRO B 633 -47.72 19.97 -26.44
CA PRO B 633 -48.99 19.45 -26.94
C PRO B 633 -49.36 18.12 -26.31
N TYR B 634 -50.66 17.86 -26.23
CA TYR B 634 -51.18 16.62 -25.66
C TYR B 634 -51.50 15.62 -26.76
N GLN B 635 -51.07 14.37 -26.57
CA GLN B 635 -51.38 13.27 -27.46
C GLN B 635 -51.77 12.06 -26.62
N ALA B 636 -52.94 11.49 -26.91
CA ALA B 636 -53.44 10.41 -26.10
C ALA B 636 -52.56 9.17 -26.24
N PRO B 637 -52.38 8.39 -25.16
CA PRO B 637 -51.63 7.14 -25.29
C PRO B 637 -52.32 6.17 -26.23
N VAL B 638 -51.53 5.32 -26.88
CA VAL B 638 -52.08 4.30 -27.76
C VAL B 638 -53.10 3.47 -27.01
N LYS B 639 -54.10 2.96 -27.74
CA LYS B 639 -55.24 2.30 -27.10
C LYS B 639 -54.79 1.08 -26.30
N GLU B 640 -53.84 0.31 -26.81
CA GLU B 640 -53.48 -0.94 -26.17
C GLU B 640 -53.04 -0.73 -24.72
N TRP B 641 -52.56 0.47 -24.40
CA TRP B 641 -52.24 0.82 -23.01
C TRP B 641 -53.50 1.32 -22.30
N GLU B 642 -54.59 0.53 -22.37
CA GLU B 642 -55.86 0.98 -21.81
C GLU B 642 -55.94 0.73 -20.31
N SER B 643 -55.47 -0.43 -19.85
CA SER B 643 -55.52 -0.79 -18.43
C SER B 643 -54.38 -0.17 -17.63
N MET B 644 -53.67 0.81 -18.21
CA MET B 644 -52.63 1.55 -17.51
C MET B 644 -52.87 3.05 -17.59
N ARG B 645 -54.12 3.48 -17.81
CA ARG B 645 -54.42 4.89 -17.96
C ARG B 645 -54.14 5.67 -16.68
N GLN B 646 -54.42 5.07 -15.52
CA GLN B 646 -54.24 5.76 -14.24
C GLN B 646 -52.79 6.19 -14.01
N TYR B 647 -51.82 5.54 -14.65
CA TYR B 647 -50.42 5.81 -14.40
C TYR B 647 -49.69 6.46 -15.56
N ILE B 648 -50.31 6.55 -16.73
CA ILE B 648 -49.71 7.19 -17.89
C ILE B 648 -50.62 8.35 -18.30
N VAL B 649 -50.04 9.55 -18.42
CA VAL B 649 -50.79 10.72 -18.84
C VAL B 649 -50.68 10.98 -20.34
N ASP B 650 -49.59 10.57 -20.98
CA ASP B 650 -49.42 10.75 -22.42
C ASP B 650 -48.44 9.68 -22.91
N ASN B 651 -48.01 9.83 -24.16
CA ASN B 651 -47.14 8.85 -24.81
C ASN B 651 -45.67 9.20 -24.71
N LYS B 652 -45.32 10.25 -23.98
CA LYS B 652 -43.92 10.67 -23.91
C LYS B 652 -43.13 9.76 -22.97
N PRO B 653 -41.82 9.61 -23.20
CA PRO B 653 -41.01 8.81 -22.29
C PRO B 653 -40.98 9.41 -20.89
N PHE B 654 -40.84 8.55 -19.89
CA PHE B 654 -40.74 9.01 -18.52
C PHE B 654 -39.53 9.94 -18.37
N GLY B 655 -39.73 11.04 -17.65
CA GLY B 655 -38.70 12.04 -17.48
C GLY B 655 -38.61 13.06 -18.60
N TYR B 656 -39.50 13.00 -19.58
CA TYR B 656 -39.46 13.95 -20.68
C TYR B 656 -39.66 15.36 -20.15
N PRO B 657 -38.92 16.36 -20.65
CA PRO B 657 -37.91 16.30 -21.71
C PRO B 657 -36.50 15.96 -21.19
N PHE B 658 -36.34 15.78 -19.88
CA PHE B 658 -35.03 15.46 -19.30
C PHE B 658 -34.81 13.95 -19.23
N ASP B 659 -34.93 13.28 -20.38
CA ASP B 659 -34.63 11.87 -20.49
C ASP B 659 -33.36 11.59 -21.28
N ARG B 660 -32.80 12.60 -21.95
CA ARG B 660 -31.58 12.46 -22.71
C ARG B 660 -30.70 13.68 -22.47
N PRO B 661 -29.40 13.57 -22.72
CA PRO B 661 -28.50 14.68 -22.40
C PRO B 661 -28.84 15.95 -23.14
N VAL B 662 -28.61 17.08 -22.47
CA VAL B 662 -28.78 18.41 -23.06
C VAL B 662 -27.40 18.89 -23.49
N THR B 663 -27.25 19.20 -24.77
CA THR B 663 -25.98 19.63 -25.34
C THR B 663 -25.92 21.14 -25.54
N LEU B 664 -26.98 21.73 -26.11
CA LEU B 664 -27.04 23.17 -26.34
C LEU B 664 -28.16 23.77 -25.47
N PRO B 665 -27.84 24.33 -24.31
CA PRO B 665 -28.91 24.80 -23.42
C PRO B 665 -29.82 25.86 -24.03
N TYR B 666 -29.34 26.63 -25.01
CA TYR B 666 -30.17 27.70 -25.55
C TYR B 666 -31.37 27.18 -26.34
N TYR B 667 -31.46 25.86 -26.57
CA TYR B 667 -32.68 25.28 -27.12
C TYR B 667 -33.82 25.23 -26.12
N PHE B 668 -33.53 25.34 -24.82
CA PHE B 668 -34.54 25.29 -23.78
C PHE B 668 -35.02 26.67 -23.35
N ASN B 669 -34.53 27.72 -24.00
CA ASN B 669 -35.04 29.07 -23.78
C ASN B 669 -36.26 29.34 -24.67
N GLN B 670 -37.26 28.48 -24.54
CA GLN B 670 -38.46 28.55 -25.37
C GLN B 670 -39.55 29.35 -24.67
N PRO B 671 -40.50 29.89 -25.44
CA PRO B 671 -41.63 30.57 -24.79
C PRO B 671 -42.43 29.69 -23.85
N ASN B 672 -42.54 28.40 -24.15
CA ASN B 672 -43.35 27.48 -23.37
C ASN B 672 -42.58 26.81 -22.24
N MET B 673 -41.45 27.39 -21.82
CA MET B 673 -40.66 26.87 -20.72
C MET B 673 -40.30 28.01 -19.77
N TYR B 674 -40.20 27.68 -18.49
CA TYR B 674 -39.94 28.70 -17.48
C TYR B 674 -39.10 28.11 -16.36
N PHE B 675 -38.04 28.83 -15.98
CA PHE B 675 -37.22 28.51 -14.83
C PHE B 675 -37.44 29.56 -13.75
N LYS B 676 -37.67 29.10 -12.52
CA LYS B 676 -37.94 29.98 -11.38
C LYS B 676 -37.01 29.61 -10.23
N ASP B 677 -36.51 30.62 -9.54
CA ASP B 677 -35.67 30.44 -8.36
C ASP B 677 -36.53 30.57 -7.11
N VAL B 678 -36.40 29.61 -6.20
CA VAL B 678 -37.19 29.57 -4.98
C VAL B 678 -36.28 29.27 -3.80
N TYR B 679 -36.79 29.55 -2.60
CA TYR B 679 -36.07 29.30 -1.36
C TYR B 679 -36.94 28.48 -0.41
N VAL B 680 -36.32 27.52 0.26
CA VAL B 680 -36.98 26.66 1.22
C VAL B 680 -36.46 27.03 2.62
N TYR B 681 -37.37 27.25 3.55
CA TYR B 681 -37.04 27.64 4.91
C TYR B 681 -37.46 26.54 5.88
N GLN B 682 -36.94 26.65 7.10
CA GLN B 682 -37.24 25.70 8.18
C GLN B 682 -37.91 26.44 9.32
N GLU B 683 -38.97 25.85 9.85
CA GLU B 683 -39.70 26.40 10.99
C GLU B 683 -39.58 25.46 12.18
N GLY B 684 -39.30 26.03 13.35
CA GLY B 684 -39.16 25.24 14.56
C GLY B 684 -37.74 24.74 14.78
N GLU B 685 -37.61 23.65 15.51
CA GLU B 685 -36.29 23.11 15.82
C GLU B 685 -35.58 22.67 14.54
N GLN B 686 -34.29 23.01 14.45
CA GLN B 686 -33.52 22.63 13.27
C GLN B 686 -33.15 21.15 13.29
N TYR B 687 -33.04 20.55 14.48
CA TYR B 687 -32.64 19.16 14.62
C TYR B 687 -33.77 18.33 15.21
N PRO B 688 -33.79 17.03 14.93
CA PRO B 688 -34.91 16.18 15.37
C PRO B 688 -34.71 15.47 16.70
N TYR B 689 -33.57 15.63 17.38
CA TYR B 689 -33.27 14.85 18.57
C TYR B 689 -33.75 15.52 19.86
N TYR B 690 -34.37 16.70 19.79
CA TYR B 690 -34.89 17.37 20.99
C TYR B 690 -36.24 16.75 21.37
N ASN B 691 -36.16 15.55 21.95
CA ASN B 691 -37.36 14.80 22.31
C ASN B 691 -37.23 14.17 23.68
N SER B 692 -36.45 14.77 24.58
CA SER B 692 -36.28 14.24 25.92
C SER B 692 -37.45 14.65 26.81
N TYR B 693 -37.47 14.09 28.02
CA TYR B 693 -38.52 14.44 28.97
C TYR B 693 -38.50 15.91 29.32
N TRP B 694 -37.30 16.47 29.53
CA TRP B 694 -37.16 17.86 29.93
C TRP B 694 -37.31 18.83 28.77
N SER B 695 -37.29 18.34 27.53
CA SER B 695 -37.55 19.14 26.35
C SER B 695 -38.95 18.92 25.81
N GLN B 696 -39.88 18.51 26.67
CA GLN B 696 -41.22 18.14 26.24
C GLN B 696 -42.21 18.22 27.39
N GLY C 17 31.85 29.29 -22.73
CA GLY C 17 31.92 29.95 -24.02
C GLY C 17 31.70 29.00 -25.18
N TYR C 18 30.87 29.42 -26.13
CA TYR C 18 30.53 28.62 -27.29
C TYR C 18 30.60 29.50 -28.52
N PRO C 19 30.84 28.91 -29.70
CA PRO C 19 30.83 29.69 -30.94
C PRO C 19 29.42 30.06 -31.37
N GLN C 20 29.35 31.03 -32.28
CA GLN C 20 28.08 31.52 -32.80
C GLN C 20 27.74 30.81 -34.10
N TYR C 21 26.44 30.55 -34.30
CA TYR C 21 25.98 29.82 -35.48
C TYR C 21 25.91 30.75 -36.68
N HIS C 22 26.63 30.40 -37.74
CA HIS C 22 26.58 31.11 -39.00
C HIS C 22 26.47 30.09 -40.13
N TYR C 23 25.45 30.25 -40.98
CA TYR C 23 25.19 29.28 -42.03
C TYR C 23 24.47 29.98 -43.18
N ASP C 24 24.61 29.40 -44.38
CA ASP C 24 23.97 29.94 -45.56
C ASP C 24 22.64 29.24 -45.82
N VAL C 25 21.68 30.01 -46.36
CA VAL C 25 20.32 29.54 -46.53
C VAL C 25 20.13 29.13 -47.98
N GLU C 26 19.62 27.91 -48.19
CA GLU C 26 19.22 27.47 -49.52
C GLU C 26 17.94 28.19 -49.93
N THR C 27 17.98 28.86 -51.07
CA THR C 27 16.87 29.70 -51.52
C THR C 27 16.42 29.29 -52.92
N ARG C 28 15.13 29.44 -53.17
CA ARG C 28 14.54 29.22 -54.48
C ARG C 28 13.67 30.41 -54.83
N LYS C 29 13.62 30.75 -56.12
CA LYS C 29 12.79 31.85 -56.56
C LYS C 29 11.32 31.54 -56.29
N LEU C 30 10.59 32.55 -55.81
CA LEU C 30 9.17 32.42 -55.53
C LEU C 30 8.37 32.76 -56.78
N ASP C 31 7.29 32.03 -57.00
CA ASP C 31 6.41 32.31 -58.13
C ASP C 31 5.86 33.73 -58.01
N PRO C 32 5.99 34.56 -59.04
CA PRO C 32 5.47 35.93 -58.94
C PRO C 32 3.98 35.99 -58.64
N SER C 33 3.21 34.98 -59.01
CA SER C 33 1.79 34.95 -58.70
C SER C 33 1.51 34.75 -57.21
N LEU C 34 2.52 34.37 -56.42
CA LEU C 34 2.35 34.15 -54.99
C LEU C 34 2.95 35.26 -54.14
N LEU C 35 3.40 36.36 -54.76
CA LEU C 35 3.99 37.45 -53.98
C LEU C 35 2.93 38.18 -53.15
N ASN C 36 1.67 38.16 -53.58
CA ASN C 36 0.62 38.85 -52.85
C ASN C 36 0.11 38.04 -51.65
N ILE C 37 -0.04 36.73 -51.81
CA ILE C 37 -0.53 35.90 -50.70
C ILE C 37 0.45 35.93 -49.54
N GLN C 38 1.72 35.65 -49.81
CA GLN C 38 2.72 35.56 -48.77
C GLN C 38 2.64 36.75 -47.82
N THR C 39 2.88 37.95 -48.35
CA THR C 39 2.77 39.18 -47.56
C THR C 39 1.50 39.16 -46.72
N LYS C 40 0.35 38.95 -47.36
CA LYS C 40 -0.91 38.97 -46.63
C LYS C 40 -0.85 38.05 -45.42
N VAL C 41 -0.41 36.80 -45.63
CA VAL C 41 -0.31 35.86 -44.51
C VAL C 41 0.59 36.45 -43.43
N LEU C 42 1.78 36.90 -43.81
CA LEU C 42 2.70 37.45 -42.83
C LEU C 42 2.14 38.69 -42.14
N SER C 43 1.17 39.36 -42.77
CA SER C 43 0.56 40.52 -42.13
C SER C 43 -0.42 40.10 -41.05
N LEU C 44 -1.10 38.97 -41.23
CA LEU C 44 -2.09 38.52 -40.27
C LEU C 44 -1.48 37.82 -39.06
N LEU C 45 -0.19 37.50 -39.11
CA LEU C 45 0.49 36.85 -37.99
C LEU C 45 1.32 37.82 -37.16
N GLU C 46 1.28 39.12 -37.46
CA GLU C 46 2.01 40.10 -36.69
C GLU C 46 1.27 40.39 -35.38
N ASN C 47 1.98 40.29 -34.27
CA ASN C 47 1.41 40.52 -32.94
C ASN C 47 0.01 39.96 -32.83
N TRP C 48 -0.11 38.65 -33.11
CA TRP C 48 -1.42 38.01 -33.15
C TRP C 48 -2.10 38.01 -31.78
N LYS C 49 -1.36 38.21 -30.70
CA LYS C 49 -1.97 38.28 -29.38
C LYS C 49 -2.77 39.56 -29.18
N GLN C 50 -2.61 40.55 -30.06
CA GLN C 50 -3.27 41.84 -29.92
C GLN C 50 -3.96 42.21 -31.22
N VAL C 51 -5.00 43.03 -31.10
CA VAL C 51 -5.76 43.56 -32.23
C VAL C 51 -5.48 45.05 -32.33
N ASN C 52 -5.00 45.47 -33.50
CA ASN C 52 -4.68 46.88 -33.73
C ASN C 52 -5.80 47.52 -34.53
N PRO C 53 -6.55 48.49 -33.99
CA PRO C 53 -7.65 49.07 -34.76
C PRO C 53 -7.20 49.81 -36.02
N ASP C 54 -5.93 50.23 -36.09
CA ASP C 54 -5.45 50.99 -37.24
C ASP C 54 -5.16 50.12 -38.46
N ASP C 55 -5.20 48.80 -38.33
CA ASP C 55 -4.88 47.92 -39.44
C ASP C 55 -6.10 47.70 -40.33
N GLU C 56 -5.84 47.37 -41.60
CA GLU C 56 -6.91 47.12 -42.55
C GLU C 56 -7.75 45.91 -42.14
N TYR C 57 -7.09 44.85 -41.66
CA TYR C 57 -7.82 43.65 -41.28
C TYR C 57 -8.87 43.95 -40.22
N TYR C 58 -8.61 44.93 -39.35
CA TYR C 58 -9.58 45.28 -38.32
C TYR C 58 -10.90 45.71 -38.94
N LYS C 59 -10.85 46.68 -39.86
CA LYS C 59 -12.07 47.13 -40.52
C LYS C 59 -12.70 46.01 -41.33
N ILE C 60 -11.88 45.25 -42.07
CA ILE C 60 -12.43 44.20 -42.92
C ILE C 60 -13.19 43.18 -42.07
N GLY C 61 -12.60 42.74 -40.96
CA GLY C 61 -13.25 41.79 -40.10
C GLY C 61 -14.46 42.36 -39.39
N LYS C 62 -14.38 43.63 -38.97
CA LYS C 62 -15.51 44.25 -38.30
C LYS C 62 -16.73 44.33 -39.22
N GLU C 63 -16.51 44.59 -40.51
CA GLU C 63 -17.62 44.72 -41.44
C GLU C 63 -18.06 43.41 -42.06
N TYR C 64 -17.17 42.41 -42.11
CA TYR C 64 -17.50 41.16 -42.79
C TYR C 64 -18.57 40.38 -42.05
N ASN C 65 -19.50 39.79 -42.81
CA ASN C 65 -20.53 38.91 -42.27
C ASN C 65 -20.50 37.59 -43.03
N VAL C 66 -20.47 36.49 -42.30
CA VAL C 66 -20.28 35.17 -42.91
C VAL C 66 -21.52 34.78 -43.71
N GLU C 67 -22.71 34.95 -43.13
CA GLU C 67 -23.92 34.45 -43.77
C GLU C 67 -24.16 35.12 -45.11
N ALA C 68 -23.96 36.44 -45.19
CA ALA C 68 -24.22 37.15 -46.44
C ALA C 68 -23.35 36.65 -47.58
N ASN C 69 -22.21 36.02 -47.25
CA ASN C 69 -21.30 35.45 -48.25
C ASN C 69 -21.34 33.92 -48.21
N MET C 70 -22.50 33.36 -47.88
CA MET C 70 -22.61 31.90 -47.83
C MET C 70 -22.34 31.27 -49.18
N GLU C 71 -22.53 32.02 -50.26
CA GLU C 71 -22.28 31.50 -51.60
C GLU C 71 -20.79 31.41 -51.92
N SER C 72 -19.93 32.04 -51.11
CA SER C 72 -18.50 32.02 -51.37
C SER C 72 -17.80 30.80 -50.77
N TYR C 73 -18.54 29.90 -50.13
CA TYR C 73 -17.98 28.68 -49.56
C TYR C 73 -18.55 27.48 -50.30
N THR C 74 -17.67 26.55 -50.68
CA THR C 74 -18.11 25.40 -51.45
C THR C 74 -19.17 24.60 -50.71
N ASN C 75 -18.94 24.30 -49.44
CA ASN C 75 -19.88 23.51 -48.64
C ASN C 75 -20.79 24.44 -47.86
N ARG C 76 -22.09 24.12 -47.87
CA ARG C 76 -23.09 24.92 -47.16
C ARG C 76 -23.30 24.47 -45.72
N GLU C 77 -23.18 23.17 -45.44
CA GLU C 77 -23.37 22.69 -44.07
C GLU C 77 -22.30 23.27 -43.14
N VAL C 78 -21.09 23.49 -43.66
CA VAL C 78 -20.03 24.08 -42.86
C VAL C 78 -20.46 25.45 -42.34
N VAL C 79 -21.02 26.28 -43.23
CA VAL C 79 -21.44 27.62 -42.84
C VAL C 79 -22.56 27.56 -41.82
N THR C 80 -23.53 26.66 -42.04
CA THR C 80 -24.65 26.54 -41.11
C THR C 80 -24.18 26.12 -39.73
N GLU C 81 -23.30 25.12 -39.67
CA GLU C 81 -22.79 24.67 -38.37
C GLU C 81 -21.98 25.74 -37.68
N PHE C 82 -21.14 26.47 -38.44
CA PHE C 82 -20.38 27.55 -37.85
C PHE C 82 -21.29 28.64 -37.30
N LEU C 83 -22.34 28.99 -38.05
CA LEU C 83 -23.27 30.01 -37.57
C LEU C 83 -23.99 29.55 -36.32
N SER C 84 -24.40 28.29 -36.28
CA SER C 84 -25.07 27.76 -35.09
C SER C 84 -24.16 27.83 -33.88
N LEU C 85 -22.92 27.36 -34.03
CA LEU C 85 -21.99 27.38 -32.89
C LEU C 85 -21.68 28.81 -32.47
N TYR C 86 -21.52 29.72 -33.43
CA TYR C 86 -21.24 31.11 -33.09
C TYR C 86 -22.40 31.75 -32.35
N LYS C 87 -23.63 31.44 -32.76
CA LYS C 87 -24.80 31.88 -32.00
C LYS C 87 -24.75 31.32 -30.58
N ALA C 88 -24.39 30.04 -30.44
CA ALA C 88 -24.23 29.46 -29.12
C ALA C 88 -23.15 30.18 -28.32
N GLY C 89 -22.15 30.76 -28.98
CA GLY C 89 -21.13 31.53 -28.32
C GLY C 89 -19.80 30.81 -28.18
N PHE C 90 -18.72 31.45 -28.64
CA PHE C 90 -17.38 30.90 -28.53
C PHE C 90 -16.74 31.34 -27.21
N ILE C 91 -15.54 30.81 -26.96
CA ILE C 91 -14.83 31.11 -25.72
C ILE C 91 -14.38 32.57 -25.76
N PRO C 92 -14.24 33.23 -24.61
CA PRO C 92 -13.81 34.62 -24.59
C PRO C 92 -12.31 34.75 -24.90
N LYS C 93 -11.91 35.97 -25.26
CA LYS C 93 -10.51 36.26 -25.53
C LYS C 93 -9.69 36.19 -24.25
N ASN C 94 -8.37 36.08 -24.43
CA ASN C 94 -7.40 36.09 -23.34
C ASN C 94 -7.53 34.87 -22.45
N GLU C 95 -7.75 33.70 -23.04
CA GLU C 95 -7.83 32.44 -22.31
C GLU C 95 -6.99 31.39 -23.02
N VAL C 96 -6.49 30.42 -22.25
CA VAL C 96 -5.66 29.37 -22.81
C VAL C 96 -6.50 28.47 -23.69
N PHE C 97 -6.01 28.19 -24.89
CA PHE C 97 -6.67 27.30 -25.84
C PHE C 97 -5.88 26.01 -26.00
N SER C 98 -6.58 24.89 -26.00
CA SER C 98 -6.00 23.59 -26.25
C SER C 98 -6.95 22.76 -27.08
N ILE C 99 -6.40 22.00 -28.04
CA ILE C 99 -7.23 21.14 -28.89
C ILE C 99 -7.85 19.99 -28.12
N PHE C 100 -7.35 19.69 -26.92
CA PHE C 100 -7.91 18.62 -26.11
C PHE C 100 -9.11 19.05 -25.28
N TYR C 101 -9.38 20.35 -25.21
CA TYR C 101 -10.61 20.83 -24.58
C TYR C 101 -11.76 20.68 -25.56
N GLU C 102 -12.79 19.92 -25.17
CA GLU C 102 -13.76 19.42 -26.13
C GLU C 102 -14.51 20.57 -26.82
N ASN C 103 -15.06 21.50 -26.03
CA ASN C 103 -15.82 22.59 -26.63
C ASN C 103 -14.94 23.46 -27.52
N GLN C 104 -13.73 23.80 -27.03
CA GLN C 104 -12.80 24.56 -27.85
C GLN C 104 -12.42 23.78 -29.09
N ALA C 105 -12.28 22.45 -28.96
CA ALA C 105 -11.95 21.63 -30.13
C ALA C 105 -13.06 21.72 -31.18
N LEU C 106 -14.31 21.61 -30.75
CA LEU C 106 -15.41 21.72 -31.70
C LEU C 106 -15.42 23.08 -32.38
N GLU C 107 -15.27 24.15 -31.59
CA GLU C 107 -15.30 25.49 -32.17
C GLU C 107 -14.17 25.68 -33.17
N VAL C 108 -12.95 25.27 -32.81
CA VAL C 108 -11.81 25.50 -33.68
C VAL C 108 -11.91 24.62 -34.93
N ILE C 109 -12.45 23.41 -34.79
CA ILE C 109 -12.64 22.56 -35.96
C ILE C 109 -13.64 23.19 -36.93
N ALA C 110 -14.74 23.72 -36.38
CA ALA C 110 -15.71 24.40 -37.25
C ALA C 110 -15.07 25.59 -37.95
N LEU C 111 -14.28 26.39 -37.22
CA LEU C 111 -13.62 27.53 -37.83
C LEU C 111 -12.65 27.10 -38.92
N TYR C 112 -11.88 26.04 -38.67
CA TYR C 112 -10.94 25.55 -39.68
C TYR C 112 -11.69 25.05 -40.91
N ARG C 113 -12.80 24.34 -40.72
CA ARG C 113 -13.57 23.86 -41.86
C ARG C 113 -14.12 25.03 -42.67
N LEU C 114 -14.54 26.10 -41.98
CA LEU C 114 -14.96 27.30 -42.70
C LEU C 114 -13.81 27.89 -43.50
N PHE C 115 -12.62 27.93 -42.91
CA PHE C 115 -11.45 28.45 -43.63
C PHE C 115 -11.14 27.61 -44.86
N TYR C 116 -11.18 26.28 -44.73
CA TYR C 116 -10.65 25.40 -45.76
C TYR C 116 -11.52 25.42 -47.02
N TYR C 117 -12.84 25.52 -46.85
CA TYR C 117 -13.76 25.43 -47.97
C TYR C 117 -14.03 26.78 -48.63
N ALA C 118 -13.34 27.83 -48.24
CA ALA C 118 -13.44 29.11 -48.93
C ALA C 118 -13.04 28.92 -50.39
N LYS C 119 -13.86 29.46 -51.30
CA LYS C 119 -13.66 29.20 -52.71
C LYS C 119 -12.39 29.85 -53.24
N ASP C 120 -12.04 31.04 -52.73
CA ASP C 120 -10.90 31.77 -53.24
C ASP C 120 -10.14 32.39 -52.07
N PHE C 121 -8.91 32.83 -52.36
CA PHE C 121 -8.06 33.37 -51.32
C PHE C 121 -8.62 34.66 -50.73
N GLU C 122 -9.38 35.42 -51.51
CA GLU C 122 -9.95 36.67 -51.00
C GLU C 122 -10.95 36.39 -49.88
N THR C 123 -11.85 35.43 -50.11
CA THR C 123 -12.80 35.05 -49.08
C THR C 123 -12.09 34.49 -47.85
N PHE C 124 -11.03 33.71 -48.08
CA PHE C 124 -10.26 33.18 -46.96
C PHE C 124 -9.63 34.29 -46.14
N TYR C 125 -9.08 35.30 -46.80
CA TYR C 125 -8.48 36.43 -46.08
C TYR C 125 -9.54 37.19 -45.29
N LYS C 126 -10.71 37.42 -45.91
CA LYS C 126 -11.78 38.10 -45.19
C LYS C 126 -12.22 37.31 -43.96
N THR C 127 -12.36 35.99 -44.11
CA THR C 127 -12.76 35.16 -42.98
C THR C 127 -11.70 35.17 -41.89
N ALA C 128 -10.42 35.13 -42.28
CA ALA C 128 -9.34 35.19 -41.29
C ALA C 128 -9.35 36.51 -40.54
N ALA C 129 -9.57 37.62 -41.25
CA ALA C 129 -9.67 38.91 -40.58
C ALA C 129 -10.84 38.93 -39.60
N PHE C 130 -11.98 38.40 -40.03
CA PHE C 130 -13.14 38.30 -39.15
C PHE C 130 -12.80 37.50 -37.89
N ALA C 131 -12.15 36.35 -38.07
CA ALA C 131 -11.81 35.50 -36.93
C ALA C 131 -10.86 36.21 -35.98
N ARG C 132 -9.84 36.87 -36.51
CA ARG C 132 -8.90 37.58 -35.64
C ARG C 132 -9.59 38.70 -34.89
N VAL C 133 -10.48 39.44 -35.56
CA VAL C 133 -11.14 40.56 -34.88
C VAL C 133 -12.10 40.06 -33.80
N TRP C 134 -12.80 38.95 -34.04
CA TRP C 134 -13.90 38.54 -33.18
C TRP C 134 -13.59 37.36 -32.26
N LEU C 135 -12.67 36.47 -32.62
CA LEU C 135 -12.50 35.20 -31.94
C LEU C 135 -11.24 35.18 -31.09
N ASN C 136 -11.13 34.12 -30.29
CA ASN C 136 -9.96 33.94 -29.43
C ASN C 136 -8.68 33.86 -30.26
N GLU C 137 -7.63 34.48 -29.77
CA GLU C 137 -6.38 34.54 -30.52
C GLU C 137 -5.78 33.15 -30.75
N GLY C 138 -5.83 32.28 -29.73
CA GLY C 138 -5.24 30.96 -29.89
C GLY C 138 -5.93 30.13 -30.94
N GLN C 139 -7.26 30.08 -30.90
CA GLN C 139 -8.01 29.36 -31.92
C GLN C 139 -7.74 29.94 -33.30
N PHE C 140 -7.71 31.27 -33.40
CA PHE C 140 -7.46 31.91 -34.69
C PHE C 140 -6.11 31.48 -35.25
N VAL C 141 -5.05 31.58 -34.44
CA VAL C 141 -3.72 31.26 -34.94
C VAL C 141 -3.62 29.78 -35.30
N TYR C 142 -4.17 28.90 -34.46
CA TYR C 142 -4.13 27.47 -34.76
C TYR C 142 -4.81 27.18 -36.08
N ALA C 143 -6.06 27.65 -36.24
CA ALA C 143 -6.81 27.37 -37.46
C ALA C 143 -6.14 27.99 -38.68
N PHE C 144 -5.62 29.21 -38.55
CA PHE C 144 -4.99 29.87 -39.68
C PHE C 144 -3.72 29.14 -40.11
N TYR C 145 -2.90 28.71 -39.15
CA TYR C 145 -1.71 27.94 -39.48
C TYR C 145 -2.08 26.65 -40.19
N LEU C 146 -3.07 25.93 -39.66
CA LEU C 146 -3.48 24.68 -40.27
C LEU C 146 -3.99 24.90 -41.70
N ALA C 147 -4.82 25.93 -41.88
CA ALA C 147 -5.38 26.20 -43.20
C ALA C 147 -4.30 26.59 -44.20
N VAL C 148 -3.36 27.44 -43.78
CA VAL C 148 -2.27 27.81 -44.68
C VAL C 148 -1.46 26.58 -45.06
N ILE C 149 -1.24 25.66 -44.11
CA ILE C 149 -0.52 24.45 -44.43
C ILE C 149 -1.32 23.57 -45.40
N HIS C 150 -2.64 23.57 -45.31
CA HIS C 150 -3.45 22.61 -46.07
C HIS C 150 -4.14 23.18 -47.29
N ARG C 151 -4.28 24.50 -47.41
CA ARG C 151 -4.99 25.07 -48.55
C ARG C 151 -4.18 24.91 -49.83
N ALA C 152 -4.90 24.74 -50.95
CA ALA C 152 -4.24 24.48 -52.23
C ALA C 152 -3.57 25.72 -52.79
N ASP C 153 -4.21 26.89 -52.67
CA ASP C 153 -3.67 28.13 -53.23
C ASP C 153 -2.57 28.73 -52.38
N THR C 154 -2.33 28.19 -51.19
CA THR C 154 -1.23 28.64 -50.34
C THR C 154 -0.01 27.74 -50.43
N ARG C 155 0.00 26.78 -51.35
CA ARG C 155 1.14 25.89 -51.49
C ARG C 155 2.30 26.64 -52.13
N GLY C 156 3.41 26.73 -51.42
CA GLY C 156 4.60 27.41 -51.89
C GLY C 156 5.09 28.54 -51.01
N ILE C 157 4.22 29.10 -50.17
CA ILE C 157 4.60 30.19 -49.28
C ILE C 157 5.23 29.60 -48.03
N VAL C 158 5.90 30.47 -47.26
CA VAL C 158 6.64 30.06 -46.07
C VAL C 158 5.97 30.65 -44.84
N LEU C 159 5.85 29.82 -43.80
CA LEU C 159 5.32 30.24 -42.51
C LEU C 159 6.45 30.36 -41.49
N PRO C 160 6.33 31.23 -40.49
CA PRO C 160 7.35 31.30 -39.45
C PRO C 160 7.37 30.03 -38.62
N ALA C 161 8.54 29.76 -38.03
CA ALA C 161 8.70 28.56 -37.23
C ALA C 161 7.80 28.62 -36.01
N PRO C 162 7.36 27.46 -35.51
CA PRO C 162 6.45 27.48 -34.35
C PRO C 162 7.01 28.20 -33.14
N TYR C 163 8.31 28.08 -32.88
CA TYR C 163 8.89 28.72 -31.71
C TYR C 163 8.87 30.24 -31.80
N GLU C 164 8.74 30.80 -33.01
CA GLU C 164 8.55 32.23 -33.17
C GLU C 164 7.09 32.64 -33.12
N ILE C 165 6.16 31.69 -33.27
CA ILE C 165 4.74 32.01 -33.17
C ILE C 165 4.26 31.83 -31.74
N TRP C 166 4.84 30.89 -31.01
CA TRP C 166 4.51 30.62 -29.61
C TRP C 166 5.79 30.59 -28.77
N PRO C 167 6.45 31.73 -28.61
CA PRO C 167 7.72 31.72 -27.85
C PRO C 167 7.57 31.21 -26.42
N GLU C 168 6.43 31.47 -25.79
CA GLU C 168 6.25 31.08 -24.39
C GLU C 168 6.25 29.58 -24.20
N TYR C 169 5.97 28.81 -25.26
CA TYR C 169 5.98 27.35 -25.18
C TYR C 169 7.35 26.74 -25.42
N PHE C 170 8.37 27.56 -25.70
CA PHE C 170 9.70 27.06 -26.03
C PHE C 170 10.79 27.71 -25.17
N MET C 171 10.42 28.28 -24.02
CA MET C 171 11.39 28.89 -23.13
C MET C 171 10.90 28.71 -21.70
N ASN C 172 11.83 28.82 -20.75
CA ASN C 172 11.53 28.69 -19.34
C ASN C 172 11.11 30.03 -18.76
N SER C 173 10.66 29.99 -17.51
CA SER C 173 10.01 31.14 -16.89
C SER C 173 11.00 32.27 -16.61
N ASP C 174 12.27 31.95 -16.36
CA ASP C 174 13.24 32.98 -16.00
C ASP C 174 13.50 33.93 -17.17
N VAL C 175 13.72 33.38 -18.37
CA VAL C 175 13.98 34.22 -19.53
C VAL C 175 12.76 35.05 -19.87
N LEU C 176 11.57 34.45 -19.75
CA LEU C 176 10.34 35.19 -19.99
C LEU C 176 10.18 36.32 -18.97
N SER C 177 10.55 36.07 -17.72
CA SER C 177 10.49 37.11 -16.70
C SER C 177 11.42 38.27 -17.06
N LYS C 178 12.64 37.94 -17.49
CA LYS C 178 13.58 38.99 -17.89
C LYS C 178 13.02 39.80 -19.07
N ILE C 179 12.46 39.11 -20.06
CA ILE C 179 11.91 39.81 -21.22
C ILE C 179 10.76 40.72 -20.82
N TYR C 180 9.86 40.22 -19.94
CA TYR C 180 8.75 41.04 -19.49
C TYR C 180 9.24 42.25 -18.71
N ARG C 181 10.26 42.07 -17.87
CA ARG C 181 10.80 43.20 -17.12
C ARG C 181 11.38 44.25 -18.08
N ILE C 182 12.12 43.80 -19.09
CA ILE C 182 12.68 44.74 -20.06
C ILE C 182 11.58 45.48 -20.79
N GLN C 183 10.53 44.76 -21.20
CA GLN C 183 9.41 45.41 -21.90
C GLN C 183 8.73 46.43 -21.01
N MET C 184 8.49 46.09 -19.74
CA MET C 184 7.85 47.01 -18.82
C MET C 184 8.71 48.25 -18.58
N GLN C 185 10.03 48.07 -18.46
CA GLN C 185 10.94 49.19 -18.24
C GLN C 185 11.28 49.94 -19.52
N LYS C 186 10.95 49.38 -20.68
CA LYS C 186 11.29 49.99 -21.96
C LYS C 186 12.79 50.24 -22.06
N GLY C 187 13.57 49.26 -21.61
CA GLY C 187 15.02 49.31 -21.65
C GLY C 187 15.60 48.94 -20.31
N LEU C 188 16.86 49.32 -20.11
CA LEU C 188 17.60 49.06 -18.88
C LEU C 188 17.78 50.37 -18.13
N ILE C 189 17.40 50.36 -16.84
CA ILE C 189 17.60 51.54 -16.01
C ILE C 189 19.10 51.81 -15.83
N ILE C 190 19.88 50.76 -15.60
CA ILE C 190 21.33 50.86 -15.47
C ILE C 190 21.94 49.91 -16.50
N PRO C 191 22.24 50.38 -17.72
CA PRO C 191 22.67 49.43 -18.76
C PRO C 191 23.94 48.67 -18.41
N GLU C 192 24.85 49.29 -17.65
CA GLU C 192 26.13 48.65 -17.36
C GLU C 192 25.97 47.33 -16.61
N GLN C 193 24.87 47.16 -15.88
CA GLN C 193 24.67 45.95 -15.08
C GLN C 193 23.91 44.86 -15.84
N GLY C 194 23.50 45.11 -17.08
CA GLY C 194 22.75 44.15 -17.83
C GLY C 194 23.52 42.87 -18.14
N PRO C 195 24.77 43.01 -18.60
CA PRO C 195 25.54 41.80 -18.94
C PRO C 195 25.71 40.83 -17.79
N TYR C 196 25.81 41.33 -16.56
CA TYR C 196 25.96 40.44 -15.40
C TYR C 196 24.74 39.57 -15.16
N TYR C 197 23.60 39.88 -15.77
CA TYR C 197 22.40 39.08 -15.64
C TYR C 197 21.98 38.41 -16.95
N GLY C 198 22.87 38.41 -17.95
CA GLY C 198 22.57 37.72 -19.20
C GLY C 198 21.76 38.52 -20.19
N ILE C 199 21.75 39.84 -20.09
CA ILE C 199 21.01 40.70 -20.99
C ILE C 199 22.01 41.60 -21.71
N LEU C 200 22.03 41.53 -23.04
CA LEU C 200 22.93 42.32 -23.86
C LEU C 200 22.13 43.26 -24.74
N SER C 201 22.47 44.55 -24.68
CA SER C 201 21.84 45.56 -25.53
C SER C 201 22.77 45.86 -26.69
N LYS C 202 22.35 45.50 -27.90
CA LYS C 202 23.21 45.67 -29.07
C LYS C 202 22.34 45.80 -30.31
N ASP C 203 22.74 46.71 -31.19
CA ASP C 203 22.12 46.85 -32.52
C ASP C 203 20.60 46.96 -32.42
N ASN C 204 20.15 47.88 -31.59
CA ASN C 204 18.73 48.20 -31.45
C ASN C 204 17.93 47.04 -30.87
N ALA C 205 18.59 45.95 -30.47
CA ALA C 205 17.91 44.76 -29.99
C ALA C 205 18.46 44.36 -28.63
N TYR C 206 17.74 43.46 -27.97
CA TYR C 206 18.10 42.92 -26.67
C TYR C 206 18.22 41.41 -26.78
N TYR C 207 19.40 40.89 -26.45
CA TYR C 207 19.67 39.46 -26.49
C TYR C 207 19.66 38.91 -25.06
N PHE C 208 18.91 37.82 -24.87
CA PHE C 208 18.78 37.17 -23.58
C PHE C 208 19.36 35.78 -23.67
N TYR C 209 20.37 35.49 -22.85
CA TYR C 209 20.96 34.16 -22.80
C TYR C 209 20.04 33.22 -22.04
N ALA C 210 19.79 32.03 -22.60
CA ALA C 210 18.82 31.10 -22.06
C ALA C 210 19.50 29.79 -21.71
N ASN C 211 19.17 29.24 -20.54
CA ASN C 211 19.65 27.93 -20.12
C ASN C 211 18.58 26.88 -20.45
N TYR C 212 18.87 25.62 -20.13
CA TYR C 212 17.88 24.55 -20.17
C TYR C 212 17.47 24.18 -18.75
N SER C 213 16.39 23.41 -18.64
CA SER C 213 15.86 23.04 -17.34
C SER C 213 16.86 22.18 -16.58
N GLY C 214 16.87 22.34 -15.25
CA GLY C 214 17.80 21.65 -14.40
C GLY C 214 17.15 20.54 -13.59
N PRO C 215 17.83 20.07 -12.54
CA PRO C 215 17.28 18.96 -11.74
C PRO C 215 15.98 19.29 -11.05
N LEU C 216 15.66 20.57 -10.83
CA LEU C 216 14.38 20.91 -10.22
C LEU C 216 13.21 20.39 -11.04
N THR C 217 13.35 20.43 -12.37
CA THR C 217 12.25 19.99 -13.24
C THR C 217 12.27 18.49 -13.46
N TYR C 218 13.45 17.90 -13.66
CA TYR C 218 13.58 16.48 -13.97
C TYR C 218 14.34 15.77 -12.86
N GLU C 219 13.92 14.54 -12.57
CA GLU C 219 14.54 13.69 -11.56
C GLU C 219 15.27 12.53 -12.23
N ASP C 220 15.93 11.72 -11.40
CA ASP C 220 16.62 10.52 -11.86
C ASP C 220 17.65 10.83 -12.95
N ASN C 221 18.32 11.98 -12.80
CA ASN C 221 19.41 12.41 -13.67
C ASN C 221 18.96 12.64 -15.11
N GLU C 222 17.66 12.74 -15.37
CA GLU C 222 17.19 12.93 -16.73
C GLU C 222 17.51 14.32 -17.27
N ASN C 223 17.73 15.30 -16.39
CA ASN C 223 18.05 16.65 -16.85
C ASN C 223 19.28 16.68 -17.73
N LEU C 224 20.14 15.66 -17.62
CA LEU C 224 21.32 15.59 -18.49
C LEU C 224 20.93 15.70 -19.95
N LEU C 225 19.79 15.14 -20.34
CA LEU C 225 19.35 15.18 -21.73
C LEU C 225 18.32 16.26 -22.00
N SER C 226 18.15 17.22 -21.07
CA SER C 226 17.20 18.30 -21.29
C SER C 226 17.47 19.00 -22.62
N TYR C 227 18.74 19.31 -22.89
CA TYR C 227 19.10 20.00 -24.13
C TYR C 227 18.46 19.35 -25.34
N PHE C 228 18.24 18.04 -25.30
CA PHE C 228 17.64 17.35 -26.43
C PHE C 228 16.12 17.39 -26.40
N ILE C 229 15.51 17.17 -25.23
CA ILE C 229 14.05 17.08 -25.17
C ILE C 229 13.39 18.45 -25.09
N GLU C 230 14.14 19.50 -24.75
CA GLU C 230 13.64 20.86 -24.76
C GLU C 230 14.09 21.64 -25.99
N ASP C 231 14.73 20.98 -26.95
CA ASP C 231 15.16 21.66 -28.16
C ASP C 231 13.96 22.14 -28.95
N ILE C 232 14.08 23.35 -29.52
CA ILE C 232 12.96 23.93 -30.25
C ILE C 232 12.64 23.11 -31.49
N GLY C 233 13.67 22.59 -32.16
CA GLY C 233 13.44 21.81 -33.37
C GLY C 233 12.65 20.53 -33.10
N TRP C 234 12.92 19.88 -31.96
CA TRP C 234 12.24 18.65 -31.61
C TRP C 234 10.73 18.87 -31.47
N ASN C 235 10.34 19.84 -30.64
CA ASN C 235 8.94 20.13 -30.43
C ASN C 235 8.30 20.70 -31.69
N SER C 236 9.03 21.50 -32.45
CA SER C 236 8.50 22.02 -33.71
C SER C 236 8.23 20.90 -34.70
N TYR C 237 9.11 19.90 -34.74
CA TYR C 237 8.87 18.74 -35.59
C TYR C 237 7.61 18.00 -35.17
N TYR C 238 7.43 17.82 -33.87
CA TYR C 238 6.20 17.16 -33.42
C TYR C 238 4.97 17.98 -33.80
N TYR C 239 5.03 19.29 -33.63
CA TYR C 239 3.89 20.15 -33.98
C TYR C 239 3.61 20.10 -35.48
N TYR C 240 4.66 20.10 -36.30
CA TYR C 240 4.47 19.96 -37.74
C TYR C 240 3.82 18.63 -38.08
N PHE C 241 4.27 17.55 -37.43
CA PHE C 241 3.63 16.25 -37.67
C PHE C 241 2.15 16.30 -37.32
N HIS C 242 1.80 16.93 -36.21
CA HIS C 242 0.38 17.05 -35.85
C HIS C 242 -0.38 17.85 -36.90
N ASN C 243 0.17 18.97 -37.33
CA ASN C 243 -0.53 19.85 -38.27
C ASN C 243 -0.73 19.16 -39.62
N ARG C 244 0.25 18.41 -40.08
CA ARG C 244 0.12 17.76 -41.38
C ARG C 244 -0.85 16.58 -41.33
N PHE C 245 -0.96 15.90 -40.19
CA PHE C 245 -1.85 14.74 -40.05
C PHE C 245 -2.66 14.88 -38.77
N PRO C 246 -3.58 15.85 -38.73
CA PRO C 246 -4.46 15.95 -37.57
C PRO C 246 -5.33 14.72 -37.42
N PHE C 247 -5.58 14.33 -36.17
CA PHE C 247 -6.34 13.11 -35.90
C PHE C 247 -7.81 13.28 -36.19
N TRP C 248 -8.35 14.50 -36.03
CA TRP C 248 -9.78 14.74 -36.21
C TRP C 248 -10.18 14.96 -37.66
N GLU C 249 -9.22 15.02 -38.58
CA GLU C 249 -9.53 15.23 -39.99
C GLU C 249 -9.52 13.91 -40.75
N ASN C 250 -10.35 13.85 -41.78
CA ASN C 250 -10.45 12.66 -42.63
C ASN C 250 -9.21 12.52 -43.50
N GLY C 251 -8.83 11.27 -43.75
CA GLY C 251 -7.59 11.01 -44.46
C GLY C 251 -7.60 11.53 -45.89
N GLU C 252 -8.76 11.51 -46.55
CA GLU C 252 -8.82 11.92 -47.95
C GLU C 252 -8.33 13.35 -48.13
N GLN C 253 -8.79 14.27 -47.28
CA GLN C 253 -8.32 15.64 -47.35
C GLN C 253 -6.84 15.72 -47.03
N LEU C 254 -6.39 14.94 -46.03
CA LEU C 254 -4.98 14.98 -45.63
C LEU C 254 -4.09 14.36 -46.70
N ILE C 255 -4.31 13.09 -47.02
CA ILE C 255 -3.53 12.38 -48.03
C ILE C 255 -4.52 11.75 -49.00
N GLY C 256 -4.48 12.17 -50.26
CA GLY C 256 -5.40 11.68 -51.25
C GLY C 256 -5.01 10.34 -51.83
N PRO C 257 -3.82 10.27 -52.43
CA PRO C 257 -3.44 9.03 -53.11
C PRO C 257 -2.98 7.91 -52.18
N LEU C 258 -2.36 8.23 -51.05
CA LEU C 258 -1.83 7.21 -50.16
C LEU C 258 -2.54 7.23 -48.80
N LYS C 259 -3.86 7.42 -48.82
CA LYS C 259 -4.63 7.45 -47.59
C LYS C 259 -4.56 6.14 -46.83
N GLU C 260 -4.54 5.02 -47.55
CA GLU C 260 -4.57 3.71 -46.91
C GLU C 260 -3.31 3.44 -46.09
N ARG C 261 -2.26 4.25 -46.26
CA ARG C 261 -1.02 4.10 -45.51
C ARG C 261 -0.99 4.97 -44.27
N ARG C 262 -2.10 5.65 -43.94
CA ARG C 262 -2.10 6.57 -42.82
C ARG C 262 -1.59 5.90 -41.55
N GLY C 263 -2.17 4.75 -41.19
CA GLY C 263 -1.71 4.05 -40.00
C GLY C 263 -0.22 3.76 -40.04
N GLU C 264 0.27 3.30 -41.19
CA GLU C 264 1.70 3.05 -41.33
C GLU C 264 2.50 4.28 -40.93
N ILE C 265 2.09 5.44 -41.43
CA ILE C 265 2.79 6.68 -41.07
C ILE C 265 2.76 6.86 -39.55
N TYR C 266 1.59 6.65 -38.95
CA TYR C 266 1.48 6.78 -37.50
C TYR C 266 2.50 5.89 -36.80
N TYR C 267 2.76 4.70 -37.35
CA TYR C 267 3.75 3.81 -36.74
C TYR C 267 5.17 4.27 -37.03
N TYR C 268 5.41 4.81 -38.23
CA TYR C 268 6.79 5.12 -38.62
C TYR C 268 7.33 6.31 -37.83
N VAL C 269 6.51 7.35 -37.63
CA VAL C 269 6.99 8.56 -36.97
C VAL C 269 7.30 8.27 -35.50
N TYR C 270 6.32 7.76 -34.76
CA TYR C 270 6.52 7.53 -33.34
C TYR C 270 7.67 6.56 -33.09
N GLN C 271 7.71 5.46 -33.85
CA GLN C 271 8.82 4.53 -33.72
C GLN C 271 10.15 5.24 -33.85
N LYS C 272 10.24 6.22 -34.75
CA LYS C 272 11.46 7.02 -34.86
C LYS C 272 11.66 7.89 -33.63
N ILE C 273 10.60 8.62 -33.23
CA ILE C 273 10.73 9.58 -32.14
C ILE C 273 11.27 8.90 -30.89
N LEU C 274 10.70 7.75 -30.54
CA LEU C 274 11.19 7.00 -29.39
C LEU C 274 12.62 6.55 -29.60
N ALA C 275 12.91 5.97 -30.77
CA ALA C 275 14.22 5.38 -30.99
C ALA C 275 15.32 6.40 -30.75
N ARG C 276 15.24 7.54 -31.43
CA ARG C 276 16.21 8.62 -31.21
C ARG C 276 16.29 8.94 -29.72
N TYR C 277 15.14 9.14 -29.09
CA TYR C 277 15.13 9.41 -27.66
C TYR C 277 15.90 8.35 -26.90
N TYR C 278 15.59 7.08 -27.17
CA TYR C 278 16.31 5.99 -26.51
C TYR C 278 17.81 6.13 -26.73
N LEU C 279 18.22 6.43 -27.97
CA LEU C 279 19.63 6.61 -28.25
C LEU C 279 20.23 7.65 -27.32
N GLU C 280 19.55 8.78 -27.15
CA GLU C 280 20.07 9.82 -26.27
C GLU C 280 20.22 9.30 -24.85
N ARG C 281 19.24 8.52 -24.38
CA ARG C 281 19.35 7.94 -23.05
C ARG C 281 20.61 7.09 -22.94
N LEU C 282 20.95 6.36 -24.01
CA LEU C 282 22.17 5.58 -23.99
C LEU C 282 23.41 6.47 -23.98
N ALA C 283 23.32 7.63 -24.63
CA ALA C 283 24.45 8.54 -24.67
C ALA C 283 24.75 9.13 -23.29
N ASN C 284 23.71 9.34 -22.48
CA ASN C 284 23.86 9.91 -21.15
C ASN C 284 23.84 8.85 -20.05
N GLY C 285 23.86 7.57 -20.41
CA GLY C 285 23.89 6.50 -19.42
C GLY C 285 22.65 6.44 -18.54
N LEU C 286 21.48 6.60 -19.14
CA LEU C 286 20.22 6.56 -18.40
C LEU C 286 19.45 5.27 -18.58
N GLY C 287 19.82 4.43 -19.54
CA GLY C 287 19.19 3.14 -19.70
C GLY C 287 17.94 3.18 -20.58
N GLU C 288 17.11 2.16 -20.41
CA GLU C 288 15.93 1.95 -21.22
C GLU C 288 14.75 2.78 -20.71
N ILE C 289 13.73 2.90 -21.56
CA ILE C 289 12.53 3.66 -21.19
C ILE C 289 11.73 2.87 -20.16
N PRO C 290 11.37 3.45 -19.01
CA PRO C 290 10.63 2.69 -18.01
C PRO C 290 9.24 2.29 -18.49
N ARG C 291 8.77 1.16 -17.96
CA ARG C 291 7.39 0.72 -18.12
C ARG C 291 6.65 0.91 -16.82
N PHE C 292 5.33 1.12 -16.92
CA PHE C 292 4.53 1.45 -15.75
C PHE C 292 3.20 0.70 -15.82
N ASN C 293 2.54 0.64 -14.66
CA ASN C 293 1.24 0.02 -14.52
C ASN C 293 0.22 1.09 -14.15
N TRP C 294 -0.93 1.08 -14.83
CA TRP C 294 -1.93 2.11 -14.60
C TRP C 294 -2.45 2.09 -13.17
N LEU C 295 -2.62 0.90 -12.60
CA LEU C 295 -3.19 0.74 -11.26
C LEU C 295 -2.14 0.82 -10.15
N ASP C 296 -1.00 1.46 -10.41
CA ASP C 296 0.07 1.60 -9.43
C ASP C 296 0.59 3.03 -9.46
N LYS C 297 1.23 3.44 -8.35
CA LYS C 297 1.79 4.77 -8.24
C LYS C 297 2.79 5.04 -9.36
N TYR C 298 2.71 6.22 -9.95
CA TYR C 298 3.62 6.63 -11.02
C TYR C 298 4.87 7.24 -10.41
N GLN C 299 6.03 6.74 -10.82
CA GLN C 299 7.28 7.01 -10.15
C GLN C 299 8.06 8.18 -10.76
N THR C 300 7.70 8.62 -11.96
CA THR C 300 8.40 9.70 -12.65
C THR C 300 7.68 11.01 -12.37
N SER C 301 8.38 11.95 -11.76
CA SER C 301 7.83 13.27 -11.46
C SER C 301 8.21 14.27 -12.54
N TYR C 302 7.58 15.45 -12.49
CA TYR C 302 7.82 16.49 -13.48
C TYR C 302 7.32 17.81 -12.91
N TYR C 303 8.21 18.82 -12.90
CA TYR C 303 7.92 20.14 -12.36
C TYR C 303 8.26 21.19 -13.42
N PRO C 304 7.39 21.36 -14.42
CA PRO C 304 7.71 22.31 -15.49
C PRO C 304 7.69 23.76 -15.02
N LEU C 305 8.67 24.52 -15.47
CA LEU C 305 8.71 25.96 -15.24
C LEU C 305 8.12 26.72 -16.42
N LEU C 306 6.90 26.34 -16.82
CA LEU C 306 6.21 26.91 -17.96
C LEU C 306 4.92 27.57 -17.50
N SER C 307 4.52 28.63 -18.20
CA SER C 307 3.31 29.36 -17.86
C SER C 307 2.73 29.98 -19.11
N SER C 308 1.40 29.97 -19.19
CA SER C 308 0.66 30.62 -20.26
C SER C 308 -0.35 31.58 -19.64
N TYR C 309 -0.28 32.84 -20.03
CA TYR C 309 -1.11 33.89 -19.43
C TYR C 309 -0.90 33.93 -17.91
N GLN C 310 0.34 33.72 -17.49
CA GLN C 310 0.76 33.70 -16.09
C GLN C 310 0.13 32.54 -15.31
N LEU C 311 -0.53 31.61 -15.98
CA LEU C 311 -1.09 30.44 -15.31
C LEU C 311 -0.06 29.33 -15.31
N PRO C 312 0.38 28.84 -14.15
CA PRO C 312 1.44 27.82 -14.14
C PRO C 312 0.95 26.50 -14.73
N PHE C 313 1.89 25.78 -15.35
CA PHE C 313 1.61 24.45 -15.84
C PHE C 313 1.49 23.46 -14.67
N ALA C 314 0.68 22.43 -14.87
CA ALA C 314 0.46 21.44 -13.83
C ALA C 314 1.77 20.73 -13.49
N GLN C 315 1.96 20.46 -12.20
CA GLN C 315 3.14 19.76 -11.71
C GLN C 315 2.71 18.38 -11.19
N ARG C 316 3.44 17.35 -11.60
CA ARG C 316 3.16 15.97 -11.18
C ARG C 316 4.14 15.60 -10.09
N ASN C 317 3.63 15.37 -8.89
CA ASN C 317 4.48 14.95 -7.78
C ASN C 317 4.91 13.50 -7.96
N ASP C 318 6.05 13.17 -7.35
CA ASP C 318 6.55 11.80 -7.41
C ASP C 318 5.60 10.86 -6.67
N ASP C 319 5.48 9.64 -7.19
CA ASP C 319 4.60 8.63 -6.60
C ASP C 319 3.13 9.06 -6.67
N TYR C 320 2.76 9.71 -7.76
CA TYR C 320 1.38 10.13 -7.95
C TYR C 320 0.50 8.92 -8.28
N TYR C 321 -0.62 8.80 -7.57
CA TYR C 321 -1.53 7.69 -7.75
C TYR C 321 -2.54 8.02 -8.84
N LEU C 322 -2.58 7.21 -9.89
CA LEU C 322 -3.40 7.49 -11.05
C LEU C 322 -4.81 6.91 -10.97
N ALA C 323 -5.05 5.96 -10.08
CA ALA C 323 -6.32 5.23 -10.02
C ALA C 323 -7.21 5.72 -8.89
N SER C 324 -7.22 7.02 -8.62
CA SER C 324 -8.15 7.57 -7.64
C SER C 324 -9.58 7.49 -8.18
N GLY C 325 -10.53 7.65 -7.27
CA GLY C 325 -11.93 7.55 -7.66
C GLY C 325 -12.30 8.53 -8.75
N ASP C 326 -11.83 9.78 -8.64
CA ASP C 326 -12.19 10.81 -9.61
C ASP C 326 -11.84 10.38 -11.03
N ASN C 327 -10.72 9.70 -11.21
CA ASN C 327 -10.29 9.26 -12.54
C ASN C 327 -10.73 7.84 -12.86
N ILE C 328 -11.41 7.15 -11.95
CA ILE C 328 -11.60 5.70 -12.10
C ILE C 328 -12.24 5.39 -13.44
N ASN C 329 -13.32 6.11 -13.79
CA ASN C 329 -13.98 5.88 -15.07
C ASN C 329 -12.96 5.88 -16.21
N ASP C 330 -12.20 6.96 -16.33
CA ASP C 330 -11.20 7.04 -17.38
C ASP C 330 -10.31 5.81 -17.36
N ILE C 331 -9.77 5.46 -16.19
CA ILE C 331 -8.90 4.30 -16.07
C ILE C 331 -9.57 3.10 -16.72
N GLN C 332 -10.81 2.82 -16.33
CA GLN C 332 -11.50 1.66 -16.87
C GLN C 332 -11.47 1.68 -18.38
N PHE C 333 -11.88 2.80 -18.97
CA PHE C 333 -11.89 2.88 -20.43
C PHE C 333 -10.52 2.51 -20.98
N ILE C 334 -9.48 3.16 -20.46
CA ILE C 334 -8.12 2.84 -20.90
C ILE C 334 -7.92 1.33 -20.87
N ASP C 335 -8.10 0.73 -19.69
CA ASP C 335 -7.88 -0.71 -19.57
C ASP C 335 -8.69 -1.45 -20.62
N THR C 336 -9.99 -1.15 -20.71
CA THR C 336 -10.83 -1.87 -21.66
C THR C 336 -10.23 -1.80 -23.04
N TYR C 337 -9.86 -0.60 -23.49
CA TYR C 337 -9.26 -0.45 -24.81
C TYR C 337 -8.14 -1.45 -24.99
N GLU C 338 -7.16 -1.42 -24.10
CA GLU C 338 -6.04 -2.34 -24.21
C GLU C 338 -6.53 -3.78 -24.30
N LYS C 339 -7.41 -4.17 -23.36
CA LYS C 339 -7.91 -5.53 -23.37
C LYS C 339 -8.45 -5.89 -24.75
N THR C 340 -9.28 -5.01 -25.32
CA THR C 340 -9.88 -5.30 -26.61
C THR C 340 -8.82 -5.67 -27.63
N PHE C 341 -7.76 -4.89 -27.72
CA PHE C 341 -6.73 -5.16 -28.71
C PHE C 341 -6.17 -6.56 -28.53
N LEU C 342 -5.87 -6.95 -27.29
CA LEU C 342 -5.34 -8.27 -27.05
C LEU C 342 -6.31 -9.34 -27.55
N GLN C 343 -7.61 -9.15 -27.29
CA GLN C 343 -8.59 -10.11 -27.78
C GLN C 343 -8.51 -10.21 -29.30
N LEU C 344 -8.35 -9.08 -29.98
CA LEU C 344 -8.21 -9.11 -31.43
C LEU C 344 -7.01 -9.97 -31.84
N LEU C 345 -5.90 -9.85 -31.11
CA LEU C 345 -4.73 -10.65 -31.45
C LEU C 345 -5.03 -12.14 -31.34
N GLN C 346 -5.95 -12.53 -30.47
CA GLN C 346 -6.34 -13.93 -30.39
C GLN C 346 -7.26 -14.33 -31.54
N LYS C 347 -8.07 -13.39 -32.05
CA LYS C 347 -8.97 -13.70 -33.14
C LYS C 347 -8.25 -13.80 -34.47
N GLY C 348 -7.26 -12.94 -34.69
CA GLY C 348 -6.52 -12.94 -35.95
C GLY C 348 -7.25 -12.33 -37.12
N GLN C 349 -8.43 -12.87 -37.46
CA GLN C 349 -9.28 -12.34 -38.52
C GLN C 349 -10.64 -12.05 -37.93
N PHE C 350 -11.17 -10.86 -38.19
CA PHE C 350 -12.39 -10.42 -37.53
C PHE C 350 -12.98 -9.24 -38.29
N LYS C 351 -14.02 -8.64 -37.71
CA LYS C 351 -14.65 -7.44 -38.26
C LYS C 351 -14.86 -6.46 -37.12
N ALA C 352 -14.27 -5.27 -37.24
CA ALA C 352 -14.37 -4.25 -36.22
C ALA C 352 -14.73 -2.92 -36.87
N TYR C 353 -15.69 -2.21 -36.26
CA TYR C 353 -16.17 -0.95 -36.79
C TYR C 353 -16.63 -1.11 -38.24
N LYS C 354 -17.25 -2.24 -38.53
CA LYS C 354 -17.76 -2.57 -39.86
C LYS C 354 -16.63 -2.61 -40.89
N GLN C 355 -15.42 -2.95 -40.45
CA GLN C 355 -14.27 -3.15 -41.33
C GLN C 355 -13.73 -4.55 -41.13
N GLU C 356 -13.59 -5.30 -42.23
CA GLU C 356 -12.98 -6.62 -42.17
C GLU C 356 -11.47 -6.48 -42.04
N VAL C 357 -10.89 -7.19 -41.06
CA VAL C 357 -9.48 -7.08 -40.76
C VAL C 357 -8.88 -8.48 -40.69
N ASP C 358 -7.74 -8.65 -41.36
CA ASP C 358 -6.95 -9.88 -41.32
C ASP C 358 -5.55 -9.51 -40.88
N LEU C 359 -5.14 -9.98 -39.70
CA LEU C 359 -3.87 -9.60 -39.13
C LEU C 359 -2.69 -10.34 -39.74
N TYR C 360 -2.93 -11.40 -40.51
CA TYR C 360 -1.85 -12.08 -41.21
C TYR C 360 -1.31 -11.27 -42.38
N ASN C 361 -1.98 -10.19 -42.76
CA ASN C 361 -1.57 -9.35 -43.89
C ASN C 361 -0.93 -8.07 -43.35
N SER C 362 0.19 -7.67 -43.95
CA SER C 362 0.87 -6.46 -43.51
C SER C 362 0.01 -5.23 -43.67
N LYS C 363 -0.86 -5.21 -44.68
CA LYS C 363 -1.73 -4.05 -44.90
C LYS C 363 -2.51 -3.69 -43.64
N SER C 364 -2.91 -4.69 -42.86
CA SER C 364 -3.70 -4.45 -41.66
C SER C 364 -3.05 -3.42 -40.74
N ILE C 365 -1.74 -3.18 -40.89
CA ILE C 365 -1.07 -2.15 -40.11
C ILE C 365 -1.91 -0.88 -40.09
N ASN C 366 -2.45 -0.48 -41.25
CA ASN C 366 -3.26 0.73 -41.33
C ASN C 366 -4.27 0.73 -40.19
N PHE C 367 -5.15 -0.26 -40.19
CA PHE C 367 -6.19 -0.33 -39.16
C PHE C 367 -5.56 -0.20 -37.78
N VAL C 368 -4.52 -0.98 -37.51
CA VAL C 368 -3.89 -0.95 -36.19
C VAL C 368 -3.54 0.47 -35.81
N GLY C 369 -2.85 1.17 -36.71
CA GLY C 369 -2.46 2.53 -36.42
C GLY C 369 -3.66 3.35 -36.04
N ASN C 370 -4.69 3.33 -36.90
CA ASN C 370 -5.88 4.12 -36.64
C ASN C 370 -6.48 3.74 -35.30
N TYR C 371 -6.50 2.43 -34.99
CA TYR C 371 -7.09 1.98 -33.74
C TYR C 371 -6.42 2.65 -32.55
N TRP C 372 -5.10 2.83 -32.60
CA TRP C 372 -4.39 3.40 -31.48
C TRP C 372 -4.37 4.93 -31.51
N GLN C 373 -4.88 5.54 -32.59
CA GLN C 373 -5.01 6.99 -32.63
C GLN C 373 -6.45 7.46 -32.45
N SER C 374 -7.42 6.55 -32.59
CA SER C 374 -8.83 6.92 -32.47
C SER C 374 -9.20 8.06 -33.42
N ASN C 375 -8.62 8.03 -34.62
CA ASN C 375 -8.82 9.09 -35.59
C ASN C 375 -10.14 8.88 -36.34
N ALA C 376 -10.46 9.82 -37.23
CA ALA C 376 -11.72 9.77 -37.95
C ALA C 376 -11.82 8.52 -38.83
N ASP C 377 -10.71 8.14 -39.48
CA ASP C 377 -10.74 7.01 -40.40
C ASP C 377 -11.16 5.72 -39.72
N LEU C 378 -11.02 5.63 -38.40
CA LEU C 378 -11.42 4.42 -37.70
C LEU C 378 -12.95 4.25 -37.71
N TYR C 379 -13.69 5.35 -37.78
CA TYR C 379 -15.15 5.33 -37.71
C TYR C 379 -15.79 5.79 -39.02
N GLU C 380 -15.13 5.51 -40.15
CA GLU C 380 -15.64 5.96 -41.44
C GLU C 380 -16.78 5.11 -41.97
N LYS C 381 -16.88 3.85 -41.54
CA LYS C 381 -17.90 2.93 -42.04
C LYS C 381 -19.08 2.80 -41.10
N VAL C 382 -19.13 3.59 -40.03
CA VAL C 382 -20.23 3.52 -39.06
C VAL C 382 -21.00 4.83 -39.09
N PRO C 383 -22.28 4.84 -38.73
CA PRO C 383 -23.03 6.10 -38.72
C PRO C 383 -22.40 7.11 -37.77
N LYS C 384 -22.54 8.39 -38.11
CA LYS C 384 -22.02 9.47 -37.28
C LYS C 384 -22.44 9.27 -35.83
N ARG C 385 -21.45 9.28 -34.94
CA ARG C 385 -21.66 8.96 -33.53
C ARG C 385 -21.53 10.24 -32.70
N ASN C 386 -22.53 10.48 -31.86
CA ASN C 386 -22.42 11.55 -30.87
C ASN C 386 -21.56 11.14 -29.69
N TYR C 387 -21.28 9.85 -29.53
CA TYR C 387 -20.41 9.33 -28.48
C TYR C 387 -19.05 9.03 -29.07
N TRP C 388 -18.00 9.60 -28.48
CA TRP C 388 -16.65 9.43 -28.97
C TRP C 388 -15.67 9.60 -27.80
N ARG C 389 -14.65 8.74 -27.76
CA ARG C 389 -13.61 8.84 -26.76
C ARG C 389 -12.29 8.38 -27.35
N SER C 390 -11.20 9.03 -26.94
CA SER C 390 -9.88 8.77 -27.47
C SER C 390 -8.99 8.18 -26.37
N TYR C 391 -8.31 7.09 -26.71
CA TYR C 391 -7.37 6.50 -25.76
C TYR C 391 -6.24 7.46 -25.43
N GLU C 392 -5.67 8.10 -26.45
CA GLU C 392 -4.55 9.01 -26.23
C GLU C 392 -4.97 10.20 -25.38
N ALA C 393 -6.13 10.78 -25.66
CA ALA C 393 -6.59 11.93 -24.90
C ALA C 393 -6.81 11.56 -23.43
N THR C 394 -7.45 10.41 -23.18
CA THR C 394 -7.69 9.98 -21.82
C THR C 394 -6.39 9.72 -21.08
N ALA C 395 -5.43 9.07 -21.75
CA ALA C 395 -4.13 8.81 -21.13
C ALA C 395 -3.41 10.11 -20.82
N ARG C 396 -3.46 11.07 -21.75
CA ARG C 396 -2.84 12.37 -21.51
C ARG C 396 -3.48 13.07 -20.31
N ARG C 397 -4.80 13.02 -20.22
CA ARG C 397 -5.47 13.64 -19.07
C ARG C 397 -5.06 12.97 -17.77
N VAL C 398 -4.99 11.64 -17.76
CA VAL C 398 -4.63 10.92 -16.53
C VAL C 398 -3.20 11.25 -16.11
N LEU C 399 -2.28 11.25 -17.07
CA LEU C 399 -0.87 11.48 -16.76
C LEU C 399 -0.54 12.95 -16.51
N GLY C 400 -1.41 13.86 -16.96
CA GLY C 400 -1.14 15.28 -16.74
C GLY C 400 -1.15 15.68 -15.29
N ALA C 401 -1.98 15.03 -14.47
CA ALA C 401 -2.07 15.26 -13.04
C ALA C 401 -2.71 16.61 -12.70
N ALA C 402 -3.46 17.19 -13.63
CA ALA C 402 -4.18 18.43 -13.34
C ALA C 402 -5.33 18.14 -12.39
N PRO C 403 -5.75 19.12 -11.59
CA PRO C 403 -6.87 18.88 -10.67
C PRO C 403 -8.14 18.53 -11.43
N ARG C 404 -8.95 17.65 -10.84
CA ARG C 404 -10.15 17.18 -11.51
C ARG C 404 -11.15 18.32 -11.72
N SER C 405 -11.14 19.32 -10.85
CA SER C 405 -12.04 20.46 -11.03
C SER C 405 -11.75 21.18 -12.35
N SER C 406 -10.47 21.26 -12.71
CA SER C 406 -10.12 21.85 -14.01
C SER C 406 -10.80 21.10 -15.15
N ILE C 407 -10.81 19.77 -15.07
CA ILE C 407 -11.43 18.96 -16.12
C ILE C 407 -12.94 19.18 -16.12
N ASN C 408 -13.57 19.12 -14.94
CA ASN C 408 -15.02 19.15 -14.87
C ASN C 408 -15.59 20.50 -15.32
N TYR C 409 -15.00 21.60 -14.86
CA TYR C 409 -15.49 22.93 -15.19
C TYR C 409 -14.92 23.35 -16.53
N GLU C 410 -15.76 23.98 -17.35
CA GLU C 410 -15.41 24.33 -18.72
C GLU C 410 -14.74 25.68 -18.84
N ASN C 411 -15.12 26.65 -18.01
CA ASN C 411 -14.60 28.00 -18.09
C ASN C 411 -13.28 28.18 -17.34
N MET C 412 -12.60 27.10 -17.03
CA MET C 412 -11.32 27.18 -16.32
C MET C 412 -10.54 25.90 -16.57
N ASN C 413 -9.25 26.05 -16.86
CA ASN C 413 -8.38 24.91 -17.09
C ASN C 413 -6.97 25.27 -16.66
N ILE C 414 -6.30 24.37 -15.96
CA ILE C 414 -4.89 24.49 -15.63
C ILE C 414 -4.10 23.79 -16.73
N PRO C 415 -3.29 24.50 -17.51
CA PRO C 415 -2.61 23.86 -18.64
C PRO C 415 -1.61 22.80 -18.18
N THR C 416 -1.43 21.80 -19.04
CA THR C 416 -0.43 20.76 -18.83
C THR C 416 0.40 20.61 -20.09
N ALA C 417 1.63 20.15 -19.93
CA ALA C 417 2.53 19.97 -21.06
C ALA C 417 1.98 18.98 -22.08
N LEU C 418 1.13 18.06 -21.66
CA LEU C 418 0.53 17.08 -22.56
C LEU C 418 -0.73 17.59 -23.25
N ASP C 419 -1.19 18.79 -22.91
CA ASP C 419 -2.35 19.39 -23.58
C ASP C 419 -1.98 20.14 -24.85
N PHE C 420 -0.69 20.28 -25.15
CA PHE C 420 -0.23 20.99 -26.34
C PHE C 420 0.80 20.15 -27.07
N TYR C 421 0.71 20.15 -28.40
CA TYR C 421 1.70 19.47 -29.22
C TYR C 421 3.02 20.24 -29.30
N GLN C 422 3.05 21.49 -28.83
CA GLN C 422 4.31 22.24 -28.79
C GLN C 422 5.14 21.90 -27.56
N THR C 423 4.56 21.23 -26.56
CA THR C 423 5.27 20.94 -25.32
C THR C 423 5.13 19.50 -24.86
N SER C 424 4.52 18.62 -25.66
CA SER C 424 4.32 17.24 -25.22
C SER C 424 5.65 16.53 -25.01
N LEU C 425 6.61 16.75 -25.91
CA LEU C 425 7.88 16.02 -25.85
C LEU C 425 8.73 16.41 -24.65
N ARG C 426 8.38 17.48 -23.94
CA ARG C 426 9.11 17.85 -22.73
C ARG C 426 8.81 16.90 -21.58
N ASP C 427 7.62 16.30 -21.55
CA ASP C 427 7.21 15.44 -20.44
C ASP C 427 7.73 14.02 -20.65
N PRO C 428 8.46 13.45 -19.68
CA PRO C 428 8.93 12.06 -19.85
C PRO C 428 7.81 11.05 -20.01
N ALA C 429 6.63 11.29 -19.42
CA ALA C 429 5.57 10.29 -19.46
C ALA C 429 5.07 10.04 -20.88
N PHE C 430 5.21 11.03 -21.77
CA PHE C 430 4.82 10.86 -23.16
C PHE C 430 5.56 9.67 -23.78
N TYR C 431 6.87 9.62 -23.57
CA TYR C 431 7.69 8.56 -24.16
C TYR C 431 7.27 7.20 -23.61
N GLN C 432 7.01 7.09 -22.31
CA GLN C 432 6.59 5.82 -21.74
C GLN C 432 5.24 5.38 -22.29
N LEU C 433 4.28 6.31 -22.38
CA LEU C 433 2.97 5.97 -22.93
C LEU C 433 3.08 5.45 -24.35
N TYR C 434 3.80 6.17 -25.21
CA TYR C 434 3.90 5.73 -26.58
C TYR C 434 4.80 4.51 -26.73
N ALA C 435 5.72 4.27 -25.80
CA ALA C 435 6.45 3.02 -25.79
C ALA C 435 5.53 1.84 -25.49
N LYS C 436 4.59 2.02 -24.56
CA LYS C 436 3.58 0.99 -24.32
C LYS C 436 2.75 0.74 -25.57
N ILE C 437 2.32 1.81 -26.24
CA ILE C 437 1.54 1.65 -27.46
C ILE C 437 2.34 0.91 -28.52
N LEU C 438 3.61 1.27 -28.70
CA LEU C 438 4.44 0.59 -29.69
C LEU C 438 4.72 -0.85 -29.29
N ASP C 439 4.78 -1.14 -27.98
CA ASP C 439 4.92 -2.53 -27.57
C ASP C 439 3.70 -3.34 -28.00
N TYR C 440 2.49 -2.80 -27.82
CA TYR C 440 1.31 -3.47 -28.33
C TYR C 440 1.40 -3.65 -29.84
N ILE C 441 1.82 -2.61 -30.55
CA ILE C 441 1.87 -2.70 -32.01
C ILE C 441 2.90 -3.73 -32.46
N ASN C 442 4.03 -3.87 -31.74
CA ASN C 442 5.01 -4.88 -32.10
C ASN C 442 4.51 -6.28 -31.76
N GLU C 443 3.76 -6.42 -30.66
CA GLU C 443 3.12 -7.68 -30.39
C GLU C 443 2.22 -8.08 -31.56
N TYR C 444 1.51 -7.10 -32.13
CA TYR C 444 0.75 -7.35 -33.35
C TYR C 444 1.69 -7.73 -34.50
N LYS C 445 2.78 -7.00 -34.67
CA LYS C 445 3.70 -7.23 -35.77
C LYS C 445 4.25 -8.64 -35.77
N GLU C 446 4.38 -9.26 -34.60
CA GLU C 446 4.89 -10.62 -34.52
C GLU C 446 4.13 -11.57 -35.43
N TYR C 447 2.92 -11.22 -35.88
CA TYR C 447 2.17 -12.06 -36.79
C TYR C 447 2.86 -12.21 -38.13
N LEU C 448 3.44 -11.13 -38.65
CA LEU C 448 3.91 -11.11 -40.03
C LEU C 448 5.03 -12.11 -40.27
N GLU C 449 5.04 -12.67 -41.46
CA GLU C 449 6.09 -13.62 -41.85
C GLU C 449 7.39 -12.86 -42.11
N PRO C 450 8.52 -13.32 -41.56
CA PRO C 450 9.78 -12.60 -41.79
C PRO C 450 10.21 -12.65 -43.24
N TYR C 451 10.94 -11.62 -43.67
CA TYR C 451 11.47 -11.57 -45.02
C TYR C 451 12.40 -12.75 -45.27
N SER C 452 12.29 -13.34 -46.46
CA SER C 452 13.10 -14.48 -46.84
C SER C 452 14.40 -14.02 -47.50
N GLN C 453 15.29 -14.98 -47.76
CA GLN C 453 16.54 -14.67 -48.45
C GLN C 453 16.28 -14.18 -49.87
N ASP C 454 15.32 -14.79 -50.57
CA ASP C 454 15.05 -14.41 -51.95
C ASP C 454 14.73 -12.93 -52.07
N VAL C 455 14.07 -12.36 -51.07
CA VAL C 455 13.73 -10.94 -51.14
C VAL C 455 14.86 -10.06 -50.61
N LEU C 456 15.74 -10.61 -49.78
CA LEU C 456 16.82 -9.83 -49.18
C LEU C 456 18.12 -9.92 -49.96
N HIS C 457 18.34 -11.00 -50.72
CA HIS C 457 19.60 -11.23 -51.41
C HIS C 457 19.54 -10.61 -52.80
N TYR C 458 20.44 -9.67 -53.06
CA TYR C 458 20.57 -9.05 -54.38
C TYR C 458 21.70 -9.76 -55.12
N VAL C 459 21.33 -10.73 -55.96
CA VAL C 459 22.32 -11.55 -56.65
C VAL C 459 23.14 -10.66 -57.59
N GLY C 460 24.46 -10.71 -57.44
CA GLY C 460 25.38 -10.00 -58.31
C GLY C 460 25.92 -8.70 -57.74
N VAL C 461 25.50 -8.30 -56.55
CA VAL C 461 25.94 -7.04 -55.95
C VAL C 461 26.56 -7.36 -54.59
N LYS C 462 27.79 -6.89 -54.38
CA LYS C 462 28.51 -7.08 -53.13
C LYS C 462 29.08 -5.74 -52.69
N ILE C 463 28.89 -5.40 -51.42
CA ILE C 463 29.45 -4.19 -50.85
C ILE C 463 30.84 -4.53 -50.29
N ASN C 464 31.87 -3.84 -50.78
CA ASN C 464 33.23 -4.17 -50.39
C ASN C 464 33.64 -3.46 -49.10
N ASP C 465 33.34 -2.16 -48.99
CA ASP C 465 33.74 -1.41 -47.81
C ASP C 465 32.87 -0.18 -47.66
N VAL C 466 32.74 0.26 -46.41
CA VAL C 466 32.02 1.47 -46.05
C VAL C 466 32.94 2.28 -45.14
N LYS C 467 33.28 3.49 -45.56
CA LYS C 467 34.11 4.41 -44.78
C LYS C 467 33.31 5.63 -44.38
N VAL C 468 33.62 6.17 -43.20
CA VAL C 468 32.92 7.34 -42.67
C VAL C 468 33.95 8.27 -42.05
N ASP C 469 33.78 9.57 -42.28
CA ASP C 469 34.66 10.56 -41.68
C ASP C 469 34.39 10.67 -40.19
N LYS C 470 35.22 11.46 -39.51
CA LYS C 470 35.09 11.63 -38.07
C LYS C 470 33.72 12.20 -37.73
N LEU C 471 33.07 11.62 -36.73
CA LEU C 471 31.76 12.06 -36.26
C LEU C 471 31.95 12.89 -35.00
N VAL C 472 31.65 14.18 -35.08
CA VAL C 472 31.90 15.13 -34.00
C VAL C 472 30.63 15.91 -33.71
N THR C 473 30.36 16.13 -32.43
CA THR C 473 29.22 16.93 -31.98
C THR C 473 29.71 18.05 -31.08
N TYR C 474 28.96 19.15 -31.07
CA TYR C 474 29.34 20.32 -30.28
C TYR C 474 28.13 21.21 -30.07
N PHE C 475 28.20 22.06 -29.05
CA PHE C 475 27.17 23.04 -28.77
C PHE C 475 27.55 24.38 -29.40
N GLU C 476 26.56 25.07 -29.97
CA GLU C 476 26.77 26.38 -30.56
C GLU C 476 25.59 27.28 -30.24
N TYR C 477 25.85 28.58 -30.15
CA TYR C 477 24.79 29.53 -29.88
C TYR C 477 23.83 29.63 -31.06
N PHE C 478 22.54 29.75 -30.75
CA PHE C 478 21.50 29.94 -31.75
C PHE C 478 20.56 31.03 -31.26
N ASP C 479 20.22 31.94 -32.17
CA ASP C 479 19.38 33.09 -31.87
C ASP C 479 18.02 32.91 -32.53
N TRP C 480 16.95 33.15 -31.77
CA TRP C 480 15.61 33.12 -32.34
C TRP C 480 14.78 34.25 -31.75
N ASN C 481 13.84 34.74 -32.56
CA ASN C 481 13.07 35.93 -32.24
C ASN C 481 11.87 35.57 -31.37
N ALA C 482 11.74 36.24 -30.21
CA ALA C 482 10.67 35.99 -29.26
C ALA C 482 9.82 37.22 -29.00
N THR C 483 9.69 38.11 -29.99
CA THR C 483 8.95 39.35 -29.80
C THR C 483 7.46 39.13 -29.58
N ASN C 484 6.91 38.01 -30.09
CA ASN C 484 5.47 37.77 -29.98
C ASN C 484 5.04 37.44 -28.56
N ALA C 485 5.96 37.21 -27.64
CA ALA C 485 5.60 36.85 -26.27
C ALA C 485 5.13 38.03 -25.45
N VAL C 486 5.44 39.26 -25.87
CA VAL C 486 5.14 40.45 -25.08
C VAL C 486 3.99 41.21 -25.73
N TYR C 487 3.37 42.07 -24.94
CA TYR C 487 2.31 42.96 -25.42
C TYR C 487 2.90 44.34 -25.69
N LEU C 488 2.61 44.87 -26.88
CA LEU C 488 3.22 46.11 -27.34
C LEU C 488 2.29 47.30 -27.09
N SER C 489 2.90 48.48 -27.01
CA SER C 489 2.17 49.72 -26.84
C SER C 489 1.65 50.21 -28.19
N GLU C 490 0.80 51.25 -28.13
CA GLU C 490 0.24 51.81 -29.35
C GLU C 490 1.34 52.37 -30.25
N GLN C 491 2.30 53.09 -29.66
CA GLN C 491 3.38 53.68 -30.45
C GLN C 491 4.24 52.61 -31.10
N GLN C 492 4.55 51.54 -30.35
CA GLN C 492 5.32 50.43 -30.91
C GLN C 492 4.58 49.79 -32.08
N LEU C 493 3.27 49.57 -31.92
CA LEU C 493 2.48 49.02 -33.01
C LEU C 493 2.51 49.94 -34.23
N ASP C 494 2.42 51.25 -34.00
CA ASP C 494 2.36 52.20 -35.09
C ASP C 494 3.68 52.27 -35.86
N THR C 495 4.79 52.46 -35.14
CA THR C 495 6.07 52.76 -35.77
C THR C 495 6.87 51.49 -36.03
N VAL C 496 7.10 50.67 -35.01
CA VAL C 496 7.94 49.49 -35.14
C VAL C 496 7.98 48.76 -33.81
N SER C 497 8.05 47.42 -33.86
CA SER C 497 8.10 46.64 -32.63
C SER C 497 9.53 46.48 -32.14
N PRO C 498 9.72 46.28 -30.83
CA PRO C 498 11.07 45.97 -30.33
C PRO C 498 11.49 44.56 -30.70
N SER C 499 12.81 44.34 -30.67
CA SER C 499 13.41 43.06 -31.03
C SER C 499 14.01 42.42 -29.79
N TYR C 500 13.38 41.36 -29.30
CA TYR C 500 13.88 40.56 -28.18
C TYR C 500 14.29 39.21 -28.74
N ILE C 501 15.59 38.90 -28.66
CA ILE C 501 16.15 37.70 -29.27
C ILE C 501 16.68 36.80 -28.16
N VAL C 502 16.25 35.54 -28.18
CA VAL C 502 16.73 34.54 -27.23
C VAL C 502 17.92 33.83 -27.86
N ARG C 503 19.04 33.83 -27.14
CA ARG C 503 20.27 33.17 -27.54
C ARG C 503 20.48 31.98 -26.62
N GLN C 504 20.49 30.77 -27.18
CA GLN C 504 20.60 29.56 -26.39
C GLN C 504 21.58 28.59 -27.04
N PRO C 505 22.29 27.79 -26.25
CA PRO C 505 23.11 26.73 -26.86
C PRO C 505 22.23 25.66 -27.49
N ARG C 506 22.72 25.08 -28.58
CA ARG C 506 22.04 24.00 -29.26
C ARG C 506 23.06 23.00 -29.79
N LEU C 507 22.64 21.74 -29.83
CA LEU C 507 23.49 20.67 -30.34
C LEU C 507 23.65 20.79 -31.85
N ASN C 508 24.81 20.38 -32.35
CA ASN C 508 25.07 20.35 -33.78
C ASN C 508 26.19 19.36 -34.05
N ASN C 509 26.29 18.94 -35.31
CA ASN C 509 27.30 17.99 -35.75
C ASN C 509 28.00 18.53 -36.98
N LYS C 510 29.31 18.25 -37.06
CA LYS C 510 30.09 18.70 -38.20
C LYS C 510 29.74 17.85 -39.43
N PRO C 511 29.91 18.39 -40.64
CA PRO C 511 29.62 17.61 -41.84
C PRO C 511 30.51 16.37 -41.94
N PHE C 512 29.93 15.30 -42.49
CA PHE C 512 30.67 14.07 -42.70
C PHE C 512 30.12 13.38 -43.95
N THR C 513 30.94 12.50 -44.52
CA THR C 513 30.63 11.81 -45.76
C THR C 513 30.72 10.31 -45.57
N VAL C 514 29.77 9.59 -46.19
CA VAL C 514 29.75 8.13 -46.19
C VAL C 514 30.18 7.67 -47.58
N ASN C 515 31.26 6.88 -47.64
CA ASN C 515 31.78 6.35 -48.89
C ASN C 515 31.52 4.85 -48.93
N ILE C 516 30.90 4.39 -50.01
CA ILE C 516 30.50 2.99 -50.17
C ILE C 516 31.11 2.45 -51.45
N ASP C 517 31.75 1.29 -51.35
CA ASP C 517 32.33 0.61 -52.51
C ASP C 517 31.47 -0.60 -52.86
N ILE C 518 31.07 -0.69 -54.13
CA ILE C 518 30.15 -1.72 -54.59
C ILE C 518 30.72 -2.36 -55.86
N LYS C 519 30.74 -3.69 -55.89
CA LYS C 519 31.14 -4.44 -57.07
C LYS C 519 29.89 -5.08 -57.67
N SER C 520 29.62 -4.79 -58.93
CA SER C 520 28.41 -5.23 -59.61
C SER C 520 28.78 -6.01 -60.87
N ASP C 521 28.14 -7.16 -61.04
CA ASP C 521 28.38 -7.96 -62.24
C ASP C 521 27.65 -7.39 -63.46
N VAL C 522 26.56 -6.64 -63.23
CA VAL C 522 25.73 -6.12 -64.30
C VAL C 522 25.41 -4.65 -63.98
N GLU C 523 24.88 -3.96 -64.98
CA GLU C 523 24.49 -2.55 -64.87
C GLU C 523 23.01 -2.48 -64.56
N SER C 524 22.63 -1.64 -63.59
CA SER C 524 21.23 -1.57 -63.20
C SER C 524 21.02 -0.42 -62.23
N GLU C 525 19.76 -0.04 -62.07
CA GLU C 525 19.38 0.95 -61.06
C GLU C 525 19.12 0.25 -59.73
N VAL C 526 19.60 0.86 -58.64
CA VAL C 526 19.49 0.30 -57.31
C VAL C 526 19.01 1.38 -56.35
N VAL C 527 18.50 0.93 -55.20
CA VAL C 527 18.10 1.80 -54.10
C VAL C 527 18.99 1.48 -52.92
N VAL C 528 19.56 2.53 -52.32
CA VAL C 528 20.49 2.43 -51.21
C VAL C 528 19.85 3.08 -49.99
N LYS C 529 19.85 2.36 -48.87
CA LYS C 529 19.34 2.87 -47.60
C LYS C 529 20.44 2.79 -46.55
N ILE C 530 20.53 3.85 -45.75
CA ILE C 530 21.50 3.97 -44.67
C ILE C 530 20.74 4.23 -43.37
N PHE C 531 20.98 3.37 -42.38
CA PHE C 531 20.37 3.45 -41.06
C PHE C 531 21.44 3.62 -39.99
N LEU C 532 21.04 4.19 -38.86
CA LEU C 532 21.89 4.35 -37.69
C LEU C 532 21.24 3.67 -36.50
N GLY C 533 22.07 3.08 -35.63
CA GLY C 533 21.55 2.40 -34.45
C GLY C 533 22.58 2.26 -33.35
N PRO C 534 22.14 1.82 -32.18
CA PRO C 534 23.06 1.62 -31.05
C PRO C 534 23.73 0.25 -31.10
N LYS C 535 24.83 0.14 -30.36
CA LYS C 535 25.59 -1.10 -30.26
C LYS C 535 25.41 -1.80 -28.93
N TYR C 536 25.53 -1.06 -27.82
CA TYR C 536 25.39 -1.61 -26.49
C TYR C 536 24.15 -1.04 -25.81
N ASP C 537 23.56 -1.83 -24.91
CA ASP C 537 22.36 -1.43 -24.18
C ASP C 537 22.77 -0.80 -22.86
N GLY C 538 21.78 -0.54 -21.99
CA GLY C 538 22.07 0.08 -20.71
C GLY C 538 22.96 -0.76 -19.82
N ASN C 539 22.85 -2.09 -19.92
CA ASN C 539 23.64 -2.99 -19.10
C ASN C 539 25.02 -3.26 -19.67
N GLY C 540 25.36 -2.67 -20.80
CA GLY C 540 26.70 -2.80 -21.37
C GLY C 540 26.92 -4.01 -22.23
N LEU C 541 25.86 -4.73 -22.60
CA LEU C 541 25.98 -5.91 -23.44
C LEU C 541 25.54 -5.60 -24.87
N PRO C 542 26.14 -6.26 -25.86
CA PRO C 542 25.73 -6.00 -27.25
C PRO C 542 24.29 -6.43 -27.49
N ILE C 543 23.62 -5.70 -28.38
CA ILE C 543 22.22 -5.94 -28.70
C ILE C 543 22.15 -6.74 -29.99
N SER C 544 21.51 -7.90 -29.93
CA SER C 544 21.30 -8.71 -31.12
C SER C 544 20.23 -8.06 -32.00
N LEU C 545 20.30 -8.36 -33.30
CA LEU C 545 19.39 -7.73 -34.25
C LEU C 545 17.94 -8.05 -33.95
N GLU C 546 17.67 -9.25 -33.40
CA GLU C 546 16.29 -9.64 -33.09
C GLU C 546 15.62 -8.62 -32.18
N ASP C 547 16.39 -7.94 -31.33
CA ASP C 547 15.87 -6.89 -30.48
C ASP C 547 16.24 -5.49 -30.94
N ASN C 548 17.25 -5.37 -31.81
CA ASN C 548 17.72 -4.07 -32.25
C ASN C 548 17.03 -3.57 -33.51
N TRP C 549 16.22 -4.41 -34.17
CA TRP C 549 15.57 -3.97 -35.41
C TRP C 549 14.67 -2.76 -35.17
N ILE C 550 14.05 -2.66 -33.99
CA ILE C 550 13.19 -1.51 -33.68
C ILE C 550 13.97 -0.25 -33.35
N ASN C 551 15.25 -0.38 -32.98
CA ASN C 551 16.03 0.76 -32.51
C ASN C 551 16.81 1.46 -33.63
N PHE C 552 16.79 0.93 -34.85
CA PHE C 552 17.51 1.55 -35.95
C PHE C 552 16.75 2.76 -36.48
N ILE C 553 17.48 3.84 -36.75
CA ILE C 553 16.92 5.08 -37.28
C ILE C 553 17.34 5.21 -38.73
N GLU C 554 16.38 5.45 -39.61
CA GLU C 554 16.64 5.56 -41.04
C GLU C 554 17.23 6.94 -41.33
N LEU C 555 18.43 6.97 -41.89
CA LEU C 555 19.13 8.20 -42.20
C LEU C 555 18.95 8.63 -43.66
N ASP C 556 19.31 7.76 -44.60
CA ASP C 556 19.33 8.13 -46.00
C ASP C 556 18.63 7.07 -46.84
N TRP C 557 18.10 7.52 -47.98
CA TRP C 557 17.28 6.66 -48.84
C TRP C 557 17.32 7.28 -50.24
N PHE C 558 18.06 6.67 -51.17
CA PHE C 558 18.25 7.30 -52.46
C PHE C 558 18.52 6.26 -53.54
N THR C 559 18.27 6.66 -54.78
CA THR C 559 18.51 5.81 -55.94
C THR C 559 19.89 6.07 -56.54
N HIS C 560 20.38 5.09 -57.30
CA HIS C 560 21.68 5.21 -57.95
C HIS C 560 21.73 4.27 -59.14
N LYS C 561 22.69 4.52 -60.02
CA LYS C 561 22.92 3.69 -61.20
C LYS C 561 24.29 3.02 -61.07
N LEU C 562 24.30 1.69 -61.08
CA LEU C 562 25.52 0.91 -60.97
C LEU C 562 25.94 0.44 -62.35
N THR C 563 27.20 0.71 -62.71
CA THR C 563 27.80 0.19 -63.93
C THR C 563 28.56 -1.09 -63.61
N SER C 564 28.78 -1.90 -64.65
CA SER C 564 29.51 -3.14 -64.47
C SER C 564 30.91 -2.86 -63.94
N GLY C 565 31.31 -3.62 -62.92
CA GLY C 565 32.62 -3.48 -62.32
C GLY C 565 32.59 -2.85 -60.95
N GLN C 566 33.56 -1.99 -60.67
CA GLN C 566 33.68 -1.31 -59.39
C GLN C 566 32.99 0.04 -59.44
N ASN C 567 32.39 0.44 -58.33
CA ASN C 567 31.70 1.72 -58.23
C ASN C 567 31.87 2.26 -56.82
N LYS C 568 31.97 3.58 -56.73
CA LYS C 568 32.10 4.28 -55.46
C LYS C 568 31.01 5.32 -55.34
N ILE C 569 30.38 5.38 -54.17
CA ILE C 569 29.29 6.31 -53.90
C ILE C 569 29.69 7.15 -52.69
N ALA C 570 29.76 8.46 -52.88
CA ALA C 570 30.06 9.41 -51.81
C ALA C 570 28.78 10.18 -51.50
N ARG C 571 28.29 10.05 -50.26
CA ARG C 571 27.05 10.66 -49.84
C ARG C 571 27.34 11.61 -48.69
N LYS C 572 27.03 12.88 -48.86
CA LYS C 572 27.29 13.88 -47.83
C LYS C 572 26.09 14.03 -46.91
N SER C 573 26.37 14.22 -45.62
CA SER C 573 25.30 14.35 -44.63
C SER C 573 24.39 15.52 -44.93
N GLU C 574 24.88 16.54 -45.65
CA GLU C 574 24.04 17.67 -46.05
C GLU C 574 23.05 17.31 -47.14
N GLU C 575 23.03 16.05 -47.61
CA GLU C 575 22.11 15.60 -48.63
C GLU C 575 21.18 14.48 -48.18
N PHE C 576 21.20 14.11 -46.90
CA PHE C 576 20.36 13.03 -46.42
C PHE C 576 18.88 13.35 -46.64
N PHE C 577 18.13 12.32 -47.03
CA PHE C 577 16.73 12.51 -47.43
C PHE C 577 15.84 12.90 -46.25
N PHE C 578 16.10 12.35 -45.06
CA PHE C 578 15.18 12.46 -43.93
C PHE C 578 15.53 13.60 -42.98
N PHE C 579 16.33 14.58 -43.43
CA PHE C 579 16.70 15.69 -42.56
C PHE C 579 16.69 16.99 -43.37
N LYS C 580 16.46 18.09 -42.66
CA LYS C 580 16.33 19.42 -43.25
C LYS C 580 17.30 20.38 -42.59
N ASP C 581 17.33 21.61 -43.13
CA ASP C 581 18.11 22.68 -42.55
C ASP C 581 17.28 23.43 -41.51
N ASP C 582 17.97 24.25 -40.71
CA ASP C 582 17.29 25.05 -39.70
C ASP C 582 16.45 26.15 -40.34
N SER C 583 15.28 26.40 -39.76
CA SER C 583 14.40 27.45 -40.24
C SER C 583 15.02 28.82 -39.99
N VAL C 584 14.73 29.75 -40.91
CA VAL C 584 15.27 31.11 -40.83
C VAL C 584 14.32 31.99 -40.04
N SER C 585 14.84 33.11 -39.58
CA SER C 585 14.07 34.05 -38.78
C SER C 585 13.18 34.91 -39.67
N LEU C 586 12.25 35.63 -39.04
CA LEU C 586 11.26 36.40 -39.77
C LEU C 586 11.92 37.53 -40.57
N PHE C 587 12.91 38.20 -39.98
CA PHE C 587 13.57 39.30 -40.69
C PHE C 587 14.26 38.80 -41.95
N LYS C 588 14.93 37.65 -41.86
CA LYS C 588 15.55 37.08 -43.06
C LYS C 588 14.49 36.66 -44.08
N ILE C 589 13.33 36.19 -43.61
CA ILE C 589 12.24 35.88 -44.53
C ILE C 589 11.81 37.12 -45.30
N TYR C 590 11.65 38.24 -44.60
CA TYR C 590 11.29 39.49 -45.29
C TYR C 590 12.40 39.91 -46.25
N GLU C 591 13.65 39.79 -45.83
CA GLU C 591 14.78 40.17 -46.68
C GLU C 591 14.75 39.37 -47.98
N LEU C 592 14.55 38.06 -47.88
CA LEU C 592 14.52 37.22 -49.08
C LEU C 592 13.28 37.50 -49.91
N LEU C 593 12.13 37.76 -49.28
CA LEU C 593 10.92 38.06 -50.02
C LEU C 593 11.08 39.35 -50.83
N SER C 594 11.71 40.36 -50.25
CA SER C 594 11.96 41.60 -50.98
C SER C 594 12.79 41.35 -52.23
N ASN C 595 13.61 40.30 -52.24
CA ASN C 595 14.39 39.91 -53.41
C ASN C 595 13.74 38.76 -54.17
N GLY C 596 12.49 38.42 -53.85
CA GLY C 596 11.79 37.38 -54.59
C GLY C 596 12.35 35.99 -54.44
N GLN C 597 12.69 35.58 -53.22
CA GLN C 597 13.15 34.22 -52.97
C GLN C 597 12.62 33.74 -51.63
N VAL C 598 12.57 32.42 -51.48
CA VAL C 598 12.06 31.79 -50.26
C VAL C 598 12.93 30.60 -49.89
N PRO C 599 12.96 30.22 -48.61
CA PRO C 599 13.72 29.04 -48.20
C PRO C 599 13.01 27.76 -48.63
N SER C 600 13.71 26.92 -49.40
CA SER C 600 13.09 25.73 -49.96
C SER C 600 12.68 24.74 -48.88
N TYR C 601 13.56 24.53 -47.88
CA TYR C 601 13.27 23.54 -46.85
C TYR C 601 12.03 23.92 -46.06
N MET C 602 11.89 25.21 -45.71
CA MET C 602 10.67 25.65 -45.03
C MET C 602 9.46 25.56 -45.94
N VAL C 603 9.67 25.56 -47.26
CA VAL C 603 8.56 25.46 -48.19
C VAL C 603 8.01 24.04 -48.21
N ASP C 604 8.88 23.05 -48.45
CA ASP C 604 8.42 21.69 -48.71
C ASP C 604 9.18 20.61 -47.95
N ARG C 605 10.12 20.98 -47.08
CA ARG C 605 10.87 19.99 -46.30
C ARG C 605 10.76 20.24 -44.80
N TYR C 606 9.73 20.96 -44.36
CA TYR C 606 9.60 21.30 -42.95
C TYR C 606 9.09 20.13 -42.10
N ILE C 607 8.72 19.00 -42.71
CA ILE C 607 8.14 17.88 -41.97
C ILE C 607 9.22 16.87 -41.61
N TYR C 608 10.49 17.29 -41.71
CA TYR C 608 11.62 16.41 -41.44
C TYR C 608 12.45 16.94 -40.27
N LEU C 609 13.12 16.01 -39.59
CA LEU C 609 13.91 16.38 -38.43
C LEU C 609 15.08 17.28 -38.83
N PRO C 610 15.48 18.21 -37.97
CA PRO C 610 16.66 19.02 -38.27
C PRO C 610 17.92 18.18 -38.41
N ARG C 611 18.81 18.62 -39.29
CA ARG C 611 20.05 17.89 -39.50
C ARG C 611 20.99 17.98 -38.31
N ARG C 612 20.83 19.02 -37.48
CA ARG C 612 21.72 19.21 -36.35
C ARG C 612 21.54 18.14 -35.27
N LEU C 613 20.45 17.37 -35.32
CA LEU C 613 20.12 16.39 -34.29
C LEU C 613 20.34 14.95 -34.75
N ILE C 614 21.20 14.77 -35.76
CA ILE C 614 21.43 13.43 -36.29
C ILE C 614 22.17 12.56 -35.27
N LEU C 615 23.21 13.11 -34.65
CA LEU C 615 24.10 12.31 -33.82
C LEU C 615 23.89 12.63 -32.34
N PRO C 616 24.07 11.64 -31.45
CA PRO C 616 24.03 11.93 -30.02
C PRO C 616 25.29 12.61 -29.53
N ARG C 617 25.19 13.19 -28.34
CA ARG C 617 26.34 13.87 -27.73
C ARG C 617 27.27 12.87 -27.02
N GLY C 618 26.76 12.22 -25.98
CA GLY C 618 27.56 11.32 -25.18
C GLY C 618 28.18 12.00 -23.97
N THR C 619 27.90 11.49 -22.78
CA THR C 619 28.44 12.07 -21.55
C THR C 619 29.86 11.60 -21.24
N GLN C 620 30.29 10.49 -21.81
CA GLN C 620 31.66 10.00 -21.63
C GLN C 620 32.61 10.57 -22.67
N ARG C 621 32.14 11.45 -23.54
CA ARG C 621 32.91 12.10 -24.60
C ARG C 621 33.21 11.17 -25.76
N GLY C 622 32.80 9.90 -25.68
CA GLY C 622 32.91 8.99 -26.80
C GLY C 622 31.82 7.95 -26.75
N PHE C 623 31.07 7.80 -27.85
CA PHE C 623 29.90 6.92 -27.84
C PHE C 623 29.94 6.00 -29.06
N PRO C 624 29.79 4.68 -28.87
CA PRO C 624 29.78 3.77 -30.01
C PRO C 624 28.39 3.61 -30.63
N LEU C 625 28.36 3.58 -31.95
CA LEU C 625 27.15 3.37 -32.72
C LEU C 625 27.47 2.46 -33.89
N GLN C 626 26.43 2.08 -34.63
CA GLN C 626 26.59 1.27 -35.82
C GLN C 626 25.75 1.81 -36.97
N LEU C 627 26.28 1.70 -38.17
CA LEU C 627 25.62 2.10 -39.40
C LEU C 627 25.33 0.87 -40.24
N PHE C 628 24.13 0.82 -40.82
CA PHE C 628 23.70 -0.28 -41.66
C PHE C 628 23.42 0.26 -43.06
N VAL C 629 24.05 -0.36 -44.06
CA VAL C 629 23.90 0.03 -45.45
C VAL C 629 23.31 -1.15 -46.22
N VAL C 630 22.25 -0.91 -46.97
CA VAL C 630 21.59 -1.95 -47.74
C VAL C 630 21.31 -1.45 -49.15
N VAL C 631 21.53 -2.31 -50.14
CA VAL C 631 21.26 -2.02 -51.54
C VAL C 631 20.30 -3.07 -52.07
N TYR C 632 19.25 -2.63 -52.74
CA TYR C 632 18.26 -3.55 -53.28
C TYR C 632 17.77 -3.02 -54.63
N PRO C 633 17.05 -3.84 -55.40
CA PRO C 633 16.60 -3.40 -56.71
C PRO C 633 15.62 -2.23 -56.63
N TYR C 634 15.62 -1.41 -57.68
CA TYR C 634 14.75 -0.25 -57.75
C TYR C 634 13.50 -0.57 -58.56
N GLN C 635 12.34 -0.16 -58.04
CA GLN C 635 11.07 -0.31 -58.71
C GLN C 635 10.29 0.99 -58.54
N ALA C 636 9.85 1.57 -59.65
CA ALA C 636 9.19 2.87 -59.60
C ALA C 636 7.86 2.76 -58.87
N PRO C 637 7.47 3.80 -58.11
CA PRO C 637 6.15 3.78 -57.48
C PRO C 637 5.03 3.77 -58.51
N VAL C 638 3.91 3.16 -58.14
CA VAL C 638 2.75 3.14 -59.02
C VAL C 638 2.40 4.55 -59.46
N LYS C 639 1.83 4.67 -60.65
CA LYS C 639 1.61 5.99 -61.25
C LYS C 639 0.69 6.85 -60.39
N GLU C 640 -0.35 6.24 -59.82
CA GLU C 640 -1.36 7.04 -59.11
C GLU C 640 -0.73 7.87 -57.99
N TRP C 641 0.42 7.43 -57.47
CA TRP C 641 1.16 8.22 -56.49
C TRP C 641 2.06 9.22 -57.21
N GLU C 642 1.49 10.02 -58.11
CA GLU C 642 2.29 10.92 -58.93
C GLU C 642 2.58 12.23 -58.20
N SER C 643 1.58 12.77 -57.48
CA SER C 643 1.74 14.02 -56.77
C SER C 643 2.41 13.85 -55.41
N MET C 644 3.00 12.67 -55.15
CA MET C 644 3.76 12.42 -53.95
C MET C 644 5.17 11.93 -54.27
N ARG C 645 5.69 12.23 -55.46
CA ARG C 645 6.99 11.74 -55.86
C ARG C 645 8.10 12.32 -54.99
N GLN C 646 7.99 13.57 -54.59
CA GLN C 646 9.04 14.21 -53.79
C GLN C 646 9.28 13.52 -52.46
N TYR C 647 8.31 12.76 -51.95
CA TYR C 647 8.42 12.15 -50.63
C TYR C 647 8.51 10.64 -50.66
N ILE C 648 8.30 10.00 -51.81
CA ILE C 648 8.41 8.55 -51.95
C ILE C 648 9.49 8.27 -52.99
N VAL C 649 10.46 7.44 -52.62
CA VAL C 649 11.53 7.07 -53.54
C VAL C 649 11.24 5.74 -54.25
N ASP C 650 10.48 4.84 -53.64
CA ASP C 650 10.13 3.57 -54.26
C ASP C 650 8.82 3.08 -53.64
N ASN C 651 8.45 1.84 -53.94
CA ASN C 651 7.20 1.27 -53.51
C ASN C 651 7.31 0.46 -52.21
N LYS C 652 8.49 0.45 -51.58
CA LYS C 652 8.69 -0.34 -50.39
C LYS C 652 8.03 0.33 -49.17
N PRO C 653 7.61 -0.46 -48.18
CA PRO C 653 7.05 0.13 -46.97
C PRO C 653 8.08 0.98 -46.23
N PHE C 654 7.60 2.01 -45.55
CA PHE C 654 8.48 2.85 -44.76
C PHE C 654 9.20 2.01 -43.70
N GLY C 655 10.50 2.27 -43.54
CA GLY C 655 11.31 1.51 -42.63
C GLY C 655 11.87 0.21 -43.19
N TYR C 656 11.62 -0.08 -44.47
CA TYR C 656 12.12 -1.30 -45.06
C TYR C 656 13.64 -1.31 -45.02
N PRO C 657 14.28 -2.45 -44.71
CA PRO C 657 13.70 -3.76 -44.40
C PRO C 657 13.35 -3.94 -42.92
N PHE C 658 13.60 -2.94 -42.08
CA PHE C 658 13.29 -3.03 -40.65
C PHE C 658 11.88 -2.53 -40.35
N ASP C 659 10.90 -3.11 -41.03
CA ASP C 659 9.49 -2.83 -40.75
C ASP C 659 8.77 -3.99 -40.08
N ARG C 660 9.39 -5.16 -40.01
CA ARG C 660 8.81 -6.33 -39.37
C ARG C 660 9.89 -7.03 -38.56
N PRO C 661 9.50 -7.85 -37.59
CA PRO C 661 10.49 -8.47 -36.71
C PRO C 661 11.48 -9.34 -37.45
N VAL C 662 12.71 -9.35 -36.97
CA VAL C 662 13.76 -10.22 -37.47
C VAL C 662 13.86 -11.43 -36.56
N THR C 663 13.68 -12.62 -37.13
CA THR C 663 13.70 -13.86 -36.37
C THR C 663 15.02 -14.61 -36.50
N LEU C 664 15.53 -14.74 -37.72
CA LEU C 664 16.80 -15.41 -37.97
C LEU C 664 17.82 -14.40 -38.49
N PRO C 665 18.70 -13.87 -37.64
CA PRO C 665 19.59 -12.80 -38.10
C PRO C 665 20.51 -13.20 -39.23
N TYR C 666 20.83 -14.50 -39.39
CA TYR C 666 21.76 -14.90 -40.43
C TYR C 666 21.20 -14.71 -41.84
N TYR C 667 19.91 -14.35 -41.97
CA TYR C 667 19.38 -13.95 -43.27
C TYR C 667 19.86 -12.58 -43.70
N PHE C 668 20.34 -11.76 -42.78
CA PHE C 668 20.81 -10.41 -43.08
C PHE C 668 22.31 -10.35 -43.33
N ASN C 669 23.00 -11.48 -43.32
CA ASN C 669 24.41 -11.56 -43.70
C ASN C 669 24.54 -11.73 -45.21
N GLN C 670 23.94 -10.81 -45.95
CA GLN C 670 23.91 -10.87 -47.40
C GLN C 670 25.07 -10.08 -48.00
N PRO C 671 25.45 -10.39 -49.23
CA PRO C 671 26.49 -9.58 -49.89
C PRO C 671 26.11 -8.11 -50.02
N ASN C 672 24.83 -7.80 -50.22
CA ASN C 672 24.37 -6.44 -50.44
C ASN C 672 24.01 -5.71 -49.16
N MET C 673 24.51 -6.17 -48.02
CA MET C 673 24.27 -5.52 -46.73
C MET C 673 25.60 -5.38 -45.98
N TYR C 674 25.72 -4.32 -45.21
CA TYR C 674 26.96 -4.04 -44.51
C TYR C 674 26.67 -3.38 -43.17
N PHE C 675 27.30 -3.88 -42.11
CA PHE C 675 27.26 -3.28 -40.79
C PHE C 675 28.63 -2.71 -40.46
N LYS C 676 28.66 -1.47 -39.98
CA LYS C 676 29.90 -0.77 -39.66
C LYS C 676 29.81 -0.21 -38.24
N ASP C 677 30.91 -0.31 -37.50
CA ASP C 677 30.99 0.26 -36.16
C ASP C 677 31.68 1.62 -36.23
N VAL C 678 31.07 2.63 -35.60
CA VAL C 678 31.58 3.98 -35.62
C VAL C 678 31.55 4.56 -34.21
N TYR C 679 32.30 5.64 -34.03
CA TYR C 679 32.38 6.34 -32.75
C TYR C 679 32.08 7.81 -32.94
N VAL C 680 31.32 8.38 -32.02
CA VAL C 680 30.95 9.79 -32.03
C VAL C 680 31.69 10.47 -30.87
N TYR C 681 32.35 11.58 -31.16
CA TYR C 681 33.12 12.33 -30.18
C TYR C 681 32.49 13.69 -29.97
N GLN C 682 32.93 14.35 -28.89
CA GLN C 682 32.46 15.68 -28.53
C GLN C 682 33.63 16.64 -28.53
N GLU C 683 33.43 17.82 -29.12
CA GLU C 683 34.45 18.87 -29.17
C GLU C 683 33.96 20.08 -28.39
N GLY C 684 34.85 20.65 -27.57
CA GLY C 684 34.50 21.80 -26.77
C GLY C 684 33.89 21.44 -25.43
N GLU C 685 33.10 22.35 -24.87
CA GLU C 685 32.50 22.12 -23.56
C GLU C 685 31.55 20.94 -23.62
N GLN C 686 31.63 20.08 -22.59
CA GLN C 686 30.75 18.91 -22.54
C GLN C 686 29.33 19.30 -22.14
N TYR C 687 29.16 20.37 -21.39
CA TYR C 687 27.86 20.79 -20.91
C TYR C 687 27.46 22.14 -21.52
N PRO C 688 26.17 22.42 -21.62
CA PRO C 688 25.70 23.65 -22.29
C PRO C 688 25.46 24.84 -21.38
N TYR C 689 25.66 24.73 -20.07
CA TYR C 689 25.30 25.80 -19.15
C TYR C 689 26.43 26.80 -18.90
N TYR C 690 27.60 26.62 -19.53
CA TYR C 690 28.70 27.56 -19.36
C TYR C 690 28.48 28.77 -20.28
N ASN C 691 27.55 29.63 -19.85
CA ASN C 691 27.16 30.79 -20.64
C ASN C 691 27.02 32.04 -19.77
N SER C 692 27.76 32.11 -18.67
CA SER C 692 27.69 33.27 -17.79
C SER C 692 28.56 34.40 -18.33
N TYR C 693 28.46 35.56 -17.68
CA TYR C 693 29.26 36.71 -18.09
C TYR C 693 30.75 36.41 -17.96
N TRP C 694 31.15 35.77 -16.86
CA TRP C 694 32.56 35.50 -16.60
C TRP C 694 33.08 34.30 -17.39
N SER C 695 32.20 33.51 -18.00
CA SER C 695 32.59 32.42 -18.89
C SER C 695 32.42 32.80 -20.35
N GLN C 696 32.48 34.09 -20.66
CA GLN C 696 32.20 34.58 -22.00
C GLN C 696 32.82 35.95 -22.24
N GLY D 17 40.36 -10.01 -25.65
CA GLY D 17 41.75 -10.27 -25.36
C GLY D 17 42.39 -9.20 -24.49
N TYR D 18 43.11 -9.63 -23.46
CA TYR D 18 43.77 -8.73 -22.53
C TYR D 18 45.19 -9.22 -22.28
N PRO D 19 46.10 -8.33 -21.94
CA PRO D 19 47.47 -8.76 -21.62
C PRO D 19 47.51 -9.55 -20.31
N LEU D 20 48.50 -10.43 -20.22
CA LEU D 20 48.72 -11.23 -19.03
C LEU D 20 49.64 -10.49 -18.07
N PHE D 21 49.26 -10.49 -16.79
CA PHE D 21 50.02 -9.78 -15.77
C PHE D 21 51.22 -10.60 -15.31
N ASN D 22 52.42 -10.07 -15.55
CA ASN D 22 53.65 -10.65 -15.02
C ASN D 22 54.46 -9.51 -14.40
N ASN D 23 54.90 -9.71 -13.16
CA ASN D 23 55.69 -8.70 -12.46
C ASN D 23 56.47 -9.37 -11.34
N ASN D 24 57.76 -9.08 -11.27
CA ASN D 24 58.58 -9.61 -10.18
C ASN D 24 58.19 -8.95 -8.86
N VAL D 25 58.26 -9.72 -7.79
CA VAL D 25 57.85 -9.27 -6.46
C VAL D 25 59.05 -8.68 -5.75
N LYS D 26 58.87 -7.49 -5.18
CA LYS D 26 59.90 -6.86 -4.35
C LYS D 26 59.94 -7.59 -3.02
N THR D 27 60.97 -8.41 -2.83
CA THR D 27 61.09 -9.27 -1.65
C THR D 27 62.11 -8.70 -0.68
N LYS D 28 62.06 -9.19 0.55
CA LYS D 28 62.99 -8.78 1.59
C LYS D 28 63.45 -10.02 2.36
N THR D 29 64.69 -9.99 2.81
CA THR D 29 65.23 -11.10 3.57
C THR D 29 64.46 -11.28 4.88
N LEU D 30 64.20 -12.53 5.22
CA LEU D 30 63.51 -12.88 6.46
C LEU D 30 64.52 -13.30 7.52
N ASP D 31 64.22 -12.98 8.76
CA ASP D 31 65.06 -13.38 9.87
C ASP D 31 65.11 -14.90 9.95
N PRO D 32 66.30 -15.53 10.02
CA PRO D 32 66.35 -17.00 10.08
C PRO D 32 65.58 -17.57 11.26
N ASN D 33 65.55 -16.84 12.37
CA ASN D 33 64.94 -17.36 13.60
C ASN D 33 63.48 -17.73 13.36
N LEU D 34 62.75 -16.86 12.68
CA LEU D 34 61.34 -17.11 12.42
C LEU D 34 61.10 -18.18 11.36
N VAL D 35 62.13 -18.58 10.62
CA VAL D 35 61.93 -19.45 9.46
C VAL D 35 61.07 -20.64 9.84
N ASN D 36 61.50 -21.42 10.83
CA ASN D 36 60.76 -22.61 11.20
C ASN D 36 59.28 -22.28 11.43
N ILE D 37 59.02 -21.23 12.22
CA ILE D 37 57.63 -20.89 12.53
C ILE D 37 56.84 -20.73 11.23
N GLN D 38 57.38 -19.95 10.29
CA GLN D 38 56.73 -19.79 9.00
C GLN D 38 56.30 -21.16 8.46
N LYS D 39 57.27 -22.07 8.32
CA LYS D 39 56.95 -23.41 7.84
C LYS D 39 55.73 -23.95 8.56
N LYS D 40 55.82 -24.05 9.88
CA LYS D 40 54.73 -24.66 10.64
C LYS D 40 53.40 -24.00 10.31
N VAL D 41 53.37 -22.67 10.28
CA VAL D 41 52.11 -21.97 10.02
C VAL D 41 51.53 -22.45 8.69
N LEU D 42 52.36 -22.45 7.65
CA LEU D 42 51.87 -22.90 6.35
C LEU D 42 51.36 -24.34 6.41
N LEU D 43 52.07 -25.19 7.16
CA LEU D 43 51.66 -26.58 7.28
C LEU D 43 50.25 -26.68 7.87
N LEU D 44 49.88 -25.74 8.73
CA LEU D 44 48.56 -25.78 9.34
C LEU D 44 47.47 -25.20 8.45
N LEU D 45 47.83 -24.58 7.32
CA LEU D 45 46.85 -24.01 6.40
C LEU D 45 46.66 -24.85 5.14
N GLU D 46 47.36 -25.97 5.00
CA GLU D 46 47.22 -26.81 3.82
C GLU D 46 45.96 -27.67 3.92
N ASN D 47 45.13 -27.61 2.89
CA ASN D 47 43.88 -28.37 2.81
C ASN D 47 43.17 -28.38 4.16
N TRP D 48 42.89 -27.18 4.67
CA TRP D 48 42.27 -27.05 5.98
C TRP D 48 40.86 -27.61 6.02
N LYS D 49 40.22 -27.78 4.87
CA LYS D 49 38.87 -28.36 4.85
C LYS D 49 38.88 -29.85 5.18
N GLN D 50 40.04 -30.50 5.14
CA GLN D 50 40.14 -31.94 5.36
C GLN D 50 41.19 -32.22 6.43
N VAL D 51 40.98 -33.32 7.14
CA VAL D 51 41.91 -33.79 8.17
C VAL D 51 42.60 -35.04 7.63
N ASP D 52 43.93 -34.99 7.55
CA ASP D 52 44.70 -36.11 7.03
C ASP D 52 45.32 -36.88 8.19
N PRO D 53 44.93 -38.13 8.42
CA PRO D 53 45.53 -38.88 9.55
C PRO D 53 47.05 -39.06 9.44
N ASP D 54 47.60 -39.01 8.23
CA ASP D 54 49.03 -39.25 8.04
C ASP D 54 49.89 -38.02 8.30
N ASP D 55 49.29 -36.86 8.56
CA ASP D 55 50.07 -35.67 8.82
C ASP D 55 50.54 -35.63 10.28
N GLU D 56 51.59 -34.82 10.51
CA GLU D 56 52.18 -34.75 11.83
C GLU D 56 51.21 -34.19 12.87
N TYR D 57 50.45 -33.16 12.51
CA TYR D 57 49.58 -32.50 13.48
C TYR D 57 48.50 -33.43 14.01
N TYR D 58 48.17 -34.50 13.29
CA TYR D 58 47.05 -35.34 13.68
C TYR D 58 47.30 -36.01 15.03
N LYS D 59 48.47 -36.61 15.20
CA LYS D 59 48.77 -37.28 16.46
C LYS D 59 48.80 -36.29 17.62
N ILE D 60 49.41 -35.13 17.40
CA ILE D 60 49.50 -34.11 18.45
C ILE D 60 48.10 -33.67 18.86
N GLY D 61 47.23 -33.41 17.88
CA GLY D 61 45.88 -33.01 18.20
C GLY D 61 45.09 -34.09 18.92
N LYS D 62 45.25 -35.34 18.49
CA LYS D 62 44.53 -36.45 19.11
C LYS D 62 45.04 -36.76 20.51
N GLU D 63 46.28 -36.37 20.83
CA GLU D 63 46.86 -36.65 22.13
C GLU D 63 46.96 -35.44 23.05
N TYR D 64 46.85 -34.23 22.52
CA TYR D 64 47.00 -33.04 23.35
C TYR D 64 45.80 -32.88 24.28
N ASN D 65 46.09 -32.44 25.50
CA ASN D 65 45.05 -32.18 26.50
C ASN D 65 45.29 -30.79 27.08
N ILE D 66 44.31 -29.91 26.90
CA ILE D 66 44.47 -28.52 27.32
C ILE D 66 44.47 -28.41 28.84
N GLU D 67 43.57 -29.15 29.50
CA GLU D 67 43.43 -29.03 30.95
C GLU D 67 44.74 -29.37 31.66
N ALA D 68 45.36 -30.49 31.27
CA ALA D 68 46.63 -30.87 31.86
C ALA D 68 47.71 -29.82 31.63
N ASN D 69 47.56 -29.00 30.58
CA ASN D 69 48.49 -27.91 30.30
C ASN D 69 47.92 -26.56 30.71
N ILE D 70 47.07 -26.53 31.73
CA ILE D 70 46.47 -25.26 32.16
C ILE D 70 47.55 -24.28 32.60
N GLU D 71 48.66 -24.79 33.14
CA GLU D 71 49.75 -23.92 33.57
C GLU D 71 50.45 -23.26 32.40
N SER D 72 50.26 -23.77 31.18
CA SER D 72 50.95 -23.24 30.01
C SER D 72 50.26 -22.01 29.42
N TYR D 73 49.12 -21.60 29.97
CA TYR D 73 48.41 -20.42 29.50
C TYR D 73 48.47 -19.36 30.60
N THR D 74 48.79 -18.12 30.19
CA THR D 74 49.01 -17.07 31.18
C THR D 74 47.76 -16.82 32.00
N ASN D 75 46.60 -16.78 31.37
CA ASN D 75 45.34 -16.53 32.07
C ASN D 75 44.63 -17.85 32.34
N ARG D 76 44.12 -17.98 33.57
CA ARG D 76 43.42 -19.21 33.96
C ARG D 76 41.92 -19.14 33.68
N GLU D 77 41.33 -17.95 33.74
CA GLU D 77 39.90 -17.82 33.49
C GLU D 77 39.55 -18.21 32.06
N VAL D 78 40.41 -17.88 31.10
CA VAL D 78 40.15 -18.24 29.71
C VAL D 78 40.08 -19.75 29.56
N VAL D 79 41.01 -20.47 30.19
CA VAL D 79 41.01 -21.93 30.10
C VAL D 79 39.75 -22.50 30.71
N THR D 80 39.36 -21.99 31.88
CA THR D 80 38.16 -22.48 32.54
C THR D 80 36.93 -22.25 31.67
N GLU D 81 36.81 -21.05 31.10
CA GLU D 81 35.67 -20.74 30.24
C GLU D 81 35.64 -21.64 29.01
N PHE D 82 36.80 -21.85 28.38
CA PHE D 82 36.85 -22.71 27.21
C PHE D 82 36.46 -24.13 27.55
N LEU D 83 36.96 -24.65 28.68
CA LEU D 83 36.60 -26.01 29.07
C LEU D 83 35.12 -26.12 29.38
N SER D 84 34.55 -25.12 30.05
CA SER D 84 33.12 -25.14 30.34
C SER D 84 32.30 -25.15 29.05
N LEU D 85 32.69 -24.33 28.08
CA LEU D 85 31.98 -24.32 26.80
C LEU D 85 32.14 -25.66 26.08
N TYR D 86 33.34 -26.23 26.11
CA TYR D 86 33.58 -27.49 25.40
C TYR D 86 32.81 -28.65 26.03
N LYS D 87 32.61 -28.61 27.35
CA LYS D 87 31.80 -29.64 27.99
C LYS D 87 30.40 -29.70 27.41
N THR D 88 29.85 -28.55 27.03
CA THR D 88 28.50 -28.51 26.45
C THR D 88 28.47 -29.03 25.02
N GLY D 89 29.58 -28.93 24.29
CA GLY D 89 29.63 -29.41 22.92
C GLY D 89 29.66 -28.30 21.89
N PHE D 90 30.70 -28.29 21.04
CA PHE D 90 30.81 -27.30 19.99
C PHE D 90 30.04 -27.75 18.76
N THR D 91 30.01 -26.89 17.74
CA THR D 91 29.30 -27.20 16.51
C THR D 91 29.97 -28.34 15.77
N ALA D 92 29.16 -29.08 15.00
CA ALA D 92 29.67 -30.22 14.24
C ALA D 92 30.51 -29.75 13.07
N LYS D 93 31.31 -30.68 12.55
CA LYS D 93 32.12 -30.41 11.37
C LYS D 93 31.25 -30.35 10.12
N ASN D 94 31.84 -29.85 9.04
CA ASN D 94 31.15 -29.75 7.75
C ASN D 94 29.87 -28.91 7.86
N GLN D 95 29.95 -27.82 8.63
CA GLN D 95 28.82 -26.93 8.81
C GLN D 95 29.26 -25.49 8.55
N ILE D 96 28.31 -24.67 8.12
CA ILE D 96 28.59 -23.29 7.78
C ILE D 96 28.86 -22.50 9.06
N PHE D 97 29.95 -21.74 9.06
CA PHE D 97 30.32 -20.90 10.18
C PHE D 97 30.21 -19.42 9.80
N SER D 98 29.65 -18.62 10.70
CA SER D 98 29.56 -17.18 10.53
C SER D 98 29.71 -16.52 11.89
N ILE D 99 30.49 -15.42 11.92
CA ILE D 99 30.71 -14.70 13.17
C ILE D 99 29.43 -14.04 13.66
N TYR D 100 28.43 -13.89 12.81
CA TYR D 100 27.16 -13.29 13.20
C TYR D 100 26.18 -14.29 13.78
N TYR D 101 26.54 -15.57 13.85
CA TYR D 101 25.75 -16.57 14.57
C TYR D 101 26.23 -16.58 16.02
N GLU D 102 25.30 -16.37 16.95
CA GLU D 102 25.68 -16.06 18.32
C GLU D 102 26.48 -17.20 18.96
N ASN D 103 25.96 -18.42 18.89
CA ASN D 103 26.65 -19.54 19.53
C ASN D 103 28.02 -19.80 18.92
N GLN D 104 28.10 -19.77 17.59
CA GLN D 104 29.38 -19.99 16.92
C GLN D 104 30.37 -18.88 17.28
N ALA D 105 29.91 -17.63 17.33
CA ALA D 105 30.78 -16.54 17.73
C ALA D 105 31.26 -16.73 19.16
N LEU D 106 30.37 -17.17 20.05
CA LEU D 106 30.78 -17.40 21.43
C LEU D 106 31.87 -18.46 21.52
N GLU D 107 31.71 -19.54 20.77
CA GLU D 107 32.73 -20.60 20.78
C GLU D 107 34.05 -20.10 20.18
N VAL D 108 33.98 -19.41 19.05
CA VAL D 108 35.20 -18.99 18.36
C VAL D 108 35.93 -17.94 19.15
N ARG D 109 35.22 -17.10 19.91
CA ARG D 109 35.90 -16.12 20.75
C ARG D 109 36.74 -16.81 21.82
N ALA D 110 36.18 -17.84 22.46
CA ALA D 110 36.95 -18.59 23.45
C ALA D 110 38.14 -19.27 22.81
N LEU D 111 37.95 -19.86 21.62
CA LEU D 111 39.07 -20.50 20.94
C LEU D 111 40.17 -19.49 20.63
N TYR D 112 39.79 -18.30 20.15
CA TYR D 112 40.78 -17.28 19.83
C TYR D 112 41.50 -16.80 21.08
N ARG D 113 40.77 -16.64 22.19
CA ARG D 113 41.42 -16.23 23.43
C ARG D 113 42.42 -17.28 23.89
N LEU D 114 42.07 -18.56 23.74
CA LEU D 114 42.99 -19.63 24.10
C LEU D 114 44.23 -19.58 23.23
N PHE D 115 44.06 -19.32 21.92
CA PHE D 115 45.21 -19.14 21.05
C PHE D 115 46.06 -17.95 21.49
N TYR D 116 45.40 -16.84 21.85
CA TYR D 116 46.09 -15.59 22.12
C TYR D 116 46.88 -15.63 23.41
N TYR D 117 46.38 -16.31 24.44
CA TYR D 117 47.02 -16.34 25.75
C TYR D 117 47.96 -17.52 25.91
N ALA D 118 48.32 -18.20 24.84
CA ALA D 118 49.31 -19.27 24.92
C ALA D 118 50.67 -18.69 25.32
N LYS D 119 51.37 -19.41 26.20
CA LYS D 119 52.64 -18.92 26.72
C LYS D 119 53.66 -18.74 25.58
N ASP D 120 53.86 -19.77 24.77
CA ASP D 120 54.89 -19.75 23.75
C ASP D 120 54.33 -20.35 22.47
N PHE D 121 55.19 -20.42 21.44
CA PHE D 121 54.74 -20.88 20.14
C PHE D 121 54.43 -22.38 20.13
N GLU D 122 55.14 -23.17 20.96
CA GLU D 122 54.87 -24.60 20.99
C GLU D 122 53.47 -24.89 21.52
N THR D 123 53.07 -24.22 22.60
CA THR D 123 51.73 -24.41 23.13
C THR D 123 50.67 -23.96 22.13
N PHE D 124 50.91 -22.83 21.46
CA PHE D 124 49.97 -22.36 20.46
C PHE D 124 49.84 -23.34 19.31
N TYR D 125 50.96 -23.91 18.86
CA TYR D 125 50.92 -24.90 17.79
C TYR D 125 50.16 -26.15 18.22
N LYS D 126 50.39 -26.62 19.45
CA LYS D 126 49.66 -27.77 19.96
C LYS D 126 48.16 -27.48 20.01
N THR D 127 47.78 -26.29 20.48
CA THR D 127 46.37 -25.93 20.56
C THR D 127 45.75 -25.85 19.17
N ALA D 128 46.48 -25.29 18.21
CA ALA D 128 45.98 -25.21 16.84
C ALA D 128 45.79 -26.60 16.23
N ALA D 129 46.73 -27.50 16.48
CA ALA D 129 46.59 -28.87 15.98
C ALA D 129 45.37 -29.53 16.61
N PHE D 130 45.18 -29.34 17.92
CA PHE D 130 44.00 -29.88 18.59
C PHE D 130 42.71 -29.33 17.98
N ALA D 131 42.68 -28.03 17.74
CA ALA D 131 41.48 -27.40 17.18
C ALA D 131 41.17 -27.95 15.79
N ARG D 132 42.20 -28.06 14.95
CA ARG D 132 41.98 -28.60 13.61
C ARG D 132 41.51 -30.04 13.67
N VAL D 133 42.08 -30.85 14.57
CA VAL D 133 41.70 -32.26 14.64
C VAL D 133 40.26 -32.40 15.11
N TRP D 134 39.85 -31.61 16.10
CA TRP D 134 38.56 -31.83 16.77
C TRP D 134 37.47 -30.86 16.35
N LEU D 135 37.80 -29.58 16.12
CA LEU D 135 36.79 -28.54 16.00
C LEU D 135 36.43 -28.30 14.53
N ASN D 136 35.41 -27.46 14.34
CA ASN D 136 34.93 -27.12 13.01
C ASN D 136 36.04 -26.41 12.22
N GLU D 137 36.12 -26.73 10.93
CA GLU D 137 37.19 -26.19 10.10
C GLU D 137 37.09 -24.67 9.97
N GLY D 138 35.88 -24.14 9.79
CA GLY D 138 35.74 -22.70 9.62
C GLY D 138 36.15 -21.92 10.86
N GLN D 139 35.71 -22.36 12.04
CA GLN D 139 36.11 -21.71 13.28
C GLN D 139 37.62 -21.78 13.44
N PHE D 140 38.20 -22.95 13.17
CA PHE D 140 39.64 -23.10 13.33
C PHE D 140 40.40 -22.15 12.41
N ILE D 141 40.03 -22.09 11.14
CA ILE D 141 40.75 -21.25 10.20
C ILE D 141 40.60 -19.78 10.57
N TYR D 142 39.39 -19.36 10.93
CA TYR D 142 39.17 -17.98 11.34
C TYR D 142 40.04 -17.62 12.55
N ALA D 143 39.96 -18.43 13.61
CA ALA D 143 40.72 -18.13 14.82
C ALA D 143 42.22 -18.15 14.56
N PHE D 144 42.70 -19.13 13.80
CA PHE D 144 44.13 -19.22 13.52
C PHE D 144 44.62 -18.02 12.72
N TYR D 145 43.86 -17.61 11.71
CA TYR D 145 44.23 -16.44 10.93
C TYR D 145 44.33 -15.21 11.83
N ILE D 146 43.29 -14.98 12.64
CA ILE D 146 43.29 -13.79 13.50
C ILE D 146 44.46 -13.84 14.48
N ALA D 147 44.70 -15.01 15.09
CA ALA D 147 45.76 -15.13 16.08
C ALA D 147 47.12 -14.90 15.44
N VAL D 148 47.37 -15.48 14.26
CA VAL D 148 48.64 -15.25 13.58
C VAL D 148 48.80 -13.77 13.26
N ILE D 149 47.71 -13.10 12.90
CA ILE D 149 47.79 -11.66 12.65
C ILE D 149 48.17 -10.92 13.93
N HIS D 150 47.65 -11.36 15.08
CA HIS D 150 47.80 -10.60 16.32
C HIS D 150 48.92 -11.08 17.23
N ARG D 151 49.25 -12.38 17.22
CA ARG D 151 50.26 -12.88 18.15
C ARG D 151 51.60 -12.18 17.93
N ALA D 152 52.23 -11.74 19.02
CA ALA D 152 53.49 -11.03 18.93
C ALA D 152 54.60 -11.92 18.39
N ASP D 153 54.68 -13.16 18.87
CA ASP D 153 55.75 -14.05 18.44
C ASP D 153 55.66 -14.41 16.97
N THR D 154 54.47 -14.33 16.38
CA THR D 154 54.28 -14.60 14.96
C THR D 154 54.38 -13.34 14.11
N ARG D 155 54.64 -12.18 14.73
CA ARG D 155 54.76 -10.95 13.97
C ARG D 155 55.94 -11.03 13.02
N GLY D 156 55.73 -10.59 11.78
CA GLY D 156 56.72 -10.70 10.74
C GLY D 156 56.58 -11.95 9.87
N ILE D 157 55.48 -12.68 10.01
CA ILE D 157 55.25 -13.90 9.23
C ILE D 157 54.24 -13.60 8.14
N VAL D 158 54.43 -14.24 6.98
CA VAL D 158 53.58 -14.04 5.81
C VAL D 158 52.41 -15.00 5.87
N LEU D 159 51.21 -14.50 5.59
CA LEU D 159 50.01 -15.30 5.50
C LEU D 159 49.49 -15.31 4.06
N PRO D 160 48.87 -16.41 3.61
CA PRO D 160 48.27 -16.40 2.27
C PRO D 160 47.11 -15.42 2.19
N ALA D 161 46.87 -14.93 0.97
CA ALA D 161 45.80 -13.97 0.76
C ALA D 161 44.44 -14.60 1.06
N PRO D 162 43.47 -13.81 1.52
CA PRO D 162 42.16 -14.41 1.87
C PRO D 162 41.51 -15.14 0.72
N TYR D 163 41.64 -14.65 -0.51
CA TYR D 163 40.97 -15.30 -1.63
C TYR D 163 41.57 -16.67 -1.94
N GLU D 164 42.77 -16.95 -1.46
CA GLU D 164 43.36 -18.28 -1.58
C GLU D 164 43.01 -19.18 -0.39
N ILE D 165 42.49 -18.61 0.70
CA ILE D 165 42.06 -19.41 1.85
C ILE D 165 40.58 -19.78 1.73
N TRP D 166 39.77 -18.90 1.15
CA TRP D 166 38.34 -19.14 0.94
C TRP D 166 38.00 -18.85 -0.51
N PRO D 167 38.46 -19.69 -1.45
CA PRO D 167 38.17 -19.42 -2.86
C PRO D 167 36.69 -19.37 -3.19
N GLU D 168 35.87 -20.17 -2.51
CA GLU D 168 34.44 -20.22 -2.82
C GLU D 168 33.75 -18.90 -2.54
N TYR D 169 34.31 -18.05 -1.68
CA TYR D 169 33.73 -16.75 -1.38
C TYR D 169 34.16 -15.67 -2.35
N PHE D 170 35.06 -15.96 -3.28
CA PHE D 170 35.59 -14.95 -4.21
C PHE D 170 35.40 -15.31 -5.67
N VAL D 171 34.62 -16.34 -5.97
CA VAL D 171 34.34 -16.73 -7.36
C VAL D 171 32.90 -17.20 -7.46
N ASN D 172 32.33 -17.05 -8.66
CA ASN D 172 30.94 -17.39 -8.89
C ASN D 172 30.77 -18.90 -9.05
N SER D 173 29.52 -19.33 -9.23
CA SER D 173 29.19 -20.74 -9.17
C SER D 173 29.64 -21.50 -10.42
N ASP D 174 29.68 -20.84 -11.58
CA ASP D 174 30.02 -21.56 -12.81
C ASP D 174 31.48 -22.03 -12.80
N VAL D 175 32.40 -21.14 -12.42
CA VAL D 175 33.81 -21.50 -12.41
C VAL D 175 34.06 -22.61 -11.39
N LEU D 176 33.44 -22.49 -10.22
CA LEU D 176 33.57 -23.54 -9.20
C LEU D 176 32.98 -24.85 -9.70
N ALA D 177 31.88 -24.80 -10.46
CA ALA D 177 31.29 -26.00 -11.01
C ALA D 177 32.25 -26.68 -11.99
N LYS D 178 32.90 -25.87 -12.85
CA LYS D 178 33.88 -26.42 -13.76
C LYS D 178 35.05 -27.06 -13.01
N ILE D 179 35.53 -26.38 -11.96
CA ILE D 179 36.64 -26.92 -11.18
C ILE D 179 36.24 -28.22 -10.51
N ASN D 180 35.03 -28.28 -9.95
CA ASN D 180 34.56 -29.51 -9.31
C ASN D 180 34.42 -30.64 -10.32
N ARG D 181 33.95 -30.33 -11.52
CA ARG D 181 33.86 -31.35 -12.56
C ARG D 181 35.23 -31.89 -12.92
N ILE D 182 36.22 -30.99 -13.06
CA ILE D 182 37.57 -31.44 -13.37
C ILE D 182 38.11 -32.33 -12.25
N GLN D 183 37.87 -31.93 -11.00
CA GLN D 183 38.35 -32.74 -9.88
C GLN D 183 37.69 -34.10 -9.86
N MET D 184 36.39 -34.16 -10.11
CA MET D 184 35.69 -35.45 -10.11
C MET D 184 36.18 -36.34 -11.25
N GLN D 185 36.42 -35.76 -12.43
CA GLN D 185 36.90 -36.52 -13.56
C GLN D 185 38.40 -36.78 -13.51
N LYS D 186 39.12 -36.16 -12.59
CA LYS D 186 40.57 -36.31 -12.49
C LYS D 186 41.25 -36.00 -13.81
N GLY D 187 40.76 -34.95 -14.48
CA GLY D 187 41.30 -34.49 -15.74
C GLY D 187 40.21 -34.29 -16.76
N LEU D 188 40.61 -34.22 -18.02
CA LEU D 188 39.69 -34.01 -19.13
C LEU D 188 39.49 -35.30 -19.90
N ILE D 189 38.23 -35.59 -20.23
CA ILE D 189 37.91 -36.77 -21.03
C ILE D 189 38.15 -36.52 -22.50
N LEU D 190 37.80 -35.32 -22.99
CA LEU D 190 38.02 -34.91 -24.37
C LEU D 190 38.76 -33.58 -24.33
N PRO D 191 40.08 -33.59 -24.12
CA PRO D 191 40.79 -32.32 -23.88
C PRO D 191 40.65 -31.32 -25.00
N GLU D 192 40.65 -31.77 -26.25
CA GLU D 192 40.69 -30.84 -27.38
C GLU D 192 39.47 -29.94 -27.45
N THR D 193 38.44 -30.19 -26.65
CA THR D 193 37.26 -29.32 -26.60
C THR D 193 37.21 -28.44 -25.38
N ALA D 194 37.99 -28.74 -24.32
CA ALA D 194 37.93 -27.94 -23.12
C ALA D 194 38.24 -26.47 -23.39
N GLN D 195 39.08 -26.20 -24.40
CA GLN D 195 39.41 -24.82 -24.73
C GLN D 195 38.16 -24.01 -25.04
N TYR D 196 37.17 -24.62 -25.69
CA TYR D 196 35.96 -23.91 -26.05
C TYR D 196 35.07 -23.59 -24.85
N TYR D 197 35.37 -24.16 -23.68
CA TYR D 197 34.59 -23.89 -22.47
C TYR D 197 35.43 -23.17 -21.42
N GLY D 198 36.50 -22.50 -21.83
CA GLY D 198 37.33 -21.74 -20.91
C GLY D 198 38.07 -22.59 -19.90
N VAL D 199 38.61 -23.73 -20.33
CA VAL D 199 39.41 -24.61 -19.47
C VAL D 199 40.65 -24.99 -20.26
N LEU D 200 41.81 -24.54 -19.80
CA LEU D 200 43.08 -24.78 -20.47
C LEU D 200 43.95 -25.68 -19.62
N ALA D 201 44.53 -26.71 -20.22
CA ALA D 201 45.46 -27.61 -19.55
C ALA D 201 46.88 -27.28 -19.98
N LYS D 202 47.74 -26.97 -19.01
CA LYS D 202 49.09 -26.53 -19.35
C LYS D 202 49.98 -26.62 -18.11
N ASP D 203 51.21 -27.11 -18.31
CA ASP D 203 52.25 -27.06 -17.29
C ASP D 203 51.78 -27.65 -15.97
N ASN D 204 51.19 -28.85 -16.04
CA ASN D 204 50.73 -29.55 -14.85
C ASN D 204 49.72 -28.70 -14.07
N ALA D 205 48.86 -27.97 -14.78
CA ALA D 205 47.89 -27.11 -14.13
C ALA D 205 46.70 -26.91 -15.05
N TYR D 206 45.58 -26.48 -14.45
CA TYR D 206 44.35 -26.18 -15.16
C TYR D 206 43.97 -24.73 -14.90
N TYR D 207 43.76 -23.98 -15.97
CA TYR D 207 43.40 -22.56 -15.91
C TYR D 207 41.95 -22.39 -16.35
N PHE D 208 41.18 -21.66 -15.56
CA PHE D 208 39.75 -21.47 -15.79
C PHE D 208 39.48 -19.97 -15.95
N TYR D 209 39.11 -19.57 -17.16
CA TYR D 209 38.70 -18.19 -17.39
C TYR D 209 37.36 -17.91 -16.73
N ALA D 210 37.23 -16.73 -16.14
CA ALA D 210 36.06 -16.39 -15.34
C ALA D 210 35.52 -15.03 -15.76
N ASN D 211 34.19 -14.92 -15.77
CA ASN D 211 33.49 -13.66 -15.99
C ASN D 211 33.00 -13.10 -14.65
N TYR D 212 32.70 -11.80 -14.67
CA TYR D 212 32.05 -11.17 -13.54
C TYR D 212 30.53 -11.26 -13.68
N SER D 213 29.83 -11.01 -12.58
CA SER D 213 28.38 -11.10 -12.58
C SER D 213 27.77 -10.06 -13.52
N GLY D 214 26.64 -10.43 -14.12
CA GLY D 214 25.97 -9.58 -15.08
C GLY D 214 24.66 -9.05 -14.54
N PRO D 215 23.80 -8.54 -15.43
CA PRO D 215 22.51 -7.98 -14.98
C PRO D 215 21.62 -8.99 -14.29
N TRP D 216 21.79 -10.28 -14.58
CA TRP D 216 21.00 -11.30 -13.89
C TRP D 216 21.21 -11.24 -12.38
N THR D 217 22.43 -10.94 -11.93
CA THR D 217 22.69 -10.83 -10.50
C THR D 217 22.40 -9.44 -9.96
N TYR D 218 22.67 -8.40 -10.75
CA TYR D 218 22.51 -7.02 -10.32
C TYR D 218 21.50 -6.32 -11.21
N GLU D 219 20.59 -5.57 -10.59
CA GLU D 219 19.58 -4.80 -11.31
C GLU D 219 19.97 -3.32 -11.33
N ASN D 220 19.18 -2.54 -12.08
CA ASN D 220 19.36 -1.09 -12.17
C ASN D 220 20.76 -0.72 -12.65
N ASN D 221 21.28 -1.50 -13.59
CA ASN D 221 22.54 -1.25 -14.28
C ASN D 221 23.75 -1.28 -13.34
N GLU D 222 23.59 -1.81 -12.12
CA GLU D 222 24.71 -1.89 -11.19
C GLU D 222 25.80 -2.80 -11.73
N ASN D 223 25.43 -3.81 -12.54
CA ASN D 223 26.40 -4.78 -13.02
C ASN D 223 27.53 -4.13 -13.80
N LEU D 224 27.32 -2.92 -14.31
CA LEU D 224 28.38 -2.22 -15.02
C LEU D 224 29.63 -2.07 -14.18
N LEU D 225 29.51 -1.99 -12.85
CA LEU D 225 30.66 -1.86 -11.97
C LEU D 225 30.97 -3.17 -11.24
N SER D 226 30.45 -4.30 -11.72
CA SER D 226 30.73 -5.58 -11.09
C SER D 226 32.21 -5.88 -11.03
N TYR D 227 33.00 -5.36 -11.98
CA TYR D 227 34.44 -5.59 -11.96
C TYR D 227 35.10 -5.01 -10.72
N PHE D 228 34.47 -4.02 -10.08
CA PHE D 228 35.03 -3.37 -8.90
C PHE D 228 34.52 -3.98 -7.60
N ILE D 229 33.20 -4.08 -7.43
CA ILE D 229 32.65 -4.58 -6.17
C ILE D 229 32.94 -6.05 -5.97
N GLU D 230 33.18 -6.81 -7.05
CA GLU D 230 33.50 -8.22 -6.95
C GLU D 230 34.99 -8.50 -7.05
N ASP D 231 35.82 -7.46 -7.06
CA ASP D 231 37.27 -7.67 -7.11
C ASP D 231 37.73 -8.41 -5.85
N VAL D 232 38.64 -9.36 -6.05
CA VAL D 232 39.08 -10.19 -4.93
C VAL D 232 39.78 -9.35 -3.88
N ALA D 233 40.66 -8.44 -4.30
CA ALA D 233 41.39 -7.62 -3.33
C ALA D 233 40.48 -6.58 -2.68
N TRP D 234 39.45 -6.12 -3.38
CA TRP D 234 38.52 -5.17 -2.80
C TRP D 234 37.83 -5.75 -1.56
N ASN D 235 37.42 -7.02 -1.65
CA ASN D 235 36.82 -7.69 -0.49
C ASN D 235 37.87 -8.13 0.52
N SER D 236 39.06 -8.52 0.04
CA SER D 236 40.12 -8.90 0.96
C SER D 236 40.54 -7.73 1.84
N TYR D 237 40.46 -6.51 1.32
CA TYR D 237 40.77 -5.33 2.12
C TYR D 237 39.80 -5.22 3.31
N TYR D 238 38.51 -5.42 3.05
CA TYR D 238 37.53 -5.36 4.13
C TYR D 238 37.74 -6.49 5.12
N TYR D 239 38.07 -7.69 4.63
CA TYR D 239 38.35 -8.79 5.55
C TYR D 239 39.56 -8.50 6.41
N TYR D 240 40.62 -7.92 5.83
CA TYR D 240 41.78 -7.53 6.61
C TYR D 240 41.43 -6.48 7.65
N PHE D 241 40.60 -5.50 7.27
CA PHE D 241 40.17 -4.49 8.22
C PHE D 241 39.42 -5.11 9.39
N HIS D 242 38.53 -6.06 9.09
CA HIS D 242 37.81 -6.75 10.16
C HIS D 242 38.77 -7.53 11.05
N SER D 243 39.73 -8.23 10.45
CA SER D 243 40.65 -9.06 11.22
C SER D 243 41.53 -8.22 12.13
N LYS D 244 42.05 -7.10 11.63
CA LYS D 244 42.95 -6.28 12.44
C LYS D 244 42.21 -5.64 13.60
N LEU D 245 40.99 -5.17 13.37
CA LEU D 245 40.17 -4.51 14.39
C LEU D 245 38.80 -5.16 14.40
N GLN D 246 38.64 -6.20 15.23
CA GLN D 246 37.40 -6.94 15.32
C GLN D 246 36.51 -6.34 16.41
N PHE D 247 35.21 -6.26 16.12
CA PHE D 247 34.28 -5.58 17.00
C PHE D 247 34.18 -6.23 18.38
N TRP D 248 34.49 -7.51 18.50
CA TRP D 248 34.32 -8.23 19.75
C TRP D 248 35.57 -8.26 20.62
N GLU D 249 36.64 -7.58 20.22
CA GLU D 249 37.88 -7.54 20.97
C GLU D 249 38.11 -6.16 21.57
N LYS D 250 38.68 -6.14 22.76
CA LYS D 250 39.00 -4.88 23.43
C LYS D 250 40.08 -4.13 22.67
N GLY D 251 40.08 -2.80 22.82
CA GLY D 251 41.03 -1.98 22.11
C GLY D 251 42.47 -2.27 22.51
N GLU D 252 42.69 -2.60 23.79
CA GLU D 252 44.05 -2.82 24.27
C GLU D 252 44.71 -3.98 23.54
N ASN D 253 43.98 -5.08 23.38
CA ASN D 253 44.54 -6.29 22.79
C ASN D 253 44.57 -6.27 21.27
N ALA D 254 43.90 -5.31 20.64
CA ALA D 254 43.83 -5.24 19.19
C ALA D 254 44.64 -4.11 18.59
N ILE D 255 44.69 -2.95 19.25
CA ILE D 255 45.36 -1.78 18.69
C ILE D 255 46.41 -1.19 19.61
N GLY D 256 46.34 -1.38 20.93
CA GLY D 256 47.33 -0.84 21.84
C GLY D 256 47.13 0.63 22.11
N PRO D 257 48.16 1.45 21.88
CA PRO D 257 48.06 2.87 22.26
C PRO D 257 47.03 3.66 21.47
N PHE D 258 46.67 3.22 20.27
CA PHE D 258 45.62 3.88 19.49
C PHE D 258 44.25 3.30 19.86
N LYS D 259 43.97 3.32 21.16
CA LYS D 259 42.70 2.86 21.69
C LYS D 259 41.66 3.96 21.74
N GLU D 260 42.08 5.20 22.00
CA GLU D 260 41.15 6.32 22.03
C GLU D 260 40.83 6.85 20.64
N ARG D 261 41.46 6.31 19.59
CA ARG D 261 41.19 6.72 18.21
C ARG D 261 40.48 5.63 17.42
N ARG D 262 39.84 4.68 18.11
CA ARG D 262 39.18 3.58 17.42
C ARG D 262 38.01 4.07 16.57
N GLY D 263 37.17 4.93 17.14
CA GLY D 263 36.05 5.47 16.37
C GLY D 263 36.51 6.29 15.19
N GLU D 264 37.61 7.03 15.34
CA GLU D 264 38.16 7.77 14.22
C GLU D 264 38.56 6.84 13.08
N ILE D 265 39.20 5.72 13.43
CA ILE D 265 39.59 4.75 12.40
C ILE D 265 38.35 4.17 11.72
N TYR D 266 37.34 3.81 12.51
CA TYR D 266 36.10 3.28 11.95
C TYR D 266 35.50 4.25 10.94
N TYR D 267 35.32 5.51 11.36
CA TYR D 267 34.72 6.51 10.49
C TYR D 267 35.57 6.72 9.24
N PHE D 268 36.88 6.86 9.41
CA PHE D 268 37.76 7.13 8.27
C PHE D 268 37.70 5.99 7.25
N ILE D 269 37.81 4.75 7.72
CA ILE D 269 37.83 3.61 6.80
C ILE D 269 36.50 3.52 6.05
N TYR D 270 35.39 3.62 6.77
CA TYR D 270 34.10 3.48 6.09
C TYR D 270 33.85 4.64 5.13
N GLN D 271 34.23 5.85 5.52
CA GLN D 271 34.08 7.01 4.63
C GLN D 271 34.90 6.84 3.37
N GLN D 272 36.14 6.36 3.50
CA GLN D 272 36.97 6.14 2.32
C GLN D 272 36.37 5.07 1.42
N ILE D 273 35.86 3.99 2.00
CA ILE D 273 35.24 2.94 1.19
C ILE D 273 34.07 3.51 0.41
N LEU D 274 33.19 4.24 1.09
CA LEU D 274 32.01 4.77 0.41
C LEU D 274 32.40 5.82 -0.63
N ALA D 275 33.44 6.61 -0.37
CA ALA D 275 33.88 7.59 -1.35
C ALA D 275 34.41 6.92 -2.61
N ARG D 276 35.20 5.85 -2.45
CA ARG D 276 35.70 5.12 -3.62
C ARG D 276 34.54 4.49 -4.40
N TYR D 277 33.56 3.94 -3.68
CA TYR D 277 32.39 3.36 -4.35
C TYR D 277 31.63 4.44 -5.13
N TYR D 278 31.49 5.64 -4.54
CA TYR D 278 30.81 6.72 -5.23
C TYR D 278 31.58 7.17 -6.46
N LEU D 279 32.92 7.21 -6.36
CA LEU D 279 33.73 7.54 -7.53
C LEU D 279 33.51 6.53 -8.65
N GLU D 280 33.47 5.24 -8.30
CA GLU D 280 33.22 4.23 -9.32
C GLU D 280 31.83 4.41 -9.93
N ARG D 281 30.83 4.67 -9.11
CA ARG D 281 29.49 4.91 -9.62
C ARG D 281 29.48 6.08 -10.60
N LEU D 282 30.14 7.18 -10.24
CA LEU D 282 30.20 8.33 -11.14
C LEU D 282 30.90 7.96 -12.44
N SER D 283 31.99 7.19 -12.35
CA SER D 283 32.68 6.76 -13.56
C SER D 283 31.79 5.88 -14.44
N ASN D 284 30.87 5.13 -13.85
CA ASN D 284 29.93 4.31 -14.60
C ASN D 284 28.58 5.00 -14.80
N GLY D 285 28.45 6.27 -14.40
CA GLY D 285 27.22 7.00 -14.64
C GLY D 285 26.01 6.44 -13.93
N LEU D 286 26.14 6.08 -12.65
CA LEU D 286 25.05 5.53 -11.87
C LEU D 286 24.49 6.48 -10.83
N GLY D 287 25.13 7.63 -10.61
CA GLY D 287 24.59 8.61 -9.68
C GLY D 287 24.99 8.34 -8.24
N GLU D 288 24.25 8.96 -7.33
CA GLU D 288 24.55 8.90 -5.91
C GLU D 288 24.01 7.62 -5.29
N ILE D 289 24.40 7.39 -4.04
CA ILE D 289 23.97 6.20 -3.31
C ILE D 289 22.54 6.40 -2.83
N PRO D 290 21.60 5.51 -3.17
CA PRO D 290 20.21 5.71 -2.73
C PRO D 290 20.07 5.60 -1.21
N ARG D 291 19.09 6.34 -0.70
CA ARG D 291 18.67 6.24 0.69
C ARG D 291 17.35 5.50 0.78
N PHE D 292 17.11 4.88 1.94
CA PHE D 292 15.94 4.03 2.11
C PHE D 292 15.34 4.26 3.49
N ASN D 293 14.08 3.84 3.63
CA ASN D 293 13.34 3.95 4.88
C ASN D 293 13.04 2.55 5.40
N TRP D 294 13.27 2.34 6.71
CA TRP D 294 13.07 1.02 7.28
C TRP D 294 11.61 0.57 7.17
N ASN D 295 10.68 1.48 7.43
CA ASN D 295 9.26 1.15 7.32
C ASN D 295 8.81 1.03 5.87
N ASP D 296 9.63 1.43 4.92
CA ASP D 296 9.38 1.23 3.50
C ASP D 296 10.23 0.06 3.02
N ARG D 297 10.18 -0.19 1.71
CA ARG D 297 10.84 -1.35 1.12
C ARG D 297 12.14 -0.94 0.43
N LEU D 298 13.12 -1.85 0.51
CA LEU D 298 14.40 -1.66 -0.15
C LEU D 298 14.24 -1.86 -1.65
N GLN D 299 14.96 -1.05 -2.43
CA GLN D 299 14.85 -1.03 -3.88
C GLN D 299 16.16 -1.43 -4.55
N ALA D 300 16.80 -2.48 -4.03
CA ALA D 300 18.05 -3.00 -4.58
C ALA D 300 17.96 -4.52 -4.65
N GLY D 301 17.70 -5.04 -5.86
CA GLY D 301 17.65 -6.48 -6.05
C GLY D 301 19.04 -7.09 -6.13
N TYR D 302 19.16 -8.31 -5.63
CA TYR D 302 20.45 -9.00 -5.60
C TYR D 302 20.19 -10.50 -5.65
N TYR D 303 20.81 -11.17 -6.62
CA TYR D 303 20.66 -12.61 -6.82
C TYR D 303 22.04 -13.24 -6.92
N PRO D 304 22.74 -13.37 -5.79
CA PRO D 304 24.12 -13.88 -5.85
C PRO D 304 24.20 -15.29 -6.39
N LEU D 305 25.20 -15.53 -7.24
CA LEU D 305 25.54 -16.87 -7.71
C LEU D 305 26.69 -17.42 -6.89
N LEU D 306 26.42 -17.61 -5.60
CA LEU D 306 27.42 -18.08 -4.65
C LEU D 306 26.86 -19.24 -3.84
N THR D 307 27.75 -20.14 -3.43
CA THR D 307 27.37 -21.30 -2.66
C THR D 307 28.50 -21.68 -1.71
N THR D 308 28.11 -22.18 -0.54
CA THR D 308 29.04 -22.75 0.43
C THR D 308 28.47 -24.10 0.87
N HIS D 309 29.24 -25.16 0.69
CA HIS D 309 28.77 -26.52 0.93
C HIS D 309 27.53 -26.82 0.10
N GLN D 310 27.45 -26.23 -1.10
CA GLN D 310 26.35 -26.33 -2.04
C GLN D 310 25.09 -25.65 -1.56
N ILE D 311 25.11 -25.00 -0.39
CA ILE D 311 23.93 -24.29 0.11
C ILE D 311 23.87 -22.93 -0.57
N PRO D 312 22.79 -22.60 -1.26
CA PRO D 312 22.74 -21.31 -1.98
C PRO D 312 22.68 -20.13 -1.03
N PHE D 313 23.24 -19.01 -1.50
CA PHE D 313 23.13 -17.76 -0.77
C PHE D 313 21.73 -17.17 -0.92
N ALA D 314 21.35 -16.37 0.07
CA ALA D 314 20.02 -15.77 0.07
C ALA D 314 19.86 -14.82 -1.11
N GLN D 315 18.66 -14.80 -1.69
CA GLN D 315 18.33 -13.93 -2.80
C GLN D 315 17.30 -12.90 -2.36
N ARG D 316 17.45 -11.68 -2.86
CA ARG D 316 16.54 -10.58 -2.56
C ARG D 316 16.01 -9.99 -3.86
N ASN D 317 14.69 -9.81 -3.92
CA ASN D 317 14.07 -9.27 -5.12
C ASN D 317 14.23 -7.75 -5.16
N GLY D 318 13.76 -7.15 -6.26
CA GLY D 318 13.90 -5.72 -6.45
C GLY D 318 13.15 -4.88 -5.45
N ASP D 319 11.94 -5.30 -5.06
CA ASP D 319 11.08 -4.55 -4.15
C ASP D 319 10.81 -5.42 -2.94
N TYR D 320 11.67 -5.31 -1.93
CA TYR D 320 11.61 -6.15 -0.74
C TYR D 320 11.14 -5.31 0.44
N TYR D 321 10.05 -5.73 1.08
CA TYR D 321 9.51 -5.04 2.25
C TYR D 321 10.26 -5.51 3.49
N LEU D 322 10.96 -4.57 4.13
CA LEU D 322 11.84 -4.92 5.24
C LEU D 322 11.09 -5.26 6.52
N ALA D 323 9.89 -4.69 6.72
CA ALA D 323 9.14 -4.87 7.96
C ALA D 323 8.04 -5.89 7.72
N ASN D 324 8.32 -7.14 8.08
CA ASN D 324 7.35 -8.22 7.99
C ASN D 324 7.06 -8.75 9.40
N ASP D 325 6.24 -9.81 9.46
CA ASP D 325 5.77 -10.31 10.75
C ASP D 325 6.92 -10.79 11.63
N ASP D 326 7.92 -11.44 11.03
CA ASP D 326 8.98 -12.08 11.79
C ASP D 326 10.15 -11.15 12.10
N ASN D 327 10.11 -9.88 11.69
CA ASN D 327 11.19 -8.95 11.93
C ASN D 327 10.85 -7.81 12.87
N ILE D 328 9.58 -7.67 13.27
CA ILE D 328 9.15 -6.45 13.96
C ILE D 328 10.12 -6.09 15.08
N GLU D 329 10.39 -7.03 15.97
CA GLU D 329 11.27 -6.76 17.11
C GLU D 329 12.55 -6.09 16.64
N ASP D 330 13.29 -6.76 15.74
CA ASP D 330 14.53 -6.18 15.24
C ASP D 330 14.29 -4.77 14.72
N ILE D 331 13.28 -4.60 13.86
CA ILE D 331 12.97 -3.28 13.34
C ILE D 331 12.90 -2.28 14.48
N GLN D 332 12.09 -2.58 15.50
CA GLN D 332 11.92 -1.66 16.61
C GLN D 332 13.27 -1.25 17.15
N PHE D 333 14.12 -2.24 17.47
CA PHE D 333 15.42 -1.93 18.02
C PHE D 333 16.16 -0.94 17.14
N VAL D 334 16.25 -1.26 15.84
CA VAL D 334 16.95 -0.38 14.91
C VAL D 334 16.43 1.04 15.08
N ASP D 335 15.11 1.21 14.98
CA ASP D 335 14.53 2.54 15.08
C ASP D 335 14.98 3.21 16.37
N SER D 336 14.81 2.53 17.50
CA SER D 336 15.19 3.11 18.77
C SER D 336 16.65 3.52 18.74
N TYR D 337 17.52 2.62 18.25
CA TYR D 337 18.95 2.90 18.28
C TYR D 337 19.25 4.19 17.53
N GLU D 338 18.50 4.48 16.47
CA GLU D 338 18.69 5.73 15.76
C GLU D 338 18.18 6.92 16.59
N LYS D 339 16.95 6.81 17.11
CA LYS D 339 16.34 7.96 17.76
C LYS D 339 17.15 8.41 18.96
N THR D 340 17.62 7.45 19.77
CA THR D 340 18.45 7.79 20.91
C THR D 340 19.61 8.69 20.47
N PHE D 341 20.29 8.32 19.38
CA PHE D 341 21.40 9.13 18.91
C PHE D 341 20.94 10.56 18.63
N LEU D 342 19.82 10.71 17.93
CA LEU D 342 19.30 12.04 17.68
C LEU D 342 19.08 12.79 18.98
N GLN D 343 18.53 12.11 19.99
CA GLN D 343 18.33 12.76 21.28
C GLN D 343 19.65 13.25 21.85
N PHE D 344 20.71 12.44 21.74
CA PHE D 344 22.02 12.89 22.18
C PHE D 344 22.40 14.19 21.50
N LEU D 345 22.15 14.30 20.19
CA LEU D 345 22.50 15.51 19.47
C LEU D 345 21.80 16.72 20.06
N GLN D 346 20.58 16.52 20.59
CA GLN D 346 19.89 17.64 21.22
C GLN D 346 20.47 17.96 22.59
N LYS D 347 20.96 16.95 23.31
CA LYS D 347 21.50 17.20 24.65
C LYS D 347 22.89 17.80 24.60
N GLY D 348 23.71 17.38 23.63
CA GLY D 348 25.06 17.91 23.50
C GLY D 348 26.04 17.29 24.47
N GLN D 349 25.88 17.61 25.76
CA GLN D 349 26.71 17.07 26.82
C GLN D 349 25.85 16.17 27.70
N PHE D 350 26.31 14.93 27.91
CA PHE D 350 25.49 13.96 28.62
C PHE D 350 26.38 12.89 29.25
N LYS D 351 25.73 11.90 29.85
CA LYS D 351 26.38 10.78 30.50
C LYS D 351 25.73 9.50 29.99
N ALA D 352 26.46 8.73 29.18
CA ALA D 352 25.95 7.51 28.60
C ALA D 352 26.94 6.37 28.83
N TYR D 353 26.42 5.20 29.21
CA TYR D 353 27.23 4.02 29.47
C TYR D 353 28.34 4.31 30.49
N LYS D 354 27.99 5.06 31.55
CA LYS D 354 28.93 5.42 32.61
C LYS D 354 30.10 6.26 32.08
N GLN D 355 29.93 6.89 30.93
CA GLN D 355 30.96 7.73 30.33
C GLN D 355 30.39 9.12 30.05
N GLU D 356 31.13 10.14 30.46
CA GLU D 356 30.74 11.52 30.18
C GLU D 356 31.12 11.85 28.74
N VAL D 357 30.17 12.39 27.99
CA VAL D 357 30.35 12.70 26.58
C VAL D 357 30.04 14.17 26.36
N ASP D 358 30.97 14.87 25.69
CA ASP D 358 30.82 16.26 25.31
C ASP D 358 31.01 16.37 23.81
N LEU D 359 29.92 16.61 23.08
CA LEU D 359 29.98 16.62 21.62
C LEU D 359 30.66 17.86 21.07
N TYR D 360 30.81 18.92 21.86
CA TYR D 360 31.54 20.09 21.40
C TYR D 360 33.01 19.79 21.16
N ASN D 361 33.54 18.75 21.78
CA ASN D 361 34.95 18.39 21.64
C ASN D 361 35.12 17.33 20.56
N SER D 362 36.16 17.50 19.74
CA SER D 362 36.37 16.59 18.62
C SER D 362 36.66 15.17 19.09
N LYS D 363 37.35 15.01 20.22
CA LYS D 363 37.72 13.68 20.69
C LYS D 363 36.49 12.79 20.86
N SER D 364 35.33 13.38 21.14
CA SER D 364 34.10 12.61 21.31
C SER D 364 33.86 11.68 20.12
N VAL D 365 34.47 11.97 18.98
CA VAL D 365 34.38 11.11 17.80
C VAL D 365 34.49 9.65 18.24
N ASN D 366 35.50 9.35 19.06
CA ASN D 366 35.71 7.98 19.51
C ASN D 366 34.40 7.36 19.95
N PHE D 367 33.78 7.94 20.99
CA PHE D 367 32.51 7.42 21.48
C PHE D 367 31.55 7.19 20.33
N VAL D 368 31.32 8.23 19.52
CA VAL D 368 30.36 8.11 18.42
C VAL D 368 30.65 6.86 17.61
N GLY D 369 31.90 6.69 17.18
CA GLY D 369 32.22 5.51 16.39
C GLY D 369 31.85 4.23 17.10
N ASN D 370 32.28 4.09 18.35
CA ASN D 370 31.94 2.89 19.10
C ASN D 370 30.44 2.71 19.19
N TYR D 371 29.72 3.82 19.41
CA TYR D 371 28.27 3.72 19.53
C TYR D 371 27.65 3.09 18.29
N TRP D 372 28.21 3.40 17.12
CA TRP D 372 27.66 2.89 15.87
C TRP D 372 28.23 1.53 15.49
N GLN D 373 29.18 1.00 16.25
CA GLN D 373 29.67 -0.36 16.04
C GLN D 373 29.28 -1.30 17.17
N ALA D 374 28.83 -0.78 18.30
CA ALA D 374 28.44 -1.60 19.45
C ALA D 374 29.57 -2.54 19.87
N ASN D 375 30.81 -2.06 19.76
CA ASN D 375 31.95 -2.86 20.15
C ASN D 375 32.07 -2.92 21.67
N VAL D 376 33.01 -3.76 22.14
CA VAL D 376 33.15 -3.98 23.58
C VAL D 376 33.57 -2.70 24.30
N ASP D 377 34.33 -1.83 23.63
CA ASP D 377 34.77 -0.60 24.26
C ASP D 377 33.59 0.26 24.70
N LEU D 378 32.46 0.15 24.02
CA LEU D 378 31.28 0.93 24.40
C LEU D 378 30.77 0.55 25.78
N TYR D 379 31.05 -0.68 26.22
CA TYR D 379 30.52 -1.21 27.47
C TYR D 379 31.62 -1.49 28.49
N GLU D 380 32.78 -0.86 28.36
CA GLU D 380 33.89 -1.17 29.25
C GLU D 380 33.70 -0.62 30.66
N LYS D 381 32.80 0.34 30.85
CA LYS D 381 32.59 0.97 32.16
C LYS D 381 31.37 0.45 32.90
N VAL D 382 30.50 -0.32 32.25
CA VAL D 382 29.32 -0.88 32.91
C VAL D 382 29.60 -2.32 33.29
N PRO D 383 28.88 -2.89 34.26
CA PRO D 383 29.14 -4.28 34.64
C PRO D 383 28.86 -5.23 33.49
N GLN D 384 29.57 -6.35 33.51
CA GLN D 384 29.40 -7.39 32.50
C GLN D 384 27.92 -7.70 32.29
N ARG D 385 27.46 -7.53 31.06
CA ARG D 385 26.05 -7.70 30.72
C ARG D 385 25.81 -9.02 30.02
N ASN D 386 24.68 -9.65 30.34
CA ASN D 386 24.20 -10.82 29.63
C ASN D 386 23.21 -10.48 28.52
N TYR D 387 22.74 -9.23 28.47
CA TYR D 387 21.84 -8.77 27.42
C TYR D 387 22.67 -8.05 26.36
N LEU D 388 22.78 -8.65 25.18
CA LEU D 388 23.66 -8.18 24.12
C LEU D 388 22.84 -7.87 22.88
N ARG D 389 23.10 -6.72 22.27
CA ARG D 389 22.45 -6.32 21.03
C ARG D 389 23.43 -5.51 20.19
N SER D 390 23.23 -5.55 18.88
CA SER D 390 24.09 -4.83 17.95
C SER D 390 23.23 -4.25 16.82
N TYR D 391 23.39 -2.95 16.57
CA TYR D 391 22.67 -2.31 15.48
C TYR D 391 23.06 -2.89 14.13
N GLU D 392 24.36 -3.06 13.90
CA GLU D 392 24.82 -3.56 12.61
C GLU D 392 24.37 -5.00 12.37
N ASP D 393 24.41 -5.84 13.41
CA ASP D 393 23.97 -7.22 13.25
C ASP D 393 22.50 -7.28 12.86
N ALA D 394 21.65 -6.51 13.55
CA ALA D 394 20.22 -6.51 13.24
C ALA D 394 19.97 -5.96 11.85
N ALA D 395 20.68 -4.89 11.47
CA ALA D 395 20.50 -4.34 10.13
C ALA D 395 20.90 -5.35 9.06
N ARG D 396 22.02 -6.04 9.27
CA ARG D 396 22.45 -7.07 8.31
C ARG D 396 21.43 -8.20 8.22
N ARG D 397 20.89 -8.63 9.37
CA ARG D 397 19.88 -9.68 9.34
C ARG D 397 18.64 -9.23 8.57
N ILE D 398 18.21 -8.00 8.79
CA ILE D 398 17.02 -7.49 8.12
C ILE D 398 17.26 -7.39 6.62
N LEU D 399 18.41 -6.86 6.22
CA LEU D 399 18.71 -6.64 4.81
C LEU D 399 19.05 -7.91 4.06
N GLY D 400 19.48 -8.97 4.77
CA GLY D 400 19.86 -10.19 4.09
C GLY D 400 18.70 -10.92 3.45
N ALA D 401 17.48 -10.71 3.97
CA ALA D 401 16.26 -11.31 3.45
C ALA D 401 16.25 -12.83 3.56
N ALA D 402 17.12 -13.40 4.40
CA ALA D 402 17.11 -14.84 4.60
C ALA D 402 15.88 -15.24 5.41
N PRO D 403 15.38 -16.46 5.23
CA PRO D 403 14.24 -16.92 6.02
C PRO D 403 14.58 -16.91 7.51
N ARG D 404 13.60 -16.52 8.32
CA ARG D 404 13.79 -16.40 9.76
C ARG D 404 13.34 -17.68 10.45
N ASN D 405 14.20 -18.21 11.31
CA ASN D 405 13.91 -19.44 12.04
C ASN D 405 14.52 -19.35 13.43
N SER D 406 13.87 -20.00 14.39
CA SER D 406 14.35 -20.04 15.77
C SER D 406 15.27 -21.20 16.05
N TYR D 407 15.58 -22.02 15.05
CA TYR D 407 16.44 -23.18 15.21
C TYR D 407 17.89 -22.79 14.94
N GLU D 408 18.78 -23.16 15.86
CA GLU D 408 20.18 -22.76 15.76
C GLU D 408 20.97 -23.62 14.78
N ASN D 409 20.45 -24.78 14.38
CA ASN D 409 21.17 -25.72 13.55
C ASN D 409 20.77 -25.60 12.07
N LEU D 410 20.13 -24.51 11.68
CA LEU D 410 19.68 -24.33 10.30
C LEU D 410 19.82 -22.87 9.93
N ASN D 411 20.62 -22.58 8.92
CA ASN D 411 20.84 -21.22 8.46
C ASN D 411 20.99 -21.20 6.94
N VAL D 412 20.49 -20.14 6.32
CA VAL D 412 20.68 -19.88 4.90
C VAL D 412 21.70 -18.75 4.77
N PRO D 413 22.90 -19.00 4.24
CA PRO D 413 23.93 -17.95 4.24
C PRO D 413 23.54 -16.77 3.37
N THR D 414 24.02 -15.58 3.77
CA THR D 414 23.84 -14.36 3.01
C THR D 414 25.19 -13.68 2.85
N ALA D 415 25.28 -12.80 1.85
CA ALA D 415 26.54 -12.11 1.59
C ALA D 415 26.96 -11.26 2.78
N LEU D 416 25.99 -10.70 3.51
CA LEU D 416 26.29 -9.85 4.65
C LEU D 416 26.70 -10.63 5.89
N ASP D 417 26.57 -11.96 5.89
CA ASP D 417 27.00 -12.77 7.01
C ASP D 417 28.51 -12.99 7.05
N PHE D 418 29.22 -12.65 5.98
CA PHE D 418 30.66 -12.84 5.91
C PHE D 418 31.33 -11.55 5.47
N TYR D 419 32.44 -11.22 6.13
CA TYR D 419 33.22 -10.05 5.72
C TYR D 419 33.93 -10.27 4.40
N GLN D 420 34.04 -11.52 3.93
CA GLN D 420 34.65 -11.78 2.63
C GLN D 420 33.72 -11.41 1.49
N THR D 421 32.41 -11.37 1.73
CA THR D 421 31.43 -11.12 0.68
C THR D 421 30.52 -9.93 0.96
N SER D 422 30.80 -9.15 2.01
CA SER D 422 29.90 -8.05 2.37
C SER D 422 29.85 -6.98 1.29
N LEU D 423 31.01 -6.66 0.69
CA LEU D 423 31.07 -5.57 -0.28
C LEU D 423 30.37 -5.89 -1.59
N ARG D 424 29.97 -7.15 -1.82
CA ARG D 424 29.25 -7.49 -3.03
C ARG D 424 27.80 -7.01 -3.02
N ASP D 425 27.28 -6.62 -1.85
CA ASP D 425 25.87 -6.26 -1.72
C ASP D 425 25.71 -4.76 -1.66
N PRO D 426 24.92 -4.14 -2.54
CA PRO D 426 24.70 -2.68 -2.43
C PRO D 426 24.07 -2.26 -1.11
N ALA D 427 23.26 -3.13 -0.49
CA ALA D 427 22.65 -2.79 0.78
C ALA D 427 23.70 -2.42 1.82
N PHE D 428 24.87 -3.05 1.76
CA PHE D 428 25.97 -2.66 2.65
C PHE D 428 26.30 -1.18 2.48
N TYR D 429 26.49 -0.75 1.23
CA TYR D 429 26.85 0.64 0.97
C TYR D 429 25.73 1.58 1.43
N GLN D 430 24.47 1.21 1.16
CA GLN D 430 23.36 2.07 1.58
C GLN D 430 23.31 2.21 3.09
N LEU D 431 23.44 1.08 3.81
CA LEU D 431 23.37 1.10 5.27
C LEU D 431 24.48 1.96 5.85
N TYR D 432 25.72 1.75 5.38
CA TYR D 432 26.82 2.52 5.95
C TYR D 432 26.80 3.97 5.49
N ALA D 433 26.18 4.27 4.35
CA ALA D 433 25.94 5.67 3.99
C ALA D 433 24.98 6.32 4.97
N LYS D 434 23.93 5.60 5.37
CA LYS D 434 23.02 6.12 6.40
C LYS D 434 23.78 6.37 7.71
N ILE D 435 24.60 5.41 8.11
CA ILE D 435 25.35 5.55 9.37
C ILE D 435 26.28 6.76 9.30
N LEU D 436 26.99 6.92 8.18
CA LEU D 436 27.90 8.06 8.05
C LEU D 436 27.14 9.37 7.94
N ASP D 437 25.90 9.35 7.41
CA ASP D 437 25.09 10.56 7.44
C ASP D 437 24.78 10.96 8.88
N PHE D 438 24.43 9.99 9.73
CA PHE D 438 24.24 10.31 11.14
C PHE D 438 25.52 10.86 11.75
N ILE D 439 26.66 10.23 11.43
CA ILE D 439 27.92 10.69 12.02
C ILE D 439 28.28 12.09 11.54
N ASN D 440 27.94 12.43 10.30
CA ASN D 440 28.20 13.79 9.82
C ASN D 440 27.26 14.79 10.47
N GLN D 441 26.01 14.40 10.71
CA GLN D 441 25.13 15.24 11.51
C GLN D 441 25.76 15.54 12.86
N TYR D 442 26.38 14.53 13.48
CA TYR D 442 27.15 14.76 14.70
C TYR D 442 28.31 15.72 14.43
N LYS D 443 29.06 15.50 13.35
CA LYS D 443 30.23 16.31 13.04
C LYS D 443 29.88 17.77 12.84
N GLU D 444 28.63 18.07 12.50
CA GLU D 444 28.23 19.47 12.33
C GLU D 444 28.50 20.28 13.59
N TYR D 445 28.57 19.64 14.76
CA TYR D 445 28.86 20.35 16.00
C TYR D 445 30.23 21.02 15.96
N LEU D 446 31.23 20.36 15.39
CA LEU D 446 32.61 20.80 15.54
C LEU D 446 32.84 22.16 14.90
N GLU D 447 33.72 22.94 15.52
CA GLU D 447 34.07 24.25 14.99
C GLU D 447 34.93 24.10 13.74
N PRO D 448 34.64 24.82 12.66
CA PRO D 448 35.45 24.68 11.44
C PRO D 448 36.87 25.21 11.64
N TYR D 449 37.80 24.64 10.87
CA TYR D 449 39.19 25.08 10.92
C TYR D 449 39.31 26.54 10.49
N THR D 450 40.21 27.26 11.14
CA THR D 450 40.42 28.67 10.90
C THR D 450 41.64 28.88 9.99
N GLN D 451 41.79 30.13 9.53
CA GLN D 451 42.89 30.44 8.61
C GLN D 451 44.24 30.22 9.27
N ASP D 452 44.39 30.64 10.54
CA ASP D 452 45.67 30.49 11.21
C ASP D 452 46.13 29.05 11.24
N VAL D 453 45.20 28.10 11.33
CA VAL D 453 45.56 26.68 11.31
C VAL D 453 45.87 26.22 9.90
N LEU D 454 45.24 26.81 8.89
CA LEU D 454 45.37 26.36 7.51
C LEU D 454 46.50 27.07 6.77
N HIS D 455 46.56 28.39 6.85
CA HIS D 455 47.54 29.16 6.10
C HIS D 455 48.94 28.75 6.51
N PHE D 456 49.79 28.48 5.52
CA PHE D 456 51.21 28.17 5.74
C PHE D 456 52.03 29.40 5.33
N VAL D 457 52.24 30.29 6.29
CA VAL D 457 52.94 31.55 6.04
C VAL D 457 54.30 31.26 5.42
N GLY D 458 54.60 31.95 4.33
CA GLY D 458 55.87 31.80 3.65
C GLY D 458 55.97 30.57 2.77
N VAL D 459 54.85 29.95 2.42
CA VAL D 459 54.84 28.76 1.58
C VAL D 459 53.68 28.91 0.59
N LYS D 460 53.99 28.81 -0.71
CA LYS D 460 53.00 28.91 -1.76
C LYS D 460 53.27 27.84 -2.80
N ILE D 461 52.22 27.12 -3.20
CA ILE D 461 52.34 26.09 -4.22
C ILE D 461 52.18 26.76 -5.59
N ASN D 462 53.28 26.87 -6.33
CA ASN D 462 53.24 27.55 -7.61
C ASN D 462 52.54 26.72 -8.69
N ASP D 463 52.81 25.42 -8.75
CA ASP D 463 52.26 24.62 -9.84
C ASP D 463 52.16 23.15 -9.43
N VAL D 464 51.30 22.42 -10.14
CA VAL D 464 51.16 20.98 -9.99
C VAL D 464 50.92 20.37 -11.37
N LYS D 465 51.74 19.39 -11.75
CA LYS D 465 51.58 18.68 -13.01
C LYS D 465 51.47 17.19 -12.74
N VAL D 466 50.70 16.51 -13.59
CA VAL D 466 50.50 15.07 -13.49
C VAL D 466 50.58 14.47 -14.88
N ASP D 467 51.21 13.30 -14.98
CA ASP D 467 51.33 12.61 -16.25
C ASP D 467 49.98 12.02 -16.66
N LYS D 468 49.95 11.41 -17.85
CA LYS D 468 48.73 10.84 -18.37
C LYS D 468 48.22 9.75 -17.44
N LEU D 469 46.91 9.78 -17.18
CA LEU D 469 46.25 8.81 -16.30
C LEU D 469 45.55 7.78 -17.18
N VAL D 470 45.98 6.53 -17.08
CA VAL D 470 45.54 5.45 -17.96
C VAL D 470 45.08 4.27 -17.12
N THR D 471 43.98 3.65 -17.54
CA THR D 471 43.47 2.45 -16.90
C THR D 471 43.18 1.39 -17.96
N TYR D 472 43.29 0.12 -17.56
CA TYR D 472 43.06 -0.98 -18.48
C TYR D 472 42.70 -2.23 -17.67
N PHE D 473 42.36 -3.29 -18.40
CA PHE D 473 42.07 -4.60 -17.83
C PHE D 473 43.18 -5.57 -18.21
N GLU D 474 43.67 -6.33 -17.24
CA GLU D 474 44.70 -7.32 -17.47
C GLU D 474 44.33 -8.62 -16.78
N TYR D 475 44.74 -9.74 -17.38
CA TYR D 475 44.50 -11.04 -16.79
C TYR D 475 45.33 -11.21 -15.52
N PHE D 476 44.71 -11.78 -14.49
CA PHE D 476 45.36 -12.08 -13.22
C PHE D 476 45.02 -13.50 -12.82
N ASP D 477 46.03 -14.24 -12.38
CA ASP D 477 45.89 -15.65 -12.02
C ASP D 477 46.01 -15.80 -10.51
N TRP D 478 45.09 -16.56 -9.92
CA TRP D 478 45.17 -16.88 -8.50
C TRP D 478 44.80 -18.34 -8.25
N ASN D 479 45.48 -18.93 -7.28
CA ASN D 479 45.31 -20.34 -6.95
C ASN D 479 43.98 -20.56 -6.22
N ALA D 480 43.22 -21.54 -6.67
CA ALA D 480 41.93 -21.88 -6.07
C ALA D 480 41.81 -23.36 -5.76
N THR D 481 42.91 -23.99 -5.33
CA THR D 481 42.91 -25.42 -5.07
C THR D 481 42.19 -25.78 -3.77
N ASN D 482 42.12 -24.87 -2.80
CA ASN D 482 41.51 -25.17 -1.51
C ASN D 482 40.01 -25.39 -1.59
N ALA D 483 39.37 -25.04 -2.71
CA ALA D 483 37.92 -25.16 -2.82
C ALA D 483 37.47 -26.60 -3.00
N VAL D 484 38.35 -27.49 -3.45
CA VAL D 484 37.98 -28.85 -3.77
C VAL D 484 38.44 -29.79 -2.65
N TYR D 485 37.91 -31.01 -2.66
CA TYR D 485 38.32 -32.06 -1.72
C TYR D 485 39.24 -33.03 -2.44
N LEU D 486 40.40 -33.27 -1.86
CA LEU D 486 41.43 -34.10 -2.47
C LEU D 486 41.25 -35.57 -2.09
N SER D 487 41.84 -36.44 -2.91
CA SER D 487 41.85 -37.86 -2.63
C SER D 487 43.03 -38.22 -1.74
N GLU D 488 43.04 -39.46 -1.26
CA GLU D 488 44.12 -39.91 -0.39
C GLU D 488 45.46 -39.83 -1.12
N GLN D 489 45.49 -40.28 -2.38
CA GLN D 489 46.73 -40.23 -3.14
C GLN D 489 47.21 -38.79 -3.31
N GLN D 490 46.30 -37.87 -3.63
CA GLN D 490 46.67 -36.47 -3.78
C GLN D 490 47.20 -35.89 -2.47
N LEU D 491 46.57 -36.22 -1.34
CA LEU D 491 47.06 -35.75 -0.05
C LEU D 491 48.44 -36.29 0.25
N ASP D 492 48.67 -37.57 -0.07
CA ASP D 492 49.93 -38.21 0.28
C ASP D 492 51.10 -37.71 -0.57
N THR D 493 50.90 -37.49 -1.87
CA THR D 493 51.98 -37.16 -2.78
C THR D 493 51.90 -35.72 -3.27
N GLY D 494 50.78 -35.32 -3.86
CA GLY D 494 50.65 -33.98 -4.41
C GLY D 494 49.33 -33.76 -5.12
N SER D 495 48.80 -32.54 -5.00
CA SER D 495 47.53 -32.21 -5.60
C SER D 495 47.72 -31.34 -6.83
N PRO D 496 46.77 -31.35 -7.77
CA PRO D 496 46.89 -30.51 -8.95
C PRO D 496 46.62 -29.04 -8.62
N SER D 497 47.00 -28.19 -9.57
CA SER D 497 46.88 -26.74 -9.41
C SER D 497 45.71 -26.25 -10.24
N TYR D 498 44.63 -25.84 -9.58
CA TYR D 498 43.48 -25.23 -10.23
C TYR D 498 43.61 -23.72 -10.07
N ILE D 499 43.83 -23.02 -11.19
CA ILE D 499 44.14 -21.59 -11.19
C ILE D 499 43.00 -20.87 -11.90
N VAL D 500 42.51 -19.80 -11.28
CA VAL D 500 41.49 -18.94 -11.88
C VAL D 500 42.18 -17.75 -12.50
N ARG D 501 41.92 -17.53 -13.79
CA ARG D 501 42.48 -16.43 -14.56
C ARG D 501 41.33 -15.49 -14.93
N GLN D 502 41.30 -14.31 -14.33
CA GLN D 502 40.21 -13.38 -14.52
C GLN D 502 40.74 -11.99 -14.84
N PRO D 503 39.99 -11.18 -15.58
CA PRO D 503 40.39 -9.79 -15.79
C PRO D 503 40.32 -8.99 -14.50
N ARG D 504 41.22 -8.02 -14.38
CA ARG D 504 41.25 -7.11 -13.25
C ARG D 504 41.68 -5.73 -13.72
N LEU D 505 41.17 -4.71 -13.04
CA LEU D 505 41.53 -3.33 -13.35
C LEU D 505 42.96 -3.03 -12.91
N ASN D 506 43.63 -2.19 -13.69
CA ASN D 506 44.98 -1.76 -13.35
C ASN D 506 45.23 -0.41 -14.02
N ASN D 507 46.25 0.29 -13.53
CA ASN D 507 46.62 1.61 -14.03
C ASN D 507 48.12 1.64 -14.31
N GLN D 508 48.49 2.45 -15.32
CA GLN D 508 49.90 2.59 -15.66
C GLN D 508 50.58 3.57 -14.70
N PRO D 509 51.90 3.45 -14.54
CA PRO D 509 52.60 4.35 -13.62
C PRO D 509 52.44 5.81 -14.02
N PHE D 510 52.32 6.66 -13.01
CA PHE D 510 52.26 8.11 -13.22
C PHE D 510 52.97 8.81 -12.07
N THR D 511 53.39 10.05 -12.32
CA THR D 511 54.14 10.83 -11.36
C THR D 511 53.47 12.18 -11.17
N VAL D 512 53.51 12.69 -9.94
CA VAL D 512 52.97 14.00 -9.60
C VAL D 512 54.15 14.91 -9.26
N THR D 513 54.24 16.04 -9.96
CA THR D 513 55.30 17.01 -9.74
C THR D 513 54.69 18.28 -9.16
N ILE D 514 55.23 18.73 -8.03
CA ILE D 514 54.73 19.89 -7.30
C ILE D 514 55.84 20.93 -7.27
N ASP D 515 55.55 22.13 -7.77
CA ASP D 515 56.48 23.26 -7.76
C ASP D 515 56.03 24.24 -6.70
N ILE D 516 56.88 24.48 -5.71
CA ILE D 516 56.58 25.29 -4.54
C ILE D 516 57.63 26.38 -4.40
N LYS D 517 57.24 27.47 -3.74
CA LYS D 517 58.13 28.58 -3.44
C LYS D 517 58.08 28.86 -1.95
N SER D 518 59.25 28.92 -1.30
CA SER D 518 59.31 29.22 0.13
C SER D 518 60.70 29.74 0.46
N ASP D 519 60.79 31.02 0.79
CA ASP D 519 62.06 31.60 1.23
C ASP D 519 62.48 31.11 2.60
N VAL D 520 61.57 30.51 3.37
CA VAL D 520 61.87 29.97 4.69
C VAL D 520 62.17 28.48 4.56
N GLU D 521 63.28 28.05 5.13
CA GLU D 521 63.72 26.66 5.08
C GLU D 521 63.15 25.93 6.30
N SER D 522 62.30 24.94 6.06
CA SER D 522 61.60 24.28 7.15
C SER D 522 61.10 22.91 6.70
N GLU D 523 60.69 22.10 7.66
CA GLU D 523 60.10 20.79 7.41
C GLU D 523 58.59 20.96 7.22
N ALA D 524 58.02 20.14 6.32
CA ALA D 524 56.61 20.26 5.99
C ALA D 524 56.04 18.89 5.63
N VAL D 525 54.72 18.81 5.65
CA VAL D 525 53.97 17.61 5.31
C VAL D 525 53.08 17.91 4.11
N ILE D 526 53.09 17.01 3.14
CA ILE D 526 52.31 17.13 1.91
C ILE D 526 51.32 15.98 1.84
N LYS D 527 50.06 16.32 1.58
CA LYS D 527 48.98 15.36 1.41
C LYS D 527 48.36 15.55 0.03
N ILE D 528 48.00 14.43 -0.60
CA ILE D 528 47.40 14.42 -1.93
C ILE D 528 46.12 13.60 -1.86
N PHE D 529 45.01 14.19 -2.30
CA PHE D 529 43.70 13.56 -2.37
C PHE D 529 43.21 13.55 -3.81
N ILE D 530 42.34 12.59 -4.12
CA ILE D 530 41.66 12.52 -5.41
C ILE D 530 40.16 12.54 -5.16
N GLY D 531 39.43 13.30 -5.99
CA GLY D 531 38.01 13.44 -5.81
C GLY D 531 37.25 13.73 -7.09
N PRO D 532 35.93 13.78 -7.00
CA PRO D 532 35.12 14.05 -8.19
C PRO D 532 35.00 15.54 -8.47
N LYS D 533 34.57 15.85 -9.69
CA LYS D 533 34.33 17.21 -10.12
C LYS D 533 32.86 17.48 -10.43
N TYR D 534 32.15 16.52 -11.00
CA TYR D 534 30.74 16.66 -11.32
C TYR D 534 29.93 15.56 -10.64
N ASP D 535 28.72 15.90 -10.23
CA ASP D 535 27.83 14.96 -9.58
C ASP D 535 27.03 14.19 -10.63
N GLY D 536 26.06 13.39 -10.18
CA GLY D 536 25.27 12.62 -11.12
C GLY D 536 24.42 13.47 -12.04
N ASN D 537 24.09 14.68 -11.61
CA ASN D 537 23.26 15.59 -12.40
C ASN D 537 24.07 16.43 -13.38
N GLY D 538 25.39 16.26 -13.41
CA GLY D 538 26.22 16.99 -14.36
C GLY D 538 26.62 18.37 -13.93
N TYR D 539 26.40 18.74 -12.66
CA TYR D 539 26.78 20.06 -12.17
C TYR D 539 28.01 19.95 -11.26
N PRO D 540 28.84 21.00 -11.21
CA PRO D 540 30.02 20.95 -10.36
C PRO D 540 29.64 20.86 -8.88
N ILE D 541 30.48 20.18 -8.11
CA ILE D 541 30.24 19.96 -6.69
C ILE D 541 31.06 20.98 -5.91
N ASP D 542 30.37 21.80 -5.11
CA ASP D 542 31.06 22.76 -4.25
C ASP D 542 31.79 22.03 -3.14
N LEU D 543 32.92 22.62 -2.70
CA LEU D 543 33.73 21.99 -1.68
C LEU D 543 32.94 21.79 -0.38
N GLU D 544 32.00 22.68 -0.09
CA GLU D 544 31.19 22.54 1.11
C GLU D 544 30.36 21.27 1.10
N ASN D 545 30.14 20.66 -0.07
CA ASN D 545 29.47 19.36 -0.17
C ASN D 545 30.39 18.25 -0.64
N ASN D 546 31.55 18.56 -1.21
CA ASN D 546 32.46 17.56 -1.74
C ASN D 546 33.55 17.15 -0.75
N TRP D 547 33.57 17.74 0.44
CA TRP D 547 34.60 17.41 1.41
C TRP D 547 34.52 15.96 1.89
N VAL D 548 33.35 15.33 1.77
CA VAL D 548 33.18 13.95 2.23
C VAL D 548 33.47 12.93 1.14
N ASN D 549 33.69 13.38 -0.10
CA ASN D 549 33.93 12.48 -1.23
C ASN D 549 35.40 12.44 -1.65
N LEU D 550 36.29 13.12 -0.94
CA LEU D 550 37.70 13.16 -1.30
C LEU D 550 38.43 11.97 -0.69
N VAL D 551 39.21 11.28 -1.51
CA VAL D 551 39.95 10.09 -1.09
C VAL D 551 41.42 10.48 -0.98
N GLU D 552 42.00 10.25 0.21
CA GLU D 552 43.42 10.51 0.41
C GLU D 552 44.24 9.43 -0.30
N ILE D 553 45.25 9.86 -1.06
CA ILE D 553 46.06 8.91 -1.82
C ILE D 553 47.52 9.00 -1.40
N ASP D 554 47.97 10.15 -0.90
CA ASP D 554 49.37 10.28 -0.53
C ASP D 554 49.52 11.14 0.71
N TRP D 555 50.56 10.84 1.50
CA TRP D 555 50.82 11.54 2.75
C TRP D 555 52.29 11.34 3.08
N PHE D 556 53.09 12.40 2.97
CA PHE D 556 54.53 12.26 3.19
C PHE D 556 55.11 13.56 3.74
N THR D 557 56.40 13.51 4.06
CA THR D 557 57.14 14.63 4.63
C THR D 557 58.24 15.07 3.68
N HIS D 558 58.63 16.34 3.77
CA HIS D 558 59.68 16.87 2.93
C HIS D 558 60.29 18.11 3.56
N LYS D 559 61.57 18.32 3.31
CA LYS D 559 62.30 19.50 3.81
C LYS D 559 62.40 20.52 2.67
N LEU D 560 61.81 21.68 2.88
CA LEU D 560 61.85 22.76 1.90
C LEU D 560 63.01 23.69 2.22
N THR D 561 63.85 23.96 1.23
CA THR D 561 64.94 24.92 1.35
C THR D 561 64.49 26.27 0.82
N SER D 562 65.29 27.29 1.14
CA SER D 562 64.96 28.65 0.70
C SER D 562 64.94 28.72 -0.82
N GLY D 563 63.91 29.38 -1.34
CA GLY D 563 63.78 29.58 -2.78
C GLY D 563 62.75 28.66 -3.43
N GLN D 564 63.11 28.12 -4.59
CA GLN D 564 62.23 27.26 -5.35
C GLN D 564 62.43 25.81 -4.93
N ASN D 565 61.37 25.01 -5.10
CA ASN D 565 61.41 23.59 -4.79
C ASN D 565 60.56 22.83 -5.79
N LYS D 566 61.05 21.68 -6.23
CA LYS D 566 60.30 20.79 -7.12
C LYS D 566 60.32 19.38 -6.53
N ILE D 567 59.15 18.86 -6.20
CA ILE D 567 59.00 17.54 -5.61
C ILE D 567 58.38 16.61 -6.64
N GLU D 568 59.01 15.46 -6.85
CA GLU D 568 58.52 14.43 -7.77
C GLU D 568 58.14 13.21 -6.95
N ARG D 569 56.85 12.90 -6.92
CA ARG D 569 56.32 11.75 -6.18
C ARG D 569 55.78 10.74 -7.18
N LYS D 570 56.29 9.52 -7.12
CA LYS D 570 55.88 8.47 -8.03
C LYS D 570 54.71 7.68 -7.44
N SER D 571 53.85 7.17 -8.32
CA SER D 571 52.68 6.42 -7.88
C SER D 571 53.06 5.17 -7.12
N GLU D 572 54.26 4.64 -7.31
CA GLU D 572 54.71 3.45 -6.60
C GLU D 572 55.14 3.74 -5.17
N ASN D 573 55.20 5.01 -4.76
CA ASN D 573 55.64 5.37 -3.42
C ASN D 573 54.51 5.98 -2.58
N PHE D 574 53.27 5.92 -3.05
CA PHE D 574 52.16 6.47 -2.28
C PHE D 574 51.97 5.70 -0.98
N PHE D 575 51.60 6.41 0.07
CA PHE D 575 51.57 5.83 1.41
C PHE D 575 50.41 4.85 1.58
N TRP D 576 49.24 5.18 1.02
CA TRP D 576 48.02 4.44 1.30
C TRP D 576 47.74 3.32 0.31
N PHE D 577 48.78 2.79 -0.36
CA PHE D 577 48.59 1.70 -1.30
C PHE D 577 49.78 0.75 -1.25
N LYS D 578 49.52 -0.50 -1.63
CA LYS D 578 50.52 -1.57 -1.60
C LYS D 578 50.59 -2.21 -2.99
N GLU D 579 51.36 -3.29 -3.08
CA GLU D 579 51.42 -4.10 -4.28
C GLU D 579 50.59 -5.37 -4.10
N ASP D 580 50.42 -6.09 -5.21
CA ASP D 580 49.61 -7.31 -5.22
C ASP D 580 50.31 -8.44 -4.48
N SER D 581 49.52 -9.27 -3.82
CA SER D 581 50.04 -10.45 -3.15
C SER D 581 50.35 -11.54 -4.18
N VAL D 582 51.11 -12.53 -3.73
CA VAL D 582 51.58 -13.61 -4.60
C VAL D 582 51.07 -14.95 -4.07
N SER D 583 51.15 -15.97 -4.93
CA SER D 583 50.65 -17.28 -4.61
C SER D 583 51.60 -18.01 -3.66
N VAL D 584 51.12 -19.13 -3.11
CA VAL D 584 51.87 -19.87 -2.10
C VAL D 584 53.14 -20.46 -2.70
N SER D 585 53.09 -20.87 -3.96
CA SER D 585 54.26 -21.49 -4.59
C SER D 585 55.45 -20.53 -4.60
N LYS D 586 55.22 -19.27 -4.98
CA LYS D 586 56.29 -18.29 -4.94
C LYS D 586 56.74 -18.03 -3.50
N ILE D 587 55.81 -18.09 -2.54
CA ILE D 587 56.19 -17.91 -1.14
C ILE D 587 57.19 -18.98 -0.73
N TYR D 588 56.90 -20.23 -1.07
CA TYR D 588 57.83 -21.32 -0.76
C TYR D 588 59.14 -21.15 -1.50
N GLU D 589 59.08 -20.74 -2.77
CA GLU D 589 60.31 -20.54 -3.53
C GLU D 589 61.20 -19.50 -2.87
N LEU D 590 60.62 -18.38 -2.45
CA LEU D 590 61.40 -17.34 -1.78
C LEU D 590 61.89 -17.82 -0.42
N LEU D 591 61.04 -18.55 0.32
CA LEU D 591 61.44 -19.05 1.63
C LEU D 591 62.64 -19.97 1.53
N ASN D 592 62.71 -20.77 0.45
CA ASN D 592 63.87 -21.62 0.23
C ASN D 592 65.15 -20.81 0.07
N ASN D 593 65.05 -19.52 -0.24
CA ASN D 593 66.20 -18.64 -0.33
C ASN D 593 66.25 -17.64 0.82
N GLY D 594 65.49 -17.88 1.89
CA GLY D 594 65.48 -16.99 3.03
C GLY D 594 64.94 -15.61 2.72
N GLN D 595 63.82 -15.55 2.00
CA GLN D 595 63.20 -14.28 1.64
C GLN D 595 61.69 -14.41 1.71
N VAL D 596 61.02 -13.27 1.89
CA VAL D 596 59.56 -13.21 1.93
C VAL D 596 59.10 -12.01 1.11
N PRO D 597 57.93 -12.07 0.49
CA PRO D 597 57.40 -10.87 -0.19
C PRO D 597 57.28 -9.72 0.79
N ARG D 598 58.00 -8.63 0.50
CA ARG D 598 58.08 -7.53 1.46
C ARG D 598 56.73 -6.87 1.67
N TYR D 599 55.92 -6.73 0.62
CA TYR D 599 54.62 -6.08 0.75
C TYR D 599 53.58 -6.95 1.42
N MET D 600 53.80 -8.27 1.50
CA MET D 600 52.93 -9.11 2.30
C MET D 600 53.29 -9.05 3.79
N ILE D 601 54.47 -8.55 4.11
CA ILE D 601 54.84 -8.23 5.49
C ILE D 601 54.65 -6.76 5.79
N GLU D 602 54.95 -5.90 4.82
CA GLU D 602 54.84 -4.45 4.96
C GLU D 602 53.61 -3.96 4.21
N LYS D 603 52.76 -3.20 4.90
CA LYS D 603 51.61 -2.56 4.28
C LYS D 603 50.68 -3.58 3.63
N PHE D 604 50.39 -4.67 4.36
CA PHE D 604 49.50 -5.71 3.86
C PHE D 604 48.05 -5.46 4.25
N LEU D 605 47.74 -4.33 4.88
CA LEU D 605 46.39 -3.97 5.26
C LEU D 605 45.81 -2.86 4.38
N LEU D 606 46.57 -2.36 3.42
CA LEU D 606 46.16 -1.24 2.59
C LEU D 606 45.58 -1.72 1.27
N LEU D 607 44.91 -0.80 0.56
CA LEU D 607 44.34 -1.13 -0.73
C LEU D 607 45.43 -1.40 -1.76
N PRO D 608 45.19 -2.26 -2.74
CA PRO D 608 46.16 -2.44 -3.82
C PRO D 608 46.29 -1.19 -4.68
N ARG D 609 47.47 -1.05 -5.29
CA ARG D 609 47.72 0.11 -6.13
C ARG D 609 46.93 0.06 -7.43
N ARG D 610 46.51 -1.14 -7.87
CA ARG D 610 45.77 -1.27 -9.12
C ARG D 610 44.39 -0.64 -9.05
N LEU D 611 43.85 -0.38 -7.85
CA LEU D 611 42.52 0.20 -7.68
C LEU D 611 42.60 1.69 -7.36
N LEU D 612 43.76 2.31 -7.53
CA LEU D 612 43.91 3.71 -7.17
C LEU D 612 42.99 4.60 -7.99
N LEU D 613 42.91 4.37 -9.30
CA LEU D 613 42.14 5.23 -10.18
C LEU D 613 40.87 4.52 -10.65
N PRO D 614 39.75 5.23 -10.76
CA PRO D 614 38.55 4.62 -11.36
C PRO D 614 38.76 4.37 -12.85
N ARG D 615 38.09 3.33 -13.34
CA ARG D 615 38.19 3.00 -14.76
C ARG D 615 37.78 4.18 -15.61
N GLY D 616 38.60 4.50 -16.61
CA GLY D 616 38.36 5.63 -17.48
C GLY D 616 37.56 5.26 -18.71
N THR D 617 37.44 6.23 -19.61
CA THR D 617 36.74 6.06 -20.88
C THR D 617 37.66 6.46 -22.03
N GLU D 618 37.26 6.07 -23.24
CA GLU D 618 38.04 6.43 -24.42
C GLU D 618 38.20 7.94 -24.53
N GLY D 619 37.10 8.68 -24.41
CA GLY D 619 37.19 10.13 -24.43
C GLY D 619 37.88 10.69 -23.20
N GLY D 620 37.60 10.10 -22.04
CA GLY D 620 38.20 10.56 -20.79
C GLY D 620 37.17 10.93 -19.75
N VAL D 621 37.42 10.55 -18.50
CA VAL D 621 36.51 10.86 -17.40
C VAL D 621 37.15 11.94 -16.53
N PRO D 622 36.42 13.00 -16.16
CA PRO D 622 37.04 14.09 -15.38
C PRO D 622 37.03 13.85 -13.88
N PHE D 623 38.17 14.12 -13.23
CA PHE D 623 38.28 14.10 -11.78
C PHE D 623 39.22 15.23 -11.38
N GLN D 624 39.53 15.33 -10.09
CA GLN D 624 40.42 16.39 -9.63
C GLN D 624 41.33 15.88 -8.52
N PHE D 625 42.48 16.54 -8.41
CA PHE D 625 43.46 16.30 -7.36
C PHE D 625 43.56 17.51 -6.46
N PHE D 626 43.68 17.26 -5.16
CA PHE D 626 43.86 18.29 -4.16
C PHE D 626 45.20 18.07 -3.46
N VAL D 627 46.04 19.10 -3.46
CA VAL D 627 47.37 19.04 -2.87
C VAL D 627 47.43 20.05 -1.73
N PHE D 628 47.87 19.59 -0.56
CA PHE D 628 47.88 20.40 0.65
C PHE D 628 49.24 20.29 1.32
N VAL D 629 49.84 21.44 1.64
CA VAL D 629 51.13 21.50 2.31
C VAL D 629 50.93 22.24 3.63
N TYR D 630 51.41 21.65 4.72
CA TYR D 630 51.23 22.25 6.03
C TYR D 630 52.47 21.97 6.87
N PRO D 631 52.60 22.63 8.02
CA PRO D 631 53.79 22.40 8.86
C PRO D 631 53.82 20.97 9.41
N TYR D 632 55.04 20.51 9.67
CA TYR D 632 55.25 19.16 10.22
C TYR D 632 55.35 19.21 11.74
N GLN D 633 54.79 18.19 12.38
CA GLN D 633 54.93 18.00 13.82
C GLN D 633 55.01 16.50 14.09
N ALA D 634 56.03 16.11 14.87
CA ALA D 634 56.31 14.69 15.05
C ALA D 634 55.20 14.01 15.85
N PRO D 635 54.94 12.72 15.58
CA PRO D 635 53.96 12.00 16.39
C PRO D 635 54.42 11.87 17.84
N TYR D 636 53.45 11.74 18.74
CA TYR D 636 53.74 11.72 20.16
C TYR D 636 54.61 10.52 20.52
N LYS D 637 55.17 10.57 21.74
CA LYS D 637 56.10 9.54 22.18
C LYS D 637 55.41 8.19 22.32
N GLU D 638 54.38 8.12 23.17
CA GLU D 638 53.69 6.86 23.40
C GLU D 638 53.15 6.25 22.11
N TRP D 639 53.04 7.05 21.05
CA TRP D 639 52.71 6.54 19.72
C TRP D 639 53.89 5.84 19.04
N GLU D 640 55.02 5.61 19.73
CA GLU D 640 56.18 5.03 19.07
C GLU D 640 55.93 3.64 18.49
N PRO D 641 55.26 2.69 19.18
CA PRO D 641 55.13 1.34 18.61
C PRO D 641 54.34 1.31 17.31
N MET D 642 53.56 2.35 17.02
CA MET D 642 52.73 2.40 15.83
C MET D 642 53.23 3.43 14.82
N LYS D 643 54.51 3.77 14.86
CA LYS D 643 55.06 4.75 13.92
C LYS D 643 55.44 4.07 12.61
N GLU D 644 54.51 3.31 12.05
CA GLU D 644 54.60 2.82 10.69
C GLU D 644 53.30 3.05 9.92
N PHE D 645 52.25 3.49 10.61
CA PHE D 645 50.97 3.79 9.98
C PHE D 645 50.65 5.28 9.98
N VAL D 646 51.39 6.09 10.72
CA VAL D 646 51.14 7.52 10.83
C VAL D 646 52.39 8.28 10.41
N VAL D 647 52.20 9.57 10.13
CA VAL D 647 53.31 10.45 9.77
C VAL D 647 53.39 11.70 10.65
N ASP D 648 52.30 12.11 11.29
CA ASP D 648 52.32 13.25 12.19
C ASP D 648 51.20 13.06 13.22
N ASN D 649 50.88 14.11 13.95
CA ASN D 649 49.88 14.06 15.02
C ASN D 649 48.50 14.50 14.57
N LYS D 650 48.32 14.85 13.30
CA LYS D 650 47.04 15.33 12.83
C LYS D 650 46.03 14.18 12.71
N PRO D 651 44.73 14.46 12.83
CA PRO D 651 43.74 13.40 12.68
C PRO D 651 43.72 12.84 11.26
N PHE D 652 43.31 11.58 11.15
CA PHE D 652 43.15 10.96 9.84
C PHE D 652 42.16 11.77 9.00
N GLY D 653 42.49 11.96 7.73
CA GLY D 653 41.66 12.74 6.84
C GLY D 653 41.84 14.24 6.94
N TYR D 654 42.80 14.70 7.74
CA TYR D 654 43.05 16.13 7.86
C TYR D 654 43.40 16.71 6.49
N PRO D 655 42.87 17.88 6.13
CA PRO D 655 41.99 18.77 6.89
C PRO D 655 40.49 18.48 6.70
N PHE D 656 40.13 17.39 6.03
CA PHE D 656 38.74 17.09 5.72
C PHE D 656 38.10 16.14 6.72
N ASP D 657 38.55 16.18 7.98
CA ASP D 657 37.95 15.37 9.03
C ASP D 657 36.71 16.03 9.64
N ARG D 658 36.49 17.31 9.37
CA ARG D 658 35.33 18.05 9.85
C ARG D 658 34.74 18.86 8.69
N PRO D 659 33.46 19.23 8.79
CA PRO D 659 32.80 19.88 7.66
C PRO D 659 33.46 21.20 7.29
N VAL D 660 33.46 21.49 5.99
CA VAL D 660 33.88 22.78 5.48
C VAL D 660 32.64 23.65 5.32
N THR D 661 32.59 24.77 6.05
CA THR D 661 31.42 25.63 6.06
C THR D 661 31.51 26.76 5.05
N GLU D 662 32.68 27.36 4.86
CA GLU D 662 32.89 28.43 3.90
C GLU D 662 34.13 28.12 3.09
N SER D 663 33.94 27.83 1.79
CA SER D 663 35.07 27.51 0.94
C SER D 663 36.02 28.69 0.79
N TYR D 664 35.51 29.92 0.91
CA TYR D 664 36.35 31.10 0.76
C TYR D 664 37.44 31.12 1.83
N TYR D 665 37.07 30.86 3.08
CA TYR D 665 38.03 30.88 4.18
C TYR D 665 38.85 29.60 4.28
N PHE D 666 38.49 28.55 3.53
CA PHE D 666 39.25 27.31 3.56
C PHE D 666 40.43 27.38 2.60
N THR D 667 40.22 27.91 1.39
CA THR D 667 41.28 27.97 0.40
C THR D 667 42.41 28.88 0.89
N GLN D 668 43.63 28.44 0.64
CA GLN D 668 44.81 29.17 1.06
C GLN D 668 45.87 29.03 -0.03
N PRO D 669 46.88 29.90 -0.03
CA PRO D 669 47.93 29.77 -1.05
C PRO D 669 48.63 28.42 -1.02
N ASN D 670 48.73 27.78 0.14
CA ASN D 670 49.40 26.49 0.27
C ASN D 670 48.48 25.31 -0.07
N MET D 671 47.37 25.56 -0.78
CA MET D 671 46.48 24.52 -1.26
C MET D 671 46.33 24.66 -2.77
N TYR D 672 46.15 23.54 -3.45
CA TYR D 672 46.00 23.56 -4.90
C TYR D 672 44.98 22.53 -5.35
N PHE D 673 44.11 22.94 -6.28
CA PHE D 673 43.17 22.06 -6.94
C PHE D 673 43.52 21.98 -8.42
N LYS D 674 43.57 20.77 -8.95
CA LYS D 674 43.86 20.54 -10.37
C LYS D 674 42.83 19.61 -10.96
N ASP D 675 42.46 19.86 -12.22
CA ASP D 675 41.52 19.02 -12.95
C ASP D 675 42.29 18.08 -13.88
N VAL D 676 41.91 16.80 -13.86
CA VAL D 676 42.61 15.77 -14.63
C VAL D 676 41.56 14.89 -15.31
N TYR D 677 42.03 14.15 -16.32
CA TYR D 677 41.19 13.23 -17.08
C TYR D 677 41.82 11.85 -17.06
N ILE D 678 40.98 10.82 -16.90
CA ILE D 678 41.42 9.43 -16.88
C ILE D 678 40.95 8.77 -18.16
N TYR D 679 41.87 8.11 -18.87
CA TYR D 679 41.58 7.46 -20.14
C TYR D 679 41.65 5.95 -19.98
N GLN D 680 41.06 5.26 -20.95
CA GLN D 680 41.02 3.80 -21.00
C GLN D 680 41.67 3.34 -22.29
N GLU D 681 42.54 2.34 -22.17
CA GLU D 681 43.19 1.72 -23.32
C GLU D 681 42.74 0.27 -23.44
N GLY D 682 42.52 -0.17 -24.68
CA GLY D 682 42.07 -1.53 -24.91
C GLY D 682 40.56 -1.66 -24.76
N GLU D 683 40.14 -2.89 -24.48
CA GLU D 683 38.72 -3.17 -24.33
C GLU D 683 38.13 -2.39 -23.16
N GLU D 684 36.94 -1.83 -23.39
CA GLU D 684 36.23 -1.09 -22.36
C GLU D 684 35.49 -2.00 -21.39
N TYR D 685 35.08 -3.20 -21.82
CA TYR D 685 34.36 -4.13 -20.96
C TYR D 685 35.21 -5.36 -20.67
N PRO D 686 34.98 -6.02 -19.53
CA PRO D 686 35.85 -7.13 -19.11
C PRO D 686 35.38 -8.52 -19.51
N TYR D 687 34.30 -8.67 -20.27
CA TYR D 687 33.72 -9.97 -20.53
C TYR D 687 34.19 -10.61 -21.84
N TYR D 688 35.13 -9.97 -22.54
CA TYR D 688 35.69 -10.54 -23.77
C TYR D 688 36.76 -11.57 -23.41
N THR D 689 36.29 -12.75 -22.99
CA THR D 689 37.18 -13.82 -22.52
C THR D 689 36.88 -15.15 -23.20
N SER D 690 36.23 -15.13 -24.36
CA SER D 690 35.88 -16.37 -25.06
C SER D 690 37.07 -16.88 -25.87
N TYR D 691 37.00 -18.17 -26.20
CA TYR D 691 38.06 -18.77 -27.01
C TYR D 691 38.27 -18.04 -28.32
N TRP D 692 37.19 -17.51 -28.91
CA TRP D 692 37.28 -16.82 -30.19
C TRP D 692 37.76 -15.38 -30.06
N SER D 693 37.79 -14.84 -28.83
CA SER D 693 38.26 -13.47 -28.61
C SER D 693 39.71 -13.42 -28.16
N GLN D 694 40.40 -14.57 -28.11
CA GLN D 694 41.78 -14.61 -27.67
C GLN D 694 42.73 -14.77 -28.86
N GLY E 17 -24.31 -36.70 21.19
CA GLY E 17 -24.68 -37.08 22.54
C GLY E 17 -23.50 -37.12 23.48
N TYR E 18 -23.67 -36.52 24.66
CA TYR E 18 -22.62 -36.46 25.66
C TYR E 18 -23.21 -36.80 27.02
N PRO E 19 -22.41 -37.34 27.94
CA PRO E 19 -22.92 -37.61 29.29
C PRO E 19 -23.21 -36.33 30.05
N LEU E 20 -24.16 -36.43 30.98
CA LEU E 20 -24.52 -35.31 31.83
C LEU E 20 -23.66 -35.30 33.09
N PHE E 21 -23.17 -34.12 33.44
CA PHE E 21 -22.28 -33.97 34.59
C PHE E 21 -23.07 -33.92 35.88
N ASN E 22 -22.85 -34.90 36.75
CA ASN E 22 -23.39 -34.90 38.10
C ASN E 22 -22.27 -35.25 39.06
N ASN E 23 -22.09 -34.44 40.09
CA ASN E 23 -21.05 -34.66 41.08
C ASN E 23 -21.41 -33.94 42.36
N ASN E 24 -21.32 -34.64 43.48
CA ASN E 24 -21.56 -34.02 44.77
C ASN E 24 -20.45 -33.03 45.11
N VAL E 25 -20.81 -31.95 45.78
CA VAL E 25 -19.88 -30.88 46.10
C VAL E 25 -19.27 -31.14 47.48
N LYS E 26 -17.96 -31.05 47.57
CA LYS E 26 -17.25 -31.16 48.84
C LYS E 26 -17.48 -29.88 49.62
N THR E 27 -18.34 -29.94 50.62
CA THR E 27 -18.75 -28.77 51.39
C THR E 27 -18.06 -28.74 52.74
N LYS E 28 -18.09 -27.57 53.37
CA LYS E 28 -17.51 -27.39 54.70
C LYS E 28 -18.46 -26.56 55.55
N THR E 29 -18.47 -26.84 56.84
CA THR E 29 -19.33 -26.11 57.76
C THR E 29 -18.94 -24.64 57.80
N LEU E 30 -19.94 -23.78 57.81
CA LEU E 30 -19.74 -22.34 57.90
C LEU E 30 -19.93 -21.87 59.34
N ASP E 31 -19.15 -20.86 59.72
CA ASP E 31 -19.28 -20.28 61.05
C ASP E 31 -20.68 -19.68 61.19
N PRO E 32 -21.42 -19.99 62.28
CA PRO E 32 -22.77 -19.42 62.44
C PRO E 32 -22.78 -17.90 62.42
N ASN E 33 -21.72 -17.29 62.95
CA ASN E 33 -21.70 -15.84 63.11
C ASN E 33 -21.89 -15.15 61.76
N LEU E 34 -21.19 -15.63 60.73
CA LEU E 34 -21.29 -15.02 59.42
C LEU E 34 -22.61 -15.34 58.71
N VAL E 35 -23.39 -16.30 59.22
CA VAL E 35 -24.56 -16.77 58.48
C VAL E 35 -25.40 -15.60 58.00
N ASN E 36 -25.86 -14.76 58.93
CA ASN E 36 -26.72 -13.65 58.54
C ASN E 36 -26.11 -12.84 57.41
N ILE E 37 -24.82 -12.48 57.54
CA ILE E 37 -24.18 -11.66 56.51
C ILE E 37 -24.34 -12.34 55.15
N GLN E 38 -24.03 -13.63 55.08
CA GLN E 38 -24.22 -14.37 53.83
C GLN E 38 -25.59 -14.07 53.26
N LYS E 39 -26.64 -14.33 54.04
CA LYS E 39 -28.00 -14.05 53.59
C LYS E 39 -28.07 -12.66 52.96
N LYS E 40 -27.72 -11.63 53.73
CA LYS E 40 -27.86 -10.27 53.25
C LYS E 40 -27.15 -10.10 51.92
N VAL E 41 -25.92 -10.60 51.80
CA VAL E 41 -25.17 -10.43 50.56
C VAL E 41 -25.96 -10.99 49.40
N LEU E 42 -26.46 -12.21 49.54
CA LEU E 42 -27.23 -12.82 48.46
C LEU E 42 -28.46 -11.98 48.15
N LEU E 43 -29.12 -11.45 49.18
CA LEU E 43 -30.30 -10.62 48.96
C LEU E 43 -29.98 -9.41 48.09
N LEU E 44 -28.74 -8.91 48.18
CA LEU E 44 -28.37 -7.75 47.38
C LEU E 44 -27.97 -8.11 45.96
N LEU E 45 -27.84 -9.39 45.64
CA LEU E 45 -27.46 -9.82 44.29
C LEU E 45 -28.63 -10.40 43.50
N GLU E 46 -29.83 -10.45 44.08
CA GLU E 46 -30.98 -10.98 43.38
C GLU E 46 -31.55 -9.96 42.41
N ASN E 47 -31.72 -10.36 41.15
CA ASN E 47 -32.26 -9.50 40.10
C ASN E 47 -31.69 -8.09 40.20
N TRP E 48 -30.37 -8.01 40.18
CA TRP E 48 -29.70 -6.72 40.35
C TRP E 48 -29.98 -5.76 39.20
N LYS E 49 -30.43 -6.27 38.04
CA LYS E 49 -30.77 -5.40 36.92
C LYS E 49 -32.04 -4.59 37.18
N GLN E 50 -32.83 -4.96 38.17
CA GLN E 50 -34.11 -4.31 38.44
C GLN E 50 -34.16 -3.90 39.91
N VAL E 51 -34.92 -2.83 40.17
CA VAL E 51 -35.15 -2.33 41.52
C VAL E 51 -36.60 -2.62 41.88
N ASP E 52 -36.80 -3.38 42.96
CA ASP E 52 -38.12 -3.77 43.41
C ASP E 52 -38.54 -2.89 44.57
N PRO E 53 -39.58 -2.05 44.43
CA PRO E 53 -39.98 -1.19 45.57
C PRO E 53 -40.41 -1.98 46.80
N ASP E 54 -40.87 -3.23 46.64
CA ASP E 54 -41.38 -4.01 47.75
C ASP E 54 -40.28 -4.70 48.56
N ASP E 55 -39.03 -4.61 48.14
CA ASP E 55 -37.95 -5.24 48.87
C ASP E 55 -37.50 -4.37 50.04
N GLU E 56 -36.84 -5.01 51.01
CA GLU E 56 -36.42 -4.31 52.21
C GLU E 56 -35.40 -3.22 51.91
N TYR E 57 -34.44 -3.50 51.02
CA TYR E 57 -33.37 -2.55 50.76
C TYR E 57 -33.87 -1.25 50.17
N TYR E 58 -35.06 -1.24 49.56
CA TYR E 58 -35.52 -0.06 48.85
C TYR E 58 -35.73 1.11 49.81
N LYS E 59 -36.41 0.87 50.93
CA LYS E 59 -36.66 1.96 51.88
C LYS E 59 -35.34 2.47 52.47
N ILE E 60 -34.44 1.56 52.82
CA ILE E 60 -33.16 1.96 53.39
C ILE E 60 -32.39 2.83 52.41
N GLY E 61 -32.34 2.40 51.14
CA GLY E 61 -31.64 3.19 50.13
C GLY E 61 -32.28 4.55 49.90
N LYS E 62 -33.62 4.59 49.87
CA LYS E 62 -34.31 5.85 49.64
C LYS E 62 -34.21 6.79 50.83
N GLU E 63 -33.94 6.28 52.03
CA GLU E 63 -33.85 7.10 53.22
C GLU E 63 -32.43 7.32 53.73
N TYR E 64 -31.47 6.51 53.30
CA TYR E 64 -30.11 6.64 53.81
C TYR E 64 -29.45 7.91 53.27
N ASN E 65 -28.68 8.56 54.14
CA ASN E 65 -27.93 9.77 53.78
C ASN E 65 -26.48 9.58 54.21
N ILE E 66 -25.57 9.61 53.24
CA ILE E 66 -24.17 9.35 53.53
C ILE E 66 -23.55 10.49 54.33
N GLU E 67 -23.87 11.73 53.95
CA GLU E 67 -23.24 12.88 54.59
C GLU E 67 -23.53 12.89 56.09
N ALA E 68 -24.80 12.70 56.47
CA ALA E 68 -25.15 12.66 57.87
C ALA E 68 -24.42 11.54 58.62
N ASN E 69 -24.00 10.50 57.91
CA ASN E 69 -23.23 9.40 58.48
C ASN E 69 -21.75 9.50 58.15
N ILE E 70 -21.23 10.73 57.96
CA ILE E 70 -19.82 10.89 57.62
C ILE E 70 -18.93 10.33 58.72
N GLU E 71 -19.40 10.37 59.98
CA GLU E 71 -18.61 9.83 61.08
C GLU E 71 -18.51 8.31 61.03
N SER E 72 -19.37 7.64 60.25
CA SER E 72 -19.38 6.19 60.19
C SER E 72 -18.33 5.63 59.24
N TYR E 73 -17.59 6.48 58.54
CA TYR E 73 -16.54 6.05 57.63
C TYR E 73 -15.19 6.47 58.21
N THR E 74 -14.23 5.54 58.20
CA THR E 74 -12.95 5.80 58.85
C THR E 74 -12.24 7.00 58.22
N ASN E 75 -12.25 7.07 56.90
CA ASN E 75 -11.58 8.15 56.18
C ASN E 75 -12.60 9.22 55.79
N ARG E 76 -12.22 10.48 56.01
CA ARG E 76 -13.11 11.60 55.69
C ARG E 76 -12.91 12.10 54.26
N GLU E 77 -11.69 12.01 53.74
CA GLU E 77 -11.43 12.50 52.39
C GLU E 77 -12.22 11.71 51.36
N VAL E 78 -12.39 10.39 51.57
CA VAL E 78 -13.15 9.58 50.63
C VAL E 78 -14.59 10.06 50.56
N VAL E 79 -15.19 10.34 51.72
CA VAL E 79 -16.57 10.80 51.74
C VAL E 79 -16.70 12.15 51.02
N THR E 80 -15.76 13.06 51.29
CA THR E 80 -15.81 14.37 50.63
C THR E 80 -15.68 14.23 49.13
N GLU E 81 -14.75 13.39 48.66
CA GLU E 81 -14.58 13.19 47.23
C GLU E 81 -15.83 12.57 46.60
N PHE E 82 -16.41 11.58 47.26
CA PHE E 82 -17.62 10.95 46.72
C PHE E 82 -18.77 11.95 46.65
N LEU E 83 -18.94 12.76 47.69
CA LEU E 83 -20.01 13.75 47.66
C LEU E 83 -19.78 14.79 46.57
N SER E 84 -18.53 15.22 46.39
CA SER E 84 -18.23 16.18 45.34
C SER E 84 -18.54 15.60 43.96
N LEU E 85 -18.17 14.34 43.73
CA LEU E 85 -18.50 13.70 42.46
C LEU E 85 -20.00 13.55 42.28
N TYR E 86 -20.71 13.19 43.34
CA TYR E 86 -22.16 12.97 43.24
C TYR E 86 -22.89 14.28 42.96
N LYS E 87 -22.38 15.40 43.49
CA LYS E 87 -22.98 16.69 43.20
C LYS E 87 -23.02 16.96 41.70
N THR E 88 -21.99 16.53 40.97
CA THR E 88 -21.94 16.73 39.53
C THR E 88 -22.90 15.83 38.77
N GLY E 89 -23.24 14.66 39.32
CA GLY E 89 -24.16 13.75 38.68
C GLY E 89 -23.47 12.53 38.10
N PHE E 90 -23.92 11.35 38.52
CA PHE E 90 -23.37 10.10 38.02
C PHE E 90 -24.10 9.69 36.74
N THR E 91 -23.63 8.59 36.14
CA THR E 91 -24.23 8.11 34.90
C THR E 91 -25.64 7.62 35.13
N ALA E 92 -26.46 7.70 34.07
CA ALA E 92 -27.84 7.28 34.17
C ALA E 92 -27.95 5.75 34.24
N LYS E 93 -29.12 5.29 34.69
CA LYS E 93 -29.40 3.87 34.74
C LYS E 93 -29.62 3.31 33.34
N ASN E 94 -29.61 1.99 33.24
CA ASN E 94 -29.86 1.30 31.98
C ASN E 94 -28.84 1.72 30.90
N GLN E 95 -27.59 1.87 31.32
CA GLN E 95 -26.51 2.26 30.42
C GLN E 95 -25.35 1.29 30.58
N ILE E 96 -24.57 1.14 29.50
CA ILE E 96 -23.45 0.21 29.50
C ILE E 96 -22.33 0.79 30.36
N PHE E 97 -21.79 -0.05 31.25
CA PHE E 97 -20.68 0.34 32.12
C PHE E 97 -19.44 -0.46 31.76
N SER E 98 -18.30 0.23 31.71
CA SER E 98 -17.00 -0.40 31.47
C SER E 98 -15.95 0.34 32.29
N ILE E 99 -15.05 -0.43 32.90
CA ILE E 99 -13.99 0.16 33.72
C ILE E 99 -13.01 0.95 32.87
N TYR E 100 -13.00 0.73 31.55
CA TYR E 100 -12.12 1.45 30.65
C TYR E 100 -12.69 2.78 30.17
N TYR E 101 -13.92 3.12 30.58
CA TYR E 101 -14.47 4.45 30.34
C TYR E 101 -14.07 5.34 31.51
N GLU E 102 -13.41 6.46 31.21
CA GLU E 102 -12.71 7.23 32.24
C GLU E 102 -13.67 7.74 33.31
N ASN E 103 -14.76 8.39 32.89
CA ASN E 103 -15.68 8.97 33.87
C ASN E 103 -16.33 7.89 34.72
N GLN E 104 -16.78 6.80 34.08
CA GLN E 104 -17.41 5.72 34.83
C GLN E 104 -16.43 5.09 35.80
N ALA E 105 -15.18 4.90 35.38
CA ALA E 105 -14.16 4.36 36.28
C ALA E 105 -13.92 5.30 37.45
N LEU E 106 -13.89 6.61 37.19
CA LEU E 106 -13.69 7.57 38.27
C LEU E 106 -14.82 7.48 39.28
N GLU E 107 -16.06 7.37 38.82
CA GLU E 107 -17.19 7.25 39.74
C GLU E 107 -17.14 5.93 40.52
N VAL E 108 -16.87 4.83 39.82
CA VAL E 108 -16.92 3.52 40.47
C VAL E 108 -15.78 3.37 41.46
N ARG E 109 -14.64 4.01 41.22
CA ARG E 109 -13.55 3.97 42.18
C ARG E 109 -13.96 4.63 43.49
N ALA E 110 -14.61 5.79 43.42
CA ALA E 110 -15.09 6.45 44.62
C ALA E 110 -16.13 5.60 45.33
N LEU E 111 -17.04 5.00 44.58
CA LEU E 111 -18.05 4.13 45.20
C LEU E 111 -17.39 2.95 45.91
N TYR E 112 -16.39 2.34 45.28
CA TYR E 112 -15.70 1.20 45.90
C TYR E 112 -14.95 1.64 47.14
N ARG E 113 -14.31 2.81 47.11
CA ARG E 113 -13.61 3.30 48.30
C ARG E 113 -14.59 3.54 49.44
N LEU E 114 -15.77 4.08 49.12
CA LEU E 114 -16.78 4.29 50.14
C LEU E 114 -17.23 2.96 50.74
N PHE E 115 -17.40 1.94 49.89
CA PHE E 115 -17.71 0.60 50.40
C PHE E 115 -16.59 0.08 51.28
N TYR E 116 -15.34 0.28 50.86
CA TYR E 116 -14.20 -0.33 51.53
C TYR E 116 -13.91 0.30 52.89
N TYR E 117 -14.12 1.61 53.03
CA TYR E 117 -13.80 2.31 54.27
C TYR E 117 -14.99 2.40 55.22
N ALA E 118 -16.05 1.63 54.98
CA ALA E 118 -17.16 1.59 55.92
C ALA E 118 -16.71 1.01 57.25
N LYS E 119 -17.18 1.60 58.34
CA LYS E 119 -16.76 1.17 59.68
C LYS E 119 -17.12 -0.29 59.92
N ASP E 120 -18.38 -0.64 59.71
CA ASP E 120 -18.89 -1.96 60.05
C ASP E 120 -19.79 -2.46 58.93
N PHE E 121 -20.33 -3.66 59.12
CA PHE E 121 -21.14 -4.28 58.08
C PHE E 121 -22.47 -3.57 57.89
N GLU E 122 -23.04 -2.99 58.96
CA GLU E 122 -24.31 -2.30 58.83
C GLU E 122 -24.19 -1.08 57.93
N THR E 123 -23.13 -0.28 58.12
CA THR E 123 -22.93 0.88 57.27
C THR E 123 -22.68 0.48 55.83
N PHE E 124 -21.90 -0.59 55.62
CA PHE E 124 -21.65 -1.07 54.27
C PHE E 124 -22.93 -1.54 53.60
N TYR E 125 -23.78 -2.24 54.35
CA TYR E 125 -25.06 -2.68 53.79
C TYR E 125 -25.95 -1.51 53.44
N LYS E 126 -26.01 -0.50 54.31
CA LYS E 126 -26.78 0.71 54.01
C LYS E 126 -26.26 1.39 52.75
N THR E 127 -24.94 1.51 52.62
CA THR E 127 -24.37 2.16 51.45
C THR E 127 -24.66 1.35 50.18
N ALA E 128 -24.59 0.02 50.28
CA ALA E 128 -24.89 -0.81 49.12
C ALA E 128 -26.36 -0.67 48.71
N ALA E 129 -27.26 -0.63 49.68
CA ALA E 129 -28.67 -0.42 49.36
C ALA E 129 -28.88 0.93 48.69
N PHE E 130 -28.23 1.97 49.21
CA PHE E 130 -28.33 3.28 48.60
C PHE E 130 -27.82 3.25 47.15
N ALA E 131 -26.68 2.60 46.93
CA ALA E 131 -26.10 2.55 45.59
C ALA E 131 -27.03 1.82 44.63
N ARG E 132 -27.58 0.68 45.05
CA ARG E 132 -28.50 -0.04 44.19
C ARG E 132 -29.75 0.77 43.90
N VAL E 133 -30.28 1.48 44.89
CA VAL E 133 -31.49 2.26 44.68
C VAL E 133 -31.25 3.40 43.70
N TRP E 134 -30.12 4.10 43.86
CA TRP E 134 -29.89 5.34 43.12
C TRP E 134 -28.95 5.21 41.93
N LEU E 135 -27.92 4.39 42.02
CA LEU E 135 -26.83 4.41 41.05
C LEU E 135 -27.03 3.37 39.95
N ASN E 136 -26.16 3.43 38.95
CA ASN E 136 -26.22 2.50 37.83
C ASN E 136 -26.01 1.07 38.32
N GLU E 137 -26.75 0.13 37.71
CA GLU E 137 -26.70 -1.25 38.15
C GLU E 137 -25.33 -1.87 37.93
N GLY E 138 -24.70 -1.59 36.79
CA GLY E 138 -23.40 -2.17 36.50
C GLY E 138 -22.33 -1.72 37.47
N GLN E 139 -22.26 -0.41 37.73
CA GLN E 139 -21.31 0.11 38.70
C GLN E 139 -21.55 -0.50 40.07
N PHE E 140 -22.82 -0.57 40.48
CA PHE E 140 -23.14 -1.12 41.79
C PHE E 140 -22.67 -2.57 41.90
N ILE E 141 -23.00 -3.39 40.91
CA ILE E 141 -22.65 -4.81 41.00
C ILE E 141 -21.14 -4.98 41.00
N TYR E 142 -20.44 -4.24 40.13
CA TYR E 142 -18.97 -4.33 40.09
C TYR E 142 -18.37 -3.97 41.44
N ALA E 143 -18.76 -2.80 41.98
CA ALA E 143 -18.18 -2.34 43.25
C ALA E 143 -18.53 -3.30 44.38
N PHE E 144 -19.77 -3.78 44.43
CA PHE E 144 -20.17 -4.68 45.51
C PHE E 144 -19.41 -5.99 45.44
N TYR E 145 -19.25 -6.56 44.24
CA TYR E 145 -18.48 -7.78 44.08
C TYR E 145 -17.05 -7.59 44.58
N ILE E 146 -16.40 -6.51 44.12
CA ILE E 146 -15.01 -6.28 44.52
C ILE E 146 -14.92 -6.09 46.03
N ALA E 147 -15.83 -5.30 46.61
CA ALA E 147 -15.77 -5.03 48.04
C ALA E 147 -15.98 -6.30 48.85
N VAL E 148 -16.96 -7.13 48.45
CA VAL E 148 -17.18 -8.38 49.16
C VAL E 148 -15.94 -9.26 49.06
N ILE E 149 -15.27 -9.25 47.92
CA ILE E 149 -14.03 -10.01 47.78
C ILE E 149 -12.97 -9.49 48.74
N HIS E 150 -12.91 -8.17 48.93
CA HIS E 150 -11.81 -7.55 49.67
C HIS E 150 -12.12 -7.23 51.12
N ARG E 151 -13.37 -6.93 51.47
CA ARG E 151 -13.68 -6.53 52.84
C ARG E 151 -13.32 -7.64 53.82
N ALA E 152 -12.65 -7.26 54.90
CA ALA E 152 -12.21 -8.24 55.89
C ALA E 152 -13.40 -8.89 56.59
N ASP E 153 -14.40 -8.09 56.99
CA ASP E 153 -15.54 -8.65 57.71
C ASP E 153 -16.36 -9.61 56.87
N THR E 154 -16.30 -9.49 55.55
CA THR E 154 -16.99 -10.41 54.65
C THR E 154 -16.12 -11.59 54.23
N ARG E 155 -14.89 -11.67 54.72
CA ARG E 155 -14.01 -12.78 54.35
C ARG E 155 -14.60 -14.09 54.85
N GLY E 156 -14.58 -15.11 54.00
CA GLY E 156 -15.20 -16.37 54.30
C GLY E 156 -16.61 -16.52 53.79
N ILE E 157 -17.09 -15.59 52.96
CA ILE E 157 -18.44 -15.62 52.41
C ILE E 157 -18.37 -16.07 50.96
N VAL E 158 -19.39 -16.83 50.55
CA VAL E 158 -19.47 -17.39 49.20
C VAL E 158 -20.16 -16.38 48.29
N LEU E 159 -19.60 -16.19 47.09
CA LEU E 159 -20.19 -15.36 46.06
C LEU E 159 -20.59 -16.21 44.86
N PRO E 160 -21.67 -15.84 44.16
CA PRO E 160 -22.03 -16.58 42.95
C PRO E 160 -20.96 -16.42 41.86
N ALA E 161 -20.88 -17.42 41.00
CA ALA E 161 -19.89 -17.40 39.94
C ALA E 161 -20.17 -16.26 38.97
N PRO E 162 -19.12 -15.69 38.35
CA PRO E 162 -19.35 -14.54 37.46
C PRO E 162 -20.32 -14.83 36.32
N TYR E 163 -20.30 -16.04 35.76
CA TYR E 163 -21.18 -16.33 34.64
C TYR E 163 -22.65 -16.38 35.05
N GLU E 164 -22.94 -16.51 36.34
CA GLU E 164 -24.31 -16.39 36.84
C GLU E 164 -24.68 -14.97 37.21
N ILE E 165 -23.70 -14.06 37.31
CA ILE E 165 -23.98 -12.66 37.60
C ILE E 165 -24.12 -11.86 36.31
N TRP E 166 -23.38 -12.23 35.26
CA TRP E 166 -23.45 -11.58 33.96
C TRP E 166 -23.63 -12.64 32.88
N PRO E 167 -24.79 -13.30 32.83
CA PRO E 167 -24.98 -14.36 31.82
C PRO E 167 -24.80 -13.87 30.39
N GLU E 168 -25.20 -12.64 30.09
CA GLU E 168 -25.12 -12.13 28.73
C GLU E 168 -23.69 -12.06 28.21
N TYR E 169 -22.70 -11.99 29.10
CA TYR E 169 -21.31 -11.94 28.71
C TYR E 169 -20.69 -13.31 28.50
N PHE E 170 -21.42 -14.39 28.79
CA PHE E 170 -20.88 -15.74 28.71
C PHE E 170 -21.69 -16.66 27.78
N VAL E 171 -22.62 -16.12 27.01
CA VAL E 171 -23.41 -16.91 26.06
C VAL E 171 -23.65 -16.09 24.81
N ASN E 172 -23.83 -16.79 23.69
CA ASN E 172 -24.00 -16.14 22.40
C ASN E 172 -25.44 -15.62 22.26
N SER E 173 -25.69 -14.97 21.12
CA SER E 173 -26.93 -14.22 20.94
C SER E 173 -28.13 -15.14 20.71
N ASP E 174 -27.93 -16.31 20.09
CA ASP E 174 -29.05 -17.18 19.77
C ASP E 174 -29.71 -17.73 21.02
N VAL E 175 -28.91 -18.25 21.96
CA VAL E 175 -29.47 -18.81 23.19
C VAL E 175 -30.18 -17.73 23.99
N LEU E 176 -29.58 -16.55 24.08
CA LEU E 176 -30.23 -15.44 24.77
C LEU E 176 -31.51 -15.03 24.08
N ALA E 177 -31.54 -15.09 22.75
CA ALA E 177 -32.77 -14.78 22.01
C ALA E 177 -33.86 -15.77 22.35
N LYS E 178 -33.51 -17.06 22.40
CA LYS E 178 -34.50 -18.07 22.77
C LYS E 178 -35.01 -17.84 24.19
N ILE E 179 -34.11 -17.52 25.12
CA ILE E 179 -34.51 -17.27 26.50
C ILE E 179 -35.44 -16.07 26.58
N ASN E 180 -35.10 -15.00 25.86
CA ASN E 180 -35.96 -13.80 25.86
C ASN E 180 -37.32 -14.11 25.26
N ARG E 181 -37.36 -14.91 24.20
CA ARG E 181 -38.65 -15.29 23.63
C ARG E 181 -39.49 -16.08 24.63
N ILE E 182 -38.87 -17.01 25.35
CA ILE E 182 -39.61 -17.77 26.35
C ILE E 182 -40.12 -16.85 27.44
N GLN E 183 -39.30 -15.90 27.89
CA GLN E 183 -39.73 -14.97 28.93
C GLN E 183 -40.90 -14.11 28.44
N MET E 184 -40.83 -13.62 27.21
CA MET E 184 -41.91 -12.79 26.68
C MET E 184 -43.20 -13.60 26.54
N GLN E 185 -43.10 -14.85 26.09
CA GLN E 185 -44.27 -15.70 25.94
C GLN E 185 -44.73 -16.33 27.25
N LYS E 186 -43.95 -16.20 28.33
CA LYS E 186 -44.28 -16.80 29.62
C LYS E 186 -44.55 -18.29 29.47
N GLY E 187 -43.73 -18.95 28.65
CA GLY E 187 -43.82 -20.37 28.43
C GLY E 187 -43.80 -20.69 26.95
N LEU E 188 -44.24 -21.91 26.62
CA LEU E 188 -44.27 -22.39 25.25
C LEU E 188 -45.70 -22.41 24.73
N ILE E 189 -45.88 -21.92 23.50
CA ILE E 189 -47.20 -21.93 22.86
C ILE E 189 -47.50 -23.30 22.28
N LEU E 190 -46.50 -23.94 21.67
CA LEU E 190 -46.62 -25.29 21.11
C LEU E 190 -45.48 -26.12 21.69
N PRO E 191 -45.63 -26.62 22.92
CA PRO E 191 -44.49 -27.26 23.59
C PRO E 191 -43.91 -28.44 22.84
N GLU E 192 -44.76 -29.25 22.19
CA GLU E 192 -44.28 -30.50 21.58
C GLU E 192 -43.28 -30.26 20.46
N THR E 193 -43.07 -29.01 20.03
CA THR E 193 -42.08 -28.71 19.01
C THR E 193 -40.82 -28.06 19.57
N ALA E 194 -40.87 -27.52 20.80
CA ALA E 194 -39.71 -26.84 21.36
C ALA E 194 -38.50 -27.76 21.39
N GLN E 195 -38.71 -29.07 21.57
CA GLN E 195 -37.60 -30.01 21.60
C GLN E 195 -36.75 -29.91 20.34
N TYR E 196 -37.40 -29.69 19.18
CA TYR E 196 -36.66 -29.63 17.93
C TYR E 196 -35.82 -28.36 17.79
N TYR E 197 -35.99 -27.39 18.69
CA TYR E 197 -35.21 -26.16 18.67
C TYR E 197 -34.31 -26.03 19.90
N GLY E 198 -34.01 -27.14 20.55
CA GLY E 198 -33.13 -27.12 21.70
C GLY E 198 -33.68 -26.40 22.90
N VAL E 199 -34.98 -26.58 23.19
CA VAL E 199 -35.61 -25.99 24.35
C VAL E 199 -36.43 -27.08 25.02
N LEU E 200 -36.04 -27.49 26.22
CA LEU E 200 -36.69 -28.56 26.95
C LEU E 200 -37.38 -28.00 28.19
N ALA E 201 -38.63 -28.39 28.41
CA ALA E 201 -39.38 -28.00 29.59
C ALA E 201 -39.44 -29.17 30.56
N LYS E 202 -38.96 -28.97 31.78
CA LYS E 202 -38.88 -30.08 32.73
C LYS E 202 -38.69 -29.53 34.14
N ASP E 203 -39.40 -30.12 35.10
CA ASP E 203 -39.17 -29.89 36.53
C ASP E 203 -39.19 -28.40 36.84
N ASN E 204 -40.23 -27.71 36.37
CA ASN E 204 -40.41 -26.29 36.64
C ASN E 204 -39.20 -25.48 36.16
N ALA E 205 -38.63 -25.87 35.02
CA ALA E 205 -37.46 -25.19 34.49
C ALA E 205 -37.39 -25.38 32.98
N TYR E 206 -36.63 -24.51 32.34
CA TYR E 206 -36.39 -24.55 30.90
C TYR E 206 -34.90 -24.69 30.66
N TYR E 207 -34.53 -25.70 29.86
CA TYR E 207 -33.14 -26.00 29.52
C TYR E 207 -32.91 -25.66 28.05
N PHE E 208 -31.83 -24.93 27.78
CA PHE E 208 -31.51 -24.46 26.44
C PHE E 208 -30.15 -25.00 26.05
N TYR E 209 -30.11 -25.91 25.07
CA TYR E 209 -28.85 -26.39 24.55
C TYR E 209 -28.16 -25.30 23.74
N ALA E 210 -26.84 -25.21 23.88
CA ALA E 210 -26.07 -24.13 23.29
C ALA E 210 -24.86 -24.68 22.55
N ASN E 211 -24.55 -24.06 21.41
CA ASN E 211 -23.35 -24.34 20.65
C ASN E 211 -22.30 -23.27 20.90
N TYR E 212 -21.06 -23.60 20.57
CA TYR E 212 -19.98 -22.63 20.59
C TYR E 212 -19.89 -21.94 19.23
N SER E 213 -19.17 -20.82 19.20
CA SER E 213 -19.03 -20.05 17.98
C SER E 213 -18.27 -20.85 16.92
N GLY E 214 -18.65 -20.62 15.67
CA GLY E 214 -18.07 -21.33 14.55
C GLY E 214 -17.19 -20.44 13.69
N PRO E 215 -16.90 -20.90 12.47
CA PRO E 215 -16.01 -20.11 11.58
C PRO E 215 -16.58 -18.74 11.24
N TRP E 216 -17.90 -18.57 11.31
CA TRP E 216 -18.48 -17.25 11.04
C TRP E 216 -17.95 -16.20 12.01
N THR E 217 -17.71 -16.59 13.26
CA THR E 217 -17.18 -15.65 14.24
C THR E 217 -15.65 -15.59 14.21
N TYR E 218 -14.99 -16.73 13.98
CA TYR E 218 -13.55 -16.83 14.00
C TYR E 218 -13.03 -17.27 12.63
N GLU E 219 -11.99 -16.61 12.15
CA GLU E 219 -11.36 -16.95 10.88
C GLU E 219 -10.05 -17.71 11.12
N ASN E 220 -9.46 -18.18 10.03
CA ASN E 220 -8.17 -18.87 10.06
C ASN E 220 -8.22 -20.09 10.97
N ASN E 221 -9.35 -20.80 10.95
CA ASN E 221 -9.53 -22.07 11.65
C ASN E 221 -9.44 -21.92 13.17
N GLU E 222 -9.48 -20.71 13.70
CA GLU E 222 -9.42 -20.53 15.15
C GLU E 222 -10.63 -21.16 15.83
N ASN E 223 -11.78 -21.23 15.14
CA ASN E 223 -13.00 -21.73 15.76
C ASN E 223 -12.83 -23.15 16.28
N LEU E 224 -11.85 -23.89 15.77
CA LEU E 224 -11.61 -25.24 16.25
C LEU E 224 -11.38 -25.28 17.76
N LEU E 225 -10.84 -24.21 18.34
CA LEU E 225 -10.60 -24.14 19.77
C LEU E 225 -11.61 -23.24 20.50
N SER E 226 -12.75 -22.95 19.85
CA SER E 226 -13.76 -22.12 20.48
C SER E 226 -14.25 -22.71 21.80
N TYR E 227 -14.21 -24.04 21.93
CA TYR E 227 -14.65 -24.67 23.17
C TYR E 227 -13.79 -24.25 24.36
N PHE E 228 -12.56 -23.80 24.11
CA PHE E 228 -11.65 -23.42 25.18
C PHE E 228 -11.68 -21.92 25.47
N ILE E 229 -11.52 -21.08 24.44
CA ILE E 229 -11.47 -19.64 24.66
C ILE E 229 -12.81 -19.08 25.08
N GLU E 230 -13.91 -19.76 24.76
CA GLU E 230 -15.25 -19.32 25.15
C GLU E 230 -15.77 -20.05 26.38
N ASP E 231 -14.94 -20.87 27.02
CA ASP E 231 -15.38 -21.56 28.23
C ASP E 231 -15.71 -20.55 29.32
N VAL E 232 -16.80 -20.80 30.04
CA VAL E 232 -17.26 -19.84 31.05
C VAL E 232 -16.23 -19.69 32.16
N ALA E 233 -15.67 -20.80 32.63
CA ALA E 233 -14.70 -20.71 33.72
C ALA E 233 -13.37 -20.14 33.25
N TRP E 234 -13.02 -20.33 31.97
CA TRP E 234 -11.79 -19.76 31.46
C TRP E 234 -11.81 -18.23 31.55
N ASN E 235 -12.94 -17.62 31.22
CA ASN E 235 -13.08 -16.17 31.35
C ASN E 235 -13.31 -15.75 32.80
N SER E 236 -14.02 -16.57 33.57
CA SER E 236 -14.23 -16.27 34.97
C SER E 236 -12.92 -16.22 35.74
N TYR E 237 -11.94 -17.04 35.34
CA TYR E 237 -10.63 -17.00 35.96
C TYR E 237 -9.97 -15.64 35.76
N TYR E 238 -10.04 -15.11 34.54
CA TYR E 238 -9.47 -13.79 34.27
C TYR E 238 -10.22 -12.71 35.03
N TYR E 239 -11.54 -12.82 35.11
CA TYR E 239 -12.30 -11.83 35.88
C TYR E 239 -11.92 -11.88 37.36
N TYR E 240 -11.75 -13.08 37.91
CA TYR E 240 -11.31 -13.21 39.29
C TYR E 240 -9.92 -12.61 39.49
N PHE E 241 -9.01 -12.85 38.54
CA PHE E 241 -7.68 -12.26 38.64
C PHE E 241 -7.75 -10.74 38.63
N HIS E 242 -8.58 -10.17 37.77
CA HIS E 242 -8.75 -8.72 37.77
C HIS E 242 -9.32 -8.23 39.09
N SER E 243 -10.33 -8.92 39.61
CA SER E 243 -10.98 -8.48 40.84
C SER E 243 -10.02 -8.52 42.03
N LYS E 244 -9.25 -9.60 42.15
CA LYS E 244 -8.35 -9.73 43.29
C LYS E 244 -7.25 -8.68 43.25
N LEU E 245 -6.69 -8.41 42.07
CA LEU E 245 -5.60 -7.46 41.89
C LEU E 245 -6.00 -6.51 40.76
N GLN E 246 -6.65 -5.40 41.11
CA GLN E 246 -7.11 -4.43 40.14
C GLN E 246 -6.05 -3.35 39.93
N PHE E 247 -5.87 -2.95 38.68
CA PHE E 247 -4.79 -2.04 38.32
C PHE E 247 -4.90 -0.68 39.00
N TRP E 248 -6.11 -0.27 39.38
CA TRP E 248 -6.33 1.06 39.93
C TRP E 248 -6.26 1.11 41.46
N GLU E 249 -5.93 0.01 42.11
CA GLU E 249 -5.83 -0.05 43.56
C GLU E 249 -4.37 -0.21 44.00
N LYS E 250 -4.05 0.42 45.12
CA LYS E 250 -2.70 0.31 45.68
C LYS E 250 -2.44 -1.11 46.16
N GLY E 251 -1.16 -1.47 46.16
CA GLY E 251 -0.78 -2.82 46.56
C GLY E 251 -1.14 -3.13 48.01
N GLU E 252 -1.05 -2.12 48.88
CA GLU E 252 -1.30 -2.35 50.30
C GLU E 252 -2.73 -2.82 50.53
N ASN E 253 -3.70 -2.17 49.88
CA ASN E 253 -5.10 -2.46 50.11
C ASN E 253 -5.60 -3.66 49.33
N ALA E 254 -4.83 -4.18 48.39
CA ALA E 254 -5.23 -5.30 47.54
C ALA E 254 -4.52 -6.59 47.88
N ILE E 255 -3.23 -6.54 48.20
CA ILE E 255 -2.43 -7.74 48.43
C ILE E 255 -1.73 -7.77 49.77
N GLY E 256 -1.46 -6.64 50.41
CA GLY E 256 -0.81 -6.63 51.70
C GLY E 256 0.68 -6.86 51.61
N PRO E 257 1.21 -7.87 52.32
CA PRO E 257 2.67 -8.05 52.37
C PRO E 257 3.29 -8.44 51.04
N PHE E 258 2.52 -9.03 50.11
CA PHE E 258 3.04 -9.35 48.78
C PHE E 258 2.86 -8.15 47.85
N LYS E 259 3.35 -7.01 48.29
CA LYS E 259 3.30 -5.79 47.51
C LYS E 259 4.50 -5.62 46.60
N GLU E 260 5.68 -6.09 47.03
CA GLU E 260 6.88 -6.01 46.20
C GLU E 260 6.95 -7.13 45.17
N ARG E 261 6.00 -8.06 45.18
CA ARG E 261 5.94 -9.16 44.21
C ARG E 261 4.77 -9.00 43.24
N ARG E 262 4.23 -7.80 43.11
CA ARG E 262 3.07 -7.58 42.24
C ARG E 262 3.43 -7.84 40.78
N GLY E 263 4.55 -7.29 40.32
CA GLY E 263 4.96 -7.52 38.95
C GLY E 263 5.25 -8.98 38.66
N GLU E 264 5.81 -9.69 39.64
CA GLU E 264 6.04 -11.12 39.49
C GLU E 264 4.73 -11.86 39.27
N ILE E 265 3.70 -11.51 40.05
CA ILE E 265 2.39 -12.13 39.89
C ILE E 265 1.82 -11.83 38.50
N TYR E 266 1.91 -10.57 38.09
CA TYR E 266 1.43 -10.18 36.77
C TYR E 266 2.08 -11.02 35.67
N TYR E 267 3.42 -11.07 35.68
CA TYR E 267 4.14 -11.82 34.66
C TYR E 267 3.79 -13.30 34.71
N PHE E 268 3.75 -13.88 35.91
CA PHE E 268 3.48 -15.31 36.04
C PHE E 268 2.10 -15.66 35.51
N ILE E 269 1.08 -14.89 35.91
CA ILE E 269 -0.28 -15.20 35.49
C ILE E 269 -0.42 -15.07 33.98
N TYR E 270 0.10 -13.98 33.40
CA TYR E 270 -0.06 -13.81 31.96
C TYR E 270 0.73 -14.85 31.18
N GLN E 271 1.94 -15.19 31.66
CA GLN E 271 2.71 -16.23 31.00
C GLN E 271 2.01 -17.58 31.05
N GLN E 272 1.41 -17.91 32.19
CA GLN E 272 0.67 -19.18 32.28
C GLN E 272 -0.53 -19.19 31.35
N ILE E 273 -1.26 -18.07 31.27
CA ILE E 273 -2.41 -18.00 30.37
C ILE E 273 -1.97 -18.23 28.94
N LEU E 274 -0.91 -17.52 28.51
CA LEU E 274 -0.46 -17.65 27.13
C LEU E 274 0.09 -19.05 26.85
N ALA E 275 0.75 -19.66 27.84
CA ALA E 275 1.26 -21.01 27.65
C ALA E 275 0.13 -22.01 27.47
N ARG E 276 -0.93 -21.89 28.27
CA ARG E 276 -2.08 -22.79 28.12
C ARG E 276 -2.74 -22.57 26.76
N TYR E 277 -2.87 -21.31 26.33
CA TYR E 277 -3.43 -21.03 25.01
C TYR E 277 -2.59 -21.65 23.91
N TYR E 278 -1.26 -21.56 24.03
CA TYR E 278 -0.38 -22.16 23.04
C TYR E 278 -0.49 -23.68 23.03
N LEU E 279 -0.63 -24.29 24.21
CA LEU E 279 -0.85 -25.73 24.26
C LEU E 279 -2.14 -26.11 23.54
N GLU E 280 -3.21 -25.35 23.75
CA GLU E 280 -4.46 -25.64 23.05
C GLU E 280 -4.29 -25.48 21.54
N ARG E 281 -3.59 -24.42 21.12
CA ARG E 281 -3.34 -24.24 19.69
C ARG E 281 -2.59 -25.42 19.10
N LEU E 282 -1.55 -25.89 19.80
CA LEU E 282 -0.79 -27.05 19.33
C LEU E 282 -1.69 -28.28 19.25
N SER E 283 -2.54 -28.49 20.26
CA SER E 283 -3.46 -29.61 20.22
C SER E 283 -4.43 -29.52 19.06
N ASN E 284 -4.77 -28.31 18.62
CA ASN E 284 -5.64 -28.11 17.46
C ASN E 284 -4.87 -27.85 16.18
N GLY E 285 -3.54 -27.94 16.22
CA GLY E 285 -2.75 -27.77 15.02
C GLY E 285 -2.84 -26.40 14.39
N LEU E 286 -2.75 -25.34 15.20
CA LEU E 286 -2.83 -23.98 14.71
C LEU E 286 -1.50 -23.23 14.74
N GLY E 287 -0.47 -23.81 15.33
CA GLY E 287 0.84 -23.17 15.33
C GLY E 287 1.02 -22.16 16.44
N GLU E 288 2.02 -21.31 16.26
CA GLU E 288 2.41 -20.33 17.26
C GLU E 288 1.51 -19.09 17.20
N ILE E 289 1.65 -18.23 18.19
CA ILE E 289 0.86 -17.01 18.29
C ILE E 289 1.44 -15.98 17.31
N PRO E 290 0.65 -15.45 16.37
CA PRO E 290 1.20 -14.47 15.43
C PRO E 290 1.63 -13.18 16.10
N ARG E 291 2.65 -12.56 15.51
CA ARG E 291 3.10 -11.23 15.89
C ARG E 291 2.64 -10.21 14.85
N PHE E 292 2.50 -8.96 15.29
CA PHE E 292 1.96 -7.92 14.43
C PHE E 292 2.74 -6.63 14.64
N ASN E 293 2.59 -5.72 13.67
CA ASN E 293 3.22 -4.41 13.70
C ASN E 293 2.15 -3.34 13.79
N TRP E 294 2.36 -2.37 14.68
CA TRP E 294 1.37 -1.32 14.87
C TRP E 294 1.14 -0.52 13.60
N ASN E 295 2.22 -0.16 12.90
CA ASN E 295 2.11 0.59 11.66
C ASN E 295 1.57 -0.26 10.52
N ASP E 296 1.49 -1.58 10.70
CA ASP E 296 0.87 -2.47 9.73
C ASP E 296 -0.53 -2.86 10.26
N ARG E 297 -1.19 -3.75 9.55
CA ARG E 297 -2.57 -4.12 9.86
C ARG E 297 -2.63 -5.46 10.58
N LEU E 298 -3.60 -5.55 11.49
CA LEU E 298 -3.85 -6.80 12.22
C LEU E 298 -4.52 -7.81 11.29
N GLN E 299 -4.15 -9.07 11.46
CA GLN E 299 -4.61 -10.15 10.60
C GLN E 299 -5.40 -11.19 11.38
N ALA E 300 -6.31 -10.73 12.24
CA ALA E 300 -7.16 -11.59 13.04
C ALA E 300 -8.59 -11.05 13.00
N GLY E 301 -9.44 -11.66 12.17
CA GLY E 301 -10.83 -11.25 12.09
C GLY E 301 -11.64 -11.79 13.26
N TYR E 302 -12.62 -11.00 13.70
CA TYR E 302 -13.45 -11.38 14.84
C TYR E 302 -14.83 -10.73 14.66
N TYR E 303 -15.87 -11.55 14.70
CA TYR E 303 -17.26 -11.09 14.54
C TYR E 303 -18.08 -11.64 15.70
N PRO E 304 -17.94 -11.07 16.89
CA PRO E 304 -18.63 -11.62 18.06
C PRO E 304 -20.15 -11.56 17.90
N LEU E 305 -20.81 -12.64 18.32
CA LEU E 305 -22.27 -12.67 18.42
C LEU E 305 -22.68 -12.41 19.86
N LEU E 306 -22.39 -11.20 20.32
CA LEU E 306 -22.65 -10.80 21.69
C LEU E 306 -23.35 -9.46 21.71
N THR E 307 -24.19 -9.26 22.72
CA THR E 307 -24.97 -8.02 22.86
C THR E 307 -25.16 -7.72 24.33
N THR E 308 -25.16 -6.42 24.65
CA THR E 308 -25.52 -5.93 25.97
C THR E 308 -26.51 -4.80 25.79
N HIS E 309 -27.69 -4.93 26.40
CA HIS E 309 -28.79 -4.00 26.20
C HIS E 309 -29.17 -3.92 24.72
N GLN E 310 -29.01 -5.03 24.01
CA GLN E 310 -29.26 -5.16 22.57
C GLN E 310 -28.25 -4.41 21.72
N ILE E 311 -27.26 -3.74 22.31
CA ILE E 311 -26.25 -3.02 21.56
C ILE E 311 -25.21 -4.02 21.07
N PRO E 312 -24.96 -4.14 19.77
CA PRO E 312 -24.01 -5.14 19.29
C PRO E 312 -22.57 -4.83 19.69
N PHE E 313 -21.79 -5.88 19.85
CA PHE E 313 -20.36 -5.72 20.09
C PHE E 313 -19.65 -5.34 18.80
N ALA E 314 -18.51 -4.68 18.94
CA ALA E 314 -17.75 -4.24 17.79
C ALA E 314 -17.23 -5.42 16.99
N GLN E 315 -17.23 -5.28 15.67
CA GLN E 315 -16.74 -6.30 14.75
C GLN E 315 -15.48 -5.81 14.06
N ARG E 316 -14.54 -6.74 13.86
CA ARG E 316 -13.27 -6.44 13.20
C ARG E 316 -13.09 -7.40 12.04
N ASN E 317 -12.73 -6.86 10.88
CA ASN E 317 -12.54 -7.68 9.68
C ASN E 317 -11.17 -8.36 9.73
N GLY E 318 -10.92 -9.20 8.73
CA GLY E 318 -9.66 -9.94 8.67
C GLY E 318 -8.44 -9.09 8.52
N ASP E 319 -8.51 -8.03 7.72
CA ASP E 319 -7.36 -7.15 7.43
C ASP E 319 -7.71 -5.75 7.89
N TYR E 320 -7.41 -5.44 9.14
CA TYR E 320 -7.77 -4.17 9.75
C TYR E 320 -6.52 -3.32 9.95
N TYR E 321 -6.53 -2.12 9.38
CA TYR E 321 -5.40 -1.20 9.49
C TYR E 321 -5.53 -0.44 10.81
N LEU E 322 -4.55 -0.63 11.70
CA LEU E 322 -4.64 -0.09 13.05
C LEU E 322 -4.40 1.41 13.10
N ALA E 323 -3.63 1.97 12.17
CA ALA E 323 -3.24 3.38 12.19
C ALA E 323 -4.10 4.13 11.18
N ASN E 324 -5.18 4.72 11.67
CA ASN E 324 -6.07 5.55 10.86
C ASN E 324 -6.03 6.99 11.37
N ASP E 325 -6.86 7.83 10.77
CA ASP E 325 -6.82 9.26 11.07
C ASP E 325 -7.14 9.54 12.53
N ASP E 326 -8.11 8.82 13.10
CA ASP E 326 -8.61 9.12 14.44
C ASP E 326 -7.83 8.43 15.55
N ASN E 327 -6.79 7.65 15.23
CA ASN E 327 -6.01 6.94 16.23
C ASN E 327 -4.57 7.43 16.38
N ILE E 328 -4.11 8.33 15.52
CA ILE E 328 -2.68 8.63 15.44
C ILE E 328 -2.12 8.88 16.84
N GLU E 329 -2.74 9.79 17.59
CA GLU E 329 -2.23 10.12 18.92
C GLU E 329 -1.97 8.86 19.72
N ASP E 330 -3.01 8.03 19.90
CA ASP E 330 -2.84 6.80 20.66
C ASP E 330 -1.67 5.99 20.12
N ILE E 331 -1.64 5.77 18.81
CA ILE E 331 -0.55 5.03 18.20
C ILE E 331 0.78 5.59 18.69
N GLN E 332 0.96 6.90 18.55
CA GLN E 332 2.22 7.52 18.95
C GLN E 332 2.58 7.11 20.36
N PHE E 333 1.64 7.29 21.30
CA PHE E 333 1.91 6.95 22.69
C PHE E 333 2.40 5.52 22.79
N VAL E 334 1.66 4.58 22.20
CA VAL E 334 2.05 3.18 22.26
C VAL E 334 3.50 3.05 21.84
N ASP E 335 3.83 3.57 20.66
CA ASP E 335 5.19 3.44 20.16
C ASP E 335 6.18 3.97 21.18
N SER E 336 5.95 5.20 21.66
CA SER E 336 6.87 5.77 22.63
C SER E 336 7.01 4.86 23.84
N TYR E 337 5.88 4.38 24.36
CA TYR E 337 5.92 3.57 25.57
C TYR E 337 6.82 2.35 25.38
N GLU E 338 6.84 1.81 24.16
CA GLU E 338 7.74 0.69 23.89
C GLU E 338 9.18 1.16 23.83
N LYS E 339 9.46 2.21 23.07
CA LYS E 339 10.84 2.61 22.83
C LYS E 339 11.54 2.97 24.14
N THR E 340 10.85 3.72 25.00
CA THR E 340 11.42 4.05 26.30
C THR E 340 11.92 2.80 27.01
N PHE E 341 11.10 1.74 27.02
CA PHE E 341 11.52 0.51 27.68
C PHE E 341 12.83 -0.01 27.08
N LEU E 342 12.90 -0.04 25.75
CA LEU E 342 14.14 -0.47 25.10
C LEU E 342 15.31 0.39 25.57
N GLN E 343 15.10 1.70 25.67
CA GLN E 343 16.17 2.57 26.16
C GLN E 343 16.61 2.15 27.54
N PHE E 344 15.67 1.84 28.42
CA PHE E 344 16.02 1.36 29.75
C PHE E 344 16.94 0.14 29.65
N LEU E 345 16.63 -0.78 28.74
CA LEU E 345 17.45 -1.97 28.60
C LEU E 345 18.89 -1.61 28.24
N GLN E 346 19.09 -0.51 27.51
CA GLN E 346 20.44 -0.07 27.20
C GLN E 346 21.11 0.57 28.40
N LYS E 347 20.34 1.27 29.25
CA LYS E 347 20.93 1.95 30.39
C LYS E 347 21.26 0.97 31.51
N GLY E 348 20.41 -0.04 31.73
CA GLY E 348 20.66 -1.02 32.77
C GLY E 348 20.25 -0.53 34.15
N GLN E 349 21.01 0.43 34.68
CA GLN E 349 20.74 1.04 35.97
C GLN E 349 20.34 2.49 35.74
N PHE E 350 19.19 2.88 36.29
CA PHE E 350 18.65 4.21 36.03
C PHE E 350 17.74 4.65 37.16
N LYS E 351 17.13 5.82 36.98
CA LYS E 351 16.20 6.40 37.93
C LYS E 351 14.95 6.81 37.19
N ALA E 352 13.84 6.09 37.41
CA ALA E 352 12.59 6.36 36.73
C ALA E 352 11.47 6.46 37.75
N TYR E 353 10.60 7.45 37.56
CA TYR E 353 9.46 7.68 38.45
C TYR E 353 9.89 7.80 39.91
N LYS E 354 10.99 8.53 40.14
CA LYS E 354 11.55 8.74 41.47
C LYS E 354 11.96 7.44 42.14
N GLN E 355 12.18 6.38 41.36
CA GLN E 355 12.59 5.09 41.88
C GLN E 355 13.87 4.64 41.18
N GLU E 356 14.85 4.21 41.98
CA GLU E 356 16.09 3.68 41.43
C GLU E 356 15.86 2.24 40.98
N VAL E 357 16.26 1.94 39.75
CA VAL E 357 16.03 0.63 39.14
C VAL E 357 17.38 0.06 38.70
N ASP E 358 17.64 -1.18 39.09
CA ASP E 358 18.84 -1.91 38.69
C ASP E 358 18.39 -3.22 38.06
N LEU E 359 18.54 -3.33 36.74
CA LEU E 359 18.05 -4.50 36.01
C LEU E 359 18.90 -5.73 36.24
N TYR E 360 20.13 -5.58 36.73
CA TYR E 360 20.95 -6.74 37.06
C TYR E 360 20.35 -7.57 38.19
N ASN E 361 19.51 -6.96 39.02
CA ASN E 361 18.91 -7.65 40.16
C ASN E 361 17.53 -8.19 39.78
N SER E 362 17.24 -9.42 40.23
CA SER E 362 15.99 -10.06 39.86
C SER E 362 14.78 -9.31 40.42
N LYS E 363 14.92 -8.71 41.61
CA LYS E 363 13.78 -8.05 42.23
C LYS E 363 13.21 -6.97 41.33
N SER E 364 14.04 -6.37 40.47
CA SER E 364 13.57 -5.34 39.55
C SER E 364 12.34 -5.79 38.76
N VAL E 365 12.12 -7.11 38.66
CA VAL E 365 10.93 -7.66 38.00
C VAL E 365 9.72 -6.83 38.40
N ASN E 366 9.57 -6.59 39.71
CA ASN E 366 8.42 -5.84 40.19
C ASN E 366 8.19 -4.60 39.34
N PHE E 367 9.18 -3.69 39.34
CA PHE E 367 9.07 -2.47 38.54
C PHE E 367 8.61 -2.79 37.12
N VAL E 368 9.33 -3.69 36.46
CA VAL E 368 9.01 -4.03 35.07
C VAL E 368 7.52 -4.33 34.95
N GLY E 369 7.02 -5.24 35.78
CA GLY E 369 5.61 -5.59 35.71
C GLY E 369 4.73 -4.37 35.82
N ASN E 370 4.95 -3.56 36.86
CA ASN E 370 4.14 -2.36 37.03
C ASN E 370 4.24 -1.47 35.80
N TYR E 371 5.45 -1.33 35.25
CA TYR E 371 5.63 -0.47 34.10
C TYR E 371 4.73 -0.90 32.95
N TRP E 372 4.53 -2.21 32.79
CA TRP E 372 3.72 -2.71 31.69
C TRP E 372 2.24 -2.80 32.04
N GLN E 373 1.86 -2.49 33.28
CA GLN E 373 0.45 -2.39 33.65
C GLN E 373 0.02 -0.97 33.95
N ALA E 374 0.96 -0.05 34.15
CA ALA E 374 0.65 1.34 34.47
C ALA E 374 -0.26 1.44 35.68
N ASN E 375 -0.05 0.56 36.66
CA ASN E 375 -0.83 0.58 37.88
C ASN E 375 -0.39 1.73 38.79
N VAL E 376 -1.15 1.93 39.86
CA VAL E 376 -0.89 3.06 40.76
C VAL E 376 0.46 2.94 41.42
N ASP E 377 0.92 1.70 41.68
CA ASP E 377 2.21 1.52 42.32
C ASP E 377 3.35 2.14 41.52
N LEU E 378 3.19 2.22 40.19
CA LEU E 378 4.23 2.82 39.36
C LEU E 378 4.41 4.30 39.66
N TYR E 379 3.38 4.96 40.20
CA TYR E 379 3.41 6.40 40.44
C TYR E 379 3.33 6.75 41.93
N GLU E 380 3.67 5.81 42.82
CA GLU E 380 3.51 6.06 44.24
C GLU E 380 4.53 7.06 44.79
N LYS E 381 5.63 7.31 44.08
CA LYS E 381 6.68 8.19 44.56
C LYS E 381 6.66 9.57 43.94
N VAL E 382 5.85 9.79 42.90
CA VAL E 382 5.75 11.11 42.27
C VAL E 382 4.49 11.80 42.78
N PRO E 383 4.41 13.14 42.72
CA PRO E 383 3.20 13.82 43.20
C PRO E 383 1.98 13.42 42.40
N GLN E 384 0.82 13.49 43.07
CA GLN E 384 -0.45 13.17 42.44
C GLN E 384 -0.57 13.87 41.10
N ARG E 385 -0.76 13.08 40.04
CA ARG E 385 -0.80 13.60 38.68
C ARG E 385 -2.24 13.66 38.17
N ASN E 386 -2.53 14.71 37.42
CA ASN E 386 -3.79 14.83 36.69
C ASN E 386 -3.68 14.35 35.25
N TYR E 387 -2.48 14.08 34.76
CA TYR E 387 -2.25 13.55 33.42
C TYR E 387 -2.08 12.04 33.54
N LEU E 388 -3.07 11.29 33.03
CA LEU E 388 -3.12 9.84 33.19
C LEU E 388 -3.13 9.18 31.83
N ARG E 389 -2.30 8.14 31.68
CA ARG E 389 -2.26 7.36 30.45
C ARG E 389 -1.93 5.91 30.80
N SER E 390 -2.38 5.00 29.93
CA SER E 390 -2.17 3.58 30.13
C SER E 390 -1.88 2.91 28.79
N TYR E 391 -0.79 2.16 28.73
CA TYR E 391 -0.45 1.44 27.50
C TYR E 391 -1.50 0.41 27.15
N GLU E 392 -1.94 -0.38 28.14
CA GLU E 392 -2.92 -1.43 27.87
C GLU E 392 -4.26 -0.85 27.44
N ASP E 393 -4.69 0.25 28.06
CA ASP E 393 -5.96 0.87 27.68
C ASP E 393 -5.92 1.33 26.22
N ALA E 394 -4.84 2.01 25.84
CA ALA E 394 -4.72 2.49 24.47
C ALA E 394 -4.64 1.33 23.48
N ALA E 395 -3.90 0.27 23.84
CA ALA E 395 -3.81 -0.88 22.95
C ALA E 395 -5.17 -1.54 22.77
N ARG E 396 -5.92 -1.69 23.87
CA ARG E 396 -7.26 -2.26 23.78
C ARG E 396 -8.17 -1.40 22.91
N ARG E 397 -8.11 -0.09 23.09
CA ARG E 397 -8.93 0.80 22.26
C ARG E 397 -8.59 0.65 20.79
N ILE E 398 -7.29 0.60 20.47
CA ILE E 398 -6.86 0.48 19.08
C ILE E 398 -7.32 -0.85 18.50
N LEU E 399 -7.14 -1.94 19.24
CA LEU E 399 -7.46 -3.27 18.73
C LEU E 399 -8.95 -3.55 18.69
N GLY E 400 -9.76 -2.83 19.48
CA GLY E 400 -11.19 -3.10 19.50
C GLY E 400 -11.89 -2.74 18.21
N ALA E 401 -11.33 -1.79 17.45
CA ALA E 401 -11.88 -1.36 16.17
C ALA E 401 -13.24 -0.70 16.30
N ALA E 402 -13.61 -0.28 17.50
CA ALA E 402 -14.88 0.42 17.67
C ALA E 402 -14.79 1.83 17.07
N PRO E 403 -15.91 2.38 16.61
CA PRO E 403 -15.88 3.76 16.09
C PRO E 403 -15.42 4.73 17.16
N ARG E 404 -14.63 5.71 16.74
CA ARG E 404 -14.07 6.69 17.66
C ARG E 404 -14.94 7.94 17.70
N ASN E 405 -15.28 8.37 18.91
CA ASN E 405 -16.13 9.53 19.11
C ASN E 405 -15.67 10.28 20.35
N SER E 406 -15.85 11.59 20.34
CA SER E 406 -15.48 12.44 21.47
C SER E 406 -16.63 12.63 22.46
N TYR E 407 -17.77 11.99 22.24
CA TYR E 407 -18.92 12.12 23.11
C TYR E 407 -18.88 11.03 24.18
N GLU E 408 -19.04 11.43 25.44
CA GLU E 408 -18.93 10.49 26.55
C GLU E 408 -20.19 9.66 26.76
N ASN E 409 -21.32 10.04 26.15
CA ASN E 409 -22.58 9.37 26.36
C ASN E 409 -22.92 8.38 25.25
N LEU E 410 -21.93 7.99 24.45
CA LEU E 410 -22.15 7.08 23.33
C LEU E 410 -20.94 6.18 23.16
N ASN E 411 -21.16 4.87 23.30
CA ASN E 411 -20.08 3.90 23.18
C ASN E 411 -20.60 2.63 22.52
N VAL E 412 -19.74 2.01 21.70
CA VAL E 412 -20.02 0.71 21.11
C VAL E 412 -19.17 -0.32 21.85
N PRO E 413 -19.77 -1.24 22.60
CA PRO E 413 -18.96 -2.15 23.42
C PRO E 413 -18.10 -3.07 22.57
N THR E 414 -16.95 -3.45 23.13
CA THR E 414 -16.04 -4.40 22.51
C THR E 414 -15.67 -5.46 23.55
N ALA E 415 -15.21 -6.61 23.04
CA ALA E 415 -14.86 -7.71 23.94
C ALA E 415 -13.73 -7.31 24.88
N LEU E 416 -12.82 -6.46 24.42
CA LEU E 416 -11.68 -6.03 25.23
C LEU E 416 -12.05 -4.99 26.28
N ASP E 417 -13.26 -4.44 26.23
CA ASP E 417 -13.70 -3.47 27.23
C ASP E 417 -14.14 -4.12 28.53
N PHE E 418 -14.29 -5.44 28.56
CA PHE E 418 -14.73 -6.16 29.75
C PHE E 418 -13.77 -7.32 30.02
N TYR E 419 -13.43 -7.49 31.30
CA TYR E 419 -12.61 -8.63 31.69
C TYR E 419 -13.36 -9.94 31.60
N GLN E 420 -14.69 -9.90 31.51
CA GLN E 420 -15.47 -11.12 31.35
C GLN E 420 -15.37 -11.68 29.95
N THR E 421 -15.04 -10.85 28.96
CA THR E 421 -15.01 -11.26 27.56
C THR E 421 -13.67 -11.02 26.88
N SER E 422 -12.64 -10.63 27.63
CA SER E 422 -11.36 -10.30 27.01
C SER E 422 -10.73 -11.52 26.34
N LEU E 423 -10.81 -12.69 26.98
CA LEU E 423 -10.14 -13.87 26.48
C LEU E 423 -10.77 -14.43 25.21
N ARG E 424 -11.95 -13.93 24.81
CA ARG E 424 -12.58 -14.39 23.58
C ARG E 424 -11.89 -13.82 22.34
N ASP E 425 -11.05 -12.79 22.49
CA ASP E 425 -10.46 -12.11 21.35
C ASP E 425 -9.01 -12.55 21.16
N PRO E 426 -8.61 -13.06 20.00
CA PRO E 426 -7.19 -13.40 19.79
C PRO E 426 -6.25 -12.21 19.94
N ALA E 427 -6.72 -11.01 19.62
CA ALA E 427 -5.88 -9.82 19.76
C ALA E 427 -5.34 -9.68 21.18
N PHE E 428 -6.12 -10.09 22.18
CA PHE E 428 -5.65 -10.10 23.55
C PHE E 428 -4.39 -10.94 23.68
N TYR E 429 -4.44 -12.18 23.16
CA TYR E 429 -3.29 -13.07 23.24
C TYR E 429 -2.09 -12.50 22.49
N GLN E 430 -2.32 -11.94 21.31
CA GLN E 430 -1.21 -11.37 20.54
C GLN E 430 -0.56 -10.21 21.30
N LEU E 431 -1.38 -9.30 21.84
CA LEU E 431 -0.86 -8.14 22.55
C LEU E 431 -0.04 -8.56 23.76
N TYR E 432 -0.58 -9.48 24.56
CA TYR E 432 0.15 -9.87 25.76
C TYR E 432 1.35 -10.76 25.43
N ALA E 433 1.33 -11.45 24.29
CA ALA E 433 2.54 -12.12 23.83
C ALA E 433 3.63 -11.11 23.50
N LYS E 434 3.26 -10.01 22.85
CA LYS E 434 4.24 -8.94 22.61
C LYS E 434 4.79 -8.40 23.92
N ILE E 435 3.91 -8.14 24.88
CA ILE E 435 4.34 -7.60 26.17
C ILE E 435 5.30 -8.57 26.86
N LEU E 436 4.95 -9.86 26.87
CA LEU E 436 5.82 -10.84 27.51
C LEU E 436 7.12 -11.02 26.73
N ASP E 437 7.12 -10.80 25.42
CA ASP E 437 8.38 -10.81 24.68
C ASP E 437 9.29 -9.69 25.16
N PHE E 438 8.74 -8.50 25.36
CA PHE E 438 9.53 -7.41 25.93
C PHE E 438 10.05 -7.80 27.32
N ILE E 439 9.19 -8.39 28.14
CA ILE E 439 9.60 -8.74 29.49
C ILE E 439 10.68 -9.80 29.47
N ASN E 440 10.64 -10.73 28.52
CA ASN E 440 11.69 -11.75 28.42
C ASN E 440 12.99 -11.13 27.91
N GLN E 441 12.90 -10.16 27.00
CA GLN E 441 14.09 -9.40 26.64
C GLN E 441 14.73 -8.78 27.87
N TYR E 442 13.90 -8.24 28.77
CA TYR E 442 14.41 -7.77 30.06
C TYR E 442 15.04 -8.92 30.85
N LYS E 443 14.34 -10.06 30.92
CA LYS E 443 14.80 -11.19 31.72
C LYS E 443 16.15 -11.72 31.25
N GLU E 444 16.51 -11.45 29.99
CA GLU E 444 17.81 -11.89 29.49
C GLU E 444 18.95 -11.36 30.35
N TYR E 445 18.74 -10.24 31.06
CA TYR E 445 19.77 -9.69 31.92
C TYR E 445 20.17 -10.66 33.02
N LEU E 446 19.20 -11.36 33.60
CA LEU E 446 19.44 -12.12 34.83
C LEU E 446 20.45 -13.24 34.62
N GLU E 447 21.24 -13.49 35.66
CA GLU E 447 22.23 -14.56 35.61
C GLU E 447 21.52 -15.91 35.69
N PRO E 448 21.88 -16.88 34.84
CA PRO E 448 21.21 -18.18 34.90
C PRO E 448 21.54 -18.94 36.17
N TYR E 449 20.61 -19.80 36.58
CA TYR E 449 20.81 -20.62 37.76
C TYR E 449 21.99 -21.56 37.57
N THR E 450 22.75 -21.77 38.64
CA THR E 450 23.94 -22.60 38.62
C THR E 450 23.65 -24.00 39.17
N GLN E 451 24.61 -24.90 38.98
CA GLN E 451 24.42 -26.29 39.42
C GLN E 451 24.23 -26.37 40.93
N ASP E 452 25.01 -25.61 41.69
CA ASP E 452 24.91 -25.68 43.15
C ASP E 452 23.51 -25.35 43.63
N VAL E 453 22.80 -24.46 42.92
CA VAL E 453 21.44 -24.14 43.30
C VAL E 453 20.46 -25.22 42.83
N LEU E 454 20.77 -25.90 41.73
CA LEU E 454 19.86 -26.88 41.16
C LEU E 454 20.09 -28.30 41.67
N HIS E 455 21.35 -28.75 41.70
CA HIS E 455 21.65 -30.11 42.10
C HIS E 455 21.18 -30.36 43.54
N PHE E 456 20.46 -31.46 43.74
CA PHE E 456 20.04 -31.89 45.08
C PHE E 456 20.90 -33.07 45.50
N VAL E 457 22.03 -32.76 46.14
CA VAL E 457 22.99 -33.78 46.54
C VAL E 457 22.30 -34.84 47.38
N GLY E 458 22.53 -36.10 47.02
CA GLY E 458 21.95 -37.22 47.74
C GLY E 458 20.50 -37.50 47.43
N VAL E 459 19.98 -36.97 46.32
CA VAL E 459 18.60 -37.19 45.92
C VAL E 459 18.58 -37.42 44.42
N LYS E 460 18.01 -38.55 44.00
CA LYS E 460 17.89 -38.91 42.59
C LYS E 460 16.50 -39.46 42.33
N ILE E 461 15.86 -38.98 41.26
CA ILE E 461 14.54 -39.45 40.88
C ILE E 461 14.72 -40.67 39.98
N ASN E 462 14.40 -41.85 40.52
CA ASN E 462 14.60 -43.09 39.78
C ASN E 462 13.58 -43.26 38.66
N ASP E 463 12.31 -42.96 38.92
CA ASP E 463 11.29 -43.23 37.92
C ASP E 463 10.08 -42.32 38.12
N VAL E 464 9.30 -42.17 37.05
CA VAL E 464 8.04 -41.45 37.09
C VAL E 464 7.04 -42.18 36.19
N LYS E 465 5.88 -42.52 36.73
CA LYS E 465 4.81 -43.16 35.97
C LYS E 465 3.54 -42.34 36.09
N VAL E 466 2.74 -42.36 35.03
CA VAL E 466 1.47 -41.64 34.97
C VAL E 466 0.43 -42.55 34.34
N ASP E 467 -0.78 -42.52 34.88
CA ASP E 467 -1.88 -43.31 34.34
C ASP E 467 -2.36 -42.72 33.01
N LYS E 468 -3.31 -43.42 32.39
CA LYS E 468 -3.83 -42.98 31.10
C LYS E 468 -4.45 -41.59 31.21
N LEU E 469 -4.12 -40.74 30.24
CA LEU E 469 -4.63 -39.38 30.19
C LEU E 469 -5.77 -39.32 29.18
N VAL E 470 -6.96 -39.00 29.67
CA VAL E 470 -8.19 -39.05 28.88
C VAL E 470 -8.92 -37.73 28.99
N THR E 471 -9.47 -37.27 27.86
CA THR E 471 -10.30 -36.07 27.83
C THR E 471 -11.59 -36.36 27.08
N TYR E 472 -12.64 -35.63 27.44
CA TYR E 472 -13.94 -35.82 26.81
C TYR E 472 -14.78 -34.55 27.00
N PHE E 473 -15.95 -34.55 26.38
CA PHE E 473 -16.92 -33.47 26.51
C PHE E 473 -18.13 -33.97 27.29
N GLU E 474 -18.58 -33.18 28.25
CA GLU E 474 -19.75 -33.52 29.06
C GLU E 474 -20.66 -32.31 29.17
N TYR E 475 -21.96 -32.58 29.26
CA TYR E 475 -22.93 -31.51 29.42
C TYR E 475 -22.78 -30.87 30.81
N PHE E 476 -22.86 -29.54 30.86
CA PHE E 476 -22.81 -28.78 32.09
C PHE E 476 -23.95 -27.77 32.08
N ASP E 477 -24.65 -27.66 33.20
CA ASP E 477 -25.80 -26.79 33.35
C ASP E 477 -25.45 -25.62 34.25
N TRP E 478 -25.81 -24.41 33.82
CA TRP E 478 -25.63 -23.22 34.65
C TRP E 478 -26.84 -22.31 34.54
N ASN E 479 -27.17 -21.67 35.67
CA ASN E 479 -28.34 -20.80 35.77
C ASN E 479 -28.08 -19.49 35.05
N ALA E 480 -29.04 -19.08 34.20
CA ALA E 480 -28.93 -17.84 33.43
C ALA E 480 -30.19 -16.99 33.56
N THR E 481 -30.79 -16.98 34.76
CA THR E 481 -32.04 -16.24 34.97
C THR E 481 -31.82 -14.73 35.06
N ASN E 482 -30.63 -14.28 35.48
CA ASN E 482 -30.37 -12.86 35.65
C ASN E 482 -30.37 -12.08 34.34
N ALA E 483 -30.32 -12.76 33.19
CA ALA E 483 -30.24 -12.06 31.92
C ALA E 483 -31.57 -11.44 31.50
N VAL E 484 -32.69 -11.90 32.06
CA VAL E 484 -34.00 -11.46 31.64
C VAL E 484 -34.56 -10.48 32.67
N TYR E 485 -35.62 -9.76 32.27
CA TYR E 485 -36.33 -8.86 33.16
C TYR E 485 -37.63 -9.52 33.62
N LEU E 486 -37.84 -9.56 34.93
CA LEU E 486 -38.97 -10.26 35.51
C LEU E 486 -40.17 -9.33 35.63
N SER E 487 -41.35 -9.94 35.73
CA SER E 487 -42.59 -9.20 35.96
C SER E 487 -42.79 -8.97 37.45
N GLU E 488 -43.78 -8.13 37.77
CA GLU E 488 -44.07 -7.84 39.18
C GLU E 488 -44.47 -9.12 39.92
N GLN E 489 -45.31 -9.95 39.32
CA GLN E 489 -45.71 -11.20 39.95
C GLN E 489 -44.52 -12.10 40.20
N GLN E 490 -43.63 -12.22 39.21
CA GLN E 490 -42.44 -13.04 39.39
C GLN E 490 -41.54 -12.51 40.50
N LEU E 491 -41.36 -11.19 40.57
CA LEU E 491 -40.56 -10.62 41.64
C LEU E 491 -41.18 -10.88 43.00
N ASP E 492 -42.52 -10.76 43.09
CA ASP E 492 -43.19 -10.89 44.38
C ASP E 492 -43.19 -12.33 44.90
N THR E 493 -43.40 -13.31 44.03
CA THR E 493 -43.57 -14.70 44.45
C THR E 493 -42.39 -15.58 44.05
N GLY E 494 -42.05 -15.62 42.76
CA GLY E 494 -40.97 -16.47 42.31
C GLY E 494 -40.79 -16.45 40.81
N SER E 495 -39.55 -16.52 40.36
CA SER E 495 -39.23 -16.48 38.94
C SER E 495 -38.89 -17.86 38.41
N PRO E 496 -39.06 -18.11 37.11
CA PRO E 496 -38.70 -19.40 36.54
C PRO E 496 -37.19 -19.55 36.42
N SER E 497 -36.77 -20.79 36.21
CA SER E 497 -35.36 -21.15 36.12
C SER E 497 -35.00 -21.38 34.65
N TYR E 498 -34.21 -20.47 34.08
CA TYR E 498 -33.69 -20.62 32.73
C TYR E 498 -32.25 -21.12 32.84
N ILE E 499 -32.04 -22.36 32.40
CA ILE E 499 -30.76 -23.05 32.59
C ILE E 499 -30.15 -23.29 31.22
N VAL E 500 -28.87 -22.96 31.08
CA VAL E 500 -28.12 -23.23 29.85
C VAL E 500 -27.33 -24.51 30.05
N ARG E 501 -27.52 -25.46 29.14
CA ARG E 501 -26.84 -26.75 29.16
C ARG E 501 -25.93 -26.81 27.94
N GLN E 502 -24.62 -26.75 28.18
CA GLN E 502 -23.65 -26.71 27.09
C GLN E 502 -22.55 -27.73 27.31
N PRO E 503 -21.94 -28.23 26.24
CA PRO E 503 -20.78 -29.12 26.41
C PRO E 503 -19.59 -28.37 26.98
N ARG E 504 -18.80 -29.09 27.77
CA ARG E 504 -17.56 -28.56 28.35
C ARG E 504 -16.52 -29.66 28.39
N LEU E 505 -15.26 -29.25 28.29
CA LEU E 505 -14.14 -30.18 28.34
C LEU E 505 -13.94 -30.68 29.77
N ASN E 506 -13.53 -31.94 29.90
CA ASN E 506 -13.22 -32.52 31.19
C ASN E 506 -12.23 -33.65 30.99
N ASN E 507 -11.59 -34.04 32.08
CA ASN E 507 -10.60 -35.11 32.06
C ASN E 507 -10.88 -36.10 33.18
N GLN E 508 -10.55 -37.38 32.92
CA GLN E 508 -10.74 -38.41 33.92
C GLN E 508 -9.63 -38.37 34.97
N PRO E 509 -9.89 -38.87 36.17
CA PRO E 509 -8.84 -38.84 37.21
C PRO E 509 -7.60 -39.60 36.79
N PHE E 510 -6.44 -39.09 37.19
CA PHE E 510 -5.17 -39.74 36.95
C PHE E 510 -4.25 -39.47 38.12
N THR E 511 -3.25 -40.34 38.29
CA THR E 511 -2.32 -40.27 39.40
C THR E 511 -0.89 -40.28 38.86
N VAL E 512 -0.01 -39.53 39.52
CA VAL E 512 1.40 -39.47 39.18
C VAL E 512 2.18 -40.14 40.30
N THR E 513 2.97 -41.15 39.96
CA THR E 513 3.79 -41.87 40.92
C THR E 513 5.26 -41.59 40.65
N ILE E 514 5.97 -41.15 41.68
CA ILE E 514 7.37 -40.77 41.58
C ILE E 514 8.18 -41.68 42.50
N ASP E 515 9.16 -42.36 41.92
CA ASP E 515 10.06 -43.25 42.66
C ASP E 515 11.41 -42.55 42.79
N ILE E 516 11.83 -42.31 44.04
CA ILE E 516 13.02 -41.54 44.35
C ILE E 516 13.92 -42.38 45.26
N LYS E 517 15.21 -42.07 45.22
CA LYS E 517 16.21 -42.69 46.08
C LYS E 517 16.98 -41.60 46.81
N SER E 518 17.07 -41.72 48.14
CA SER E 518 17.82 -40.75 48.92
C SER E 518 18.20 -41.38 50.26
N ASP E 519 19.50 -41.64 50.45
CA ASP E 519 19.97 -42.16 51.73
C ASP E 519 19.92 -41.12 52.83
N VAL E 520 19.76 -39.84 52.48
CA VAL E 520 19.66 -38.77 53.46
C VAL E 520 18.20 -38.48 53.72
N GLU E 521 17.81 -38.42 55.00
CA GLU E 521 16.44 -38.16 55.41
C GLU E 521 16.27 -36.66 55.61
N SER E 522 15.40 -36.05 54.80
CA SER E 522 15.26 -34.59 54.83
C SER E 522 13.92 -34.20 54.22
N GLU E 523 13.57 -32.93 54.43
CA GLU E 523 12.36 -32.35 53.85
C GLU E 523 12.68 -31.81 52.47
N ALA E 524 11.70 -31.91 51.55
CA ALA E 524 11.92 -31.50 50.17
C ALA E 524 10.62 -30.98 49.58
N VAL E 525 10.76 -30.26 48.46
CA VAL E 525 9.65 -29.70 47.71
C VAL E 525 9.67 -30.29 46.31
N ILE E 526 8.49 -30.72 45.85
CA ILE E 526 8.32 -31.33 44.54
C ILE E 526 7.38 -30.46 43.72
N LYS E 527 7.81 -30.15 42.49
CA LYS E 527 7.02 -29.39 41.52
C LYS E 527 6.83 -30.22 40.26
N ILE E 528 5.64 -30.11 39.68
CA ILE E 528 5.27 -30.84 38.47
C ILE E 528 4.74 -29.83 37.47
N PHE E 529 5.31 -29.84 36.26
CA PHE E 529 4.91 -28.99 35.15
C PHE E 529 4.49 -29.86 33.97
N ILE E 530 3.63 -29.31 33.12
CA ILE E 530 3.23 -29.94 31.87
C ILE E 530 3.58 -28.99 30.72
N GLY E 531 4.11 -29.54 29.63
CA GLY E 531 4.52 -28.75 28.51
C GLY E 531 4.48 -29.47 27.18
N PRO E 532 4.76 -28.75 26.10
CA PRO E 532 4.74 -29.36 24.77
C PRO E 532 6.04 -30.06 24.45
N LYS E 533 5.98 -30.92 23.42
CA LYS E 533 7.14 -31.63 22.92
C LYS E 533 7.52 -31.23 21.50
N TYR E 534 6.54 -30.96 20.65
CA TYR E 534 6.78 -30.55 19.28
C TYR E 534 6.12 -29.20 19.01
N ASP E 535 6.77 -28.40 18.18
CA ASP E 535 6.26 -27.08 17.81
C ASP E 535 5.31 -27.22 16.63
N GLY E 536 4.87 -26.09 16.07
CA GLY E 536 3.96 -26.13 14.94
C GLY E 536 4.57 -26.74 13.70
N ASN E 537 5.90 -26.68 13.57
CA ASN E 537 6.59 -27.21 12.42
C ASN E 537 6.92 -28.69 12.55
N GLY E 538 6.55 -29.32 13.66
CA GLY E 538 6.77 -30.75 13.83
C GLY E 538 8.14 -31.13 14.33
N TYR E 539 8.94 -30.17 14.79
CA TYR E 539 10.27 -30.47 15.30
C TYR E 539 10.29 -30.34 16.82
N PRO E 540 11.14 -31.12 17.50
CA PRO E 540 11.21 -31.03 18.97
C PRO E 540 11.68 -29.66 19.42
N ILE E 541 11.17 -29.23 20.58
CA ILE E 541 11.49 -27.92 21.13
C ILE E 541 12.58 -28.09 22.19
N ASP E 542 13.71 -27.44 21.99
CA ASP E 542 14.79 -27.47 22.97
C ASP E 542 14.37 -26.71 24.23
N LEU E 543 14.89 -27.15 25.37
CA LEU E 543 14.52 -26.53 26.64
C LEU E 543 14.90 -25.05 26.67
N GLU E 544 15.99 -24.68 25.98
CA GLU E 544 16.38 -23.28 25.93
C GLU E 544 15.33 -22.39 25.28
N ASN E 545 14.41 -22.96 24.52
CA ASN E 545 13.28 -22.23 23.95
C ASN E 545 11.93 -22.64 24.54
N ASN E 546 11.85 -23.79 25.20
CA ASN E 546 10.60 -24.30 25.75
C ASN E 546 10.38 -23.92 27.20
N TRP E 547 11.33 -23.21 27.83
CA TRP E 547 11.19 -22.87 29.24
C TRP E 547 10.02 -21.92 29.48
N VAL E 548 9.58 -21.17 28.47
CA VAL E 548 8.49 -20.23 28.63
C VAL E 548 7.12 -20.85 28.35
N ASN E 549 7.08 -22.09 27.86
CA ASN E 549 5.84 -22.75 27.52
C ASN E 549 5.41 -23.81 28.54
N LEU E 550 6.15 -23.96 29.64
CA LEU E 550 5.85 -24.97 30.63
C LEU E 550 4.84 -24.42 31.65
N VAL E 551 3.79 -25.20 31.90
CA VAL E 551 2.71 -24.82 32.81
C VAL E 551 2.88 -25.61 34.10
N GLU E 552 2.99 -24.90 35.22
CA GLU E 552 3.06 -25.55 36.52
C GLU E 552 1.70 -26.12 36.89
N ILE E 553 1.68 -27.37 37.34
CA ILE E 553 0.41 -28.04 37.66
C ILE E 553 0.40 -28.48 39.12
N ASP E 554 1.58 -28.74 39.70
CA ASP E 554 1.60 -29.21 41.08
C ASP E 554 2.80 -28.64 41.83
N TRP E 555 2.62 -28.44 43.13
CA TRP E 555 3.65 -27.85 43.98
C TRP E 555 3.36 -28.26 45.42
N PHE E 556 4.17 -29.15 45.99
CA PHE E 556 3.89 -29.66 47.32
C PHE E 556 5.19 -30.00 48.05
N THR E 557 5.05 -30.38 49.31
CA THR E 557 6.16 -30.73 50.17
C THR E 557 6.08 -32.20 50.58
N HIS E 558 7.22 -32.79 50.90
CA HIS E 558 7.27 -34.18 51.33
C HIS E 558 8.54 -34.45 52.12
N LYS E 559 8.45 -35.37 53.07
CA LYS E 559 9.59 -35.79 53.88
C LYS E 559 10.13 -37.10 53.33
N LEU E 560 11.39 -37.08 52.87
CA LEU E 560 12.04 -38.26 52.33
C LEU E 560 12.83 -38.94 53.45
N THR E 561 12.59 -40.23 53.62
CA THR E 561 13.36 -41.04 54.55
C THR E 561 14.51 -41.74 53.83
N SER E 562 15.45 -42.27 54.63
CA SER E 562 16.60 -42.95 54.06
C SER E 562 16.16 -44.15 53.23
N GLY E 563 16.75 -44.28 52.04
CA GLY E 563 16.47 -45.40 51.17
C GLY E 563 15.57 -45.06 50.00
N GLN E 564 14.61 -45.94 49.72
CA GLN E 564 13.69 -45.77 48.61
C GLN E 564 12.45 -45.01 49.07
N ASN E 565 11.81 -44.31 48.12
CA ASN E 565 10.61 -43.56 48.40
C ASN E 565 9.69 -43.62 47.18
N LYS E 566 8.39 -43.78 47.42
CA LYS E 566 7.39 -43.76 46.36
C LYS E 566 6.29 -42.80 46.77
N ILE E 567 6.09 -41.76 45.96
CA ILE E 567 5.10 -40.73 46.21
C ILE E 567 3.98 -40.88 45.19
N GLU E 568 2.74 -40.94 45.67
CA GLU E 568 1.56 -41.03 44.81
C GLU E 568 0.76 -39.74 44.99
N ARG E 569 0.68 -38.94 43.93
CA ARG E 569 -0.05 -37.68 43.93
C ARG E 569 -1.23 -37.79 42.99
N LYS E 570 -2.43 -37.56 43.52
CA LYS E 570 -3.65 -37.68 42.73
C LYS E 570 -4.00 -36.33 42.10
N SER E 571 -4.63 -36.39 40.93
CA SER E 571 -4.98 -35.18 40.21
C SER E 571 -5.95 -34.31 40.99
N GLU E 572 -6.70 -34.87 41.94
CA GLU E 572 -7.63 -34.11 42.75
C GLU E 572 -6.95 -33.32 43.85
N ASN E 573 -5.64 -33.50 44.05
CA ASN E 573 -4.92 -32.81 45.12
C ASN E 573 -3.90 -31.81 44.58
N PHE E 574 -3.92 -31.53 43.28
CA PHE E 574 -2.97 -30.57 42.72
C PHE E 574 -3.22 -29.18 43.27
N PHE E 575 -2.13 -28.44 43.49
CA PHE E 575 -2.21 -27.16 44.19
C PHE E 575 -2.88 -26.08 43.34
N TRP E 576 -2.59 -26.05 42.05
CA TRP E 576 -2.98 -24.94 41.19
C TRP E 576 -4.32 -25.15 40.48
N PHE E 577 -5.19 -25.99 41.04
CA PHE E 577 -6.50 -26.23 40.43
C PHE E 577 -7.54 -26.44 41.52
N LYS E 578 -8.80 -26.14 41.17
CA LYS E 578 -9.93 -26.24 42.08
C LYS E 578 -11.01 -27.11 41.44
N GLU E 579 -12.17 -27.17 42.10
CA GLU E 579 -13.34 -27.83 41.56
C GLU E 579 -14.33 -26.81 41.01
N ASP E 580 -15.35 -27.31 40.31
CA ASP E 580 -16.34 -26.46 39.69
C ASP E 580 -17.26 -25.82 40.72
N SER E 581 -17.66 -24.59 40.44
CA SER E 581 -18.62 -23.90 41.28
C SER E 581 -20.02 -24.46 41.07
N VAL E 582 -20.93 -24.13 41.99
CA VAL E 582 -22.29 -24.64 41.98
C VAL E 582 -23.26 -23.48 41.89
N SER E 583 -24.51 -23.81 41.56
CA SER E 583 -25.55 -22.81 41.37
C SER E 583 -26.05 -22.28 42.72
N VAL E 584 -26.83 -21.21 42.65
CA VAL E 584 -27.28 -20.52 43.86
C VAL E 584 -28.24 -21.41 44.65
N SER E 585 -29.04 -22.23 43.97
CA SER E 585 -30.01 -23.07 44.66
C SER E 585 -29.31 -24.04 45.61
N LYS E 586 -28.24 -24.68 45.15
CA LYS E 586 -27.48 -25.55 46.04
C LYS E 586 -26.82 -24.76 47.15
N ILE E 587 -26.40 -23.53 46.89
CA ILE E 587 -25.82 -22.69 47.93
C ILE E 587 -26.84 -22.47 49.05
N TYR E 588 -28.07 -22.13 48.69
CA TYR E 588 -29.12 -21.95 49.69
C TYR E 588 -29.42 -23.26 50.41
N GLU E 589 -29.46 -24.37 49.66
CA GLU E 589 -29.73 -25.66 50.29
C GLU E 589 -28.68 -25.98 51.36
N LEU E 590 -27.40 -25.78 51.03
CA LEU E 590 -26.33 -26.04 51.99
C LEU E 590 -26.39 -25.03 53.14
N LEU E 591 -26.68 -23.77 52.85
CA LEU E 591 -26.77 -22.76 53.91
C LEU E 591 -27.85 -23.11 54.91
N ASN E 592 -28.96 -23.69 54.44
CA ASN E 592 -30.01 -24.13 55.35
C ASN E 592 -29.52 -25.20 56.32
N ASN E 593 -28.41 -25.87 56.01
CA ASN E 593 -27.80 -26.85 56.90
C ASN E 593 -26.49 -26.36 57.49
N GLY E 594 -26.24 -25.05 57.42
CA GLY E 594 -25.02 -24.48 57.97
C GLY E 594 -23.76 -24.96 57.28
N GLN E 595 -23.76 -24.97 55.94
CA GLN E 595 -22.62 -25.41 55.17
C GLN E 595 -22.48 -24.56 53.93
N VAL E 596 -21.26 -24.49 53.40
CA VAL E 596 -20.96 -23.75 52.18
C VAL E 596 -20.05 -24.59 51.31
N PRO E 597 -20.13 -24.46 49.98
CA PRO E 597 -19.17 -25.17 49.11
C PRO E 597 -17.74 -24.77 49.48
N ARG E 598 -16.94 -25.76 49.88
CA ARG E 598 -15.62 -25.47 50.40
C ARG E 598 -14.71 -24.86 49.33
N TYR E 599 -14.83 -25.32 48.09
CA TYR E 599 -13.97 -24.81 47.02
C TYR E 599 -14.38 -23.43 46.53
N MET E 600 -15.61 -23.00 46.82
CA MET E 600 -15.99 -21.61 46.56
C MET E 600 -15.49 -20.67 47.64
N ILE E 601 -15.09 -21.19 48.79
CA ILE E 601 -14.39 -20.43 49.81
C ILE E 601 -12.89 -20.64 49.73
N GLU E 602 -12.47 -21.87 49.43
CA GLU E 602 -11.07 -22.24 49.34
C GLU E 602 -10.67 -22.38 47.88
N LYS E 603 -9.59 -21.71 47.49
CA LYS E 603 -9.03 -21.84 46.15
C LYS E 603 -10.05 -21.50 45.07
N PHE E 604 -10.76 -20.38 45.27
CA PHE E 604 -11.76 -19.93 44.30
C PHE E 604 -11.17 -18.98 43.26
N LEU E 605 -9.86 -18.75 43.29
CA LEU E 605 -9.18 -17.92 42.31
C LEU E 605 -8.37 -18.71 41.31
N LEU E 606 -8.34 -20.03 41.41
CA LEU E 606 -7.52 -20.89 40.58
C LEU E 606 -8.33 -21.44 39.40
N LEU E 607 -7.61 -22.00 38.44
CA LEU E 607 -8.26 -22.58 37.27
C LEU E 607 -9.02 -23.84 37.67
N PRO E 608 -10.13 -24.17 36.99
CA PRO E 608 -10.81 -25.44 37.26
C PRO E 608 -9.97 -26.63 36.85
N ARG E 609 -10.22 -27.76 37.51
CA ARG E 609 -9.47 -28.98 37.23
C ARG E 609 -9.84 -29.56 35.88
N ARG E 610 -11.02 -29.25 35.35
CA ARG E 610 -11.46 -29.78 34.07
C ARG E 610 -10.63 -29.27 32.90
N LEU E 611 -9.91 -28.17 33.06
CA LEU E 611 -9.10 -27.59 32.00
C LEU E 611 -7.62 -27.91 32.15
N LEU E 612 -7.28 -28.87 33.03
CA LEU E 612 -5.88 -29.18 33.28
C LEU E 612 -5.19 -29.69 32.02
N LEU E 613 -5.84 -30.58 31.27
CA LEU E 613 -5.23 -31.19 30.10
C LEU E 613 -5.84 -30.66 28.82
N PRO E 614 -5.04 -30.44 27.77
CA PRO E 614 -5.62 -30.07 26.48
C PRO E 614 -6.39 -31.24 25.89
N ARG E 615 -7.41 -30.91 25.09
CA ARG E 615 -8.23 -31.93 24.46
C ARG E 615 -7.35 -32.83 23.60
N GLY E 616 -7.52 -34.14 23.75
CA GLY E 616 -6.72 -35.11 23.03
C GLY E 616 -7.37 -35.53 21.71
N THR E 617 -6.76 -36.53 21.09
CA THR E 617 -7.23 -37.10 19.84
C THR E 617 -7.40 -38.60 20.00
N GLU E 618 -8.11 -39.21 19.04
CA GLU E 618 -8.31 -40.65 19.06
C GLU E 618 -6.96 -41.38 19.07
N GLY E 619 -6.07 -41.00 18.16
CA GLY E 619 -4.74 -41.60 18.15
C GLY E 619 -3.92 -41.20 19.36
N GLY E 620 -4.01 -39.94 19.77
CA GLY E 620 -3.26 -39.44 20.90
C GLY E 620 -2.40 -38.25 20.56
N VAL E 621 -2.37 -37.25 21.46
CA VAL E 621 -1.56 -36.06 21.24
C VAL E 621 -0.37 -36.11 22.19
N PRO E 622 0.86 -35.84 21.72
CA PRO E 622 2.03 -35.95 22.61
C PRO E 622 2.32 -34.69 23.40
N PHE E 623 2.61 -34.85 24.69
CA PHE E 623 3.07 -33.77 25.55
C PHE E 623 4.11 -34.35 26.51
N GLN E 624 4.59 -33.54 27.44
CA GLN E 624 5.59 -34.03 28.39
C GLN E 624 5.35 -33.44 29.77
N PHE E 625 5.81 -34.18 30.78
CA PHE E 625 5.78 -33.78 32.18
C PHE E 625 7.21 -33.57 32.67
N PHE E 626 7.39 -32.52 33.47
CA PHE E 626 8.67 -32.21 34.11
C PHE E 626 8.49 -32.27 35.61
N VAL E 627 9.31 -33.08 36.28
CA VAL E 627 9.25 -33.27 37.73
C VAL E 627 10.56 -32.78 38.32
N PHE E 628 10.45 -31.93 39.35
CA PHE E 628 11.62 -31.29 39.94
C PHE E 628 11.53 -31.41 41.46
N VAL E 629 12.60 -31.89 42.08
CA VAL E 629 12.70 -32.05 43.53
C VAL E 629 13.86 -31.20 44.02
N TYR E 630 13.60 -30.36 45.02
CA TYR E 630 14.63 -29.47 45.54
C TYR E 630 14.47 -29.35 47.04
N PRO E 631 15.45 -28.77 47.74
CA PRO E 631 15.33 -28.62 49.19
C PRO E 631 14.20 -27.68 49.58
N TYR E 632 13.65 -27.91 50.78
CA TYR E 632 12.56 -27.11 51.30
C TYR E 632 13.09 -25.99 52.20
N GLN E 633 12.46 -24.83 52.11
CA GLN E 633 12.75 -23.70 52.99
C GLN E 633 11.45 -22.98 53.28
N ALA E 634 11.18 -22.75 54.56
CA ALA E 634 9.89 -22.23 54.98
C ALA E 634 9.69 -20.79 54.48
N PRO E 635 8.45 -20.38 54.19
CA PRO E 635 8.21 -18.99 53.82
C PRO E 635 8.51 -18.05 54.98
N TYR E 636 8.85 -16.81 54.63
CA TYR E 636 9.27 -15.83 55.63
C TYR E 636 8.14 -15.55 56.63
N LYS E 637 8.51 -14.90 57.73
CA LYS E 637 7.56 -14.65 58.81
C LYS E 637 6.46 -13.69 58.36
N GLU E 638 6.85 -12.49 57.94
CA GLU E 638 5.86 -11.49 57.54
C GLU E 638 4.95 -12.00 56.44
N TRP E 639 5.34 -13.06 55.74
CA TRP E 639 4.48 -13.73 54.79
C TRP E 639 3.41 -14.61 55.46
N GLU E 640 3.26 -14.56 56.79
CA GLU E 640 2.30 -15.44 57.46
C GLU E 640 0.86 -15.24 57.01
N PRO E 641 0.32 -14.03 56.86
CA PRO E 641 -1.10 -13.91 56.52
C PRO E 641 -1.44 -14.51 55.16
N MET E 642 -0.46 -14.72 54.28
CA MET E 642 -0.68 -15.25 52.94
C MET E 642 -0.16 -16.66 52.79
N LYS E 643 -0.03 -17.41 53.89
CA LYS E 643 0.47 -18.78 53.80
C LYS E 643 -0.65 -19.75 53.47
N GLU E 644 -1.40 -19.43 52.42
CA GLU E 644 -2.34 -20.35 51.81
C GLU E 644 -2.18 -20.38 50.30
N PHE E 645 -1.38 -19.48 49.73
CA PHE E 645 -1.11 -19.43 48.30
C PHE E 645 0.32 -19.81 47.95
N VAL E 646 1.22 -19.92 48.94
CA VAL E 646 2.62 -20.23 48.71
C VAL E 646 2.98 -21.48 49.51
N VAL E 647 4.11 -22.08 49.14
CA VAL E 647 4.63 -23.24 49.86
C VAL E 647 6.07 -23.06 50.32
N ASP E 648 6.85 -22.17 49.72
CA ASP E 648 8.21 -21.89 50.15
C ASP E 648 8.55 -20.46 49.75
N ASN E 649 9.84 -20.11 49.82
CA ASN E 649 10.30 -18.76 49.54
C ASN E 649 10.77 -18.58 48.11
N LYS E 650 10.69 -19.60 47.27
CA LYS E 650 11.18 -19.49 45.90
C LYS E 650 10.23 -18.66 45.05
N PRO E 651 10.73 -18.01 44.01
CA PRO E 651 9.86 -17.23 43.12
C PRO E 651 8.87 -18.12 42.39
N PHE E 652 7.72 -17.53 42.05
CA PHE E 652 6.72 -18.24 41.24
C PHE E 652 7.34 -18.68 39.92
N GLY E 653 7.04 -19.91 39.53
CA GLY E 653 7.59 -20.48 38.31
C GLY E 653 8.99 -21.05 38.46
N TYR E 654 9.53 -21.08 39.66
CA TYR E 654 10.86 -21.63 39.86
C TYR E 654 10.87 -23.10 39.42
N PRO E 655 11.93 -23.55 38.72
CA PRO E 655 13.15 -22.84 38.32
C PRO E 655 13.05 -22.13 36.97
N PHE E 656 11.87 -22.06 36.37
CA PHE E 656 11.71 -21.49 35.04
C PHE E 656 11.27 -20.03 35.07
N ASP E 657 11.66 -19.29 36.11
CA ASP E 657 11.37 -17.87 36.18
C ASP E 657 12.38 -17.02 35.43
N ARG E 658 13.50 -17.59 35.04
CA ARG E 658 14.52 -16.91 34.27
C ARG E 658 14.99 -17.80 33.12
N PRO E 659 15.55 -17.21 32.07
CA PRO E 659 15.88 -18.00 30.88
C PRO E 659 16.88 -19.11 31.18
N VAL E 660 16.71 -20.23 30.47
CA VAL E 660 17.67 -21.33 30.51
C VAL E 660 18.61 -21.14 29.32
N THR E 661 19.90 -20.96 29.62
CA THR E 661 20.90 -20.69 28.59
C THR E 661 21.59 -21.94 28.06
N GLU E 662 21.89 -22.89 28.94
CA GLU E 662 22.53 -24.14 28.55
C GLU E 662 21.76 -25.30 29.19
N SER E 663 21.09 -26.09 28.36
CA SER E 663 20.32 -27.22 28.88
C SER E 663 21.22 -28.25 29.55
N TYR E 664 22.48 -28.36 29.11
CA TYR E 664 23.40 -29.34 29.70
C TYR E 664 23.61 -29.06 31.19
N TYR E 665 23.84 -27.80 31.55
CA TYR E 665 24.09 -27.44 32.93
C TYR E 665 22.80 -27.30 33.74
N PHE E 666 21.63 -27.31 33.11
CA PHE E 666 20.37 -27.22 33.83
C PHE E 666 19.92 -28.59 34.31
N THR E 667 20.04 -29.61 33.47
CA THR E 667 19.60 -30.95 33.85
C THR E 667 20.42 -31.47 35.01
N GLN E 668 19.74 -32.12 35.95
CA GLN E 668 20.37 -32.67 37.13
C GLN E 668 19.72 -33.99 37.46
N PRO E 669 20.35 -34.83 38.28
CA PRO E 669 19.72 -36.10 38.64
C PRO E 669 18.37 -35.95 39.31
N ASN E 670 18.16 -34.85 40.04
CA ASN E 670 16.90 -34.61 40.73
C ASN E 670 15.84 -33.97 39.84
N MET E 671 16.01 -34.05 38.51
CA MET E 671 15.02 -33.60 37.55
C MET E 671 14.66 -34.74 36.62
N TYR E 672 13.41 -34.77 36.16
CA TYR E 672 12.97 -35.83 35.27
C TYR E 672 12.03 -35.28 34.21
N PHE E 673 12.22 -35.72 32.98
CA PHE E 673 11.33 -35.43 31.86
C PHE E 673 10.70 -36.73 31.39
N LYS E 674 9.38 -36.73 31.21
CA LYS E 674 8.65 -37.89 30.72
C LYS E 674 7.74 -37.49 29.57
N ASP E 675 7.60 -38.37 28.59
CA ASP E 675 6.72 -38.15 27.45
C ASP E 675 5.42 -38.90 27.66
N VAL E 676 4.29 -38.24 27.42
CA VAL E 676 2.97 -38.80 27.63
C VAL E 676 2.08 -38.48 26.44
N TYR E 677 0.98 -39.22 26.33
CA TYR E 677 0.01 -39.04 25.28
C TYR E 677 -1.37 -38.85 25.88
N ILE E 678 -2.13 -37.92 25.31
CA ILE E 678 -3.48 -37.60 25.77
C ILE E 678 -4.46 -38.12 24.72
N TYR E 679 -5.45 -38.89 25.16
CA TYR E 679 -6.44 -39.49 24.28
C TYR E 679 -7.80 -38.86 24.49
N GLN E 680 -8.68 -39.04 23.50
CA GLN E 680 -10.03 -38.52 23.52
C GLN E 680 -11.01 -39.69 23.42
N GLU E 681 -12.04 -39.67 24.27
CA GLU E 681 -13.10 -40.66 24.24
C GLU E 681 -14.41 -39.99 23.88
N GLY E 682 -15.21 -40.67 23.06
CA GLY E 682 -16.47 -40.12 22.61
C GLY E 682 -16.32 -39.20 21.42
N GLU E 683 -17.29 -38.30 21.27
CA GLU E 683 -17.28 -37.37 20.16
C GLU E 683 -16.06 -36.46 20.23
N GLU E 684 -15.44 -36.23 19.08
CA GLU E 684 -14.29 -35.35 18.98
C GLU E 684 -14.68 -33.88 18.90
N TYR E 685 -15.87 -33.57 18.41
CA TYR E 685 -16.33 -32.19 18.28
C TYR E 685 -17.52 -31.93 19.22
N PRO E 686 -17.71 -30.69 19.66
CA PRO E 686 -18.73 -30.39 20.67
C PRO E 686 -20.08 -29.93 20.14
N TYR E 687 -20.30 -29.93 18.82
CA TYR E 687 -21.52 -29.35 18.25
C TYR E 687 -22.62 -30.39 18.00
N TYR E 688 -22.41 -31.64 18.40
CA TYR E 688 -23.45 -32.67 18.24
C TYR E 688 -24.44 -32.56 19.40
N THR E 689 -25.33 -31.56 19.28
CA THR E 689 -26.29 -31.24 20.32
C THR E 689 -27.72 -31.12 19.78
N SER E 690 -27.99 -31.69 18.61
CA SER E 690 -29.31 -31.61 18.01
C SER E 690 -30.25 -32.65 18.62
N TYR E 691 -31.55 -32.40 18.45
CA TYR E 691 -32.55 -33.34 18.96
C TYR E 691 -32.34 -34.74 18.41
N TRP E 692 -31.89 -34.85 17.15
CA TRP E 692 -31.69 -36.14 16.51
C TRP E 692 -30.39 -36.81 16.93
N SER E 693 -29.48 -36.09 17.57
CA SER E 693 -28.21 -36.64 18.02
C SER E 693 -28.24 -37.06 19.48
N GLN E 694 -29.38 -36.94 20.14
CA GLN E 694 -29.49 -37.28 21.56
C GLN E 694 -30.20 -38.63 21.74
N GLY F 17 -23.03 42.41 -7.63
CA GLY F 17 -22.86 43.79 -7.21
C GLY F 17 -22.77 43.93 -5.71
N TYR F 18 -21.80 44.71 -5.25
CA TYR F 18 -21.56 44.94 -3.84
C TYR F 18 -21.32 46.42 -3.61
N PRO F 19 -21.63 46.92 -2.42
CA PRO F 19 -21.35 48.33 -2.12
C PRO F 19 -19.86 48.61 -2.04
N LEU F 20 -19.49 49.84 -2.34
CA LEU F 20 -18.11 50.28 -2.26
C LEU F 20 -17.81 50.82 -0.86
N PHE F 21 -16.66 50.40 -0.32
CA PHE F 21 -16.28 50.79 1.03
C PHE F 21 -15.66 52.18 1.04
N ASN F 22 -16.32 53.11 1.73
CA ASN F 22 -15.78 54.44 1.99
C ASN F 22 -15.95 54.76 3.46
N ASN F 23 -14.87 55.17 4.12
CA ASN F 23 -14.92 55.49 5.54
C ASN F 23 -13.75 56.40 5.87
N ASN F 24 -14.04 57.49 6.58
CA ASN F 24 -12.98 58.39 7.02
C ASN F 24 -12.13 57.71 8.09
N VAL F 25 -10.83 58.02 8.08
CA VAL F 25 -9.88 57.41 9.00
C VAL F 25 -9.76 58.27 10.24
N LYS F 26 -9.85 57.63 11.41
CA LYS F 26 -9.63 58.31 12.68
C LYS F 26 -8.13 58.55 12.83
N THR F 27 -7.71 59.81 12.63
CA THR F 27 -6.31 60.18 12.63
C THR F 27 -5.93 60.86 13.93
N LYS F 28 -4.63 60.93 14.18
CA LYS F 28 -4.10 61.60 15.37
C LYS F 28 -2.90 62.44 14.97
N THR F 29 -2.72 63.56 15.66
CA THR F 29 -1.59 64.44 15.38
C THR F 29 -0.28 63.72 15.66
N LEU F 30 0.69 63.93 14.77
CA LEU F 30 2.02 63.35 14.92
C LEU F 30 2.97 64.40 15.50
N ASP F 31 3.91 63.93 16.30
CA ASP F 31 4.93 64.81 16.86
C ASP F 31 5.75 65.41 15.73
N PRO F 32 5.95 66.75 15.69
CA PRO F 32 6.74 67.34 14.60
C PRO F 32 8.14 66.77 14.51
N ASN F 33 8.72 66.42 15.66
CA ASN F 33 10.12 66.00 15.68
C ASN F 33 10.34 64.79 14.78
N LEU F 34 9.43 63.81 14.85
CA LEU F 34 9.56 62.61 14.04
C LEU F 34 9.23 62.84 12.56
N VAL F 35 8.64 64.00 12.22
CA VAL F 35 8.14 64.18 10.86
C VAL F 35 9.20 63.80 9.83
N ASN F 36 10.36 64.44 9.90
CA ASN F 36 11.40 64.17 8.91
C ASN F 36 11.67 62.68 8.80
N ILE F 37 11.84 62.00 9.93
CA ILE F 37 12.14 60.57 9.89
C ILE F 37 11.09 59.84 9.07
N GLN F 38 9.81 60.10 9.36
CA GLN F 38 8.73 59.50 8.58
C GLN F 38 9.03 59.64 7.10
N LYS F 39 9.22 60.88 6.63
CA LYS F 39 9.55 61.10 5.23
C LYS F 39 10.63 60.14 4.77
N LYS F 40 11.78 60.19 5.42
CA LYS F 40 12.92 59.37 4.98
C LYS F 40 12.51 57.91 4.87
N VAL F 41 11.80 57.39 5.88
CA VAL F 41 11.43 55.98 5.86
C VAL F 41 10.64 55.67 4.59
N LEU F 42 9.62 56.50 4.31
CA LEU F 42 8.83 56.26 3.11
C LEU F 42 9.69 56.34 1.86
N LEU F 43 10.64 57.27 1.83
CA LEU F 43 11.51 57.40 0.66
C LEU F 43 12.29 56.11 0.43
N LEU F 44 12.60 55.37 1.48
CA LEU F 44 13.34 54.12 1.33
C LEU F 44 12.46 52.95 0.93
N LEU F 45 11.14 53.11 0.94
CA LEU F 45 10.22 52.03 0.57
C LEU F 45 9.61 52.22 -0.81
N GLU F 46 9.95 53.29 -1.52
CA GLU F 46 9.39 53.53 -2.84
C GLU F 46 10.11 52.69 -3.89
N ASN F 47 9.33 51.94 -4.67
CA ASN F 47 9.85 51.08 -5.73
C ASN F 47 11.11 50.34 -5.26
N TRP F 48 10.98 49.62 -4.15
CA TRP F 48 12.12 48.94 -3.56
C TRP F 48 12.66 47.83 -4.46
N LYS F 49 11.87 47.35 -5.43
CA LYS F 49 12.35 46.32 -6.34
C LYS F 49 13.39 46.86 -7.33
N GLN F 50 13.51 48.18 -7.46
CA GLN F 50 14.40 48.80 -8.42
C GLN F 50 15.29 49.82 -7.72
N VAL F 51 16.49 50.01 -8.28
CA VAL F 51 17.45 50.99 -7.79
C VAL F 51 17.51 52.11 -8.80
N ASP F 52 17.22 53.33 -8.36
CA ASP F 52 17.22 54.50 -9.24
C ASP F 52 18.49 55.29 -9.02
N PRO F 53 19.39 55.39 -10.00
CA PRO F 53 20.62 56.16 -9.79
C PRO F 53 20.39 57.64 -9.48
N ASP F 54 19.25 58.20 -9.88
CA ASP F 54 18.98 59.61 -9.69
C ASP F 54 18.44 59.94 -8.30
N ASP F 55 18.18 58.95 -7.47
CA ASP F 55 17.66 59.21 -6.13
C ASP F 55 18.81 59.57 -5.18
N GLU F 56 18.43 60.22 -4.07
CA GLU F 56 19.43 60.69 -3.11
C GLU F 56 20.18 59.53 -2.46
N TYR F 57 19.47 58.46 -2.11
CA TYR F 57 20.09 57.36 -1.38
C TYR F 57 21.18 56.67 -2.18
N TYR F 58 21.16 56.81 -3.52
CA TYR F 58 22.10 56.05 -4.34
C TYR F 58 23.54 56.46 -4.06
N LYS F 59 23.81 57.77 -4.05
CA LYS F 59 25.17 58.23 -3.80
C LYS F 59 25.64 57.83 -2.41
N ILE F 60 24.77 57.99 -1.41
CA ILE F 60 25.13 57.63 -0.04
C ILE F 60 25.48 56.15 0.05
N GLY F 61 24.66 55.30 -0.55
CA GLY F 61 24.94 53.88 -0.53
C GLY F 61 26.22 53.52 -1.26
N LYS F 62 26.45 54.15 -2.42
CA LYS F 62 27.66 53.86 -3.19
C LYS F 62 28.92 54.39 -2.52
N GLU F 63 28.80 55.37 -1.63
CA GLU F 63 29.96 55.95 -0.96
C GLU F 63 30.11 55.54 0.49
N TYR F 64 29.06 55.03 1.12
CA TYR F 64 29.13 54.68 2.54
C TYR F 64 30.03 53.46 2.74
N ASN F 65 30.80 53.50 3.83
CA ASN F 65 31.69 52.40 4.21
C ASN F 65 31.44 52.07 5.67
N ILE F 66 30.99 50.84 5.94
CA ILE F 66 30.62 50.46 7.29
C ILE F 66 31.86 50.34 8.17
N GLU F 67 32.92 49.75 7.65
CA GLU F 67 34.11 49.50 8.46
C GLU F 67 34.68 50.81 9.01
N ALA F 68 34.82 51.82 8.15
CA ALA F 68 35.32 53.12 8.59
C ALA F 68 34.43 53.73 9.65
N ASN F 69 33.15 53.35 9.69
CA ASN F 69 32.20 53.82 10.70
C ASN F 69 31.95 52.77 11.78
N ILE F 70 32.94 51.92 12.05
CA ILE F 70 32.76 50.87 13.06
C ILE F 70 32.46 51.49 14.42
N GLU F 71 33.01 52.68 14.69
CA GLU F 71 32.76 53.34 15.96
C GLU F 71 31.32 53.81 16.10
N SER F 72 30.58 53.89 15.00
CA SER F 72 29.20 54.38 15.03
C SER F 72 28.20 53.32 15.44
N TYR F 73 28.63 52.08 15.65
CA TYR F 73 27.76 51.01 16.09
C TYR F 73 28.13 50.62 17.51
N THR F 74 27.12 50.47 18.37
CA THR F 74 27.38 50.23 19.79
C THR F 74 28.15 48.94 20.01
N ASN F 75 27.78 47.88 19.29
CA ASN F 75 28.43 46.59 19.43
C ASN F 75 29.45 46.40 18.31
N ARG F 76 30.64 45.92 18.67
CA ARG F 76 31.70 45.71 17.70
C ARG F 76 31.66 44.31 17.09
N GLU F 77 31.21 43.32 17.85
CA GLU F 77 31.15 41.95 17.33
C GLU F 77 30.20 41.84 16.16
N VAL F 78 29.08 42.57 16.20
CA VAL F 78 28.12 42.52 15.10
C VAL F 78 28.77 43.03 13.81
N VAL F 79 29.52 44.13 13.90
CA VAL F 79 30.17 44.67 12.72
C VAL F 79 31.19 43.69 12.18
N THR F 80 31.99 43.08 13.05
CA THR F 80 32.98 42.11 12.61
C THR F 80 32.33 40.92 11.92
N GLU F 81 31.24 40.41 12.50
CA GLU F 81 30.54 39.28 11.91
C GLU F 81 29.96 39.65 10.55
N PHE F 82 29.34 40.83 10.45
CA PHE F 82 28.77 41.24 9.17
C PHE F 82 29.85 41.39 8.11
N LEU F 83 30.99 41.99 8.47
CA LEU F 83 32.07 42.15 7.51
C LEU F 83 32.61 40.79 7.08
N SER F 84 32.77 39.86 8.02
CA SER F 84 33.25 38.54 7.67
C SER F 84 32.29 37.84 6.70
N LEU F 85 30.99 37.94 6.96
CA LEU F 85 30.01 37.35 6.05
C LEU F 85 30.05 38.03 4.68
N TYR F 86 30.18 39.35 4.66
CA TYR F 86 30.17 40.07 3.39
C TYR F 86 31.41 39.75 2.56
N LYS F 87 32.54 39.49 3.22
CA LYS F 87 33.74 39.10 2.48
C LYS F 87 33.49 37.85 1.65
N THR F 88 32.68 36.92 2.16
CA THR F 88 32.37 35.69 1.43
C THR F 88 31.44 35.92 0.26
N GLY F 89 30.58 36.94 0.33
CA GLY F 89 29.67 37.25 -0.75
C GLY F 89 28.23 36.91 -0.42
N PHE F 90 27.35 37.91 -0.51
CA PHE F 90 25.94 37.70 -0.25
C PHE F 90 25.24 37.22 -1.53
N THR F 91 23.94 36.92 -1.40
CA THR F 91 23.16 36.43 -2.52
C THR F 91 23.00 37.52 -3.58
N ALA F 92 22.85 37.07 -4.84
CA ALA F 92 22.71 38.01 -5.94
C ALA F 92 21.34 38.68 -5.91
N LYS F 93 21.25 39.79 -6.65
CA LYS F 93 19.99 40.50 -6.79
C LYS F 93 19.04 39.72 -7.69
N ASN F 94 17.77 40.14 -7.67
CA ASN F 94 16.74 39.53 -8.50
C ASN F 94 16.60 38.03 -8.23
N GLN F 95 16.69 37.66 -6.96
CA GLN F 95 16.57 36.27 -6.54
C GLN F 95 15.55 36.16 -5.42
N ILE F 96 14.92 34.99 -5.33
CA ILE F 96 13.89 34.76 -4.34
C ILE F 96 14.54 34.66 -2.95
N PHE F 97 13.98 35.38 -1.99
CA PHE F 97 14.45 35.36 -0.60
C PHE F 97 13.40 34.73 0.30
N SER F 98 13.85 33.87 1.20
CA SER F 98 12.99 33.27 2.21
C SER F 98 13.77 33.10 3.50
N ILE F 99 13.12 33.40 4.63
CA ILE F 99 13.78 33.28 5.92
C ILE F 99 14.07 31.83 6.27
N TYR F 100 13.42 30.88 5.59
CA TYR F 100 13.65 29.46 5.83
C TYR F 100 14.81 28.89 5.02
N TYR F 101 15.45 29.69 4.18
CA TYR F 101 16.69 29.31 3.52
C TYR F 101 17.85 29.68 4.44
N GLU F 102 18.68 28.69 4.79
CA GLU F 102 19.63 28.86 5.88
C GLU F 102 20.63 29.99 5.60
N ASN F 103 21.26 29.97 4.43
CA ASN F 103 22.27 30.99 4.14
C ASN F 103 21.66 32.39 4.08
N GLN F 104 20.51 32.51 3.42
CA GLN F 104 19.85 33.82 3.34
C GLN F 104 19.44 34.31 4.71
N ALA F 105 18.93 33.41 5.56
CA ALA F 105 18.57 33.79 6.92
C ALA F 105 19.80 34.24 7.69
N LEU F 106 20.92 33.54 7.53
CA LEU F 106 22.15 33.93 8.22
C LEU F 106 22.58 35.33 7.80
N GLU F 107 22.52 35.63 6.50
CA GLU F 107 22.91 36.96 6.03
C GLU F 107 21.94 38.03 6.55
N VAL F 108 20.64 37.76 6.47
CA VAL F 108 19.65 38.78 6.84
C VAL F 108 19.67 39.02 8.33
N ARG F 109 19.99 38.01 9.14
CA ARG F 109 20.12 38.23 10.58
C ARG F 109 21.24 39.21 10.88
N ALA F 110 22.40 39.05 10.24
CA ALA F 110 23.49 40.00 10.43
C ALA F 110 23.10 41.39 9.97
N LEU F 111 22.43 41.49 8.82
CA LEU F 111 22.00 42.80 8.34
C LEU F 111 21.04 43.46 9.34
N TYR F 112 20.09 42.69 9.88
CA TYR F 112 19.15 43.24 10.85
C TYR F 112 19.86 43.67 12.12
N ARG F 113 20.83 42.88 12.59
CA ARG F 113 21.57 43.28 13.78
C ARG F 113 22.34 44.57 13.54
N LEU F 114 22.92 44.72 12.35
CA LEU F 114 23.62 45.95 12.01
C LEU F 114 22.66 47.13 12.02
N PHE F 115 21.45 46.94 11.48
CA PHE F 115 20.44 47.99 11.54
C PHE F 115 20.07 48.30 12.99
N TYR F 116 19.92 47.27 13.81
CA TYR F 116 19.40 47.44 15.17
C TYR F 116 20.40 48.12 16.10
N TYR F 117 21.69 47.85 15.93
CA TYR F 117 22.72 48.38 16.82
C TYR F 117 23.31 49.70 16.31
N ALA F 118 22.68 50.33 15.32
CA ALA F 118 23.15 51.64 14.88
C ALA F 118 22.98 52.67 15.99
N LYS F 119 23.97 53.54 16.14
CA LYS F 119 23.96 54.52 17.22
C LYS F 119 22.75 55.44 17.12
N ASP F 120 22.54 56.05 15.95
CA ASP F 120 21.51 57.06 15.76
C ASP F 120 20.82 56.82 14.44
N PHE F 121 19.85 57.69 14.13
CA PHE F 121 19.05 57.51 12.93
C PHE F 121 19.86 57.78 11.66
N GLU F 122 20.83 58.69 11.72
CA GLU F 122 21.64 58.98 10.54
C GLU F 122 22.45 57.75 10.11
N THR F 123 23.09 57.08 11.07
CA THR F 123 23.85 55.88 10.74
C THR F 123 22.93 54.78 10.21
N PHE F 124 21.76 54.62 10.81
CA PHE F 124 20.81 53.61 10.34
C PHE F 124 20.36 53.92 8.92
N TYR F 125 20.09 55.19 8.62
CA TYR F 125 19.69 55.57 7.27
C TYR F 125 20.81 55.31 6.26
N LYS F 126 22.04 55.64 6.63
CA LYS F 126 23.18 55.36 5.76
C LYS F 126 23.31 53.86 5.49
N THR F 127 23.17 53.04 6.54
CA THR F 127 23.28 51.61 6.38
C THR F 127 22.15 51.06 5.51
N ALA F 128 20.93 51.59 5.68
CA ALA F 128 19.81 51.15 4.85
C ALA F 128 20.04 51.51 3.39
N ALA F 129 20.55 52.72 3.13
CA ALA F 129 20.85 53.12 1.77
C ALA F 129 21.91 52.20 1.16
N PHE F 130 22.94 51.89 1.94
CA PHE F 130 23.98 50.96 1.46
C PHE F 130 23.38 49.60 1.13
N ALA F 131 22.52 49.08 2.01
CA ALA F 131 21.93 47.77 1.80
C ALA F 131 21.07 47.76 0.54
N ARG F 132 20.24 48.79 0.36
CA ARG F 132 19.42 48.85 -0.85
C ARG F 132 20.27 48.95 -2.10
N VAL F 133 21.35 49.74 -2.06
CA VAL F 133 22.19 49.90 -3.24
C VAL F 133 22.88 48.59 -3.60
N TRP F 134 23.40 47.88 -2.59
CA TRP F 134 24.27 46.73 -2.86
C TRP F 134 23.60 45.37 -2.68
N LEU F 135 22.71 45.22 -1.71
CA LEU F 135 22.23 43.91 -1.31
C LEU F 135 20.92 43.55 -2.01
N ASN F 136 20.50 42.30 -1.79
CA ASN F 136 19.27 41.80 -2.39
C ASN F 136 18.07 42.60 -1.89
N GLU F 137 17.12 42.85 -2.79
CA GLU F 137 15.98 43.70 -2.44
C GLU F 137 15.11 43.05 -1.37
N GLY F 138 14.89 41.74 -1.46
CA GLY F 138 14.04 41.08 -0.48
C GLY F 138 14.62 41.12 0.92
N GLN F 139 15.91 40.80 1.05
CA GLN F 139 16.57 40.87 2.35
C GLN F 139 16.51 42.29 2.90
N PHE F 140 16.78 43.28 2.05
CA PHE F 140 16.77 44.67 2.48
C PHE F 140 15.39 45.06 3.01
N ILE F 141 14.33 44.76 2.25
CA ILE F 141 13.01 45.17 2.67
C ILE F 141 12.61 44.47 3.96
N TYR F 142 12.88 43.16 4.05
CA TYR F 142 12.57 42.43 5.28
C TYR F 142 13.27 43.04 6.48
N ALA F 143 14.59 43.22 6.38
CA ALA F 143 15.35 43.75 7.52
C ALA F 143 14.90 45.16 7.87
N PHE F 144 14.67 46.01 6.87
CA PHE F 144 14.26 47.38 7.14
C PHE F 144 12.89 47.43 7.81
N TYR F 145 11.95 46.62 7.34
CA TYR F 145 10.63 46.57 7.97
C TYR F 145 10.76 46.16 9.44
N ILE F 146 11.50 45.07 9.70
CA ILE F 146 11.63 44.60 11.07
C ILE F 146 12.30 45.65 11.94
N ALA F 147 13.38 46.26 11.44
CA ALA F 147 14.10 47.25 12.23
C ALA F 147 13.24 48.47 12.54
N VAL F 148 12.48 48.96 11.54
CA VAL F 148 11.59 50.08 11.79
C VAL F 148 10.55 49.71 12.83
N ILE F 149 10.07 48.46 12.80
CA ILE F 149 9.12 48.02 13.80
C ILE F 149 9.77 48.04 15.19
N HIS F 150 11.05 47.67 15.27
CA HIS F 150 11.70 47.45 16.57
C HIS F 150 12.53 48.62 17.06
N ARG F 151 13.13 49.42 16.17
CA ARG F 151 14.01 50.49 16.61
C ARG F 151 13.26 51.49 17.48
N ALA F 152 13.87 51.85 18.61
CA ALA F 152 13.23 52.76 19.55
C ALA F 152 13.05 54.15 18.94
N ASP F 153 14.08 54.66 18.26
CA ASP F 153 14.00 56.01 17.70
C ASP F 153 12.94 56.13 16.61
N THR F 154 12.59 55.03 15.96
CA THR F 154 11.55 55.01 14.95
C THR F 154 10.17 54.68 15.52
N ARG F 155 10.08 54.47 16.82
CA ARG F 155 8.79 54.16 17.42
C ARG F 155 7.83 55.32 17.26
N GLY F 156 6.60 55.03 16.87
CA GLY F 156 5.61 56.04 16.57
C GLY F 156 5.53 56.42 15.11
N ILE F 157 6.19 55.66 14.22
CA ILE F 157 6.19 55.93 12.79
C ILE F 157 5.26 54.94 12.10
N VAL F 158 4.58 55.41 11.07
CA VAL F 158 3.62 54.61 10.31
C VAL F 158 4.34 53.88 9.19
N LEU F 159 4.04 52.59 9.03
CA LEU F 159 4.55 51.78 7.95
C LEU F 159 3.42 51.37 7.01
N PRO F 160 3.69 51.22 5.71
CA PRO F 160 2.65 50.73 4.80
C PRO F 160 2.26 49.30 5.13
N ALA F 161 1.02 48.96 4.79
CA ALA F 161 0.52 47.62 5.07
C ALA F 161 1.31 46.58 4.26
N PRO F 162 1.45 45.35 4.79
CA PRO F 162 2.26 44.35 4.08
C PRO F 162 1.76 44.07 2.67
N TYR F 163 0.44 44.06 2.45
CA TYR F 163 -0.07 43.75 1.12
C TYR F 163 0.26 44.82 0.10
N GLU F 164 0.62 46.03 0.54
CA GLU F 164 1.11 47.05 -0.36
C GLU F 164 2.61 47.01 -0.55
N ILE F 165 3.34 46.26 0.29
CA ILE F 165 4.78 46.11 0.12
C ILE F 165 5.10 44.88 -0.71
N TRP F 166 4.29 43.83 -0.62
CA TRP F 166 4.47 42.60 -1.40
C TRP F 166 3.13 42.24 -2.06
N PRO F 167 2.69 43.03 -3.04
CA PRO F 167 1.40 42.73 -3.68
C PRO F 167 1.34 41.36 -4.31
N GLU F 168 2.44 40.87 -4.87
CA GLU F 168 2.44 39.58 -5.54
C GLU F 168 2.10 38.43 -4.60
N TYR F 169 2.32 38.60 -3.30
CA TYR F 169 2.01 37.56 -2.33
C TYR F 169 0.56 37.60 -1.85
N PHE F 170 -0.22 38.59 -2.27
CA PHE F 170 -1.58 38.76 -1.78
C PHE F 170 -2.62 38.78 -2.90
N VAL F 171 -2.24 38.46 -4.14
CA VAL F 171 -3.17 38.42 -5.26
C VAL F 171 -2.79 37.25 -6.17
N ASN F 172 -3.80 36.73 -6.87
CA ASN F 172 -3.60 35.58 -7.74
C ASN F 172 -2.94 35.99 -9.05
N SER F 173 -2.68 34.99 -9.90
CA SER F 173 -1.87 35.21 -11.09
C SER F 173 -2.60 35.97 -12.18
N ASP F 174 -3.92 35.82 -12.28
CA ASP F 174 -4.67 36.46 -13.35
C ASP F 174 -4.65 37.98 -13.23
N VAL F 175 -4.93 38.49 -12.03
CA VAL F 175 -4.95 39.94 -11.83
C VAL F 175 -3.56 40.52 -12.06
N LEU F 176 -2.54 39.85 -11.56
CA LEU F 176 -1.17 40.31 -11.80
C LEU F 176 -0.83 40.27 -13.28
N ALA F 177 -1.32 39.27 -14.00
CA ALA F 177 -1.10 39.20 -15.45
C ALA F 177 -1.73 40.39 -16.14
N LYS F 178 -2.96 40.73 -15.76
CA LYS F 178 -3.62 41.89 -16.35
C LYS F 178 -2.84 43.17 -16.04
N ILE F 179 -2.37 43.31 -14.80
CA ILE F 179 -1.61 44.50 -14.43
C ILE F 179 -0.32 44.58 -15.24
N ASN F 180 0.38 43.46 -15.38
CA ASN F 180 1.61 43.44 -16.16
C ASN F 180 1.35 43.78 -17.62
N ARG F 181 0.24 43.28 -18.18
CA ARG F 181 -0.10 43.63 -19.55
C ARG F 181 -0.35 45.12 -19.70
N ILE F 182 -1.07 45.71 -18.74
CA ILE F 182 -1.32 47.16 -18.81
C ILE F 182 -0.01 47.92 -18.71
N GLN F 183 0.89 47.50 -17.82
CA GLN F 183 2.17 48.18 -17.68
C GLN F 183 2.98 48.08 -18.97
N MET F 184 3.01 46.90 -19.60
CA MET F 184 3.77 46.73 -20.83
C MET F 184 3.17 47.57 -21.96
N GLN F 185 1.84 47.64 -22.05
CA GLN F 185 1.19 48.43 -23.08
C GLN F 185 1.13 49.91 -22.75
N LYS F 186 1.48 50.30 -21.52
CA LYS F 186 1.42 51.70 -21.10
C LYS F 186 0.02 52.27 -21.33
N GLY F 187 -1.00 51.46 -21.03
CA GLY F 187 -2.38 51.87 -21.15
C GLY F 187 -3.18 50.82 -21.90
N LEU F 188 -4.34 51.23 -22.39
CA LEU F 188 -5.24 50.36 -23.11
C LEU F 188 -5.22 50.69 -24.60
N ILE F 189 -5.15 49.65 -25.43
CA ILE F 189 -5.17 49.83 -26.87
C ILE F 189 -6.60 50.02 -27.37
N LEU F 190 -7.55 49.29 -26.81
CA LEU F 190 -8.97 49.40 -27.15
C LEU F 190 -9.73 49.59 -25.83
N PRO F 191 -9.75 50.81 -25.29
CA PRO F 191 -10.30 50.99 -23.94
C PRO F 191 -11.73 50.55 -23.78
N GLU F 192 -12.57 50.77 -24.80
CA GLU F 192 -14.01 50.52 -24.66
C GLU F 192 -14.33 49.05 -24.41
N THR F 193 -13.36 48.15 -24.52
CA THR F 193 -13.57 46.74 -24.23
C THR F 193 -12.97 46.30 -22.91
N ALA F 194 -12.05 47.08 -22.33
CA ALA F 194 -11.41 46.67 -21.08
C ALA F 194 -12.45 46.43 -19.99
N GLN F 195 -13.56 47.16 -20.01
CA GLN F 195 -14.60 46.97 -19.01
C GLN F 195 -15.07 45.53 -18.96
N TYR F 196 -15.16 44.86 -20.12
CA TYR F 196 -15.64 43.49 -20.17
C TYR F 196 -14.64 42.49 -19.59
N TYR F 197 -13.40 42.92 -19.31
CA TYR F 197 -12.40 42.05 -18.72
C TYR F 197 -12.00 42.51 -17.32
N GLY F 198 -12.86 43.27 -16.66
CA GLY F 198 -12.59 43.71 -15.30
C GLY F 198 -11.42 44.66 -15.18
N VAL F 199 -11.29 45.60 -16.11
CA VAL F 199 -10.25 46.62 -16.07
C VAL F 199 -10.91 47.97 -16.36
N LEU F 200 -10.95 48.84 -15.37
CA LEU F 200 -11.59 50.14 -15.48
C LEU F 200 -10.54 51.25 -15.44
N ALA F 201 -10.63 52.20 -16.37
CA ALA F 201 -9.74 53.35 -16.40
C ALA F 201 -10.50 54.57 -15.88
N LYS F 202 -9.97 55.21 -14.84
CA LYS F 202 -10.68 56.32 -14.22
C LYS F 202 -9.73 57.11 -13.34
N ASP F 203 -9.85 58.44 -13.40
CA ASP F 203 -9.18 59.34 -12.47
C ASP F 203 -7.68 59.06 -12.39
N ASN F 204 -7.05 58.96 -13.56
CA ASN F 204 -5.61 58.72 -13.63
C ASN F 204 -5.21 57.45 -12.90
N ALA F 205 -6.05 56.40 -13.00
CA ALA F 205 -5.79 55.15 -12.32
C ALA F 205 -6.48 54.01 -13.05
N TYR F 206 -6.01 52.80 -12.79
CA TYR F 206 -6.57 51.57 -13.34
C TYR F 206 -7.03 50.68 -12.20
N TYR F 207 -8.29 50.26 -12.26
CA TYR F 207 -8.89 49.39 -11.24
C TYR F 207 -9.12 48.01 -11.84
N PHE F 208 -8.70 46.98 -11.10
CA PHE F 208 -8.77 45.60 -11.56
C PHE F 208 -9.62 44.80 -10.58
N TYR F 209 -10.80 44.36 -11.03
CA TYR F 209 -11.62 43.49 -10.20
C TYR F 209 -10.99 42.12 -10.11
N ALA F 210 -11.07 41.52 -8.92
CA ALA F 210 -10.38 40.27 -8.63
C ALA F 210 -11.33 39.28 -7.97
N ASN F 211 -11.19 38.02 -8.34
CA ASN F 211 -11.91 36.91 -7.72
C ASN F 211 -10.98 36.19 -6.73
N TYR F 212 -11.61 35.42 -5.84
CA TYR F 212 -10.86 34.54 -4.96
C TYR F 212 -10.71 33.17 -5.63
N SER F 213 -9.78 32.37 -5.09
CA SER F 213 -9.51 31.06 -5.65
C SER F 213 -10.73 30.15 -5.55
N GLY F 214 -10.88 29.28 -6.53
CA GLY F 214 -12.01 28.38 -6.60
C GLY F 214 -11.63 26.93 -6.35
N PRO F 215 -12.50 25.99 -6.71
CA PRO F 215 -12.20 24.57 -6.48
C PRO F 215 -10.96 24.09 -7.20
N TRP F 216 -10.57 24.74 -8.30
CA TRP F 216 -9.36 24.34 -9.00
C TRP F 216 -8.14 24.44 -8.08
N THR F 217 -8.10 25.44 -7.21
CA THR F 217 -6.99 25.58 -6.28
C THR F 217 -7.18 24.76 -5.01
N TYR F 218 -8.42 24.67 -4.51
CA TYR F 218 -8.73 23.99 -3.27
C TYR F 218 -9.68 22.82 -3.54
N GLU F 219 -9.40 21.68 -2.93
CA GLU F 219 -10.24 20.50 -3.06
C GLU F 219 -11.08 20.31 -1.78
N ASN F 220 -11.97 19.33 -1.84
CA ASN F 220 -12.81 18.96 -0.70
C ASN F 220 -13.63 20.14 -0.19
N ASN F 221 -14.11 20.96 -1.12
CA ASN F 221 -15.01 22.08 -0.85
C ASN F 221 -14.39 23.15 0.03
N GLU F 222 -13.07 23.14 0.21
CA GLU F 222 -12.42 24.18 1.01
C GLU F 222 -12.59 25.55 0.38
N ASN F 223 -12.70 25.62 -0.95
CA ASN F 223 -12.76 26.90 -1.64
C ASN F 223 -13.93 27.75 -1.15
N LEU F 224 -14.95 27.12 -0.56
CA LEU F 224 -16.08 27.88 -0.02
C LEU F 224 -15.64 28.95 0.98
N LEU F 225 -14.53 28.73 1.68
CA LEU F 225 -14.02 29.71 2.64
C LEU F 225 -12.79 30.45 2.11
N SER F 226 -12.55 30.41 0.80
CA SER F 226 -11.41 31.10 0.23
C SER F 226 -11.44 32.60 0.53
N TYR F 227 -12.63 33.17 0.70
CA TYR F 227 -12.73 34.60 1.02
C TYR F 227 -12.08 34.94 2.35
N PHE F 228 -11.93 33.95 3.25
CA PHE F 228 -11.35 34.17 4.57
C PHE F 228 -9.85 33.87 4.61
N ILE F 229 -9.46 32.67 4.17
CA ILE F 229 -8.05 32.28 4.25
C ILE F 229 -7.17 33.08 3.31
N GLU F 230 -7.74 33.64 2.24
CA GLU F 230 -7.00 34.46 1.29
C GLU F 230 -7.17 35.95 1.53
N ASP F 231 -7.84 36.33 2.62
CA ASP F 231 -8.00 37.75 2.92
C ASP F 231 -6.64 38.40 3.17
N VAL F 232 -6.46 39.60 2.63
CA VAL F 232 -5.16 40.27 2.72
C VAL F 232 -4.80 40.55 4.18
N ALA F 233 -5.76 41.05 4.96
CA ALA F 233 -5.47 41.38 6.35
C ALA F 233 -5.30 40.11 7.20
N TRP F 234 -5.97 39.03 6.83
CA TRP F 234 -5.80 37.78 7.58
C TRP F 234 -4.36 37.30 7.53
N ASN F 235 -3.72 37.39 6.37
CA ASN F 235 -2.31 37.02 6.24
C ASN F 235 -1.39 38.12 6.79
N SER F 236 -1.79 39.38 6.65
CA SER F 236 -0.99 40.46 7.19
C SER F 236 -0.90 40.38 8.70
N TYR F 237 -1.94 39.87 9.35
CA TYR F 237 -1.90 39.68 10.81
C TYR F 237 -0.81 38.69 11.18
N TYR F 238 -0.72 37.57 10.46
CA TYR F 238 0.32 36.58 10.74
C TYR F 238 1.70 37.16 10.45
N TYR F 239 1.83 37.93 9.37
CA TYR F 239 3.13 38.55 9.09
C TYR F 239 3.52 39.53 10.19
N TYR F 240 2.56 40.31 10.69
CA TYR F 240 2.85 41.21 11.80
C TYR F 240 3.25 40.45 13.04
N PHE F 241 2.57 39.33 13.33
CA PHE F 241 2.94 38.52 14.48
C PHE F 241 4.35 37.98 14.35
N HIS F 242 4.72 37.53 13.15
CA HIS F 242 6.09 37.07 12.94
C HIS F 242 7.09 38.20 13.12
N SER F 243 6.78 39.38 12.58
CA SER F 243 7.72 40.50 12.66
C SER F 243 7.93 40.96 14.10
N LYS F 244 6.85 41.06 14.87
CA LYS F 244 6.98 41.55 16.24
C LYS F 244 7.76 40.56 17.11
N LEU F 245 7.52 39.27 16.93
CA LEU F 245 8.18 38.21 17.72
C LEU F 245 8.73 37.19 16.74
N GLN F 246 9.98 37.39 16.32
CA GLN F 246 10.63 36.50 15.37
C GLN F 246 11.38 35.40 16.11
N PHE F 247 11.31 34.18 15.58
CA PHE F 247 11.85 33.02 16.26
C PHE F 247 13.37 33.10 16.46
N TRP F 248 14.06 33.86 15.61
CA TRP F 248 15.52 33.90 15.65
C TRP F 248 16.07 35.04 16.51
N GLU F 249 15.22 35.79 17.20
CA GLU F 249 15.64 36.89 18.05
C GLU F 249 15.42 36.56 19.51
N LYS F 250 16.33 37.03 20.35
CA LYS F 250 16.21 36.82 21.79
C LYS F 250 15.01 37.59 22.35
N GLY F 251 14.47 37.08 23.45
CA GLY F 251 13.30 37.70 24.05
C GLY F 251 13.56 39.12 24.52
N GLU F 252 14.77 39.38 25.01
CA GLU F 252 15.09 40.70 25.56
C GLU F 252 14.96 41.78 24.49
N ASN F 253 15.48 41.52 23.30
CA ASN F 253 15.51 42.51 22.24
C ASN F 253 14.21 42.61 21.46
N ALA F 254 13.29 41.66 21.65
CA ALA F 254 12.04 41.63 20.91
C ALA F 254 10.84 42.01 21.76
N ILE F 255 10.79 41.59 23.02
CA ILE F 255 9.62 41.81 23.87
C ILE F 255 9.94 42.52 25.18
N GLY F 256 11.17 42.46 25.69
CA GLY F 256 11.51 43.13 26.92
C GLY F 256 11.03 42.39 28.15
N PRO F 257 10.26 43.05 29.02
CA PRO F 257 9.87 42.42 30.29
C PRO F 257 8.96 41.21 30.14
N PHE F 258 8.22 41.09 29.04
CA PHE F 258 7.39 39.92 28.78
C PHE F 258 8.21 38.84 28.07
N LYS F 259 9.35 38.50 28.67
CA LYS F 259 10.23 37.47 28.16
C LYS F 259 9.89 36.09 28.69
N GLU F 260 9.42 36.01 29.93
CA GLU F 260 9.01 34.74 30.51
C GLU F 260 7.62 34.30 30.08
N ARG F 261 6.91 35.14 29.32
CA ARG F 261 5.57 34.82 28.82
C ARG F 261 5.57 34.59 27.31
N ARG F 262 6.73 34.32 26.72
CA ARG F 262 6.81 34.15 25.27
C ARG F 262 6.01 32.92 24.81
N GLY F 263 6.19 31.80 25.49
CA GLY F 263 5.45 30.60 25.13
C GLY F 263 3.96 30.78 25.30
N GLU F 264 3.55 31.52 26.32
CA GLU F 264 2.13 31.80 26.50
C GLU F 264 1.57 32.58 25.31
N ILE F 265 2.32 33.58 24.84
CA ILE F 265 1.90 34.35 23.67
C ILE F 265 1.80 33.45 22.44
N TYR F 266 2.81 32.61 22.24
CA TYR F 266 2.79 31.68 21.11
C TYR F 266 1.54 30.81 21.14
N TYR F 267 1.29 30.16 22.27
CA TYR F 267 0.14 29.27 22.39
C TYR F 267 -1.16 30.04 22.18
N PHE F 268 -1.29 31.21 22.82
CA PHE F 268 -2.53 31.97 22.73
C PHE F 268 -2.81 32.39 21.29
N ILE F 269 -1.79 32.93 20.60
CA ILE F 269 -2.01 33.41 19.23
C ILE F 269 -2.39 32.26 18.32
N TYR F 270 -1.65 31.14 18.40
CA TYR F 270 -1.96 30.03 17.49
C TYR F 270 -3.32 29.42 17.81
N GLN F 271 -3.66 29.31 19.09
CA GLN F 271 -4.97 28.78 19.46
C GLN F 271 -6.09 29.67 18.94
N GLN F 272 -5.92 30.98 19.06
CA GLN F 272 -6.94 31.90 18.55
C GLN F 272 -7.08 31.78 17.04
N ILE F 273 -5.95 31.68 16.33
CA ILE F 273 -6.02 31.54 14.87
C ILE F 273 -6.78 30.28 14.50
N LEU F 274 -6.44 29.16 15.13
CA LEU F 274 -7.10 27.90 14.81
C LEU F 274 -8.57 27.92 15.19
N ALA F 275 -8.91 28.58 16.30
CA ALA F 275 -10.32 28.68 16.70
C ALA F 275 -11.12 29.48 15.69
N ARG F 276 -10.57 30.60 15.21
CA ARG F 276 -11.28 31.38 14.19
C ARG F 276 -11.43 30.58 12.91
N TYR F 277 -10.39 29.85 12.51
CA TYR F 277 -10.48 29.01 11.32
C TYR F 277 -11.57 27.94 11.49
N TYR F 278 -11.65 27.34 12.68
CA TYR F 278 -12.68 26.34 12.94
C TYR F 278 -14.07 26.95 12.91
N LEU F 279 -14.22 28.17 13.43
CA LEU F 279 -15.50 28.85 13.35
C LEU F 279 -15.91 29.08 11.90
N GLU F 280 -14.95 29.51 11.06
CA GLU F 280 -15.27 29.70 9.65
C GLU F 280 -15.66 28.39 8.99
N ARG F 281 -14.93 27.31 9.30
CA ARG F 281 -15.29 26.00 8.75
C ARG F 281 -16.70 25.60 9.14
N LEU F 282 -17.05 25.79 10.42
CA LEU F 282 -18.40 25.48 10.86
C LEU F 282 -19.44 26.33 10.12
N SER F 283 -19.15 27.62 9.94
CA SER F 283 -20.06 28.47 9.20
C SER F 283 -20.22 28.01 7.75
N ASN F 284 -19.19 27.40 7.17
CA ASN F 284 -19.26 26.88 5.81
C ASN F 284 -19.57 25.38 5.78
N GLY F 285 -19.85 24.77 6.93
CA GLY F 285 -20.24 23.37 6.97
C GLY F 285 -19.16 22.42 6.48
N LEU F 286 -17.92 22.61 6.93
CA LEU F 286 -16.81 21.77 6.54
C LEU F 286 -16.31 20.85 7.65
N GLY F 287 -16.81 21.00 8.87
CA GLY F 287 -16.44 20.09 9.94
C GLY F 287 -15.13 20.50 10.63
N GLU F 288 -14.56 19.52 11.34
CA GLU F 288 -13.38 19.75 12.15
C GLU F 288 -12.11 19.70 11.29
N ILE F 289 -11.00 20.08 11.90
CA ILE F 289 -9.71 20.09 11.22
C ILE F 289 -9.18 18.67 11.14
N PRO F 290 -8.87 18.15 9.95
CA PRO F 290 -8.38 16.77 9.87
C PRO F 290 -7.02 16.59 10.53
N ARG F 291 -6.81 15.39 11.05
CA ARG F 291 -5.51 14.96 11.56
C ARG F 291 -4.85 14.01 10.58
N PHE F 292 -3.52 13.96 10.63
CA PHE F 292 -2.75 13.18 9.67
C PHE F 292 -1.61 12.47 10.37
N ASN F 293 -1.07 11.47 9.69
CA ASN F 293 0.04 10.67 10.17
C ASN F 293 1.24 10.89 9.27
N TRP F 294 2.42 11.10 9.87
CA TRP F 294 3.61 11.39 9.07
C TRP F 294 3.96 10.20 8.17
N ASN F 295 3.88 8.98 8.70
CA ASN F 295 4.17 7.80 7.91
C ASN F 295 3.08 7.49 6.89
N ASP F 296 1.92 8.15 6.98
CA ASP F 296 0.87 8.06 5.99
C ASP F 296 0.91 9.31 5.11
N ARG F 297 -0.05 9.43 4.21
CA ARG F 297 -0.08 10.49 3.22
C ARG F 297 -1.06 11.59 3.61
N LEU F 298 -0.70 12.82 3.29
CA LEU F 298 -1.56 13.98 3.52
C LEU F 298 -2.70 13.97 2.52
N GLN F 299 -3.88 14.38 2.98
CA GLN F 299 -5.11 14.34 2.19
C GLN F 299 -5.67 15.74 1.97
N ALA F 300 -4.80 16.70 1.64
CA ALA F 300 -5.21 18.08 1.38
C ALA F 300 -4.49 18.56 0.12
N GLY F 301 -5.21 18.57 -1.01
CA GLY F 301 -4.63 19.07 -2.25
C GLY F 301 -4.62 20.58 -2.29
N TYR F 302 -3.58 21.13 -2.93
CA TYR F 302 -3.42 22.57 -3.02
C TYR F 302 -2.65 22.89 -4.30
N TYR F 303 -3.23 23.76 -5.14
CA TYR F 303 -2.65 24.16 -6.41
C TYR F 303 -2.64 25.68 -6.48
N PRO F 304 -1.72 26.33 -5.75
CA PRO F 304 -1.72 27.80 -5.70
C PRO F 304 -1.49 28.42 -7.07
N LEU F 305 -2.24 29.49 -7.35
CA LEU F 305 -2.01 30.32 -8.54
C LEU F 305 -1.21 31.55 -8.15
N LEU F 306 0.02 31.30 -7.71
CA LEU F 306 0.90 32.36 -7.22
C LEU F 306 2.26 32.23 -7.88
N THR F 307 2.92 33.36 -8.07
CA THR F 307 4.22 33.42 -8.71
C THR F 307 5.05 34.54 -8.11
N THR F 308 6.35 34.32 -8.01
CA THR F 308 7.31 35.34 -7.64
C THR F 308 8.46 35.29 -8.64
N HIS F 309 8.72 36.40 -9.30
CA HIS F 309 9.70 36.46 -10.39
C HIS F 309 9.33 35.46 -11.50
N GLN F 310 8.03 35.24 -11.68
CA GLN F 310 7.46 34.30 -12.65
C GLN F 310 7.72 32.85 -12.28
N ILE F 311 8.38 32.56 -11.16
CA ILE F 311 8.63 31.19 -10.74
C ILE F 311 7.37 30.66 -10.06
N PRO F 312 6.79 29.56 -10.53
CA PRO F 312 5.54 29.08 -9.93
C PRO F 312 5.75 28.54 -8.52
N PHE F 313 4.70 28.67 -7.71
CA PHE F 313 4.70 28.08 -6.38
C PHE F 313 4.50 26.56 -6.47
N ALA F 314 4.99 25.85 -5.47
CA ALA F 314 4.89 24.40 -5.45
C ALA F 314 3.44 23.96 -5.38
N GLN F 315 3.13 22.88 -6.08
CA GLN F 315 1.79 22.29 -6.10
C GLN F 315 1.80 20.94 -5.42
N ARG F 316 0.74 20.64 -4.68
CA ARG F 316 0.59 19.38 -3.97
C ARG F 316 -0.72 18.74 -4.38
N ASN F 317 -0.67 17.45 -4.72
CA ASN F 317 -1.87 16.73 -5.14
C ASN F 317 -2.69 16.32 -3.93
N GLY F 318 -3.86 15.72 -4.20
CA GLY F 318 -4.76 15.32 -3.14
C GLY F 318 -4.22 14.26 -2.21
N ASP F 319 -3.49 13.28 -2.74
CA ASP F 319 -2.96 12.16 -1.96
C ASP F 319 -1.45 12.18 -2.09
N TYR F 320 -0.79 12.89 -1.19
CA TYR F 320 0.66 13.08 -1.23
C TYR F 320 1.31 12.28 -0.12
N TYR F 321 2.24 11.39 -0.48
CA TYR F 321 2.96 10.57 0.49
C TYR F 321 4.13 11.37 1.04
N LEU F 322 4.09 11.65 2.35
CA LEU F 322 5.07 12.54 2.96
C LEU F 322 6.45 11.90 3.11
N ALA F 323 6.52 10.58 3.25
CA ALA F 323 7.78 9.88 3.52
C ALA F 323 8.27 9.25 2.22
N ASN F 324 9.15 9.96 1.53
CA ASN F 324 9.79 9.47 0.31
C ASN F 324 11.28 9.31 0.55
N ASP F 325 12.00 8.96 -0.53
CA ASP F 325 13.42 8.64 -0.40
C ASP F 325 14.23 9.84 0.09
N ASP F 326 13.90 11.04 -0.40
CA ASP F 326 14.71 12.22 -0.13
C ASP F 326 14.32 12.94 1.16
N ASN F 327 13.32 12.46 1.90
CA ASN F 327 12.88 13.11 3.12
C ASN F 327 13.16 12.32 4.40
N ILE F 328 13.62 11.07 4.29
CA ILE F 328 13.66 10.18 5.45
C ILE F 328 14.28 10.89 6.65
N GLU F 329 15.47 11.46 6.48
CA GLU F 329 16.15 12.11 7.59
C GLU F 329 15.21 13.07 8.30
N ASP F 330 14.68 14.04 7.55
CA ASP F 330 13.76 15.01 8.16
C ASP F 330 12.64 14.30 8.90
N ILE F 331 12.00 13.34 8.24
CA ILE F 331 10.93 12.58 8.90
C ILE F 331 11.40 12.09 10.25
N GLN F 332 12.54 11.40 10.27
CA GLN F 332 13.05 10.85 11.51
C GLN F 332 13.09 11.92 12.58
N PHE F 333 13.73 13.06 12.27
CA PHE F 333 13.85 14.13 13.25
C PHE F 333 12.47 14.48 13.80
N VAL F 334 11.52 14.76 12.89
CA VAL F 334 10.18 15.12 13.33
C VAL F 334 9.68 14.10 14.34
N ASP F 335 9.72 12.82 13.97
CA ASP F 335 9.21 11.79 14.87
C ASP F 335 9.90 11.89 16.23
N SER F 336 11.23 11.93 16.23
CA SER F 336 11.95 12.00 17.49
C SER F 336 11.50 13.22 18.28
N TYR F 337 11.41 14.38 17.62
CA TYR F 337 11.06 15.59 18.34
C TYR F 337 9.73 15.43 19.05
N GLU F 338 8.80 14.68 18.45
CA GLU F 338 7.52 14.43 19.12
C GLU F 338 7.71 13.48 20.31
N LYS F 339 8.40 12.35 20.08
CA LYS F 339 8.46 11.32 21.11
C LYS F 339 9.12 11.86 22.38
N THR F 340 10.22 12.59 22.22
CA THR F 340 10.89 13.20 23.37
C THR F 340 9.88 13.95 24.23
N PHE F 341 9.03 14.77 23.59
CA PHE F 341 8.05 15.53 24.35
C PHE F 341 7.16 14.59 25.16
N LEU F 342 6.67 13.53 24.53
CA LEU F 342 5.86 12.56 25.27
C LEU F 342 6.62 12.02 26.46
N GLN F 343 7.91 11.71 26.27
CA GLN F 343 8.70 11.23 27.38
C GLN F 343 8.73 12.24 28.52
N PHE F 344 8.87 13.53 28.18
CA PHE F 344 8.82 14.56 29.23
C PHE F 344 7.52 14.45 30.00
N LEU F 345 6.41 14.25 29.30
CA LEU F 345 5.12 14.16 29.99
C LEU F 345 5.12 13.03 31.00
N GLN F 346 5.85 11.95 30.72
CA GLN F 346 5.94 10.86 31.68
C GLN F 346 6.84 11.22 32.86
N LYS F 347 7.90 12.00 32.62
CA LYS F 347 8.82 12.35 33.69
C LYS F 347 8.25 13.42 34.61
N GLY F 348 7.52 14.39 34.06
CA GLY F 348 6.92 15.44 34.86
C GLY F 348 7.90 16.53 35.23
N GLN F 349 8.86 16.21 36.10
CA GLN F 349 9.90 17.13 36.52
C GLN F 349 11.23 16.62 35.98
N PHE F 350 11.97 17.48 35.29
CA PHE F 350 13.19 17.05 34.62
C PHE F 350 14.13 18.24 34.42
N LYS F 351 15.24 17.98 33.75
CA LYS F 351 16.26 18.97 33.44
C LYS F 351 16.58 18.86 31.96
N ALA F 352 16.17 19.87 31.18
CA ALA F 352 16.38 19.87 29.74
C ALA F 352 16.99 21.20 29.32
N TYR F 353 17.98 21.13 28.43
CA TYR F 353 18.68 22.31 27.93
C TYR F 353 19.22 23.17 29.07
N LYS F 354 19.80 22.53 30.08
CA LYS F 354 20.36 23.21 31.24
C LYS F 354 19.31 24.01 32.01
N GLN F 355 18.03 23.68 31.84
CA GLN F 355 16.94 24.35 32.53
C GLN F 355 16.10 23.33 33.27
N GLU F 356 15.81 23.61 34.54
CA GLU F 356 14.94 22.75 35.33
C GLU F 356 13.48 23.06 34.97
N VAL F 357 12.72 22.00 34.67
CA VAL F 357 11.34 22.13 34.21
C VAL F 357 10.46 21.32 35.15
N ASP F 358 9.40 21.95 35.64
CA ASP F 358 8.39 21.29 36.48
C ASP F 358 7.03 21.53 35.83
N LEU F 359 6.46 20.46 35.27
CA LEU F 359 5.21 20.57 34.53
C LEU F 359 4.00 20.78 35.43
N TYR F 360 4.12 20.49 36.73
CA TYR F 360 3.02 20.75 37.64
C TYR F 360 2.74 22.24 37.78
N ASN F 361 3.71 23.09 37.47
CA ASN F 361 3.55 24.53 37.60
C ASN F 361 3.15 25.14 36.26
N SER F 362 2.20 26.08 36.32
CA SER F 362 1.68 26.68 35.09
C SER F 362 2.75 27.44 34.32
N LYS F 363 3.68 28.08 35.03
CA LYS F 363 4.69 28.89 34.36
C LYS F 363 5.48 28.07 33.34
N SER F 364 5.61 26.77 33.57
CA SER F 364 6.33 25.90 32.63
C SER F 364 5.84 26.08 31.21
N VAL F 365 4.62 26.60 31.03
CA VAL F 365 4.07 26.89 29.71
C VAL F 365 5.16 27.52 28.84
N ASN F 366 5.85 28.52 29.39
CA ASN F 366 6.89 29.20 28.63
C ASN F 366 7.79 28.18 27.93
N PHE F 367 8.48 27.36 28.72
CA PHE F 367 9.35 26.33 28.16
C PHE F 367 8.65 25.59 27.03
N VAL F 368 7.47 25.03 27.33
CA VAL F 368 6.74 24.25 26.35
C VAL F 368 6.65 25.01 25.03
N GLY F 369 6.17 26.26 25.09
CA GLY F 369 6.04 27.04 23.88
C GLY F 369 7.35 27.13 23.13
N ASN F 370 8.42 27.52 23.82
CA ASN F 370 9.72 27.61 23.17
C ASN F 370 10.11 26.28 22.57
N TYR F 371 9.86 25.19 23.29
CA TYR F 371 10.24 23.87 22.80
C TYR F 371 9.59 23.59 21.44
N TRP F 372 8.36 24.06 21.25
CA TRP F 372 7.65 23.80 20.01
C TRP F 372 7.91 24.85 18.94
N GLN F 373 8.69 25.89 19.26
CA GLN F 373 9.12 26.85 18.26
C GLN F 373 10.61 26.79 17.98
N ALA F 374 11.39 26.13 18.84
CA ALA F 374 12.84 26.01 18.67
C ALA F 374 13.48 27.38 18.54
N ASN F 375 12.96 28.36 19.28
CA ASN F 375 13.52 29.71 19.25
C ASN F 375 14.82 29.76 20.05
N VAL F 376 15.49 30.91 19.96
CA VAL F 376 16.80 31.06 20.58
C VAL F 376 16.70 30.93 22.10
N ASP F 377 15.57 31.36 22.69
CA ASP F 377 15.42 31.27 24.13
C ASP F 377 15.54 29.85 24.64
N LEU F 378 15.20 28.86 23.80
CA LEU F 378 15.30 27.46 24.21
C LEU F 378 16.75 27.06 24.46
N TYR F 379 17.70 27.76 23.84
CA TYR F 379 19.11 27.39 23.92
C TYR F 379 19.96 28.47 24.61
N GLU F 380 19.33 29.33 25.43
CA GLU F 380 20.07 30.42 26.02
C GLU F 380 21.03 29.97 27.13
N LYS F 381 20.84 28.76 27.68
CA LYS F 381 21.66 28.28 28.78
C LYS F 381 22.74 27.30 28.36
N VAL F 382 22.72 26.82 27.12
CA VAL F 382 23.74 25.89 26.64
C VAL F 382 24.75 26.66 25.80
N PRO F 383 25.97 26.17 25.63
CA PRO F 383 26.96 26.90 24.83
C PRO F 383 26.51 27.05 23.39
N GLN F 384 26.99 28.13 22.76
CA GLN F 384 26.68 28.40 21.37
C GLN F 384 26.89 27.15 20.52
N ARG F 385 25.83 26.72 19.85
CA ARG F 385 25.85 25.49 19.06
C ARG F 385 25.96 25.80 17.57
N ASN F 386 26.74 24.97 16.88
CA ASN F 386 26.80 24.99 15.41
C ASN F 386 25.84 24.00 14.77
N TYR F 387 25.23 23.11 15.55
CA TYR F 387 24.26 22.14 15.06
C TYR F 387 22.86 22.71 15.35
N LEU F 388 22.16 23.09 14.28
CA LEU F 388 20.88 23.78 14.38
C LEU F 388 19.80 22.97 13.69
N ARG F 389 18.66 22.81 14.37
CA ARG F 389 17.51 22.12 13.79
C ARG F 389 16.24 22.77 14.32
N SER F 390 15.17 22.66 13.53
CA SER F 390 13.87 23.24 13.89
C SER F 390 12.76 22.29 13.45
N TYR F 391 11.86 21.97 14.39
CA TYR F 391 10.74 21.11 14.07
C TYR F 391 9.82 21.76 13.03
N GLU F 392 9.50 23.04 13.22
CA GLU F 392 8.59 23.71 12.30
C GLU F 392 9.19 23.84 10.91
N ASP F 393 10.49 24.14 10.81
CA ASP F 393 11.12 24.25 9.51
C ASP F 393 11.06 22.92 8.75
N ALA F 394 11.39 21.82 9.43
CA ALA F 394 11.35 20.52 8.79
C ALA F 394 9.92 20.14 8.39
N ALA F 395 8.95 20.43 9.26
CA ALA F 395 7.56 20.12 8.92
C ALA F 395 7.10 20.92 7.71
N ARG F 396 7.46 22.21 7.65
CA ARG F 396 7.10 23.02 6.51
C ARG F 396 7.75 22.50 5.23
N ARG F 397 9.03 22.11 5.31
CA ARG F 397 9.70 21.57 4.13
C ARG F 397 9.01 20.29 3.66
N ILE F 398 8.65 19.40 4.59
CA ILE F 398 8.00 18.16 4.22
C ILE F 398 6.64 18.42 3.59
N LEU F 399 5.85 19.32 4.20
CA LEU F 399 4.49 19.57 3.72
C LEU F 399 4.45 20.40 2.44
N GLY F 400 5.52 21.15 2.14
CA GLY F 400 5.50 21.99 0.96
C GLY F 400 5.51 21.21 -0.34
N ALA F 401 6.04 19.99 -0.31
CA ALA F 401 6.09 19.10 -1.47
C ALA F 401 6.95 19.65 -2.59
N ALA F 402 7.81 20.62 -2.29
CA ALA F 402 8.72 21.13 -3.31
C ALA F 402 9.80 20.10 -3.62
N PRO F 403 10.34 20.11 -4.84
CA PRO F 403 11.43 19.17 -5.16
C PRO F 403 12.63 19.41 -4.26
N ARG F 404 13.27 18.32 -3.86
CA ARG F 404 14.41 18.38 -2.94
C ARG F 404 15.71 18.40 -3.72
N ASN F 405 16.58 19.35 -3.39
CA ASN F 405 17.86 19.50 -4.06
C ASN F 405 18.89 19.97 -3.05
N SER F 406 20.15 19.57 -3.27
CA SER F 406 21.25 19.95 -2.41
C SER F 406 21.94 21.23 -2.87
N TYR F 407 21.45 21.87 -3.92
CA TYR F 407 22.06 23.09 -4.44
C TYR F 407 21.39 24.29 -3.79
N GLU F 408 22.22 25.21 -3.28
CA GLU F 408 21.71 26.36 -2.56
C GLU F 408 21.20 27.48 -3.47
N ASN F 409 21.52 27.43 -4.77
CA ASN F 409 21.17 28.49 -5.70
C ASN F 409 19.94 28.15 -6.52
N LEU F 410 19.15 27.17 -6.09
CA LEU F 410 17.96 26.76 -6.83
C LEU F 410 16.88 26.36 -5.83
N ASN F 411 15.74 27.05 -5.88
CA ASN F 411 14.63 26.77 -4.98
C ASN F 411 13.32 26.98 -5.71
N VAL F 412 12.33 26.15 -5.39
CA VAL F 412 10.97 26.31 -5.88
C VAL F 412 10.13 26.84 -4.71
N PRO F 413 9.62 28.06 -4.78
CA PRO F 413 8.92 28.64 -3.62
C PRO F 413 7.65 27.88 -3.29
N THR F 414 7.31 27.87 -2.00
CA THR F 414 6.08 27.28 -1.51
C THR F 414 5.38 28.29 -0.59
N ALA F 415 4.08 28.10 -0.42
CA ALA F 415 3.31 29.02 0.41
C ALA F 415 3.81 29.04 1.85
N LEU F 416 4.31 27.90 2.33
CA LEU F 416 4.80 27.79 3.71
C LEU F 416 6.18 28.41 3.90
N ASP F 417 6.87 28.78 2.81
CA ASP F 417 8.17 29.42 2.92
C ASP F 417 8.08 30.90 3.27
N PHE F 418 6.88 31.49 3.22
CA PHE F 418 6.69 32.90 3.52
C PHE F 418 5.57 33.06 4.52
N TYR F 419 5.77 33.95 5.50
CA TYR F 419 4.73 34.25 6.46
C TYR F 419 3.59 35.06 5.83
N GLN F 420 3.82 35.64 4.65
CA GLN F 420 2.75 36.36 3.97
C GLN F 420 1.74 35.43 3.34
N THR F 421 2.12 34.19 3.06
CA THR F 421 1.27 33.23 2.36
C THR F 421 1.04 31.94 3.14
N SER F 422 1.50 31.85 4.39
CA SER F 422 1.39 30.59 5.13
C SER F 422 -0.07 30.21 5.37
N LEU F 423 -0.92 31.18 5.69
CA LEU F 423 -2.29 30.89 6.06
C LEU F 423 -3.14 30.43 4.88
N ARG F 424 -2.63 30.53 3.64
CA ARG F 424 -3.37 30.05 2.49
C ARG F 424 -3.38 28.54 2.39
N ASP F 425 -2.51 27.84 3.13
CA ASP F 425 -2.35 26.40 3.00
C ASP F 425 -3.04 25.68 4.15
N PRO F 426 -3.98 24.77 3.89
CA PRO F 426 -4.58 24.01 5.00
C PRO F 426 -3.58 23.22 5.82
N ALA F 427 -2.49 22.76 5.20
CA ALA F 427 -1.49 22.00 5.92
C ALA F 427 -0.96 22.78 7.12
N PHE F 428 -0.87 24.11 7.01
CA PHE F 428 -0.49 24.94 8.14
C PHE F 428 -1.44 24.71 9.32
N TYR F 429 -2.74 24.79 9.05
CA TYR F 429 -3.73 24.61 10.12
C TYR F 429 -3.64 23.21 10.71
N GLN F 430 -3.48 22.19 9.87
CA GLN F 430 -3.38 20.83 10.37
C GLN F 430 -2.16 20.65 11.26
N LEU F 431 -1.01 21.14 10.81
CA LEU F 431 0.23 21.01 11.57
C LEU F 431 0.12 21.70 12.92
N TYR F 432 -0.37 22.93 12.93
CA TYR F 432 -0.45 23.65 14.20
C TYR F 432 -1.57 23.11 15.10
N ALA F 433 -2.60 22.48 14.51
CA ALA F 433 -3.56 21.77 15.33
C ALA F 433 -2.91 20.58 16.03
N LYS F 434 -2.05 19.85 15.32
CA LYS F 434 -1.30 18.77 15.96
C LYS F 434 -0.43 19.31 17.10
N ILE F 435 0.27 20.42 16.85
CA ILE F 435 1.15 21.00 17.86
C ILE F 435 0.33 21.41 19.09
N LEU F 436 -0.81 22.07 18.86
CA LEU F 436 -1.64 22.49 19.99
C LEU F 436 -2.28 21.30 20.69
N ASP F 437 -2.51 20.20 19.99
CA ASP F 437 -2.98 18.98 20.66
C ASP F 437 -1.92 18.48 21.63
N PHE F 438 -0.66 18.47 21.21
CA PHE F 438 0.42 18.11 22.14
C PHE F 438 0.46 19.06 23.32
N ILE F 439 0.32 20.37 23.05
CA ILE F 439 0.39 21.34 24.13
C ILE F 439 -0.77 21.17 25.10
N ASN F 440 -1.95 20.80 24.61
CA ASN F 440 -3.09 20.56 25.50
C ASN F 440 -2.90 19.28 26.30
N GLN F 441 -2.30 18.26 25.70
CA GLN F 441 -1.90 17.09 26.46
C GLN F 441 -1.01 17.51 27.63
N TYR F 442 -0.07 18.42 27.38
CA TYR F 442 0.71 18.99 28.47
C TYR F 442 -0.17 19.71 29.47
N LYS F 443 -1.10 20.55 28.98
CA LYS F 443 -1.95 21.35 29.84
C LYS F 443 -2.80 20.50 30.76
N GLU F 444 -3.05 19.24 30.39
CA GLU F 444 -3.83 18.36 31.25
C GLU F 444 -3.22 18.25 32.65
N TYR F 445 -1.92 18.49 32.78
CA TYR F 445 -1.27 18.44 34.09
C TYR F 445 -1.86 19.46 35.06
N LEU F 446 -2.17 20.66 34.58
CA LEU F 446 -2.48 21.77 35.47
C LEU F 446 -3.75 21.51 36.27
N GLU F 447 -3.76 22.02 37.49
CA GLU F 447 -4.93 21.87 38.36
C GLU F 447 -6.04 22.80 37.87
N PRO F 448 -7.28 22.31 37.77
CA PRO F 448 -8.36 23.17 37.29
C PRO F 448 -8.68 24.28 38.29
N TYR F 449 -9.20 25.39 37.75
CA TYR F 449 -9.59 26.51 38.59
C TYR F 449 -10.71 26.11 39.54
N THR F 450 -10.66 26.65 40.76
CA THR F 450 -11.62 26.33 41.80
C THR F 450 -12.69 27.42 41.91
N GLN F 451 -13.74 27.13 42.67
CA GLN F 451 -14.86 28.07 42.81
C GLN F 451 -14.38 29.38 43.43
N ASP F 452 -13.54 29.30 44.48
CA ASP F 452 -13.11 30.51 45.16
C ASP F 452 -12.41 31.47 44.21
N VAL F 453 -11.71 30.95 43.20
CA VAL F 453 -11.07 31.81 42.22
C VAL F 453 -12.08 32.34 41.20
N LEU F 454 -13.14 31.58 40.92
CA LEU F 454 -14.10 31.95 39.88
C LEU F 454 -15.27 32.76 40.42
N HIS F 455 -15.87 32.32 41.52
CA HIS F 455 -17.05 32.99 42.06
C HIS F 455 -16.72 34.42 42.44
N PHE F 456 -17.56 35.35 41.99
CA PHE F 456 -17.44 36.77 42.35
C PHE F 456 -18.54 37.10 43.36
N VAL F 457 -18.20 36.92 44.64
CA VAL F 457 -19.16 37.12 45.72
C VAL F 457 -19.75 38.51 45.63
N GLY F 458 -21.09 38.59 45.69
CA GLY F 458 -21.78 39.85 45.65
C GLY F 458 -21.91 40.46 44.26
N VAL F 459 -21.72 39.66 43.22
CA VAL F 459 -21.84 40.12 41.84
C VAL F 459 -22.57 39.05 41.03
N LYS F 460 -23.67 39.43 40.39
CA LYS F 460 -24.45 38.52 39.57
C LYS F 460 -24.84 39.24 38.28
N ILE F 461 -24.66 38.55 37.15
CA ILE F 461 -25.01 39.08 35.85
C ILE F 461 -26.48 38.75 35.59
N ASN F 462 -27.33 39.77 35.66
CA ASN F 462 -28.76 39.54 35.50
C ASN F 462 -29.14 39.25 34.05
N ASP F 463 -28.59 39.99 33.10
CA ASP F 463 -29.01 39.83 31.71
C ASP F 463 -27.92 40.26 30.75
N VAL F 464 -28.00 39.77 29.52
CA VAL F 464 -27.13 40.17 28.43
C VAL F 464 -27.96 40.24 27.15
N LYS F 465 -27.91 41.39 26.46
CA LYS F 465 -28.60 41.56 25.19
C LYS F 465 -27.59 41.99 24.13
N VAL F 466 -27.85 41.58 22.89
CA VAL F 466 -27.00 41.92 21.76
C VAL F 466 -27.89 42.28 20.57
N ASP F 467 -27.48 43.31 19.83
CA ASP F 467 -28.22 43.74 18.66
C ASP F 467 -28.07 42.72 17.53
N LYS F 468 -28.76 42.99 16.43
CA LYS F 468 -28.72 42.08 15.29
C LYS F 468 -27.30 41.96 14.75
N LEU F 469 -26.89 40.73 14.47
CA LEU F 469 -25.56 40.43 13.95
C LEU F 469 -25.66 40.21 12.45
N VAL F 470 -25.02 41.08 11.67
CA VAL F 470 -25.15 41.10 10.21
C VAL F 470 -23.77 41.07 9.59
N THR F 471 -23.63 40.30 8.51
CA THR F 471 -22.40 40.25 7.73
C THR F 471 -22.72 40.42 6.26
N TYR F 472 -21.75 40.96 5.51
CA TYR F 472 -21.93 41.21 4.09
C TYR F 472 -20.57 41.31 3.43
N PHE F 473 -20.60 41.42 2.10
CA PHE F 473 -19.41 41.61 1.28
C PHE F 473 -19.41 43.01 0.70
N GLU F 474 -18.27 43.70 0.79
CA GLU F 474 -18.14 45.04 0.25
C GLU F 474 -16.83 45.15 -0.53
N TYR F 475 -16.85 45.97 -1.58
CA TYR F 475 -15.64 46.19 -2.36
C TYR F 475 -14.60 46.96 -1.54
N PHE F 476 -13.35 46.55 -1.64
CA PHE F 476 -12.23 47.21 -0.99
C PHE F 476 -11.12 47.38 -2.00
N ASP F 477 -10.52 48.57 -2.01
CA ASP F 477 -9.48 48.95 -2.96
C ASP F 477 -8.15 49.04 -2.24
N TRP F 478 -7.11 48.45 -2.84
CA TRP F 478 -5.76 48.56 -2.30
C TRP F 478 -4.76 48.75 -3.43
N ASN F 479 -3.73 49.55 -3.15
CA ASN F 479 -2.71 49.90 -4.13
C ASN F 479 -1.78 48.72 -4.37
N ALA F 480 -1.54 48.40 -5.64
CA ALA F 480 -0.66 47.29 -6.02
C ALA F 480 0.37 47.71 -7.05
N THR F 481 0.88 48.95 -6.94
CA THR F 481 1.83 49.46 -7.91
C THR F 481 3.23 48.87 -7.75
N ASN F 482 3.60 48.42 -6.55
CA ASN F 482 4.93 47.90 -6.31
C ASN F 482 5.21 46.58 -7.03
N ALA F 483 4.18 45.92 -7.57
CA ALA F 483 4.40 44.63 -8.21
C ALA F 483 5.03 44.75 -9.59
N VAL F 484 4.96 45.92 -10.22
CA VAL F 484 5.45 46.09 -11.57
C VAL F 484 6.79 46.82 -11.55
N TYR F 485 7.48 46.78 -12.69
CA TYR F 485 8.73 47.50 -12.87
C TYR F 485 8.49 48.75 -13.69
N LEU F 486 8.92 49.89 -13.18
CA LEU F 486 8.65 51.18 -13.80
C LEU F 486 9.75 51.54 -14.81
N SER F 487 9.40 52.44 -15.72
CA SER F 487 10.36 52.96 -16.68
C SER F 487 11.11 54.15 -16.08
N GLU F 488 12.15 54.59 -16.79
CA GLU F 488 12.93 55.73 -16.31
C GLU F 488 12.07 56.97 -16.19
N GLN F 489 11.23 57.23 -17.19
CA GLN F 489 10.35 58.40 -17.13
C GLN F 489 9.40 58.32 -15.94
N GLN F 490 8.82 57.14 -15.70
CA GLN F 490 7.93 56.98 -14.55
C GLN F 490 8.66 57.20 -13.24
N LEU F 491 9.87 56.67 -13.11
CA LEU F 491 10.65 56.88 -11.90
C LEU F 491 10.96 58.37 -11.70
N ASP F 492 11.31 59.07 -12.78
CA ASP F 492 11.73 60.46 -12.67
C ASP F 492 10.58 61.40 -12.33
N THR F 493 9.41 61.19 -12.91
CA THR F 493 8.29 62.11 -12.76
C THR F 493 7.15 61.54 -11.94
N GLY F 494 6.64 60.37 -12.31
CA GLY F 494 5.50 59.79 -11.60
C GLY F 494 4.99 58.52 -12.24
N SER F 495 4.58 57.56 -11.42
CA SER F 495 4.09 56.29 -11.91
C SER F 495 2.57 56.21 -11.82
N PRO F 496 1.94 55.38 -12.64
CA PRO F 496 0.49 55.23 -12.57
C PRO F 496 0.07 54.43 -11.35
N SER F 497 -1.23 54.51 -11.05
CA SER F 497 -1.81 53.85 -9.88
C SER F 497 -2.58 52.62 -10.34
N TYR F 498 -2.05 51.44 -10.03
CA TYR F 498 -2.73 50.18 -10.28
C TYR F 498 -3.39 49.73 -8.98
N ILE F 499 -4.72 49.74 -8.96
CA ILE F 499 -5.50 49.49 -7.75
C ILE F 499 -6.28 48.20 -7.94
N VAL F 500 -6.22 47.32 -6.95
CA VAL F 500 -7.00 46.08 -6.94
C VAL F 500 -8.25 46.31 -6.11
N ARG F 501 -9.41 46.06 -6.70
CA ARG F 501 -10.71 46.21 -6.06
C ARG F 501 -11.32 44.81 -5.92
N GLN F 502 -11.39 44.31 -4.69
CA GLN F 502 -11.86 42.97 -4.44
C GLN F 502 -12.92 42.95 -3.34
N PRO F 503 -13.84 42.00 -3.36
CA PRO F 503 -14.78 41.86 -2.25
C PRO F 503 -14.08 41.43 -0.97
N ARG F 504 -14.61 41.92 0.15
CA ARG F 504 -14.12 41.54 1.48
C ARG F 504 -15.29 41.45 2.44
N LEU F 505 -15.15 40.57 3.43
CA LEU F 505 -16.16 40.41 4.46
C LEU F 505 -16.16 41.60 5.40
N ASN F 506 -17.36 41.96 5.87
CA ASN F 506 -17.50 43.03 6.85
C ASN F 506 -18.78 42.79 7.64
N ASN F 507 -18.88 43.45 8.78
CA ASN F 507 -20.03 43.33 9.67
C ASN F 507 -20.53 44.72 10.05
N GLN F 508 -21.85 44.82 10.28
CA GLN F 508 -22.44 46.09 10.68
C GLN F 508 -22.22 46.32 12.18
N PRO F 509 -22.23 47.58 12.62
CA PRO F 509 -22.02 47.85 14.05
C PRO F 509 -23.07 47.17 14.92
N PHE F 510 -22.63 46.70 16.09
CA PHE F 510 -23.53 46.11 17.07
C PHE F 510 -23.01 46.46 18.46
N THR F 511 -23.91 46.41 19.43
CA THR F 511 -23.63 46.77 20.81
C THR F 511 -24.04 45.63 21.74
N VAL F 512 -23.27 45.43 22.79
CA VAL F 512 -23.55 44.42 23.81
C VAL F 512 -23.91 45.16 25.09
N THR F 513 -25.08 44.85 25.64
CA THR F 513 -25.55 45.46 26.88
C THR F 513 -25.61 44.41 27.96
N ILE F 514 -24.97 44.68 29.09
CA ILE F 514 -24.87 43.76 30.20
C ILE F 514 -25.53 44.39 31.41
N ASP F 515 -26.52 43.71 31.98
CA ASP F 515 -27.23 44.15 33.18
C ASP F 515 -26.75 43.31 34.35
N ILE F 516 -26.17 43.97 35.35
CA ILE F 516 -25.54 43.34 36.50
C ILE F 516 -26.14 43.90 37.78
N LYS F 517 -26.07 43.11 38.84
CA LYS F 517 -26.52 43.50 40.17
C LYS F 517 -25.38 43.27 41.16
N SER F 518 -25.06 44.30 41.94
CA SER F 518 -24.00 44.17 42.94
C SER F 518 -24.20 45.25 43.99
N ASP F 519 -24.58 44.85 45.20
CA ASP F 519 -24.70 45.79 46.31
C ASP F 519 -23.36 46.29 46.79
N VAL F 520 -22.26 45.63 46.42
CA VAL F 520 -20.92 46.04 46.80
C VAL F 520 -20.32 46.88 45.68
N GLU F 521 -19.78 48.05 46.03
CA GLU F 521 -19.20 48.97 45.06
C GLU F 521 -17.70 48.65 44.94
N SER F 522 -17.27 48.24 43.75
CA SER F 522 -15.89 47.79 43.57
C SER F 522 -15.51 47.84 42.10
N GLU F 523 -14.22 47.73 41.85
CA GLU F 523 -13.69 47.67 40.49
C GLU F 523 -13.69 46.23 40.00
N ALA F 524 -13.94 46.04 38.70
CA ALA F 524 -14.07 44.70 38.14
C ALA F 524 -13.59 44.71 36.70
N VAL F 525 -13.32 43.49 36.19
CA VAL F 525 -12.89 43.27 34.82
C VAL F 525 -13.92 42.39 34.12
N ILE F 526 -14.28 42.79 32.91
CA ILE F 526 -15.27 42.08 32.10
C ILE F 526 -14.59 41.59 30.84
N LYS F 527 -14.79 40.30 30.53
CA LYS F 527 -14.28 39.67 29.32
C LYS F 527 -15.45 39.09 28.53
N ILE F 528 -15.35 39.20 27.20
CA ILE F 528 -16.38 38.71 26.30
C ILE F 528 -15.71 37.83 25.25
N PHE F 529 -16.22 36.60 25.11
CA PHE F 529 -15.73 35.62 24.14
C PHE F 529 -16.88 35.24 23.21
N ILE F 530 -16.52 34.81 22.00
CA ILE F 530 -17.47 34.27 21.03
C ILE F 530 -17.03 32.86 20.68
N GLY F 531 -18.00 31.94 20.58
CA GLY F 531 -17.70 30.56 20.30
C GLY F 531 -18.82 29.82 19.60
N PRO F 532 -18.56 28.57 19.23
CA PRO F 532 -19.57 27.77 18.54
C PRO F 532 -20.54 27.12 19.51
N LYS F 533 -21.67 26.67 18.96
CA LYS F 533 -22.69 25.95 19.72
C LYS F 533 -22.86 24.51 19.27
N TYR F 534 -22.74 24.23 17.97
CA TYR F 534 -22.87 22.90 17.42
C TYR F 534 -21.60 22.53 16.67
N ASP F 535 -21.24 21.24 16.73
CA ASP F 535 -20.07 20.74 16.04
C ASP F 535 -20.45 20.34 14.61
N GLY F 536 -19.51 19.71 13.90
CA GLY F 536 -19.79 19.32 12.53
C GLY F 536 -20.87 18.25 12.42
N ASN F 537 -21.06 17.47 13.48
CA ASN F 537 -22.07 16.42 13.49
C ASN F 537 -23.45 16.90 13.91
N GLY F 538 -23.60 18.19 14.20
CA GLY F 538 -24.90 18.73 14.55
C GLY F 538 -25.30 18.57 15.99
N TYR F 539 -24.37 18.17 16.88
CA TYR F 539 -24.68 18.01 18.28
C TYR F 539 -24.05 19.14 19.10
N PRO F 540 -24.67 19.52 20.22
CA PRO F 540 -24.11 20.59 21.04
C PRO F 540 -22.75 20.20 21.61
N ILE F 541 -21.89 21.20 21.77
CA ILE F 541 -20.53 20.98 22.28
C ILE F 541 -20.52 21.33 23.76
N ASP F 542 -20.15 20.34 24.59
CA ASP F 542 -20.01 20.59 26.01
C ASP F 542 -18.81 21.48 26.29
N LEU F 543 -18.91 22.28 27.36
CA LEU F 543 -17.85 23.22 27.69
C LEU F 543 -16.53 22.50 27.95
N GLU F 544 -16.59 21.27 28.47
CA GLU F 544 -15.37 20.52 28.73
C GLU F 544 -14.60 20.22 27.44
N ASN F 545 -15.25 20.31 26.28
CA ASN F 545 -14.58 20.17 25.00
C ASN F 545 -14.55 21.46 24.18
N ASN F 546 -15.39 22.44 24.52
CA ASN F 546 -15.48 23.68 23.78
C ASN F 546 -14.59 24.79 24.34
N TRP F 547 -13.88 24.53 25.44
CA TRP F 547 -13.04 25.58 26.05
C TRP F 547 -11.90 26.00 25.14
N VAL F 548 -11.50 25.15 24.19
CA VAL F 548 -10.39 25.50 23.30
C VAL F 548 -10.85 26.20 22.03
N ASN F 549 -12.16 26.29 21.80
CA ASN F 549 -12.69 26.91 20.59
C ASN F 549 -13.25 28.30 20.82
N LEU F 550 -13.14 28.84 22.03
CA LEU F 550 -13.69 30.15 22.36
C LEU F 550 -12.68 31.24 22.00
N VAL F 551 -13.15 32.26 21.29
CA VAL F 551 -12.31 33.37 20.84
C VAL F 551 -12.64 34.58 21.70
N GLU F 552 -11.62 35.13 22.35
CA GLU F 552 -11.79 36.35 23.13
C GLU F 552 -11.98 37.55 22.20
N ILE F 553 -12.99 38.37 22.48
CA ILE F 553 -13.29 39.50 21.61
C ILE F 553 -13.21 40.80 22.39
N ASP F 554 -13.43 40.77 23.71
CA ASP F 554 -13.40 42.01 24.47
C ASP F 554 -12.82 41.76 25.86
N TRP F 555 -12.17 42.80 26.38
CA TRP F 555 -11.49 42.72 27.68
C TRP F 555 -11.34 44.14 28.20
N PHE F 556 -12.10 44.50 29.23
CA PHE F 556 -12.07 45.88 29.73
C PHE F 556 -12.35 45.90 31.23
N THR F 557 -12.26 47.10 31.80
CA THR F 557 -12.46 47.34 33.22
C THR F 557 -13.66 48.25 33.43
N HIS F 558 -14.28 48.13 34.61
CA HIS F 558 -15.43 48.97 34.94
C HIS F 558 -15.62 49.02 36.44
N LYS F 559 -16.14 50.15 36.91
CA LYS F 559 -16.43 50.36 38.33
C LYS F 559 -17.91 50.15 38.56
N LEU F 560 -18.25 49.14 39.38
CA LEU F 560 -19.63 48.83 39.72
C LEU F 560 -20.01 49.54 41.00
N THR F 561 -21.11 50.28 40.96
CA THR F 561 -21.66 50.92 42.14
C THR F 561 -22.73 50.03 42.77
N SER F 562 -23.11 50.38 44.01
CA SER F 562 -24.11 49.60 44.72
C SER F 562 -25.44 49.62 43.97
N GLY F 563 -26.05 48.45 43.85
CA GLY F 563 -27.35 48.33 43.20
C GLY F 563 -27.28 47.75 41.81
N GLN F 564 -28.05 48.34 40.89
CA GLN F 564 -28.11 47.88 39.52
C GLN F 564 -27.05 48.58 38.67
N ASN F 565 -26.63 47.91 37.60
CA ASN F 565 -25.64 48.46 36.68
C ASN F 565 -25.98 48.00 35.27
N LYS F 566 -25.84 48.90 34.30
CA LYS F 566 -26.03 48.57 32.89
C LYS F 566 -24.82 49.08 32.12
N ILE F 567 -24.11 48.17 31.48
CA ILE F 567 -22.91 48.49 30.71
C ILE F 567 -23.21 48.32 29.23
N GLU F 568 -22.91 49.34 28.45
CA GLU F 568 -23.10 49.31 26.99
C GLU F 568 -21.72 49.37 26.35
N ARG F 569 -21.33 48.28 25.68
CA ARG F 569 -20.04 48.19 25.01
C ARG F 569 -20.29 48.10 23.50
N LYS F 570 -19.69 49.04 22.76
CA LYS F 570 -19.88 49.08 21.31
C LYS F 570 -18.79 48.27 20.62
N SER F 571 -19.15 47.70 19.46
CA SER F 571 -18.21 46.87 18.73
C SER F 571 -16.97 47.65 18.27
N GLU F 572 -17.08 48.96 18.17
CA GLU F 572 -15.94 49.79 17.77
C GLU F 572 -14.93 50.01 18.89
N ASN F 573 -15.24 49.57 20.12
CA ASN F 573 -14.37 49.77 21.25
C ASN F 573 -13.78 48.47 21.79
N PHE F 574 -13.95 47.36 21.07
CA PHE F 574 -13.41 46.09 21.53
C PHE F 574 -11.88 46.13 21.55
N PHE F 575 -11.29 45.47 22.54
CA PHE F 575 -9.86 45.59 22.78
C PHE F 575 -9.04 44.87 21.72
N TRP F 576 -9.50 43.70 21.28
CA TRP F 576 -8.69 42.82 20.44
C TRP F 576 -8.92 43.03 18.94
N PHE F 577 -9.38 44.22 18.53
CA PHE F 577 -9.60 44.49 17.12
C PHE F 577 -9.25 45.95 16.82
N LYS F 578 -8.90 46.20 15.56
CA LYS F 578 -8.51 47.52 15.07
C LYS F 578 -9.36 47.88 13.87
N GLU F 579 -9.01 49.00 13.24
CA GLU F 579 -9.62 49.42 11.99
C GLU F 579 -8.71 49.12 10.81
N ASP F 580 -9.25 49.28 9.61
CA ASP F 580 -8.52 48.98 8.40
C ASP F 580 -7.43 50.01 8.13
N SER F 581 -6.32 49.55 7.57
CA SER F 581 -5.24 50.43 7.17
C SER F 581 -5.60 51.18 5.90
N VAL F 582 -4.85 52.23 5.60
CA VAL F 582 -5.12 53.10 4.47
C VAL F 582 -3.92 53.10 3.54
N SER F 583 -4.14 53.59 2.32
CA SER F 583 -3.11 53.60 1.29
C SER F 583 -2.09 54.71 1.55
N VAL F 584 -0.99 54.65 0.80
CA VAL F 584 0.12 55.57 1.02
C VAL F 584 -0.28 57.00 0.67
N SER F 585 -1.14 57.17 -0.33
CA SER F 585 -1.53 58.51 -0.74
C SER F 585 -2.22 59.26 0.39
N LYS F 586 -3.14 58.59 1.09
CA LYS F 586 -3.77 59.22 2.25
C LYS F 586 -2.76 59.47 3.37
N ILE F 587 -1.77 58.60 3.51
CA ILE F 587 -0.73 58.81 4.52
C ILE F 587 0.01 60.11 4.23
N TYR F 588 0.40 60.32 2.97
CA TYR F 588 1.06 61.57 2.61
C TYR F 588 0.15 62.76 2.80
N GLU F 589 -1.13 62.62 2.43
CA GLU F 589 -2.08 63.71 2.60
C GLU F 589 -2.17 64.13 4.06
N LEU F 590 -2.30 63.16 4.97
CA LEU F 590 -2.38 63.46 6.39
C LEU F 590 -1.06 64.02 6.90
N LEU F 591 0.07 63.47 6.43
CA LEU F 591 1.37 63.96 6.88
C LEU F 591 1.56 65.42 6.50
N ASN F 592 1.04 65.83 5.34
CA ASN F 592 1.10 67.23 4.95
C ASN F 592 0.36 68.13 5.93
N ASN F 593 -0.54 67.58 6.74
CA ASN F 593 -1.25 68.33 7.78
C ASN F 593 -0.79 67.93 9.17
N GLY F 594 0.37 67.28 9.29
CA GLY F 594 0.88 66.88 10.58
C GLY F 594 0.00 65.88 11.31
N GLN F 595 -0.45 64.85 10.60
CA GLN F 595 -1.31 63.83 11.19
C GLN F 595 -0.95 62.47 10.61
N VAL F 596 -1.27 61.43 11.36
CA VAL F 596 -1.04 60.05 10.94
C VAL F 596 -2.26 59.22 11.28
N PRO F 597 -2.58 58.17 10.51
CA PRO F 597 -3.68 57.27 10.91
C PRO F 597 -3.41 56.69 12.29
N ARG F 598 -4.32 56.97 13.22
CA ARG F 598 -4.08 56.59 14.61
C ARG F 598 -4.02 55.08 14.78
N TYR F 599 -4.85 54.33 14.06
CA TYR F 599 -4.87 52.87 14.20
C TYR F 599 -3.69 52.20 13.51
N MET F 600 -2.99 52.87 12.61
CA MET F 600 -1.75 52.35 12.07
C MET F 600 -0.58 52.60 13.03
N ILE F 601 -0.75 53.48 14.00
CA ILE F 601 0.20 53.64 15.09
C ILE F 601 -0.26 52.90 16.33
N GLU F 602 -1.57 52.91 16.59
CA GLU F 602 -2.17 52.27 17.75
C GLU F 602 -2.85 50.98 17.33
N LYS F 603 -2.52 49.87 18.00
CA LYS F 603 -3.19 48.60 17.78
C LYS F 603 -3.06 48.15 16.31
N PHE F 604 -1.86 48.25 15.75
CA PHE F 604 -1.62 47.84 14.38
C PHE F 604 -1.18 46.37 14.29
N LEU F 605 -1.17 45.65 15.41
CA LEU F 605 -0.82 44.23 15.42
C LEU F 605 -2.03 43.34 15.63
N LEU F 606 -3.22 43.90 15.77
CA LEU F 606 -4.43 43.13 16.06
C LEU F 606 -5.22 42.84 14.79
N LEU F 607 -6.18 41.93 14.91
CA LEU F 607 -7.01 41.57 13.78
C LEU F 607 -7.92 42.74 13.39
N PRO F 608 -8.28 42.88 12.12
CA PRO F 608 -9.26 43.91 11.75
C PRO F 608 -10.64 43.60 12.31
N ARG F 609 -11.42 44.68 12.49
CA ARG F 609 -12.76 44.52 13.04
C ARG F 609 -13.71 43.87 12.05
N ARG F 610 -13.41 43.95 10.75
CA ARG F 610 -14.27 43.37 9.73
C ARG F 610 -14.32 41.84 9.79
N LEU F 611 -13.35 41.20 10.43
CA LEU F 611 -13.30 39.74 10.53
C LEU F 611 -13.78 39.24 11.88
N LEU F 612 -14.43 40.10 12.68
CA LEU F 612 -14.86 39.70 14.01
C LEU F 612 -15.86 38.56 13.97
N LEU F 613 -16.84 38.64 13.05
CA LEU F 613 -17.90 37.64 12.99
C LEU F 613 -17.74 36.76 11.77
N PRO F 614 -18.02 35.45 11.88
CA PRO F 614 -18.03 34.61 10.69
C PRO F 614 -19.19 34.97 9.77
N ARG F 615 -18.99 34.74 8.48
CA ARG F 615 -20.04 35.04 7.50
C ARG F 615 -21.29 34.26 7.84
N GLY F 616 -22.43 34.95 7.84
CA GLY F 616 -23.71 34.35 8.18
C GLY F 616 -24.43 33.81 6.96
N THR F 617 -25.66 33.38 7.20
CA THR F 617 -26.55 32.85 6.17
C THR F 617 -27.87 33.62 6.19
N GLU F 618 -28.63 33.45 5.11
CA GLU F 618 -29.94 34.11 5.02
C GLU F 618 -30.82 33.71 6.20
N GLY F 619 -30.92 32.40 6.46
CA GLY F 619 -31.69 31.94 7.61
C GLY F 619 -31.03 32.31 8.93
N GLY F 620 -29.71 32.22 9.00
CA GLY F 620 -28.98 32.55 10.21
C GLY F 620 -28.12 31.39 10.70
N VAL F 621 -26.91 31.71 11.15
CA VAL F 621 -25.99 30.69 11.66
C VAL F 621 -25.90 30.85 13.18
N PRO F 622 -26.01 29.76 13.96
CA PRO F 622 -26.00 29.90 15.42
C PRO F 622 -24.60 29.90 16.03
N PHE F 623 -24.36 30.82 16.96
CA PHE F 623 -23.15 30.85 17.76
C PHE F 623 -23.53 31.28 19.17
N GLN F 624 -22.53 31.48 20.03
CA GLN F 624 -22.81 31.89 21.40
C GLN F 624 -21.76 32.86 21.90
N PHE F 625 -22.17 33.69 22.86
CA PHE F 625 -21.33 34.63 23.56
C PHE F 625 -21.19 34.22 25.01
N PHE F 626 -19.97 34.38 25.54
CA PHE F 626 -19.68 34.11 26.93
C PHE F 626 -19.19 35.40 27.58
N VAL F 627 -19.83 35.79 28.67
CA VAL F 627 -19.52 37.01 29.39
C VAL F 627 -19.07 36.64 30.79
N PHE F 628 -17.91 37.17 31.19
CA PHE F 628 -17.30 36.82 32.47
C PHE F 628 -16.88 38.08 33.20
N VAL F 629 -17.29 38.20 34.47
CA VAL F 629 -16.96 39.33 35.31
C VAL F 629 -16.18 38.82 36.52
N TYR F 630 -15.03 39.42 36.79
CA TYR F 630 -14.19 38.97 37.89
C TYR F 630 -13.54 40.19 38.53
N PRO F 631 -12.92 40.01 39.71
CA PRO F 631 -12.27 41.15 40.37
C PRO F 631 -11.09 41.68 39.57
N TYR F 632 -10.82 42.97 39.74
CA TYR F 632 -9.72 43.63 39.06
C TYR F 632 -8.46 43.65 39.93
N GLN F 633 -7.31 43.47 39.28
CA GLN F 633 -6.03 43.59 39.94
C GLN F 633 -5.05 44.22 38.96
N ALA F 634 -4.35 45.26 39.40
CA ALA F 634 -3.52 46.04 38.48
C ALA F 634 -2.32 45.22 38.00
N PRO F 635 -1.86 45.47 36.77
CA PRO F 635 -0.65 44.79 36.30
C PRO F 635 0.56 45.19 37.13
N TYR F 636 1.55 44.29 37.17
CA TYR F 636 2.72 44.50 38.00
C TYR F 636 3.49 45.73 37.55
N LYS F 637 4.42 46.17 38.42
CA LYS F 637 5.17 47.40 38.16
C LYS F 637 6.08 47.25 36.95
N GLU F 638 7.00 46.28 37.00
CA GLU F 638 7.94 46.10 35.90
C GLU F 638 7.24 45.89 34.57
N TRP F 639 5.95 45.55 34.59
CA TRP F 639 5.13 45.49 33.38
C TRP F 639 4.71 46.89 32.88
N GLU F 640 5.25 47.97 33.45
CA GLU F 640 4.80 49.30 33.04
C GLU F 640 5.05 49.61 31.56
N PRO F 641 6.22 49.30 30.97
CA PRO F 641 6.43 49.71 29.57
C PRO F 641 5.48 49.06 28.60
N MET F 642 4.82 47.96 28.98
CA MET F 642 3.93 47.23 28.11
C MET F 642 2.47 47.37 28.55
N LYS F 643 2.13 48.43 29.27
CA LYS F 643 0.75 48.62 29.72
C LYS F 643 -0.09 49.29 28.64
N GLU F 644 -0.02 48.74 27.43
CA GLU F 644 -0.94 49.07 26.36
C GLU F 644 -1.50 47.82 25.69
N PHE F 645 -0.98 46.64 26.04
CA PHE F 645 -1.46 45.37 25.51
C PHE F 645 -2.16 44.52 26.56
N VAL F 646 -2.07 44.87 27.84
CA VAL F 646 -2.66 44.10 28.92
C VAL F 646 -3.60 45.00 29.72
N VAL F 647 -4.46 44.37 30.51
CA VAL F 647 -5.38 45.09 31.39
C VAL F 647 -5.27 44.66 32.83
N ASP F 648 -4.78 43.46 33.13
CA ASP F 648 -4.59 43.01 34.50
C ASP F 648 -3.45 41.99 34.52
N ASN F 649 -3.31 41.28 35.63
CA ASN F 649 -2.22 40.32 35.80
C ASN F 649 -2.60 38.89 35.44
N LYS F 650 -3.83 38.66 34.97
CA LYS F 650 -4.27 37.31 34.67
C LYS F 650 -3.63 36.81 33.36
N PRO F 651 -3.47 35.50 33.22
CA PRO F 651 -2.91 34.98 31.97
C PRO F 651 -3.83 35.24 30.78
N PHE F 652 -3.21 35.33 29.60
CA PHE F 652 -3.99 35.47 28.37
C PHE F 652 -4.95 34.29 28.22
N GLY F 653 -6.17 34.59 27.82
CA GLY F 653 -7.20 33.58 27.67
C GLY F 653 -7.90 33.20 28.95
N TYR F 654 -7.60 33.87 30.06
CA TYR F 654 -8.25 33.56 31.32
C TYR F 654 -9.77 33.75 31.17
N PRO F 655 -10.60 32.83 31.71
CA PRO F 655 -10.25 31.65 32.50
C PRO F 655 -10.04 30.38 31.67
N PHE F 656 -10.00 30.48 30.34
CA PHE F 656 -9.89 29.31 29.47
C PHE F 656 -8.45 29.02 29.06
N ASP F 657 -7.48 29.37 29.90
CA ASP F 657 -6.09 29.06 29.61
C ASP F 657 -5.71 27.64 30.03
N ARG F 658 -6.55 26.97 30.80
CA ARG F 658 -6.34 25.60 31.24
C ARG F 658 -7.63 24.81 31.07
N PRO F 659 -7.53 23.48 30.96
CA PRO F 659 -8.72 22.68 30.65
C PRO F 659 -9.81 22.82 31.70
N VAL F 660 -11.06 22.77 31.25
CA VAL F 660 -12.21 22.71 32.13
C VAL F 660 -12.60 21.25 32.30
N THR F 661 -12.53 20.75 33.54
CA THR F 661 -12.78 19.35 33.82
C THR F 661 -14.22 19.06 34.19
N GLU F 662 -14.86 19.94 34.96
CA GLU F 662 -16.25 19.78 35.37
C GLU F 662 -16.98 21.08 35.11
N SER F 663 -17.89 21.07 34.14
CA SER F 663 -18.65 22.29 33.82
C SER F 663 -19.52 22.74 34.98
N TYR F 664 -19.96 21.80 35.83
CA TYR F 664 -20.81 22.15 36.95
C TYR F 664 -20.09 23.10 37.90
N TYR F 665 -18.83 22.80 38.24
CA TYR F 665 -18.06 23.62 39.16
C TYR F 665 -17.45 24.85 38.49
N PHE F 666 -17.50 24.94 37.16
CA PHE F 666 -16.98 26.11 36.47
C PHE F 666 -18.01 27.23 36.41
N THR F 667 -19.27 26.89 36.11
CA THR F 667 -20.30 27.90 36.00
C THR F 667 -20.53 28.58 37.35
N GLN F 668 -20.71 29.89 37.29
CA GLN F 668 -20.92 30.70 38.49
C GLN F 668 -21.93 31.78 38.16
N PRO F 669 -22.53 32.40 39.18
CA PRO F 669 -23.49 33.48 38.89
C PRO F 669 -22.90 34.62 38.10
N ASN F 670 -21.60 34.89 38.24
CA ASN F 670 -20.94 35.98 37.53
C ASN F 670 -20.49 35.58 36.12
N MET F 671 -21.04 34.51 35.57
CA MET F 671 -20.78 34.09 34.20
C MET F 671 -22.11 33.97 33.47
N TYR F 672 -22.09 34.25 32.17
CA TYR F 672 -23.31 34.17 31.38
C TYR F 672 -23.01 33.63 29.98
N PHE F 673 -23.87 32.72 29.52
CA PHE F 673 -23.84 32.21 28.16
C PHE F 673 -25.11 32.63 27.44
N LYS F 674 -24.96 33.16 26.24
CA LYS F 674 -26.09 33.58 25.42
C LYS F 674 -25.95 32.99 24.02
N ASP F 675 -27.08 32.62 23.43
CA ASP F 675 -27.12 32.10 22.06
C ASP F 675 -27.56 33.21 21.11
N VAL F 676 -26.84 33.34 20.00
CA VAL F 676 -27.09 34.39 19.02
C VAL F 676 -27.06 33.79 17.62
N TYR F 677 -27.60 34.54 16.67
CA TYR F 677 -27.65 34.14 15.27
C TYR F 677 -27.03 35.24 14.41
N ILE F 678 -26.25 34.84 13.42
CA ILE F 678 -25.59 35.76 12.49
C ILE F 678 -26.28 35.63 11.14
N TYR F 679 -26.68 36.75 10.57
CA TYR F 679 -27.39 36.80 9.30
C TYR F 679 -26.50 37.41 8.22
N GLN F 680 -26.88 37.16 6.97
CA GLN F 680 -26.18 37.67 5.80
C GLN F 680 -27.14 38.52 4.98
N GLU F 681 -26.68 39.69 4.55
CA GLU F 681 -27.44 40.57 3.69
C GLU F 681 -26.73 40.70 2.35
N GLY F 682 -27.52 40.71 1.27
CA GLY F 682 -26.96 40.81 -0.05
C GLY F 682 -26.52 39.46 -0.60
N GLU F 683 -25.60 39.50 -1.55
CA GLU F 683 -25.11 38.29 -2.17
C GLU F 683 -24.43 37.39 -1.15
N GLU F 684 -24.72 36.10 -1.23
CA GLU F 684 -24.10 35.11 -0.36
C GLU F 684 -22.71 34.70 -0.80
N TYR F 685 -22.40 34.80 -2.10
CA TYR F 685 -21.09 34.43 -2.62
C TYR F 685 -20.34 35.66 -3.13
N PRO F 686 -19.01 35.63 -3.12
CA PRO F 686 -18.23 36.84 -3.48
C PRO F 686 -17.78 36.92 -4.93
N TYR F 687 -18.19 36.02 -5.81
CA TYR F 687 -17.66 35.98 -7.17
C TYR F 687 -18.53 36.72 -8.18
N TYR F 688 -19.59 37.39 -7.74
CA TYR F 688 -20.43 38.18 -8.64
C TYR F 688 -19.78 39.54 -8.89
N THR F 689 -18.75 39.53 -9.75
CA THR F 689 -17.94 40.71 -10.03
C THR F 689 -17.81 40.97 -11.53
N SER F 690 -18.68 40.40 -12.35
CA SER F 690 -18.60 40.57 -13.79
C SER F 690 -19.21 41.90 -14.22
N TYR F 691 -18.84 42.34 -15.42
CA TYR F 691 -19.38 43.59 -15.96
C TYR F 691 -20.90 43.57 -16.01
N TRP F 692 -21.49 42.41 -16.27
CA TRP F 692 -22.94 42.29 -16.38
C TRP F 692 -23.63 42.20 -15.02
N SER F 693 -22.88 41.97 -13.95
CA SER F 693 -23.44 41.89 -12.60
C SER F 693 -23.33 43.19 -11.84
N GLN F 694 -22.81 44.25 -12.47
CA GLN F 694 -22.64 45.53 -11.80
C GLN F 694 -23.71 46.52 -12.24
#